data_8WUL
#
_entry.id   8WUL
#
_cell.length_a   87.752
_cell.length_b   96.331
_cell.length_c   123.121
_cell.angle_alpha   94.556
_cell.angle_beta   90.630
_cell.angle_gamma   93.200
#
_symmetry.space_group_name_H-M   'P 1'
#
loop_
_entity.id
_entity.type
_entity.pdbx_description
1 polymer 'TCR alpha chain'
2 polymer 'TCR beta chain'
3 polymer 'MHC class I antigen'
4 polymer Beta-2-microglobulin
5 polymer 'KRAS-G12V nonamer peptide'
6 water water
#
loop_
_entity_poly.entity_id
_entity_poly.type
_entity_poly.pdbx_seq_one_letter_code
_entity_poly.pdbx_strand_id
1 'polypeptide(L)'
;QQKVQQSPESLIVPEGGMASLNCTSSDRNVDYFWWYRQHSGKSPKMLMSIFSNGEKEEGRFTVHLNKASLHTSLHIRDSQ
PSDSALYLCAARSSGSWQLIFGSGTQLTVMPDIQNPEPAVYQLKDPRSQDSTLCLFTDFDSQINVPKTMESGTFITDKCV
LDMKAMDSKSNGAIAWSNQTSFTCQDIFKETNATYPSS
;
C,A,E,G
2 'polypeptide(L)'
;KIIQKPKYLVAVTGSEKILICEQYLGHNAMYWYRQSAKKPLEFMFSYSYQMLMDNQTASSRFQPQSSKKNHLDLQITALK
PDDSATYFCASSQDRGDSAHTLYFGSGTRLTVLEDLRNVTPPKVSLFEPSKAEIANKQKATLVCLARGFFPDHVELSWWV
NGKEVHSGVCTDPQAYKESNYSYCLSSRLRVSATFWHNPRNHFRCQVQFHGLSEEDKWPEGSPKPVTQNISAEAWGRAD
;
D,B,F,H
3 'polypeptide(L)'
;GSHSMRYFYTSVSRPGRGEPRFIAVGYVDDTQFVRFDSDAASQRMEPRAPWIEQEGPEYWDQETRNVKAQSQTDRVDLGT
LRGYYNQSEDGSHTIQIMYGCDVGPDGRFLRGYRQDAYDGKDYIALNEDLRSWTAADMAAQITKRKWEAAHAAEQQRAYL
EGRCVEWLRRYLENGKETLQRTDPPKTHMTHHPISDHEATLRCWALGFYPAEITLTWQRDGEDQTQDTELVETRPAGDGT
FQKWAAVVVPSGEEQRYTCHVQHEGLPKPLTLRW
;
L,I,O,R
4 'polypeptide(L)'
;IQRTPKIQVYSRHPAENGKSNFLNCYVSGFHPSDIEVDLLKNGERIEKVEHSDLSFSKDWSFYLLYYTEFTPTEKDEYAC
RVNHVTLSQPKIVKWDRDM
;
M,J,P,S
5 'polypeptide(L)' VVGAVGVGK N,K,Q,T
#
# COMPACT_ATOMS: atom_id res chain seq x y z
N LYS A 3 8.94 32.25 -0.62
CA LYS A 3 8.03 32.11 0.51
C LYS A 3 7.74 30.65 0.80
N VAL A 4 7.37 29.90 -0.24
CA VAL A 4 7.08 28.48 -0.14
C VAL A 4 8.30 27.71 -0.58
N GLN A 5 8.82 26.84 0.30
CA GLN A 5 10.03 26.06 0.03
C GLN A 5 9.65 24.59 -0.16
N GLN A 6 10.21 23.97 -1.20
CA GLN A 6 9.95 22.57 -1.50
C GLN A 6 11.25 21.78 -1.47
N SER A 7 11.13 20.51 -1.10
CA SER A 7 12.27 19.62 -0.93
C SER A 7 11.87 18.19 -1.26
N PRO A 8 12.69 17.44 -2.00
CA PRO A 8 13.93 17.89 -2.64
C PRO A 8 13.67 18.55 -3.99
N GLU A 9 14.72 19.10 -4.61
CA GLU A 9 14.53 19.77 -5.89
C GLU A 9 14.25 18.77 -7.01
N SER A 10 14.81 17.56 -6.91
CA SER A 10 14.52 16.50 -7.85
C SER A 10 14.66 15.16 -7.15
N LEU A 11 13.86 14.19 -7.59
CA LEU A 11 13.83 12.88 -6.96
C LEU A 11 13.65 11.82 -8.03
N ILE A 12 14.51 10.81 -8.02
CA ILE A 12 14.42 9.66 -8.93
C ILE A 12 14.04 8.45 -8.10
N VAL A 13 12.88 7.87 -8.42
CA VAL A 13 12.35 6.74 -7.67
C VAL A 13 12.15 5.56 -8.62
N PRO A 14 12.53 4.35 -8.25
CA PRO A 14 12.23 3.19 -9.09
C PRO A 14 10.74 2.88 -9.07
N GLU A 15 10.28 2.23 -10.14
CA GLU A 15 8.87 1.88 -10.25
C GLU A 15 8.45 1.02 -9.07
N GLY A 16 7.32 1.36 -8.46
CA GLY A 16 6.85 0.67 -7.29
C GLY A 16 7.41 1.17 -5.97
N GLY A 17 8.33 2.14 -6.01
CA GLY A 17 8.96 2.64 -4.81
C GLY A 17 8.22 3.81 -4.19
N MET A 18 8.76 4.27 -3.05
CA MET A 18 8.16 5.34 -2.27
C MET A 18 8.73 6.69 -2.67
N ALA A 19 7.87 7.70 -2.73
CA ALA A 19 8.26 9.06 -3.06
C ALA A 19 7.77 9.99 -1.96
N SER A 20 8.70 10.69 -1.31
CA SER A 20 8.39 11.62 -0.23
C SER A 20 8.79 13.03 -0.66
N LEU A 21 7.80 13.92 -0.75
CA LEU A 21 8.02 15.31 -1.11
C LEU A 21 7.65 16.20 0.07
N ASN A 22 8.46 17.23 0.30
CA ASN A 22 8.30 18.08 1.47
C ASN A 22 8.03 19.52 1.03
N CYS A 23 7.32 20.26 1.89
CA CYS A 23 7.00 21.65 1.62
C CYS A 23 6.73 22.37 2.93
N THR A 24 7.44 23.46 3.17
CA THR A 24 7.24 24.29 4.35
C THR A 24 6.99 25.74 3.94
N SER A 25 6.43 26.50 4.88
CA SER A 25 6.19 27.93 4.71
C SER A 25 6.69 28.67 5.94
N SER A 26 7.04 29.94 5.75
CA SER A 26 7.45 30.81 6.84
C SER A 26 6.34 31.75 7.30
N ASP A 27 5.21 31.78 6.59
CA ASP A 27 4.11 32.65 6.95
C ASP A 27 3.27 31.98 8.03
N ARG A 28 3.21 32.61 9.21
CA ARG A 28 2.41 32.07 10.31
C ARG A 28 0.92 32.08 10.01
N ASN A 29 0.48 32.88 9.03
CA ASN A 29 -0.93 32.94 8.65
C ASN A 29 -1.30 31.95 7.57
N VAL A 30 -0.41 31.02 7.24
CA VAL A 30 -0.73 29.92 6.34
C VAL A 30 -1.32 28.78 7.16
N ASP A 31 -2.53 28.36 6.81
CA ASP A 31 -3.22 27.30 7.54
C ASP A 31 -3.59 26.12 6.66
N TYR A 32 -3.32 26.17 5.36
CA TYR A 32 -3.64 25.08 4.45
C TYR A 32 -2.73 25.16 3.24
N PHE A 33 -2.68 24.06 2.49
CA PHE A 33 -1.80 23.94 1.34
C PHE A 33 -2.53 23.27 0.18
N TRP A 34 -1.98 23.46 -1.01
CA TRP A 34 -2.41 22.75 -2.21
C TRP A 34 -1.21 22.04 -2.82
N TRP A 35 -1.43 20.86 -3.36
CA TRP A 35 -0.42 20.13 -4.12
C TRP A 35 -0.88 20.04 -5.58
N TYR A 36 -0.10 20.63 -6.47
CA TYR A 36 -0.40 20.62 -7.89
C TYR A 36 0.60 19.72 -8.62
N ARG A 37 0.16 19.17 -9.74
CA ARG A 37 0.99 18.33 -10.59
C ARG A 37 0.94 18.87 -12.01
N GLN A 38 2.10 18.93 -12.66
CA GLN A 38 2.21 19.42 -14.02
C GLN A 38 3.09 18.47 -14.82
N HIS A 39 2.52 17.81 -15.80
CA HIS A 39 3.30 17.03 -16.75
C HIS A 39 3.97 17.96 -17.76
N SER A 40 5.08 17.50 -18.32
CA SER A 40 5.88 18.34 -19.20
C SER A 40 5.07 18.77 -20.40
N GLY A 41 4.95 20.08 -20.59
CA GLY A 41 4.19 20.65 -21.69
C GLY A 41 2.71 20.77 -21.45
N LYS A 42 2.22 20.44 -20.27
CA LYS A 42 0.79 20.48 -19.95
C LYS A 42 0.51 21.59 -18.96
N SER A 43 -0.74 21.68 -18.56
CA SER A 43 -1.07 22.66 -17.54
C SER A 43 -0.96 22.04 -16.16
N PRO A 44 -0.61 22.84 -15.15
CA PRO A 44 -0.63 22.34 -13.77
C PRO A 44 -2.05 22.06 -13.33
N LYS A 45 -2.27 20.87 -12.75
CA LYS A 45 -3.58 20.43 -12.30
C LYS A 45 -3.50 20.09 -10.81
N MET A 46 -4.57 20.41 -10.08
CA MET A 46 -4.58 20.19 -8.64
C MET A 46 -4.63 18.69 -8.34
N LEU A 47 -3.71 18.25 -7.47
CA LEU A 47 -3.66 16.86 -7.05
C LEU A 47 -4.33 16.65 -5.69
N MET A 48 -3.81 17.31 -4.65
CA MET A 48 -4.35 17.21 -3.31
C MET A 48 -4.40 18.58 -2.68
N SER A 49 -5.41 18.81 -1.85
CA SER A 49 -5.47 19.95 -0.96
C SER A 49 -5.77 19.45 0.45
N ILE A 50 -5.34 20.20 1.45
CA ILE A 50 -5.56 19.80 2.84
C ILE A 50 -5.73 21.05 3.69
N PHE A 51 -6.75 21.05 4.54
CA PHE A 51 -7.14 22.22 5.30
C PHE A 51 -7.12 22.00 6.81
N SER A 52 -6.80 20.79 7.28
CA SER A 52 -6.73 20.51 8.71
C SER A 52 -5.57 19.55 8.98
N ASN A 53 -5.15 19.51 10.24
CA ASN A 53 -4.04 18.66 10.65
C ASN A 53 -4.39 17.19 10.48
N GLY A 54 -3.41 16.39 10.10
CA GLY A 54 -3.56 14.95 9.96
C GLY A 54 -3.20 14.50 8.57
N GLU A 55 -3.48 13.22 8.31
CA GLU A 55 -3.27 12.63 7.00
C GLU A 55 -4.56 12.67 6.19
N LYS A 56 -4.41 12.76 4.87
CA LYS A 56 -5.52 12.68 3.94
C LYS A 56 -5.08 11.79 2.79
N GLU A 57 -5.76 10.65 2.63
CA GLU A 57 -5.35 9.62 1.69
C GLU A 57 -6.34 9.53 0.54
N GLU A 58 -5.81 9.50 -0.69
CA GLU A 58 -6.62 9.32 -1.90
C GLU A 58 -5.82 8.43 -2.84
N GLY A 59 -6.19 7.14 -2.90
CA GLY A 59 -5.48 6.20 -3.73
C GLY A 59 -4.08 5.91 -3.24
N ARG A 60 -3.09 6.14 -4.10
CA ARG A 60 -1.69 5.95 -3.76
C ARG A 60 -1.04 7.22 -3.22
N PHE A 61 -1.82 8.27 -3.01
CA PHE A 61 -1.32 9.56 -2.57
C PHE A 61 -1.81 9.85 -1.17
N THR A 62 -0.90 10.29 -0.30
CA THR A 62 -1.23 10.71 1.06
C THR A 62 -0.60 12.08 1.28
N VAL A 63 -1.41 13.07 1.64
CA VAL A 63 -0.91 14.39 2.00
C VAL A 63 -1.00 14.53 3.51
N HIS A 64 0.03 15.14 4.09
CA HIS A 64 0.10 15.37 5.52
C HIS A 64 0.18 16.86 5.77
N LEU A 65 -0.47 17.32 6.84
CA LEU A 65 -0.45 18.73 7.19
C LEU A 65 -0.07 18.88 8.66
N ASN A 66 0.90 19.75 8.92
CA ASN A 66 1.39 20.04 10.26
C ASN A 66 1.41 21.55 10.41
N LYS A 67 0.32 22.11 10.95
CA LYS A 67 0.21 23.56 11.04
C LYS A 67 1.22 24.14 12.03
N ALA A 68 1.57 23.39 13.07
CA ALA A 68 2.52 23.89 14.06
C ALA A 68 3.87 24.20 13.42
N SER A 69 4.41 23.25 12.65
CA SER A 69 5.68 23.44 11.96
C SER A 69 5.50 24.02 10.56
N LEU A 70 4.28 24.42 10.19
CA LEU A 70 4.01 25.02 8.89
C LEU A 70 4.54 24.14 7.75
N HIS A 71 4.12 22.88 7.78
CA HIS A 71 4.77 21.84 7.00
C HIS A 71 3.72 20.93 6.36
N THR A 72 3.93 20.60 5.09
CA THR A 72 3.07 19.65 4.40
C THR A 72 3.94 18.71 3.58
N SER A 73 3.54 17.44 3.52
CA SER A 73 4.32 16.42 2.83
C SER A 73 3.41 15.55 1.98
N LEU A 74 3.90 15.18 0.80
CA LEU A 74 3.15 14.37 -0.15
C LEU A 74 3.84 13.01 -0.29
N HIS A 75 3.15 11.96 0.13
CA HIS A 75 3.66 10.60 0.06
C HIS A 75 3.03 9.88 -1.13
N ILE A 76 3.87 9.29 -1.99
CA ILE A 76 3.42 8.54 -3.15
C ILE A 76 3.92 7.11 -2.98
N ARG A 77 3.00 6.17 -2.82
CA ARG A 77 3.35 4.76 -2.74
C ARG A 77 3.11 4.09 -4.08
N ASP A 78 3.85 3.01 -4.32
CA ASP A 78 3.76 2.22 -5.56
C ASP A 78 3.90 3.13 -6.79
N SER A 79 5.03 3.83 -6.82
CA SER A 79 5.25 4.86 -7.84
C SER A 79 5.23 4.26 -9.24
N GLN A 80 4.42 4.85 -10.11
CA GLN A 80 4.23 4.48 -11.49
C GLN A 80 4.95 5.46 -12.41
N PRO A 81 5.38 5.01 -13.60
CA PRO A 81 6.03 5.92 -14.54
C PRO A 81 5.18 7.14 -14.89
N SER A 82 3.86 6.99 -14.91
CA SER A 82 2.99 8.12 -15.21
C SER A 82 3.03 9.20 -14.14
N ASP A 83 3.54 8.88 -12.94
CA ASP A 83 3.69 9.88 -11.89
C ASP A 83 4.84 10.85 -12.14
N SER A 84 5.67 10.59 -13.14
CA SER A 84 6.78 11.49 -13.47
C SER A 84 6.26 12.85 -13.89
N ALA A 85 6.46 13.86 -13.06
CA ALA A 85 5.92 15.19 -13.32
C ALA A 85 6.62 16.19 -12.40
N LEU A 86 6.23 17.46 -12.54
CA LEU A 86 6.66 18.53 -11.66
C LEU A 86 5.58 18.74 -10.61
N TYR A 87 5.90 18.46 -9.36
CA TYR A 87 4.95 18.60 -8.26
C TYR A 87 5.16 19.94 -7.58
N LEU A 88 4.09 20.72 -7.49
CA LEU A 88 4.15 22.10 -7.02
C LEU A 88 3.32 22.26 -5.76
N CYS A 89 3.92 22.86 -4.74
CA CYS A 89 3.24 23.15 -3.49
C CYS A 89 2.83 24.61 -3.46
N ALA A 90 1.61 24.87 -2.98
CA ALA A 90 1.08 26.22 -2.96
C ALA A 90 0.43 26.50 -1.62
N ALA A 91 0.47 27.77 -1.21
CA ALA A 91 -0.16 28.22 0.01
C ALA A 91 -0.86 29.56 -0.27
N ARG A 92 -1.74 29.95 0.66
CA ARG A 92 -2.46 31.21 0.56
C ARG A 92 -2.81 31.64 1.99
N SER A 93 -2.01 32.54 2.54
CA SER A 93 -2.26 33.01 3.90
C SER A 93 -3.60 33.71 3.99
N SER A 94 -4.25 33.55 5.16
CA SER A 94 -5.55 34.16 5.39
C SER A 94 -5.51 35.64 5.07
N GLY A 95 -6.44 36.08 4.20
CA GLY A 95 -6.54 37.44 3.78
C GLY A 95 -5.97 37.72 2.40
N SER A 96 -5.01 36.92 1.95
CA SER A 96 -4.43 37.12 0.62
C SER A 96 -5.36 36.53 -0.44
N TRP A 97 -5.09 36.88 -1.69
CA TRP A 97 -6.07 36.67 -2.76
C TRP A 97 -5.57 35.75 -3.87
N GLN A 98 -4.53 34.95 -3.61
CA GLN A 98 -4.00 34.09 -4.65
C GLN A 98 -3.16 32.97 -4.05
N LEU A 99 -3.07 31.87 -4.78
CA LEU A 99 -2.11 30.83 -4.44
C LEU A 99 -0.70 31.31 -4.79
N ILE A 100 0.24 31.05 -3.89
CA ILE A 100 1.65 31.30 -4.12
C ILE A 100 2.35 29.95 -4.17
N PHE A 101 2.99 29.66 -5.30
CA PHE A 101 3.58 28.35 -5.54
C PHE A 101 5.06 28.33 -5.19
N GLY A 102 5.56 27.13 -4.89
CA GLY A 102 6.97 26.93 -4.65
C GLY A 102 7.73 26.63 -5.93
N SER A 103 9.02 26.33 -5.76
CA SER A 103 9.89 26.04 -6.89
C SER A 103 9.69 24.63 -7.45
N GLY A 104 8.93 23.78 -6.77
CA GLY A 104 8.56 22.49 -7.30
C GLY A 104 9.59 21.41 -7.02
N THR A 105 9.13 20.17 -7.08
CA THR A 105 9.99 18.98 -7.06
C THR A 105 9.78 18.22 -8.37
N GLN A 106 10.86 18.06 -9.13
CA GLN A 106 10.80 17.27 -10.35
C GLN A 106 10.92 15.80 -9.99
N LEU A 107 9.85 15.05 -10.18
CA LEU A 107 9.82 13.62 -9.89
C LEU A 107 9.99 12.83 -11.18
N THR A 108 10.88 11.84 -11.15
CA THR A 108 11.07 10.93 -12.28
C THR A 108 11.00 9.51 -11.76
N VAL A 109 10.04 8.74 -12.27
CA VAL A 109 9.87 7.33 -11.92
C VAL A 109 10.33 6.50 -13.11
N MET A 110 11.39 5.73 -12.92
CA MET A 110 11.96 4.95 -14.01
C MET A 110 11.21 3.62 -14.14
N PRO A 111 10.78 3.24 -15.33
CA PRO A 111 10.08 1.97 -15.50
C PRO A 111 11.01 0.78 -15.35
N ASP A 112 10.43 -0.34 -14.92
CA ASP A 112 11.19 -1.57 -14.73
C ASP A 112 11.31 -2.28 -16.07
N ILE A 113 12.52 -2.34 -16.61
CA ILE A 113 12.81 -3.06 -17.84
C ILE A 113 13.23 -4.48 -17.46
N GLN A 114 12.41 -5.47 -17.81
CA GLN A 114 12.65 -6.83 -17.34
C GLN A 114 13.84 -7.46 -18.05
N ASN A 115 13.90 -7.33 -19.37
CA ASN A 115 14.92 -7.98 -20.19
C ASN A 115 15.70 -6.94 -20.98
N PRO A 116 16.68 -6.29 -20.35
CA PRO A 116 17.48 -5.28 -21.07
C PRO A 116 18.47 -5.95 -22.02
N GLU A 117 18.55 -5.41 -23.23
CA GLU A 117 19.46 -5.90 -24.27
C GLU A 117 20.10 -4.71 -24.96
N PRO A 118 21.14 -4.13 -24.34
CA PRO A 118 21.71 -2.88 -24.88
C PRO A 118 22.34 -3.08 -26.25
N ALA A 119 22.08 -2.13 -27.15
CA ALA A 119 22.62 -2.17 -28.50
C ALA A 119 22.75 -0.75 -29.03
N VAL A 120 23.78 -0.55 -29.86
CA VAL A 120 24.03 0.75 -30.50
C VAL A 120 23.98 0.54 -32.01
N TYR A 121 23.10 1.27 -32.68
CA TYR A 121 22.93 1.17 -34.12
C TYR A 121 23.25 2.52 -34.77
N GLN A 122 23.55 2.47 -36.06
CA GLN A 122 23.77 3.66 -36.86
C GLN A 122 22.68 3.77 -37.92
N LEU A 123 22.13 4.96 -38.07
CA LEU A 123 21.05 5.22 -39.01
C LEU A 123 21.47 6.34 -39.95
N LYS A 124 21.07 6.24 -41.22
CA LYS A 124 21.44 7.21 -42.23
C LYS A 124 20.21 7.90 -42.81
N ASP A 125 20.39 9.16 -43.19
CA ASP A 125 19.35 9.91 -43.87
C ASP A 125 19.60 9.80 -45.37
N PRO A 126 18.73 9.12 -46.13
CA PRO A 126 19.00 8.94 -47.57
C PRO A 126 18.82 10.21 -48.37
N ARG A 127 18.00 11.15 -47.91
CA ARG A 127 17.75 12.36 -48.67
C ARG A 127 18.92 13.35 -48.63
N SER A 128 19.94 13.08 -47.83
CA SER A 128 21.11 13.95 -47.76
C SER A 128 22.26 13.21 -47.10
N GLN A 129 23.38 13.09 -47.80
CA GLN A 129 24.58 12.46 -47.24
C GLN A 129 25.22 13.44 -46.24
N ASP A 130 26.40 13.08 -45.73
CA ASP A 130 27.07 13.84 -44.65
C ASP A 130 26.17 13.93 -43.43
N SER A 131 25.30 12.94 -43.25
CA SER A 131 24.28 12.97 -42.21
C SER A 131 24.09 11.56 -41.68
N THR A 132 24.54 11.32 -40.46
CA THR A 132 24.31 10.05 -39.78
C THR A 132 24.22 10.31 -38.28
N LEU A 133 23.39 9.51 -37.61
CA LEU A 133 23.24 9.61 -36.16
C LEU A 133 23.41 8.22 -35.56
N CYS A 134 23.35 8.16 -34.23
CA CYS A 134 23.52 6.92 -33.50
C CYS A 134 22.34 6.73 -32.58
N LEU A 135 21.94 5.46 -32.40
CA LEU A 135 20.79 5.10 -31.58
C LEU A 135 21.22 4.12 -30.50
N PHE A 136 21.16 4.57 -29.25
CA PHE A 136 21.36 3.72 -28.08
C PHE A 136 19.98 3.34 -27.54
N THR A 137 19.63 2.06 -27.61
CA THR A 137 18.27 1.64 -27.31
C THR A 137 18.28 0.34 -26.50
N ASP A 138 17.17 0.13 -25.78
CA ASP A 138 16.92 -1.08 -25.00
C ASP A 138 17.97 -1.29 -23.91
N PHE A 139 18.48 -0.22 -23.34
CA PHE A 139 19.43 -0.32 -22.23
C PHE A 139 18.70 -0.25 -20.90
N ASP A 140 19.40 -0.63 -19.84
CA ASP A 140 18.80 -0.74 -18.52
C ASP A 140 18.46 0.65 -17.97
N SER A 141 17.50 0.67 -17.05
CA SER A 141 17.02 1.94 -16.50
C SER A 141 18.07 2.64 -15.64
N GLN A 142 18.93 1.88 -14.98
CA GLN A 142 19.96 2.46 -14.12
C GLN A 142 21.19 2.92 -14.89
N ILE A 143 21.24 2.73 -16.20
CA ILE A 143 22.39 3.14 -17.00
C ILE A 143 22.45 4.66 -17.08
N ASN A 144 23.65 5.20 -16.88
CA ASN A 144 23.89 6.65 -16.97
C ASN A 144 24.24 6.99 -18.41
N VAL A 145 23.29 7.58 -19.13
CA VAL A 145 23.52 8.02 -20.51
C VAL A 145 24.48 9.20 -20.48
N PRO A 146 25.62 9.13 -21.16
CA PRO A 146 26.57 10.23 -21.12
C PRO A 146 26.04 11.47 -21.82
N LYS A 147 26.53 12.63 -21.38
CA LYS A 147 26.19 13.92 -21.97
C LYS A 147 27.39 14.44 -22.75
N THR A 148 27.18 15.51 -23.51
CA THR A 148 28.20 16.06 -24.39
C THR A 148 28.65 17.42 -23.88
N MET A 149 29.96 17.62 -23.83
CA MET A 149 30.56 18.92 -23.63
C MET A 149 31.18 19.49 -24.90
N GLU A 150 31.52 18.64 -25.86
CA GLU A 150 32.05 19.08 -27.13
C GLU A 150 31.01 19.89 -27.91
N SER A 151 31.49 20.87 -28.65
CA SER A 151 30.63 21.71 -29.47
C SER A 151 30.48 21.10 -30.86
N GLY A 152 29.24 20.99 -31.32
CA GLY A 152 28.93 20.33 -32.58
C GLY A 152 28.38 18.94 -32.43
N THR A 153 28.41 18.37 -31.22
CA THR A 153 27.87 17.05 -30.94
C THR A 153 26.73 17.18 -29.94
N PHE A 154 25.69 16.38 -30.12
CA PHE A 154 24.52 16.41 -29.26
C PHE A 154 24.13 15.01 -28.86
N ILE A 155 23.80 14.83 -27.59
CA ILE A 155 23.30 13.57 -27.05
C ILE A 155 22.02 13.86 -26.27
N THR A 156 20.96 13.13 -26.58
CA THR A 156 19.67 13.38 -25.96
C THR A 156 19.57 12.66 -24.61
N ASP A 157 18.54 13.02 -23.86
CA ASP A 157 18.25 12.34 -22.61
C ASP A 157 17.46 11.06 -22.88
N LYS A 158 17.35 10.22 -21.86
CA LYS A 158 16.65 8.96 -22.00
C LYS A 158 15.18 9.20 -22.32
N CYS A 159 14.73 8.61 -23.43
CA CYS A 159 13.34 8.72 -23.87
C CYS A 159 12.76 7.31 -23.91
N VAL A 160 11.67 7.10 -23.17
CA VAL A 160 11.03 5.80 -23.04
C VAL A 160 9.82 5.77 -23.97
N LEU A 161 9.81 4.82 -24.89
CA LEU A 161 8.65 4.58 -25.74
C LEU A 161 7.97 3.28 -25.34
N ASP A 162 6.71 3.15 -25.73
CA ASP A 162 5.91 1.96 -25.41
C ASP A 162 5.06 1.62 -26.62
N MET A 163 5.39 0.50 -27.27
CA MET A 163 4.54 -0.03 -28.34
C MET A 163 3.40 -0.80 -27.70
N LYS A 164 2.59 -1.47 -28.53
CA LYS A 164 1.48 -2.29 -28.03
C LYS A 164 1.95 -3.74 -27.96
N ALA A 165 2.66 -4.05 -26.86
CA ALA A 165 3.19 -5.38 -26.64
C ALA A 165 3.49 -5.54 -25.15
N MET A 166 4.02 -6.71 -24.79
CA MET A 166 4.38 -7.01 -23.40
C MET A 166 5.85 -6.69 -23.18
N ASP A 167 6.14 -6.02 -22.06
CA ASP A 167 7.47 -5.50 -21.77
C ASP A 167 8.01 -4.67 -22.93
N SER A 168 7.10 -4.02 -23.65
CA SER A 168 7.45 -3.24 -24.83
C SER A 168 8.20 -1.96 -24.48
N LYS A 169 8.26 -1.58 -23.20
CA LYS A 169 9.00 -0.40 -22.80
C LYS A 169 10.45 -0.49 -23.26
N SER A 170 10.96 0.62 -23.76
CA SER A 170 12.30 0.64 -24.35
C SER A 170 12.92 2.01 -24.13
N ASN A 171 14.05 2.04 -23.43
CA ASN A 171 14.82 3.26 -23.26
C ASN A 171 15.60 3.59 -24.53
N GLY A 172 15.72 4.87 -24.82
CA GLY A 172 16.41 5.30 -26.02
C GLY A 172 17.16 6.60 -25.82
N ALA A 173 18.18 6.79 -26.65
CA ALA A 173 18.96 8.03 -26.68
C ALA A 173 19.57 8.17 -28.06
N ILE A 174 19.73 9.42 -28.49
CA ILE A 174 20.17 9.73 -29.85
C ILE A 174 21.38 10.65 -29.78
N ALA A 175 22.36 10.38 -30.64
CA ALA A 175 23.55 11.21 -30.75
C ALA A 175 23.88 11.44 -32.21
N TRP A 176 24.39 12.63 -32.51
CA TRP A 176 24.76 12.98 -33.89
C TRP A 176 25.73 14.16 -33.86
N SER A 177 26.34 14.42 -35.01
CA SER A 177 27.24 15.54 -35.17
C SER A 177 27.20 16.07 -36.60
N LYS B 1 -12.45 24.08 -21.34
CA LYS B 1 -12.32 24.61 -19.99
C LYS B 1 -12.01 26.10 -20.04
N ILE B 2 -10.73 26.44 -19.96
CA ILE B 2 -10.25 27.82 -20.09
C ILE B 2 -9.53 27.94 -21.41
N ILE B 3 -9.87 28.97 -22.19
CA ILE B 3 -9.30 29.19 -23.51
C ILE B 3 -8.21 30.23 -23.41
N GLN B 4 -7.03 29.90 -23.91
CA GLN B 4 -5.93 30.85 -24.05
C GLN B 4 -5.47 30.86 -25.50
N LYS B 5 -5.28 32.06 -26.05
CA LYS B 5 -4.76 32.25 -27.39
C LYS B 5 -3.73 33.37 -27.35
N PRO B 6 -2.67 33.27 -28.17
CA PRO B 6 -2.37 32.11 -29.00
C PRO B 6 -1.55 31.07 -28.24
N LYS B 7 -1.31 29.90 -28.84
CA LYS B 7 -0.45 28.92 -28.20
C LYS B 7 1.00 29.40 -28.16
N TYR B 8 1.49 29.91 -29.29
CA TYR B 8 2.85 30.43 -29.40
C TYR B 8 2.83 31.86 -29.91
N LEU B 9 3.81 32.64 -29.47
CA LEU B 9 3.88 34.05 -29.83
C LEU B 9 5.33 34.51 -29.77
N VAL B 10 5.77 35.16 -30.85
CA VAL B 10 7.13 35.71 -30.95
C VAL B 10 7.02 37.22 -31.13
N ALA B 11 7.91 37.96 -30.46
CA ALA B 11 7.88 39.41 -30.52
C ALA B 11 9.30 39.95 -30.45
N VAL B 12 9.46 41.18 -30.92
CA VAL B 12 10.76 41.84 -30.91
C VAL B 12 10.86 42.70 -29.65
N THR B 13 12.10 43.04 -29.29
CA THR B 13 12.34 43.88 -28.13
C THR B 13 11.69 45.25 -28.32
N GLY B 14 10.76 45.58 -27.43
CA GLY B 14 10.12 46.88 -27.43
C GLY B 14 8.73 46.95 -28.03
N SER B 15 8.20 45.83 -28.51
CA SER B 15 6.87 45.82 -29.10
C SER B 15 5.81 45.56 -28.02
N GLU B 16 4.54 45.61 -28.42
CA GLU B 16 3.42 45.35 -27.54
C GLU B 16 2.66 44.13 -28.02
N LYS B 17 2.19 43.32 -27.08
CA LYS B 17 1.40 42.14 -27.40
C LYS B 17 0.27 41.99 -26.39
N ILE B 18 -0.79 41.33 -26.82
CA ILE B 18 -1.96 41.08 -25.99
C ILE B 18 -2.18 39.58 -25.91
N LEU B 19 -2.24 39.05 -24.70
CA LEU B 19 -2.55 37.65 -24.47
C LEU B 19 -4.02 37.53 -24.06
N ILE B 20 -4.77 36.71 -24.79
CA ILE B 20 -6.22 36.60 -24.61
C ILE B 20 -6.52 35.43 -23.69
N CYS B 21 -7.44 35.65 -22.75
CA CYS B 21 -7.90 34.60 -21.85
C CYS B 21 -9.36 34.82 -21.52
N GLU B 22 -10.17 33.77 -21.67
CA GLU B 22 -11.58 33.84 -21.34
C GLU B 22 -12.05 32.49 -20.84
N GLN B 23 -12.96 32.50 -19.87
CA GLN B 23 -13.57 31.29 -19.35
C GLN B 23 -15.07 31.43 -19.38
N TYR B 24 -15.77 30.34 -19.69
CA TYR B 24 -17.23 30.36 -19.72
C TYR B 24 -17.78 29.39 -18.68
N LEU B 25 -17.23 29.45 -17.48
CA LEU B 25 -17.64 28.58 -16.37
C LEU B 25 -18.36 29.33 -15.27
N GLY B 26 -18.65 30.61 -15.47
CA GLY B 26 -19.22 31.42 -14.41
C GLY B 26 -18.29 31.67 -13.26
N HIS B 27 -16.99 31.53 -13.47
CA HIS B 27 -16.03 31.73 -12.38
C HIS B 27 -15.88 33.22 -12.07
N ASN B 28 -15.83 33.53 -10.78
CA ASN B 28 -15.81 34.91 -10.31
C ASN B 28 -14.40 35.44 -10.06
N ALA B 29 -13.37 34.61 -10.22
CA ALA B 29 -11.99 35.04 -10.03
C ALA B 29 -11.13 34.53 -11.17
N MET B 30 -10.22 35.40 -11.64
CA MET B 30 -9.29 35.04 -12.70
C MET B 30 -7.91 35.56 -12.35
N TYR B 31 -6.88 34.80 -12.73
CA TYR B 31 -5.51 35.09 -12.33
C TYR B 31 -4.58 34.93 -13.52
N TRP B 32 -3.38 35.49 -13.38
CA TRP B 32 -2.30 35.29 -14.34
C TRP B 32 -1.06 34.82 -13.60
N TYR B 33 -0.44 33.75 -14.13
CA TYR B 33 0.82 33.23 -13.61
C TYR B 33 1.79 33.07 -14.77
N ARG B 34 3.08 33.06 -14.43
CA ARG B 34 4.15 32.99 -15.42
C ARG B 34 5.10 31.84 -15.08
N GLN B 35 5.46 31.06 -16.09
CA GLN B 35 6.30 29.88 -15.91
C GLN B 35 7.61 30.07 -16.67
N SER B 36 8.72 30.07 -15.92
CA SER B 36 10.05 30.17 -16.50
C SER B 36 10.92 29.05 -15.93
N ALA B 37 12.12 28.90 -16.50
CA ALA B 37 13.07 27.94 -15.95
C ALA B 37 13.45 28.30 -14.52
N LYS B 38 13.58 29.60 -14.25
CA LYS B 38 13.88 30.08 -12.90
C LYS B 38 12.76 29.74 -11.93
N LYS B 39 11.61 30.40 -12.07
CA LYS B 39 10.46 30.15 -11.21
C LYS B 39 9.37 29.43 -12.00
N PRO B 40 8.99 28.22 -11.60
CA PRO B 40 8.02 27.45 -12.41
C PRO B 40 6.61 28.03 -12.41
N LEU B 41 6.26 28.87 -11.43
CA LEU B 41 4.90 29.40 -11.36
C LEU B 41 4.86 30.71 -10.58
N GLU B 42 5.34 31.79 -11.18
CA GLU B 42 5.36 33.09 -10.52
C GLU B 42 3.99 33.77 -10.66
N PHE B 43 3.44 34.20 -9.54
CA PHE B 43 2.13 34.84 -9.54
C PHE B 43 2.22 36.27 -10.07
N MET B 44 1.24 36.67 -10.89
CA MET B 44 1.22 37.99 -11.47
C MET B 44 0.01 38.81 -11.03
N PHE B 45 -1.21 38.37 -11.33
CA PHE B 45 -2.40 39.17 -11.11
C PHE B 45 -3.51 38.31 -10.50
N SER B 46 -4.34 38.95 -9.67
CA SER B 46 -5.50 38.32 -9.06
C SER B 46 -6.68 39.27 -9.19
N TYR B 47 -7.76 38.80 -9.83
CA TYR B 47 -8.96 39.61 -10.04
C TYR B 47 -10.17 38.88 -9.48
N SER B 48 -11.00 39.62 -8.73
CA SER B 48 -12.28 39.13 -8.27
C SER B 48 -13.36 40.10 -8.73
N TYR B 49 -14.42 39.56 -9.35
CA TYR B 49 -15.52 40.37 -9.90
C TYR B 49 -14.98 41.51 -10.76
N GLN B 50 -13.98 41.19 -11.59
CA GLN B 50 -13.36 42.10 -12.56
C GLN B 50 -12.60 43.24 -11.90
N MET B 51 -12.41 43.22 -10.59
CA MET B 51 -11.66 44.24 -9.89
C MET B 51 -10.30 43.69 -9.49
N LEU B 52 -9.28 44.55 -9.54
CA LEU B 52 -7.91 44.14 -9.25
C LEU B 52 -7.73 43.94 -7.75
N MET B 53 -7.33 42.72 -7.36
CA MET B 53 -7.15 42.37 -5.96
C MET B 53 -5.70 42.39 -5.51
N ASP B 54 -4.77 41.91 -6.34
CA ASP B 54 -3.36 41.93 -5.98
C ASP B 54 -2.52 41.85 -7.24
N ASN B 55 -1.33 42.43 -7.16
CA ASN B 55 -0.43 42.53 -8.31
C ASN B 55 1.00 42.43 -7.80
N GLN B 56 1.69 41.34 -8.14
CA GLN B 56 3.07 41.12 -7.72
C GLN B 56 4.05 41.18 -8.89
N THR B 57 3.72 41.96 -9.92
CA THR B 57 4.66 42.29 -10.98
C THR B 57 5.21 43.67 -10.73
N ALA B 58 6.52 43.75 -10.48
CA ALA B 58 7.15 45.04 -10.18
C ALA B 58 7.17 45.99 -11.36
N SER B 59 6.68 45.57 -12.53
CA SER B 59 6.70 46.39 -13.73
C SER B 59 5.29 46.83 -14.09
N SER B 60 5.15 48.11 -14.43
CA SER B 60 3.88 48.66 -14.90
C SER B 60 3.64 48.37 -16.38
N ARG B 61 4.54 47.65 -17.04
CA ARG B 61 4.35 47.30 -18.44
C ARG B 61 3.28 46.22 -18.62
N PHE B 62 2.92 45.52 -17.56
CA PHE B 62 1.90 44.48 -17.61
C PHE B 62 0.58 45.08 -17.17
N GLN B 63 -0.40 45.11 -18.08
CA GLN B 63 -1.67 45.79 -17.85
C GLN B 63 -2.82 44.87 -18.25
N PRO B 64 -3.49 44.24 -17.30
CA PRO B 64 -4.63 43.38 -17.64
C PRO B 64 -5.84 44.19 -18.09
N GLN B 65 -6.70 43.53 -18.85
CA GLN B 65 -7.93 44.11 -19.37
C GLN B 65 -9.10 43.28 -18.86
N SER B 66 -9.90 43.86 -17.96
CA SER B 66 -11.00 43.13 -17.32
C SER B 66 -12.33 43.87 -17.45
N SER B 67 -12.43 44.82 -18.37
CA SER B 67 -13.68 45.56 -18.53
C SER B 67 -14.84 44.65 -18.91
N LYS B 68 -14.57 43.60 -19.68
CA LYS B 68 -15.61 42.66 -20.08
C LYS B 68 -15.63 41.47 -19.12
N LYS B 69 -16.83 41.03 -18.76
CA LYS B 69 -16.97 39.86 -17.91
C LYS B 69 -16.44 38.62 -18.63
N ASN B 70 -15.96 37.66 -17.84
CA ASN B 70 -15.41 36.38 -18.29
C ASN B 70 -14.09 36.53 -19.04
N HIS B 71 -13.58 37.75 -19.22
CA HIS B 71 -12.32 37.99 -19.89
C HIS B 71 -11.31 38.58 -18.93
N LEU B 72 -10.04 38.21 -19.11
CA LEU B 72 -8.93 38.83 -18.40
C LEU B 72 -7.72 38.79 -19.34
N ASP B 73 -7.80 39.60 -20.40
CA ASP B 73 -6.70 39.71 -21.34
C ASP B 73 -5.52 40.44 -20.70
N LEU B 74 -4.32 40.16 -21.19
CA LEU B 74 -3.10 40.71 -20.63
C LEU B 74 -2.29 41.38 -21.73
N GLN B 75 -2.12 42.69 -21.61
CA GLN B 75 -1.33 43.48 -22.55
C GLN B 75 0.04 43.77 -21.94
N ILE B 76 1.10 43.55 -22.72
CA ILE B 76 2.47 43.77 -22.27
C ILE B 76 3.15 44.70 -23.27
N THR B 77 3.53 45.89 -22.80
CA THR B 77 4.24 46.86 -23.61
C THR B 77 5.72 46.85 -23.27
N ALA B 78 6.51 47.45 -24.18
CA ALA B 78 7.96 47.55 -24.04
C ALA B 78 8.58 46.19 -23.68
N LEU B 79 8.28 45.21 -24.51
CA LEU B 79 8.71 43.84 -24.25
C LEU B 79 10.22 43.75 -24.18
N LYS B 80 10.70 42.86 -23.31
CA LYS B 80 12.12 42.58 -23.10
C LYS B 80 12.34 41.09 -23.18
N PRO B 81 13.53 40.66 -23.60
CA PRO B 81 13.80 39.21 -23.65
C PRO B 81 13.66 38.52 -22.31
N ASP B 82 13.79 39.24 -21.19
CA ASP B 82 13.56 38.65 -19.88
C ASP B 82 12.09 38.32 -19.65
N ASP B 83 11.19 38.85 -20.46
CA ASP B 83 9.78 38.52 -20.37
C ASP B 83 9.43 37.19 -21.01
N SER B 84 10.38 36.53 -21.67
CA SER B 84 10.11 35.27 -22.35
C SER B 84 9.76 34.20 -21.33
N ALA B 85 8.55 33.65 -21.45
CA ALA B 85 8.06 32.61 -20.54
C ALA B 85 6.71 32.14 -21.06
N THR B 86 6.18 31.11 -20.40
CA THR B 86 4.82 30.64 -20.66
C THR B 86 3.89 31.31 -19.65
N TYR B 87 2.88 32.00 -20.14
CA TYR B 87 1.95 32.73 -19.30
C TYR B 87 0.66 31.92 -19.16
N PHE B 88 0.35 31.54 -17.92
CA PHE B 88 -0.79 30.68 -17.62
C PHE B 88 -1.92 31.52 -17.06
N CYS B 89 -3.09 31.45 -17.70
CA CYS B 89 -4.30 32.04 -17.17
C CYS B 89 -5.01 31.01 -16.28
N ALA B 90 -5.58 31.50 -15.18
CA ALA B 90 -6.26 30.63 -14.24
C ALA B 90 -7.56 31.27 -13.80
N SER B 91 -8.52 30.44 -13.40
CA SER B 91 -9.79 30.91 -12.87
C SER B 91 -10.23 30.02 -11.73
N SER B 92 -11.18 30.51 -10.93
CA SER B 92 -11.76 29.73 -9.85
C SER B 92 -13.18 30.22 -9.60
N GLN B 93 -14.03 29.30 -9.14
CA GLN B 93 -15.45 29.61 -8.95
C GLN B 93 -15.63 30.80 -8.00
N ASP B 94 -14.97 30.76 -6.85
CA ASP B 94 -15.17 31.74 -5.81
C ASP B 94 -14.06 32.79 -5.83
N ARG B 95 -14.29 33.90 -5.12
CA ARG B 95 -13.36 35.02 -5.12
C ARG B 95 -12.00 34.60 -4.56
N GLY B 96 -11.00 35.46 -4.79
CA GLY B 96 -9.61 35.04 -4.66
C GLY B 96 -9.19 34.63 -3.27
N ASP B 97 -9.74 35.27 -2.24
CA ASP B 97 -9.33 34.96 -0.88
C ASP B 97 -10.04 33.74 -0.31
N SER B 98 -10.99 33.16 -1.05
CA SER B 98 -11.82 32.08 -0.54
C SER B 98 -11.88 30.87 -1.44
N ALA B 99 -11.14 30.85 -2.55
CA ALA B 99 -11.23 29.76 -3.51
C ALA B 99 -10.59 28.50 -2.97
N HIS B 100 -11.16 27.35 -3.30
CA HIS B 100 -10.62 26.07 -2.87
C HIS B 100 -9.90 25.32 -3.98
N THR B 101 -10.07 25.72 -5.24
CA THR B 101 -9.35 25.07 -6.33
C THR B 101 -9.18 26.05 -7.48
N LEU B 102 -7.97 26.12 -8.02
CA LEU B 102 -7.67 26.92 -9.20
C LEU B 102 -7.52 26.01 -10.41
N TYR B 103 -8.17 26.39 -11.50
CA TYR B 103 -8.05 25.70 -12.78
C TYR B 103 -7.17 26.55 -13.70
N PHE B 104 -6.21 25.91 -14.35
CA PHE B 104 -5.23 26.60 -15.18
C PHE B 104 -5.53 26.38 -16.66
N GLY B 105 -5.42 27.45 -17.43
CA GLY B 105 -5.54 27.36 -18.87
C GLY B 105 -4.31 26.71 -19.50
N SER B 106 -4.38 26.57 -20.82
CA SER B 106 -3.34 25.83 -21.54
C SER B 106 -2.06 26.63 -21.74
N GLY B 107 -2.11 27.94 -21.57
CA GLY B 107 -0.88 28.75 -21.54
C GLY B 107 -0.49 29.29 -22.91
N THR B 108 0.16 30.44 -22.88
CA THR B 108 0.71 31.07 -24.07
C THR B 108 2.23 31.17 -23.90
N ARG B 109 2.98 30.55 -24.81
CA ARG B 109 4.43 30.56 -24.76
C ARG B 109 4.94 31.77 -25.54
N LEU B 110 5.55 32.72 -24.83
CA LEU B 110 6.01 33.97 -25.42
C LEU B 110 7.53 34.00 -25.45
N THR B 111 8.09 34.35 -26.60
CA THR B 111 9.52 34.54 -26.77
C THR B 111 9.77 35.93 -27.31
N VAL B 112 10.55 36.72 -26.59
CA VAL B 112 10.94 38.06 -27.02
C VAL B 112 12.36 38.00 -27.54
N LEU B 113 12.57 38.45 -28.77
CA LEU B 113 13.86 38.34 -29.44
C LEU B 113 14.48 39.72 -29.65
N GLU B 114 15.81 39.77 -29.55
CA GLU B 114 16.52 41.01 -29.82
C GLU B 114 16.35 41.45 -31.26
N ASP B 115 16.28 40.50 -32.20
CA ASP B 115 16.12 40.81 -33.61
C ASP B 115 15.36 39.68 -34.28
N LEU B 116 14.35 40.02 -35.08
CA LEU B 116 13.52 39.01 -35.74
C LEU B 116 14.22 38.35 -36.92
N ARG B 117 15.38 38.86 -37.35
CA ARG B 117 16.09 38.27 -38.48
C ARG B 117 16.56 36.85 -38.18
N ASN B 118 16.68 36.50 -36.90
CA ASN B 118 17.16 35.16 -36.52
C ASN B 118 16.07 34.11 -36.54
N VAL B 119 14.80 34.50 -36.70
CA VAL B 119 13.72 33.53 -36.77
C VAL B 119 13.90 32.67 -38.02
N THR B 120 13.98 31.36 -37.83
CA THR B 120 14.23 30.43 -38.92
C THR B 120 13.37 29.18 -38.73
N PRO B 121 12.70 28.71 -39.78
CA PRO B 121 11.95 27.45 -39.68
C PRO B 121 12.90 26.27 -39.59
N PRO B 122 12.43 25.11 -39.15
CA PRO B 122 13.32 23.96 -38.99
C PRO B 122 13.59 23.25 -40.29
N LYS B 123 14.71 22.54 -40.32
CA LYS B 123 15.00 21.54 -41.34
C LYS B 123 14.76 20.17 -40.74
N VAL B 124 14.07 19.31 -41.47
CA VAL B 124 13.58 18.03 -40.95
C VAL B 124 14.22 16.90 -41.73
N SER B 125 14.83 15.96 -41.02
CA SER B 125 15.49 14.81 -41.61
C SER B 125 14.92 13.53 -41.00
N LEU B 126 14.73 12.52 -41.84
CA LEU B 126 14.19 11.23 -41.41
C LEU B 126 15.24 10.16 -41.63
N PHE B 127 15.70 9.55 -40.53
CA PHE B 127 16.72 8.50 -40.60
C PHE B 127 16.03 7.14 -40.57
N GLU B 128 16.36 6.31 -41.54
CA GLU B 128 15.73 5.01 -41.73
C GLU B 128 16.32 3.98 -40.76
N PRO B 129 15.55 2.94 -40.42
CA PRO B 129 16.00 2.00 -39.38
C PRO B 129 17.26 1.26 -39.79
N SER B 130 18.08 0.93 -38.79
CA SER B 130 19.28 0.15 -39.02
C SER B 130 18.92 -1.29 -39.38
N LYS B 131 19.62 -1.85 -40.37
CA LYS B 131 19.37 -3.23 -40.75
C LYS B 131 19.75 -4.20 -39.63
N ALA B 132 20.70 -3.81 -38.77
CA ALA B 132 21.08 -4.68 -37.66
C ALA B 132 19.97 -4.77 -36.62
N GLU B 133 19.25 -3.66 -36.39
CA GLU B 133 18.13 -3.70 -35.45
C GLU B 133 17.01 -4.59 -35.97
N ILE B 134 16.68 -4.46 -37.26
CA ILE B 134 15.64 -5.29 -37.85
C ILE B 134 16.03 -6.76 -37.78
N ALA B 135 17.31 -7.06 -37.94
CA ALA B 135 17.75 -8.46 -37.93
C ALA B 135 17.73 -9.03 -36.51
N ASN B 136 18.33 -8.31 -35.56
CA ASN B 136 18.50 -8.85 -34.22
C ASN B 136 17.23 -8.73 -33.39
N LYS B 137 16.65 -7.54 -33.32
CA LYS B 137 15.50 -7.28 -32.45
C LYS B 137 14.17 -7.34 -33.18
N GLN B 138 14.18 -7.55 -34.50
CA GLN B 138 12.94 -7.67 -35.29
C GLN B 138 12.04 -6.45 -35.11
N LYS B 139 12.65 -5.29 -34.87
CA LYS B 139 11.94 -4.04 -34.73
C LYS B 139 12.67 -2.98 -35.54
N ALA B 140 11.93 -1.95 -35.96
CA ALA B 140 12.46 -0.88 -36.79
C ALA B 140 12.19 0.46 -36.13
N THR B 141 13.25 1.19 -35.83
CA THR B 141 13.15 2.50 -35.20
C THR B 141 13.53 3.57 -36.22
N LEU B 142 12.52 4.32 -36.66
CA LEU B 142 12.79 5.53 -37.44
C LEU B 142 13.06 6.67 -36.47
N VAL B 143 13.93 7.59 -36.89
CA VAL B 143 14.36 8.70 -36.06
C VAL B 143 14.25 9.99 -36.86
N CYS B 144 13.66 11.02 -36.25
CA CYS B 144 13.40 12.28 -36.93
C CYS B 144 14.17 13.40 -36.23
N LEU B 145 14.97 14.12 -37.00
CA LEU B 145 15.79 15.22 -36.50
C LEU B 145 15.23 16.54 -37.04
N ALA B 146 14.99 17.49 -36.15
CA ALA B 146 14.61 18.85 -36.51
C ALA B 146 15.71 19.79 -36.03
N ARG B 147 16.30 20.54 -36.95
CA ARG B 147 17.50 21.30 -36.65
C ARG B 147 17.39 22.71 -37.23
N GLY B 148 18.17 23.61 -36.64
CA GLY B 148 18.29 24.96 -37.17
C GLY B 148 17.07 25.84 -37.04
N PHE B 149 16.16 25.54 -36.12
CA PHE B 149 14.98 26.38 -35.94
C PHE B 149 15.14 27.30 -34.73
N PHE B 150 14.41 28.40 -34.76
CA PHE B 150 14.48 29.46 -33.76
C PHE B 150 13.29 30.39 -33.91
N PRO B 151 12.54 30.67 -32.84
CA PRO B 151 12.74 30.14 -31.49
C PRO B 151 12.17 28.74 -31.29
N ASP B 152 12.14 28.29 -30.03
CA ASP B 152 11.71 26.94 -29.68
C ASP B 152 10.18 26.87 -29.66
N HIS B 153 9.59 26.96 -30.85
CA HIS B 153 8.14 26.94 -31.03
C HIS B 153 7.80 25.86 -32.06
N VAL B 154 7.94 24.59 -31.66
CA VAL B 154 7.75 23.48 -32.58
C VAL B 154 6.89 22.40 -31.92
N GLU B 155 6.12 21.71 -32.76
CA GLU B 155 5.34 20.54 -32.34
C GLU B 155 5.58 19.44 -33.37
N LEU B 156 6.12 18.31 -32.92
CA LEU B 156 6.47 17.20 -33.80
C LEU B 156 5.42 16.10 -33.68
N SER B 157 5.02 15.56 -34.83
CA SER B 157 4.05 14.47 -34.88
C SER B 157 4.49 13.44 -35.91
N TRP B 158 4.00 12.22 -35.74
CA TRP B 158 4.31 11.11 -36.64
C TRP B 158 3.04 10.69 -37.37
N TRP B 159 3.16 10.43 -38.66
CA TRP B 159 2.03 10.09 -39.51
C TRP B 159 2.33 8.81 -40.27
N VAL B 160 1.46 7.82 -40.13
CA VAL B 160 1.59 6.53 -40.78
C VAL B 160 0.35 6.30 -41.63
N ASN B 161 0.55 6.22 -42.95
CA ASN B 161 -0.55 6.01 -43.91
C ASN B 161 -1.62 7.09 -43.78
N GLY B 162 -1.19 8.33 -43.53
CA GLY B 162 -2.09 9.46 -43.46
C GLY B 162 -2.75 9.68 -42.12
N LYS B 163 -2.46 8.86 -41.12
CA LYS B 163 -3.02 9.02 -39.78
C LYS B 163 -1.91 9.29 -38.78
N GLU B 164 -2.16 10.25 -37.89
CA GLU B 164 -1.22 10.51 -36.80
C GLU B 164 -1.23 9.36 -35.82
N VAL B 165 -0.03 8.94 -35.40
CA VAL B 165 0.11 7.82 -34.47
C VAL B 165 0.77 8.31 -33.20
N HIS B 166 0.54 7.57 -32.11
CA HIS B 166 1.12 7.89 -30.82
C HIS B 166 1.85 6.67 -30.25
N SER B 167 1.35 5.48 -30.54
CA SER B 167 1.97 4.27 -30.03
C SER B 167 3.37 4.11 -30.61
N GLY B 168 4.32 3.73 -29.76
CA GLY B 168 5.69 3.55 -30.18
C GLY B 168 6.44 4.83 -30.48
N VAL B 169 6.02 5.95 -29.89
CA VAL B 169 6.60 7.25 -30.15
C VAL B 169 7.21 7.79 -28.86
N CYS B 170 8.40 8.38 -28.97
CA CYS B 170 8.98 9.14 -27.87
C CYS B 170 9.68 10.36 -28.44
N THR B 171 9.27 11.54 -27.99
CA THR B 171 9.83 12.81 -28.45
C THR B 171 10.48 13.51 -27.26
N ASP B 172 11.59 14.19 -27.52
CA ASP B 172 12.28 14.94 -26.47
C ASP B 172 11.32 15.97 -25.89
N PRO B 173 11.24 16.10 -24.55
CA PRO B 173 10.34 17.11 -23.98
C PRO B 173 10.78 18.52 -24.26
N GLN B 174 12.08 18.78 -24.32
CA GLN B 174 12.60 20.12 -24.56
C GLN B 174 13.56 20.11 -25.73
N ALA B 175 13.61 21.22 -26.45
CA ALA B 175 14.61 21.41 -27.48
C ALA B 175 15.92 21.86 -26.87
N TYR B 176 17.02 21.50 -27.52
CA TYR B 176 18.35 21.86 -27.08
C TYR B 176 18.97 22.84 -28.06
N LYS B 177 19.74 23.79 -27.54
CA LYS B 177 20.33 24.84 -28.36
C LYS B 177 21.55 24.30 -29.10
N GLU B 178 21.52 24.41 -30.43
CA GLU B 178 22.72 24.14 -31.22
C GLU B 178 23.72 25.27 -31.12
N SER B 179 23.25 26.50 -31.33
CA SER B 179 24.05 27.71 -31.13
C SER B 179 23.19 28.71 -30.37
N ASN B 180 23.62 29.97 -30.35
CA ASN B 180 22.87 31.00 -29.62
C ASN B 180 21.51 31.26 -30.24
N TYR B 181 21.36 31.01 -31.54
CA TYR B 181 20.14 31.37 -32.25
C TYR B 181 19.62 30.20 -33.08
N SER B 182 19.69 28.98 -32.53
CA SER B 182 19.15 27.81 -33.21
C SER B 182 18.95 26.69 -32.20
N TYR B 183 17.85 25.96 -32.34
CA TYR B 183 17.53 24.82 -31.51
C TYR B 183 17.48 23.55 -32.35
N CYS B 184 17.53 22.41 -31.65
CA CYS B 184 17.34 21.12 -32.29
C CYS B 184 16.42 20.27 -31.43
N LEU B 185 15.77 19.30 -32.07
CA LEU B 185 14.80 18.45 -31.40
C LEU B 185 14.79 17.10 -32.11
N SER B 186 14.66 16.03 -31.32
CA SER B 186 14.66 14.68 -31.85
C SER B 186 13.45 13.91 -31.35
N SER B 187 13.12 12.85 -32.07
CA SER B 187 12.04 11.95 -31.75
C SER B 187 12.24 10.67 -32.53
N ARG B 188 11.70 9.56 -32.02
CA ARG B 188 11.82 8.30 -32.71
C ARG B 188 10.48 7.57 -32.68
N LEU B 189 10.28 6.72 -33.68
CA LEU B 189 9.08 5.90 -33.82
C LEU B 189 9.52 4.47 -34.11
N ARG B 190 9.00 3.52 -33.33
CA ARG B 190 9.38 2.12 -33.45
C ARG B 190 8.19 1.31 -33.94
N VAL B 191 8.39 0.57 -35.03
CA VAL B 191 7.38 -0.29 -35.61
C VAL B 191 7.94 -1.70 -35.72
N SER B 192 7.14 -2.60 -36.29
CA SER B 192 7.57 -3.98 -36.46
C SER B 192 8.63 -4.08 -37.56
N ALA B 193 9.35 -5.21 -37.55
CA ALA B 193 10.13 -5.55 -38.74
C ALA B 193 9.23 -5.89 -39.90
N THR B 194 8.08 -6.50 -39.63
CA THR B 194 7.12 -6.79 -40.69
C THR B 194 6.45 -5.52 -41.19
N PHE B 195 6.11 -4.61 -40.27
CA PHE B 195 5.45 -3.37 -40.70
C PHE B 195 6.38 -2.49 -41.52
N TRP B 196 7.68 -2.53 -41.23
CA TRP B 196 8.63 -1.75 -42.02
C TRP B 196 8.93 -2.41 -43.36
N HIS B 197 8.89 -3.73 -43.43
CA HIS B 197 9.16 -4.44 -44.68
C HIS B 197 7.99 -4.39 -45.66
N ASN B 198 6.87 -3.76 -45.30
CA ASN B 198 5.73 -3.64 -46.19
C ASN B 198 5.87 -2.37 -47.01
N PRO B 199 6.03 -2.46 -48.34
CA PRO B 199 6.19 -1.24 -49.15
C PRO B 199 4.91 -0.41 -49.24
N ARG B 200 3.77 -0.91 -48.79
CA ARG B 200 2.55 -0.11 -48.81
C ARG B 200 2.59 0.96 -47.72
N ASN B 201 3.17 0.64 -46.57
CA ASN B 201 3.21 1.57 -45.45
C ASN B 201 4.27 2.63 -45.68
N HIS B 202 3.91 3.89 -45.46
CA HIS B 202 4.86 4.99 -45.54
C HIS B 202 4.75 5.84 -44.27
N PHE B 203 5.88 6.35 -43.83
CA PHE B 203 6.01 7.01 -42.54
C PHE B 203 6.48 8.44 -42.76
N ARG B 204 5.82 9.41 -42.12
CA ARG B 204 6.16 10.80 -42.29
C ARG B 204 6.32 11.46 -40.93
N CYS B 205 7.43 12.17 -40.76
CA CYS B 205 7.66 12.99 -39.57
C CYS B 205 7.28 14.42 -39.91
N GLN B 206 6.37 15.00 -39.14
CA GLN B 206 5.86 16.34 -39.38
C GLN B 206 6.23 17.24 -38.21
N VAL B 207 6.84 18.38 -38.53
CA VAL B 207 7.23 19.37 -37.53
C VAL B 207 6.46 20.66 -37.85
N GLN B 208 5.55 21.03 -36.96
CA GLN B 208 4.79 22.27 -37.10
C GLN B 208 5.55 23.39 -36.39
N PHE B 209 5.97 24.40 -37.16
CA PHE B 209 6.75 25.51 -36.66
C PHE B 209 5.87 26.74 -36.49
N HIS B 210 6.03 27.42 -35.36
CA HIS B 210 5.25 28.62 -35.05
C HIS B 210 6.18 29.83 -35.14
N GLY B 211 5.99 30.65 -36.16
CA GLY B 211 6.87 31.75 -36.45
C GLY B 211 6.12 33.07 -36.56
N LEU B 212 6.56 33.91 -37.48
CA LEU B 212 6.05 35.26 -37.60
C LEU B 212 4.62 35.27 -38.14
N SER B 213 3.83 36.23 -37.68
CA SER B 213 2.46 36.37 -38.10
C SER B 213 2.40 37.19 -39.40
N GLU B 214 1.19 37.26 -39.97
CA GLU B 214 0.97 37.97 -41.24
C GLU B 214 1.06 39.48 -41.10
N GLU B 215 1.41 40.03 -39.93
CA GLU B 215 1.52 41.46 -39.75
C GLU B 215 2.94 41.94 -39.49
N ASP B 216 3.86 41.04 -39.18
CA ASP B 216 5.25 41.43 -38.93
C ASP B 216 5.94 41.78 -40.25
N LYS B 217 6.83 42.76 -40.18
CA LYS B 217 7.57 43.20 -41.35
C LYS B 217 8.78 42.31 -41.60
N TRP B 218 9.17 42.21 -42.87
CA TRP B 218 10.27 41.32 -43.25
C TRP B 218 10.85 41.79 -44.57
N PRO B 219 12.16 41.78 -44.74
CA PRO B 219 12.75 42.20 -46.02
C PRO B 219 12.44 41.21 -47.13
N GLU B 220 12.45 41.72 -48.37
CA GLU B 220 12.05 40.95 -49.54
C GLU B 220 13.16 40.05 -50.07
N GLY B 221 14.29 39.96 -49.38
CA GLY B 221 15.39 39.13 -49.83
C GLY B 221 15.32 37.67 -49.46
N SER B 222 14.33 37.26 -48.69
CA SER B 222 14.20 35.89 -48.23
C SER B 222 12.77 35.64 -47.79
N PRO B 223 12.31 34.39 -47.82
CA PRO B 223 10.95 34.10 -47.34
C PRO B 223 10.83 34.33 -45.85
N LYS B 224 9.75 35.01 -45.45
CA LYS B 224 9.59 35.33 -44.04
C LYS B 224 9.21 34.08 -43.27
N PRO B 225 9.82 33.83 -42.12
CA PRO B 225 9.55 32.57 -41.40
C PRO B 225 8.19 32.58 -40.71
N VAL B 226 7.14 32.27 -41.47
CA VAL B 226 5.78 32.22 -40.93
C VAL B 226 5.54 30.85 -40.30
N THR B 227 4.39 30.69 -39.67
CA THR B 227 3.97 29.39 -39.16
C THR B 227 3.75 28.43 -40.33
N GLN B 228 4.42 27.28 -40.27
CA GLN B 228 4.43 26.36 -41.39
C GLN B 228 4.71 24.95 -40.89
N ASN B 229 4.45 23.98 -41.77
CA ASN B 229 4.72 22.57 -41.50
C ASN B 229 5.85 22.10 -42.40
N ILE B 230 6.88 21.51 -41.79
CA ILE B 230 7.97 20.87 -42.53
C ILE B 230 7.92 19.38 -42.21
N SER B 231 8.12 18.55 -43.25
CA SER B 231 7.98 17.12 -43.10
C SER B 231 9.12 16.40 -43.82
N ALA B 232 9.36 15.17 -43.38
CA ALA B 232 10.24 14.24 -44.06
C ALA B 232 9.58 12.87 -44.00
N GLU B 233 9.67 12.11 -45.09
CA GLU B 233 8.94 10.87 -45.18
C GLU B 233 9.80 9.79 -45.85
N ALA B 234 9.39 8.55 -45.63
CA ALA B 234 10.02 7.40 -46.27
C ALA B 234 8.98 6.30 -46.40
N TRP B 235 9.23 5.36 -47.31
CA TRP B 235 8.35 4.22 -47.51
C TRP B 235 9.04 2.95 -47.00
N GLY B 236 8.22 2.00 -46.57
CA GLY B 236 8.75 0.70 -46.21
C GLY B 236 9.34 -0.01 -47.41
N ARG B 237 10.29 -0.90 -47.13
CA ARG B 237 10.99 -1.63 -48.18
C ARG B 237 11.29 -3.04 -47.71
N ALA B 238 11.28 -3.98 -48.66
CA ALA B 238 11.54 -5.38 -48.37
C ALA B 238 13.01 -5.66 -48.07
N ASP B 239 13.86 -4.65 -48.10
CA ASP B 239 15.28 -4.83 -47.80
C ASP B 239 15.48 -5.15 -46.32
N LYS C 3 -19.77 -2.96 -5.36
CA LYS C 3 -18.89 -3.82 -6.14
C LYS C 3 -18.98 -5.27 -5.64
N VAL C 4 -19.05 -6.21 -6.59
CA VAL C 4 -19.21 -7.62 -6.28
C VAL C 4 -17.94 -8.35 -6.68
N GLN C 5 -17.41 -9.16 -5.78
CA GLN C 5 -16.17 -9.90 -5.99
C GLN C 5 -16.48 -11.37 -6.20
N GLN C 6 -15.81 -11.97 -7.18
CA GLN C 6 -15.95 -13.40 -7.46
C GLN C 6 -14.57 -14.04 -7.48
N SER C 7 -14.54 -15.35 -7.18
CA SER C 7 -13.31 -16.11 -7.18
C SER C 7 -13.67 -17.58 -7.36
N PRO C 8 -12.84 -18.36 -8.07
CA PRO C 8 -11.65 -17.90 -8.78
C PRO C 8 -12.00 -17.23 -10.11
N GLU C 9 -11.03 -16.53 -10.71
CA GLU C 9 -11.30 -15.88 -11.99
C GLU C 9 -11.52 -16.88 -13.10
N SER C 10 -10.93 -18.07 -12.99
CA SER C 10 -11.11 -19.12 -13.98
C SER C 10 -10.97 -20.47 -13.29
N LEU C 11 -11.78 -21.44 -13.72
CA LEU C 11 -11.79 -22.76 -13.10
C LEU C 11 -11.85 -23.83 -14.17
N ILE C 12 -11.03 -24.86 -14.02
CA ILE C 12 -11.01 -26.01 -14.91
C ILE C 12 -11.29 -27.25 -14.06
N VAL C 13 -12.35 -27.97 -14.41
CA VAL C 13 -12.80 -29.12 -13.63
C VAL C 13 -12.97 -30.31 -14.56
N PRO C 14 -12.52 -31.50 -14.18
CA PRO C 14 -12.75 -32.68 -15.01
C PRO C 14 -14.21 -33.09 -14.99
N GLU C 15 -14.63 -33.76 -16.06
CA GLU C 15 -16.01 -34.23 -16.16
C GLU C 15 -16.34 -35.16 -14.99
N GLY C 16 -17.41 -34.85 -14.28
CA GLY C 16 -17.82 -35.62 -13.12
C GLY C 16 -17.36 -35.06 -11.79
N GLY C 17 -16.58 -33.98 -11.79
CA GLY C 17 -16.05 -33.43 -10.56
C GLY C 17 -16.89 -32.29 -10.01
N MET C 18 -16.46 -31.79 -8.85
CA MET C 18 -17.14 -30.68 -8.18
C MET C 18 -16.58 -29.35 -8.67
N ALA C 19 -17.44 -28.34 -8.66
CA ALA C 19 -17.06 -26.97 -8.99
C ALA C 19 -17.60 -26.05 -7.91
N SER C 20 -16.71 -25.32 -7.25
CA SER C 20 -17.08 -24.36 -6.21
C SER C 20 -16.81 -22.96 -6.74
N LEU C 21 -17.85 -22.12 -6.73
CA LEU C 21 -17.75 -20.74 -7.20
C LEU C 21 -18.18 -19.82 -6.06
N ASN C 22 -17.25 -18.99 -5.60
CA ASN C 22 -17.51 -18.10 -4.48
C ASN C 22 -17.77 -16.67 -4.96
N CYS C 23 -18.46 -15.92 -4.11
CA CYS C 23 -18.86 -14.56 -4.43
C CYS C 23 -19.16 -13.81 -3.14
N THR C 24 -18.51 -12.66 -2.96
CA THR C 24 -18.74 -11.80 -1.80
C THR C 24 -19.13 -10.41 -2.28
N SER C 25 -19.60 -9.60 -1.33
CA SER C 25 -20.01 -8.22 -1.61
C SER C 25 -19.44 -7.30 -0.56
N SER C 26 -18.99 -6.11 -0.99
CA SER C 26 -18.53 -5.09 -0.07
C SER C 26 -19.67 -4.27 0.52
N ASP C 27 -20.84 -4.26 -0.14
CA ASP C 27 -22.00 -3.55 0.37
C ASP C 27 -22.59 -4.33 1.55
N ARG C 28 -22.67 -3.68 2.71
CA ARG C 28 -23.21 -4.32 3.90
C ARG C 28 -24.73 -4.46 3.88
N ASN C 29 -25.40 -3.81 2.92
CA ASN C 29 -26.85 -3.86 2.83
C ASN C 29 -27.37 -4.91 1.86
N VAL C 30 -26.49 -5.78 1.35
CA VAL C 30 -26.91 -6.84 0.45
C VAL C 30 -27.60 -7.93 1.26
N ASP C 31 -28.76 -8.36 0.80
CA ASP C 31 -29.54 -9.38 1.48
C ASP C 31 -29.84 -10.61 0.63
N TYR C 32 -29.64 -10.54 -0.69
CA TYR C 32 -29.89 -11.68 -1.55
C TYR C 32 -28.94 -11.64 -2.74
N PHE C 33 -28.85 -12.76 -3.44
CA PHE C 33 -27.93 -12.92 -4.55
C PHE C 33 -28.60 -13.66 -5.70
N TRP C 34 -28.05 -13.47 -6.90
CA TRP C 34 -28.42 -14.21 -8.08
C TRP C 34 -27.17 -14.81 -8.71
N TRP C 35 -27.33 -15.98 -9.33
CA TRP C 35 -26.26 -16.61 -10.09
C TRP C 35 -26.70 -16.72 -11.54
N TYR C 36 -25.93 -16.14 -12.44
CA TYR C 36 -26.22 -16.15 -13.87
C TYR C 36 -25.15 -16.93 -14.61
N ARG C 37 -25.56 -17.61 -15.68
CA ARG C 37 -24.68 -18.38 -16.53
C ARG C 37 -24.78 -17.87 -17.95
N GLN C 38 -23.64 -17.59 -18.57
CA GLN C 38 -23.59 -17.05 -19.93
C GLN C 38 -22.67 -17.91 -20.78
N HIS C 39 -23.24 -18.66 -21.73
CA HIS C 39 -22.43 -19.38 -22.68
C HIS C 39 -21.81 -18.42 -23.68
N SER C 40 -20.72 -18.87 -24.31
CA SER C 40 -19.93 -18.01 -25.18
C SER C 40 -20.78 -17.48 -26.33
N GLY C 41 -20.92 -16.15 -26.39
CA GLY C 41 -21.65 -15.53 -27.48
C GLY C 41 -23.15 -15.49 -27.31
N LYS C 42 -23.67 -15.68 -26.11
CA LYS C 42 -25.11 -15.71 -25.86
C LYS C 42 -25.49 -14.71 -24.78
N SER C 43 -26.76 -14.72 -24.41
CA SER C 43 -27.27 -13.87 -23.35
C SER C 43 -27.07 -14.53 -22.00
N PRO C 44 -26.76 -13.75 -20.95
CA PRO C 44 -26.72 -14.32 -19.60
C PRO C 44 -28.12 -14.74 -19.17
N LYS C 45 -28.22 -15.94 -18.61
CA LYS C 45 -29.48 -16.52 -18.17
C LYS C 45 -29.44 -16.79 -16.68
N MET C 46 -30.55 -16.50 -16.00
CA MET C 46 -30.63 -16.69 -14.56
C MET C 46 -30.57 -18.17 -14.21
N LEU C 47 -29.54 -18.57 -13.46
CA LEU C 47 -29.38 -19.97 -13.07
C LEU C 47 -30.08 -20.25 -11.75
N MET C 48 -29.66 -19.57 -10.68
CA MET C 48 -30.31 -19.73 -9.38
C MET C 48 -30.30 -18.38 -8.66
N SER C 49 -31.25 -18.24 -7.73
CA SER C 49 -31.32 -17.09 -6.84
C SER C 49 -31.58 -17.59 -5.43
N ILE C 50 -31.24 -16.77 -4.44
CA ILE C 50 -31.41 -17.13 -3.04
C ILE C 50 -31.67 -15.86 -2.23
N PHE C 51 -32.61 -15.95 -1.29
CA PHE C 51 -33.06 -14.77 -0.54
C PHE C 51 -32.98 -14.92 0.97
N SER C 52 -32.74 -16.12 1.50
CA SER C 52 -32.57 -16.31 2.93
C SER C 52 -31.33 -17.16 3.17
N ASN C 53 -30.85 -17.14 4.42
CA ASN C 53 -29.65 -17.90 4.78
C ASN C 53 -29.88 -19.39 4.62
N GLY C 54 -28.81 -20.11 4.30
CA GLY C 54 -28.91 -21.54 4.14
C GLY C 54 -28.49 -22.03 2.78
N GLU C 55 -28.79 -23.28 2.45
CA GLU C 55 -28.52 -23.84 1.15
C GLU C 55 -29.81 -23.98 0.35
N LYS C 56 -29.68 -24.04 -0.97
CA LYS C 56 -30.80 -24.26 -1.87
C LYS C 56 -30.32 -25.17 -2.99
N GLU C 57 -31.02 -26.30 -3.16
CA GLU C 57 -30.57 -27.35 -4.07
C GLU C 57 -31.56 -27.51 -5.21
N GLU C 58 -31.06 -27.43 -6.44
CA GLU C 58 -31.87 -27.66 -7.64
C GLU C 58 -31.04 -28.56 -8.56
N GLY C 59 -31.30 -29.86 -8.50
CA GLY C 59 -30.56 -30.82 -9.29
C GLY C 59 -29.10 -30.92 -8.91
N ARG C 60 -28.21 -30.65 -9.87
CA ARG C 60 -26.77 -30.70 -9.64
C ARG C 60 -26.20 -29.40 -9.10
N PHE C 61 -27.05 -28.40 -8.82
CA PHE C 61 -26.61 -27.09 -8.41
C PHE C 61 -27.08 -26.80 -6.99
N THR C 62 -26.15 -26.34 -6.15
CA THR C 62 -26.46 -25.92 -4.79
C THR C 62 -25.95 -24.50 -4.61
N VAL C 63 -26.84 -23.60 -4.20
CA VAL C 63 -26.47 -22.23 -3.85
C VAL C 63 -26.58 -22.07 -2.35
N HIS C 64 -25.57 -21.43 -1.77
CA HIS C 64 -25.50 -21.17 -0.34
C HIS C 64 -25.47 -19.67 -0.12
N LEU C 65 -26.09 -19.21 0.97
CA LEU C 65 -26.08 -17.80 1.33
C LEU C 65 -25.67 -17.65 2.78
N ASN C 66 -24.79 -16.69 3.03
CA ASN C 66 -24.30 -16.38 4.38
C ASN C 66 -24.37 -14.87 4.54
N LYS C 67 -25.45 -14.39 5.17
CA LYS C 67 -25.64 -12.94 5.32
C LYS C 67 -24.54 -12.32 6.19
N ALA C 68 -24.14 -13.02 7.25
CA ALA C 68 -23.15 -12.47 8.18
C ALA C 68 -21.82 -12.18 7.48
N SER C 69 -21.45 -13.00 6.49
CA SER C 69 -20.21 -12.81 5.76
C SER C 69 -20.42 -12.11 4.42
N LEU C 70 -21.66 -11.80 4.05
CA LEU C 70 -21.98 -11.18 2.77
C LEU C 70 -21.42 -12.02 1.61
N HIS C 71 -21.76 -13.31 1.64
CA HIS C 71 -21.08 -14.28 0.80
C HIS C 71 -22.07 -15.31 0.29
N THR C 72 -21.96 -15.64 -1.00
CA THR C 72 -22.74 -16.70 -1.62
C THR C 72 -21.80 -17.59 -2.42
N SER C 73 -22.17 -18.86 -2.55
CA SER C 73 -21.36 -19.82 -3.27
C SER C 73 -22.26 -20.75 -4.08
N LEU C 74 -21.77 -21.14 -5.25
CA LEU C 74 -22.47 -22.06 -6.15
C LEU C 74 -21.64 -23.32 -6.30
N HIS C 75 -22.26 -24.47 -6.03
CA HIS C 75 -21.60 -25.76 -6.15
C HIS C 75 -22.27 -26.56 -7.28
N ILE C 76 -21.45 -27.12 -8.16
CA ILE C 76 -21.92 -27.94 -9.26
C ILE C 76 -21.32 -29.33 -9.10
N ARG C 77 -22.17 -30.31 -8.80
CA ARG C 77 -21.71 -31.69 -8.68
C ARG C 77 -21.92 -32.42 -10.00
N ASP C 78 -21.04 -33.38 -10.26
CA ASP C 78 -21.07 -34.20 -11.47
C ASP C 78 -21.12 -33.31 -12.72
N SER C 79 -20.05 -32.53 -12.90
CA SER C 79 -20.02 -31.51 -13.93
C SER C 79 -19.98 -32.13 -15.33
N GLN C 80 -20.79 -31.58 -16.23
CA GLN C 80 -20.86 -31.96 -17.63
C GLN C 80 -20.17 -30.90 -18.50
N PRO C 81 -19.66 -31.30 -19.68
CA PRO C 81 -19.05 -30.30 -20.57
C PRO C 81 -19.95 -29.14 -20.92
N SER C 82 -21.27 -29.36 -20.97
CA SER C 82 -22.21 -28.29 -21.27
C SER C 82 -22.26 -27.22 -20.18
N ASP C 83 -21.70 -27.50 -18.99
CA ASP C 83 -21.63 -26.50 -17.93
C ASP C 83 -20.54 -25.45 -18.19
N SER C 84 -19.71 -25.66 -19.21
CA SER C 84 -18.65 -24.71 -19.52
C SER C 84 -19.24 -23.38 -19.95
N ALA C 85 -19.09 -22.35 -19.11
CA ALA C 85 -19.65 -21.04 -19.39
C ALA C 85 -19.06 -20.03 -18.41
N LEU C 86 -19.46 -18.77 -18.58
CA LEU C 86 -19.11 -17.71 -17.65
C LEU C 86 -20.21 -17.61 -16.59
N TYR C 87 -19.85 -17.79 -15.33
CA TYR C 87 -20.80 -17.74 -14.23
C TYR C 87 -20.68 -16.39 -13.53
N LEU C 88 -21.77 -15.64 -13.52
CA LEU C 88 -21.79 -14.27 -13.04
C LEU C 88 -22.64 -14.18 -11.79
N CYS C 89 -22.08 -13.59 -10.73
CA CYS C 89 -22.78 -13.37 -9.49
C CYS C 89 -23.39 -11.97 -9.48
N ALA C 90 -24.60 -11.86 -8.96
CA ALA C 90 -25.30 -10.58 -8.93
C ALA C 90 -25.90 -10.35 -7.55
N ALA C 91 -25.81 -9.11 -7.08
CA ALA C 91 -26.39 -8.71 -5.81
C ALA C 91 -27.24 -7.46 -6.00
N ARG C 92 -28.19 -7.28 -5.10
CA ARG C 92 -29.01 -6.07 -5.06
C ARG C 92 -29.34 -5.78 -3.61
N SER C 93 -28.87 -4.64 -3.11
CA SER C 93 -29.18 -4.26 -1.74
C SER C 93 -30.59 -3.71 -1.67
N SER C 94 -31.20 -3.87 -0.49
CA SER C 94 -32.54 -3.36 -0.26
C SER C 94 -32.61 -1.87 -0.58
N GLY C 95 -33.61 -1.48 -1.35
CA GLY C 95 -33.80 -0.10 -1.76
C GLY C 95 -33.21 0.24 -3.11
N SER C 96 -32.17 -0.46 -3.54
CA SER C 96 -31.60 -0.18 -4.86
C SER C 96 -32.46 -0.83 -5.94
N TRP C 97 -32.20 -0.44 -7.19
CA TRP C 97 -33.14 -0.68 -8.27
C TRP C 97 -32.57 -1.52 -9.41
N GLN C 98 -31.51 -2.30 -9.17
CA GLN C 98 -30.91 -3.08 -10.25
C GLN C 98 -29.97 -4.12 -9.67
N LEU C 99 -29.73 -5.18 -10.45
CA LEU C 99 -28.69 -6.15 -10.12
C LEU C 99 -27.32 -5.58 -10.47
N ILE C 100 -26.35 -5.82 -9.59
CA ILE C 100 -24.96 -5.47 -9.84
C ILE C 100 -24.16 -6.76 -9.93
N PHE C 101 -23.48 -6.95 -11.06
CA PHE C 101 -22.78 -8.19 -11.35
C PHE C 101 -21.29 -8.06 -11.02
N GLY C 102 -20.68 -9.19 -10.68
CA GLY C 102 -19.25 -9.27 -10.45
C GLY C 102 -18.48 -9.49 -11.74
N SER C 103 -17.19 -9.77 -11.58
CA SER C 103 -16.31 -10.01 -12.72
C SER C 103 -16.48 -11.40 -13.32
N GLY C 104 -17.16 -12.30 -12.63
CA GLY C 104 -17.49 -13.59 -13.18
C GLY C 104 -16.37 -14.61 -13.06
N THR C 105 -16.75 -15.88 -13.20
CA THR C 105 -15.82 -17.00 -13.19
C THR C 105 -16.04 -17.80 -14.46
N GLN C 106 -15.00 -17.91 -15.28
CA GLN C 106 -15.06 -18.73 -16.49
C GLN C 106 -14.81 -20.18 -16.09
N LEU C 107 -15.83 -21.02 -16.24
CA LEU C 107 -15.72 -22.44 -15.92
C LEU C 107 -15.51 -23.25 -17.19
N THR C 108 -14.56 -24.17 -17.17
CA THR C 108 -14.31 -25.10 -18.26
C THR C 108 -14.37 -26.51 -17.70
N VAL C 109 -15.25 -27.33 -18.27
CA VAL C 109 -15.38 -28.73 -17.89
C VAL C 109 -14.77 -29.57 -19.00
N MET C 110 -13.62 -30.19 -18.72
CA MET C 110 -12.94 -30.98 -19.73
C MET C 110 -13.65 -32.30 -19.94
N PRO C 111 -13.93 -32.69 -21.19
CA PRO C 111 -14.57 -33.99 -21.42
C PRO C 111 -13.64 -35.14 -21.11
N ASP C 112 -14.22 -36.32 -20.97
CA ASP C 112 -13.50 -37.55 -20.64
C ASP C 112 -13.26 -38.33 -21.92
N ILE C 113 -12.07 -38.19 -22.49
CA ILE C 113 -11.70 -38.90 -23.71
C ILE C 113 -11.22 -40.30 -23.33
N GLN C 114 -11.93 -41.32 -23.83
CA GLN C 114 -11.62 -42.69 -23.42
C GLN C 114 -10.33 -43.18 -24.06
N ASN C 115 -10.23 -43.09 -25.39
CA ASN C 115 -9.08 -43.62 -26.13
C ASN C 115 -8.36 -42.46 -26.81
N PRO C 116 -7.43 -41.79 -26.12
CA PRO C 116 -6.69 -40.68 -26.74
C PRO C 116 -5.72 -41.20 -27.79
N GLU C 117 -5.88 -40.71 -29.02
CA GLU C 117 -5.03 -41.09 -30.16
C GLU C 117 -4.43 -39.81 -30.72
N PRO C 118 -3.40 -39.26 -30.08
CA PRO C 118 -2.85 -37.97 -30.53
C PRO C 118 -2.16 -38.11 -31.88
N ALA C 119 -2.46 -37.18 -32.78
CA ALA C 119 -1.87 -37.17 -34.12
C ALA C 119 -1.90 -35.75 -34.66
N VAL C 120 -0.87 -35.40 -35.44
CA VAL C 120 -0.74 -34.07 -36.03
C VAL C 120 -0.76 -34.24 -37.54
N TYR C 121 -1.80 -33.71 -38.18
CA TYR C 121 -1.97 -33.79 -39.62
C TYR C 121 -1.80 -32.40 -40.24
N GLN C 122 -1.51 -32.40 -41.54
CA GLN C 122 -1.40 -31.17 -42.31
C GLN C 122 -2.47 -31.16 -43.39
N LEU C 123 -3.17 -30.04 -43.52
CA LEU C 123 -4.23 -29.87 -44.50
C LEU C 123 -3.85 -28.79 -45.50
N LYS C 124 -4.35 -28.94 -46.72
CA LYS C 124 -3.98 -28.06 -47.83
C LYS C 124 -5.21 -27.38 -48.41
N ASP C 125 -5.07 -26.10 -48.76
CA ASP C 125 -6.12 -25.36 -49.43
C ASP C 125 -5.94 -25.48 -50.94
N PRO C 126 -6.89 -26.09 -51.66
CA PRO C 126 -6.69 -26.23 -53.12
C PRO C 126 -6.76 -24.90 -53.86
N ARG C 127 -7.63 -23.99 -53.45
CA ARG C 127 -7.79 -22.72 -54.14
C ARG C 127 -6.65 -21.74 -53.92
N SER C 128 -5.61 -22.13 -53.17
CA SER C 128 -4.49 -21.22 -52.91
C SER C 128 -3.29 -22.05 -52.46
N GLN C 129 -2.30 -22.20 -53.33
CA GLN C 129 -1.07 -22.85 -52.94
C GLN C 129 -0.26 -21.97 -52.00
N ASP C 130 0.81 -22.54 -51.46
CA ASP C 130 1.67 -21.87 -50.48
C ASP C 130 0.87 -21.38 -49.27
N SER C 131 -0.16 -22.12 -48.90
CA SER C 131 -0.99 -21.78 -47.74
C SER C 131 -1.48 -23.09 -47.14
N THR C 132 -0.93 -23.46 -45.98
CA THR C 132 -1.30 -24.72 -45.35
C THR C 132 -1.26 -24.55 -43.84
N LEU C 133 -2.15 -25.27 -43.16
CA LEU C 133 -2.23 -25.27 -41.71
C LEU C 133 -1.95 -26.67 -41.18
N CYS C 134 -1.96 -26.79 -39.85
CA CYS C 134 -1.75 -28.07 -39.18
C CYS C 134 -2.87 -28.29 -38.18
N LEU C 135 -3.34 -29.54 -38.10
CA LEU C 135 -4.44 -29.92 -37.22
C LEU C 135 -3.92 -30.89 -36.17
N PHE C 136 -3.92 -30.47 -34.91
CA PHE C 136 -3.64 -31.33 -33.78
C PHE C 136 -4.98 -31.81 -33.22
N THR C 137 -5.20 -33.13 -33.23
CA THR C 137 -6.51 -33.67 -32.92
C THR C 137 -6.40 -34.92 -32.06
N ASP C 138 -7.48 -35.17 -31.30
CA ASP C 138 -7.66 -36.42 -30.55
C ASP C 138 -6.60 -36.61 -29.47
N PHE C 139 -6.17 -35.52 -28.85
CA PHE C 139 -5.20 -35.59 -27.78
C PHE C 139 -5.91 -35.63 -26.42
N ASP C 140 -5.12 -35.89 -25.38
CA ASP C 140 -5.66 -35.98 -24.03
C ASP C 140 -6.14 -34.62 -23.54
N SER C 141 -7.23 -34.62 -22.79
CA SER C 141 -7.81 -33.37 -22.31
C SER C 141 -6.94 -32.65 -21.28
N GLN C 142 -5.85 -33.27 -20.83
CA GLN C 142 -4.98 -32.64 -19.84
C GLN C 142 -3.68 -32.09 -20.41
N ILE C 143 -3.26 -32.55 -21.58
CA ILE C 143 -2.04 -32.02 -22.18
C ILE C 143 -2.26 -30.57 -22.58
N ASN C 144 -1.20 -29.77 -22.50
CA ASN C 144 -1.28 -28.33 -22.74
C ASN C 144 -0.85 -28.04 -24.17
N VAL C 145 -1.80 -27.62 -25.00
CA VAL C 145 -1.47 -27.20 -26.36
C VAL C 145 -0.68 -25.91 -26.30
N PRO C 146 0.51 -25.84 -26.92
CA PRO C 146 1.32 -24.62 -26.82
C PRO C 146 0.62 -23.43 -27.47
N LYS C 147 1.20 -22.25 -27.22
CA LYS C 147 0.67 -21.01 -27.76
C LYS C 147 1.77 -20.29 -28.55
N THR C 148 1.34 -19.44 -29.49
CA THR C 148 2.27 -18.76 -30.36
C THR C 148 3.00 -17.65 -29.60
N MET C 149 4.09 -17.18 -30.21
CA MET C 149 4.89 -16.11 -29.61
C MET C 149 5.24 -15.04 -30.66
N GLU C 150 5.79 -15.46 -31.79
CA GLU C 150 6.17 -14.52 -32.82
C GLU C 150 4.93 -13.98 -33.54
N SER C 151 5.14 -12.93 -34.33
CA SER C 151 4.07 -12.29 -35.10
C SER C 151 4.03 -12.91 -36.49
N GLY C 152 2.93 -13.59 -36.80
CA GLY C 152 2.79 -14.23 -38.10
C GLY C 152 2.14 -15.60 -38.00
N THR C 153 2.48 -16.35 -36.96
CA THR C 153 1.91 -17.66 -36.71
C THR C 153 0.81 -17.57 -35.66
N PHE C 154 -0.13 -18.51 -35.71
CA PHE C 154 -1.28 -18.51 -34.81
C PHE C 154 -1.56 -19.93 -34.37
N ILE C 155 -1.88 -20.09 -33.08
CA ILE C 155 -2.30 -21.37 -32.53
C ILE C 155 -3.61 -21.15 -31.79
N THR C 156 -4.63 -21.93 -32.14
CA THR C 156 -5.95 -21.78 -31.54
C THR C 156 -6.03 -22.56 -30.24
N ASP C 157 -6.92 -22.11 -29.35
CA ASP C 157 -7.18 -22.83 -28.11
C ASP C 157 -7.82 -24.17 -28.42
N LYS C 158 -7.90 -25.02 -27.39
CA LYS C 158 -8.51 -26.33 -27.54
C LYS C 158 -9.98 -26.18 -27.88
N CYS C 159 -10.40 -26.80 -29.00
CA CYS C 159 -11.79 -26.79 -29.45
C CYS C 159 -12.31 -28.22 -29.40
N VAL C 160 -13.42 -28.42 -28.69
CA VAL C 160 -14.01 -29.74 -28.50
C VAL C 160 -15.23 -29.88 -29.41
N LEU C 161 -15.26 -30.95 -30.18
CA LEU C 161 -16.40 -31.26 -31.05
C LEU C 161 -16.95 -32.64 -30.71
N ASP C 162 -18.23 -32.83 -30.99
CA ASP C 162 -18.91 -34.11 -30.79
C ASP C 162 -19.67 -34.43 -32.08
N MET C 163 -19.26 -35.49 -32.76
CA MET C 163 -19.91 -35.89 -34.00
C MET C 163 -21.30 -36.47 -33.78
N LYS C 164 -21.72 -36.65 -32.52
CA LYS C 164 -23.06 -37.10 -32.17
C LYS C 164 -23.37 -38.50 -32.72
N ALA C 165 -22.43 -39.10 -33.44
CA ALA C 165 -22.53 -40.47 -33.91
C ALA C 165 -21.45 -41.26 -33.17
N MET C 166 -21.88 -42.03 -32.17
CA MET C 166 -21.09 -42.75 -31.18
C MET C 166 -20.64 -41.82 -30.05
N ASP C 167 -20.95 -40.52 -30.13
CA ASP C 167 -20.54 -39.55 -29.11
C ASP C 167 -19.02 -39.55 -28.94
N SER C 168 -18.30 -39.60 -30.07
CA SER C 168 -16.84 -39.56 -30.05
C SER C 168 -16.39 -38.10 -29.95
N LYS C 169 -16.45 -37.59 -28.72
CA LYS C 169 -15.93 -36.25 -28.45
C LYS C 169 -14.44 -36.21 -28.79
N SER C 170 -14.00 -35.06 -29.31
CA SER C 170 -12.65 -34.94 -29.85
C SER C 170 -12.10 -33.54 -29.57
N ASN C 171 -10.90 -33.49 -29.02
CA ASN C 171 -10.19 -32.22 -28.87
C ASN C 171 -9.47 -31.88 -30.17
N GLY C 172 -9.29 -30.58 -30.40
CA GLY C 172 -8.63 -30.13 -31.61
C GLY C 172 -8.02 -28.76 -31.43
N ALA C 173 -6.91 -28.54 -32.13
CA ALA C 173 -6.24 -27.25 -32.16
C ALA C 173 -5.65 -27.04 -33.55
N ILE C 174 -5.69 -25.80 -34.03
CA ILE C 174 -5.26 -25.46 -35.38
C ILE C 174 -4.08 -24.49 -35.29
N ALA C 175 -3.11 -24.67 -36.17
CA ALA C 175 -1.95 -23.79 -36.25
C ALA C 175 -1.62 -23.53 -37.71
N TRP C 176 -1.38 -22.27 -38.06
CA TRP C 176 -1.06 -21.92 -39.43
C TRP C 176 -0.10 -20.73 -39.44
N SER C 177 0.51 -20.50 -40.60
CA SER C 177 1.44 -19.39 -40.77
C SER C 177 1.32 -18.80 -42.18
N LYS D 1 -38.90 -13.37 -25.03
CA LYS D 1 -37.47 -13.13 -25.17
C LYS D 1 -37.22 -11.85 -25.97
N ILE D 2 -36.34 -11.00 -25.44
CA ILE D 2 -36.00 -9.74 -26.09
C ILE D 2 -34.98 -10.01 -27.19
N ILE D 3 -35.31 -9.61 -28.42
CA ILE D 3 -34.41 -9.72 -29.55
C ILE D 3 -33.97 -8.31 -29.94
N GLN D 4 -32.69 -8.01 -29.77
CA GLN D 4 -32.17 -6.70 -30.11
C GLN D 4 -31.70 -6.68 -31.56
N LYS D 5 -31.88 -5.53 -32.22
CA LYS D 5 -31.54 -5.35 -33.61
C LYS D 5 -30.89 -3.99 -33.80
N PRO D 6 -29.79 -3.90 -34.58
CA PRO D 6 -29.13 -5.06 -35.20
C PRO D 6 -28.17 -5.76 -34.24
N LYS D 7 -27.72 -6.97 -34.61
CA LYS D 7 -26.79 -7.70 -33.75
C LYS D 7 -25.40 -7.04 -33.74
N TYR D 8 -24.99 -6.43 -34.84
CA TYR D 8 -23.70 -5.77 -34.96
C TYR D 8 -23.89 -4.38 -35.52
N LEU D 9 -23.09 -3.43 -35.03
CA LEU D 9 -23.19 -2.04 -35.46
C LEU D 9 -21.80 -1.43 -35.53
N VAL D 10 -21.51 -0.76 -36.65
CA VAL D 10 -20.25 -0.04 -36.84
C VAL D 10 -20.55 1.44 -36.91
N ALA D 11 -19.80 2.24 -36.16
CA ALA D 11 -20.01 3.67 -36.10
C ALA D 11 -18.66 4.39 -36.16
N VAL D 12 -18.71 5.65 -36.56
CA VAL D 12 -17.52 6.49 -36.68
C VAL D 12 -17.40 7.35 -35.43
N THR D 13 -16.15 7.67 -35.07
CA THR D 13 -15.90 8.52 -33.91
C THR D 13 -16.53 9.90 -34.12
N GLY D 14 -17.35 10.31 -33.16
CA GLY D 14 -18.07 11.56 -33.24
C GLY D 14 -19.48 11.45 -33.76
N SER D 15 -19.93 10.25 -34.11
CA SER D 15 -21.27 10.06 -34.67
C SER D 15 -22.26 9.72 -33.55
N GLU D 16 -23.54 9.60 -33.93
CA GLU D 16 -24.63 9.33 -33.01
C GLU D 16 -25.38 8.09 -33.46
N LYS D 17 -25.66 7.20 -32.52
CA LYS D 17 -26.44 5.99 -32.78
C LYS D 17 -27.52 5.83 -31.72
N ILE D 18 -28.58 5.13 -32.08
CA ILE D 18 -29.69 4.83 -31.17
C ILE D 18 -29.88 3.33 -31.18
N LEU D 19 -29.61 2.67 -30.06
CA LEU D 19 -29.81 1.23 -29.91
C LEU D 19 -31.26 0.98 -29.49
N ILE D 20 -32.00 0.30 -30.35
CA ILE D 20 -33.43 0.05 -30.12
C ILE D 20 -33.59 -1.23 -29.32
N CYS D 21 -34.45 -1.19 -28.30
CA CYS D 21 -34.79 -2.37 -27.53
C CYS D 21 -36.28 -2.35 -27.24
N GLU D 22 -36.95 -3.48 -27.52
CA GLU D 22 -38.39 -3.60 -27.33
C GLU D 22 -38.70 -4.93 -26.66
N GLN D 23 -39.59 -4.89 -25.67
CA GLN D 23 -40.11 -6.09 -25.04
C GLN D 23 -41.63 -6.07 -25.11
N TYR D 24 -42.23 -7.23 -25.39
CA TYR D 24 -43.67 -7.36 -25.49
C TYR D 24 -44.23 -8.26 -24.40
N LEU D 25 -43.54 -8.32 -23.26
CA LEU D 25 -43.90 -9.20 -22.16
C LEU D 25 -44.73 -8.49 -21.10
N GLY D 26 -45.09 -7.24 -21.32
CA GLY D 26 -45.78 -6.47 -20.28
C GLY D 26 -44.93 -6.13 -19.09
N HIS D 27 -43.61 -6.22 -19.21
CA HIS D 27 -42.72 -6.01 -18.08
C HIS D 27 -42.65 -4.53 -17.72
N ASN D 28 -42.71 -4.25 -16.42
CA ASN D 28 -42.76 -2.89 -15.91
C ASN D 28 -41.38 -2.29 -15.62
N ALA D 29 -40.31 -3.08 -15.77
CA ALA D 29 -38.96 -2.57 -15.60
C ALA D 29 -38.10 -2.99 -16.78
N MET D 30 -37.23 -2.09 -17.22
CA MET D 30 -36.28 -2.36 -18.29
C MET D 30 -34.93 -1.76 -17.92
N TYR D 31 -33.85 -2.40 -18.40
CA TYR D 31 -32.50 -2.02 -17.99
C TYR D 31 -31.58 -2.06 -19.19
N TRP D 32 -30.42 -1.41 -19.04
CA TRP D 32 -29.32 -1.48 -20.00
C TRP D 32 -28.05 -1.88 -19.26
N TYR D 33 -27.36 -2.89 -19.80
CA TYR D 33 -26.05 -3.30 -19.29
C TYR D 33 -25.05 -3.30 -20.44
N ARG D 34 -23.77 -3.33 -20.09
CA ARG D 34 -22.68 -3.24 -21.04
C ARG D 34 -21.66 -4.32 -20.75
N GLN D 35 -21.21 -5.02 -21.79
CA GLN D 35 -20.26 -6.12 -21.64
C GLN D 35 -19.01 -5.86 -22.46
N SER D 36 -17.85 -5.91 -21.78
CA SER D 36 -16.56 -5.72 -22.43
C SER D 36 -15.57 -6.72 -21.85
N ALA D 37 -14.32 -6.62 -22.29
CA ALA D 37 -13.28 -7.51 -21.78
C ALA D 37 -13.01 -7.25 -20.31
N LYS D 38 -13.02 -5.98 -19.90
CA LYS D 38 -12.68 -5.64 -18.51
C LYS D 38 -13.79 -6.09 -17.55
N LYS D 39 -14.97 -5.50 -17.67
CA LYS D 39 -16.11 -5.85 -16.82
C LYS D 39 -17.19 -6.52 -17.65
N PRO D 40 -17.52 -7.79 -17.37
CA PRO D 40 -18.44 -8.53 -18.25
C PRO D 40 -19.89 -8.10 -18.17
N LEU D 41 -20.29 -7.39 -17.12
CA LEU D 41 -21.67 -6.90 -17.04
C LEU D 41 -21.77 -5.61 -16.24
N GLU D 42 -21.52 -4.47 -16.88
CA GLU D 42 -21.54 -3.18 -16.22
C GLU D 42 -22.94 -2.59 -16.33
N PHE D 43 -23.54 -2.25 -15.19
CA PHE D 43 -24.86 -1.68 -15.17
C PHE D 43 -24.84 -0.23 -15.68
N MET D 44 -25.87 0.15 -16.42
CA MET D 44 -25.97 1.49 -16.98
C MET D 44 -27.23 2.21 -16.55
N PHE D 45 -28.42 1.69 -16.88
CA PHE D 45 -29.67 2.39 -16.59
C PHE D 45 -30.70 1.41 -16.05
N SER D 46 -31.51 1.90 -15.12
CA SER D 46 -32.66 1.16 -14.58
C SER D 46 -33.90 2.00 -14.77
N TYR D 47 -34.95 1.40 -15.33
CA TYR D 47 -36.19 2.09 -15.62
C TYR D 47 -37.36 1.28 -15.10
N SER D 48 -38.29 1.94 -14.41
CA SER D 48 -39.54 1.34 -13.98
C SER D 48 -40.69 2.23 -14.43
N TYR D 49 -41.70 1.63 -15.05
CA TYR D 49 -42.87 2.35 -15.54
C TYR D 49 -42.47 3.52 -16.44
N GLN D 50 -41.47 3.28 -17.30
CA GLN D 50 -40.98 4.26 -18.26
C GLN D 50 -40.34 5.48 -17.59
N MET D 51 -39.94 5.36 -16.32
CA MET D 51 -39.30 6.43 -15.59
C MET D 51 -37.90 6.00 -15.18
N LEU D 52 -36.96 6.95 -15.19
CA LEU D 52 -35.59 6.66 -14.77
C LEU D 52 -35.54 6.44 -13.27
N MET D 53 -35.01 5.29 -12.85
CA MET D 53 -34.86 4.98 -11.43
C MET D 53 -33.43 5.12 -10.94
N ASP D 54 -32.45 4.74 -11.74
CA ASP D 54 -31.05 4.83 -11.32
C ASP D 54 -30.15 4.83 -12.55
N ASN D 55 -28.97 5.41 -12.40
CA ASN D 55 -28.05 5.59 -13.51
C ASN D 55 -26.63 5.59 -12.98
N GLN D 56 -25.81 4.65 -13.46
CA GLN D 56 -24.40 4.57 -13.11
C GLN D 56 -23.51 4.83 -14.32
N THR D 57 -23.94 5.72 -15.22
CA THR D 57 -23.15 6.13 -16.36
C THR D 57 -22.60 7.53 -16.10
N ALA D 58 -21.30 7.69 -16.26
CA ALA D 58 -20.65 8.96 -16.00
C ALA D 58 -20.69 9.92 -17.18
N SER D 59 -21.26 9.51 -18.31
CA SER D 59 -21.26 10.31 -19.52
C SER D 59 -22.67 10.84 -19.80
N SER D 60 -22.77 12.15 -20.00
CA SER D 60 -24.02 12.77 -20.43
C SER D 60 -24.42 12.37 -21.83
N ARG D 61 -23.53 11.72 -22.58
CA ARG D 61 -23.79 11.35 -23.96
C ARG D 61 -24.74 10.16 -24.09
N PHE D 62 -25.04 9.46 -22.99
CA PHE D 62 -25.94 8.32 -23.00
C PHE D 62 -27.30 8.76 -22.50
N GLN D 63 -28.32 8.69 -23.35
CA GLN D 63 -29.67 9.14 -23.02
C GLN D 63 -30.69 8.07 -23.38
N PRO D 64 -31.30 7.41 -22.39
CA PRO D 64 -32.38 6.47 -22.70
C PRO D 64 -33.63 7.19 -23.18
N GLN D 65 -34.45 6.45 -23.91
CA GLN D 65 -35.72 6.97 -24.45
C GLN D 65 -36.79 5.90 -24.23
N SER D 66 -37.71 6.16 -23.31
CA SER D 66 -38.76 5.19 -22.98
C SER D 66 -40.15 5.83 -23.01
N SER D 67 -40.33 6.92 -23.75
CA SER D 67 -41.66 7.54 -23.82
C SER D 67 -42.64 6.67 -24.58
N LYS D 68 -42.15 5.82 -25.48
CA LYS D 68 -42.99 4.88 -26.20
C LYS D 68 -43.15 3.60 -25.40
N LYS D 69 -44.32 2.99 -25.52
CA LYS D 69 -44.57 1.72 -24.84
C LYS D 69 -43.65 0.63 -25.37
N ASN D 70 -43.30 -0.30 -24.49
CA ASN D 70 -42.49 -1.48 -24.80
C ASN D 70 -41.01 -1.14 -25.04
N HIS D 71 -40.66 0.14 -25.10
CA HIS D 71 -39.35 0.58 -25.55
C HIS D 71 -38.47 1.05 -24.39
N LEU D 72 -37.17 0.79 -24.53
CA LEU D 72 -36.12 1.49 -23.78
C LEU D 72 -34.93 1.61 -24.74
N ASP D 73 -35.00 2.61 -25.61
CA ASP D 73 -33.93 2.85 -26.57
C ASP D 73 -32.78 3.59 -25.90
N LEU D 74 -31.57 3.38 -26.43
CA LEU D 74 -30.35 3.96 -25.86
C LEU D 74 -29.66 4.79 -26.93
N GLN D 75 -29.80 6.10 -26.83
CA GLN D 75 -29.14 7.03 -27.75
C GLN D 75 -27.77 7.40 -27.20
N ILE D 76 -26.75 7.28 -28.05
CA ILE D 76 -25.39 7.64 -27.67
C ILE D 76 -24.86 8.64 -28.69
N THR D 77 -24.57 9.85 -28.23
CA THR D 77 -24.03 10.90 -29.07
C THR D 77 -22.53 11.04 -28.84
N ALA D 78 -21.85 11.62 -29.84
CA ALA D 78 -20.40 11.81 -29.80
C ALA D 78 -19.68 10.53 -29.42
N LEU D 79 -19.96 9.47 -30.16
CA LEU D 79 -19.40 8.15 -29.88
C LEU D 79 -17.88 8.19 -29.89
N LYS D 80 -17.28 7.84 -28.77
CA LYS D 80 -15.84 7.66 -28.67
C LYS D 80 -15.48 6.22 -28.97
N PRO D 81 -14.24 5.95 -29.40
CA PRO D 81 -13.85 4.56 -29.66
C PRO D 81 -13.94 3.66 -28.44
N ASP D 82 -13.70 4.20 -27.24
CA ASP D 82 -13.76 3.39 -26.03
C ASP D 82 -15.17 2.98 -25.65
N ASP D 83 -16.19 3.46 -26.36
CA ASP D 83 -17.56 3.03 -26.12
C ASP D 83 -17.87 1.68 -26.74
N SER D 84 -16.91 1.04 -27.41
CA SER D 84 -17.17 -0.23 -28.07
C SER D 84 -17.38 -1.33 -27.04
N ALA D 85 -18.50 -2.03 -27.15
CA ALA D 85 -18.86 -3.13 -26.25
C ALA D 85 -20.12 -3.79 -26.79
N THR D 86 -20.53 -4.86 -26.14
CA THR D 86 -21.82 -5.48 -26.41
C THR D 86 -22.82 -4.92 -25.40
N TYR D 87 -23.87 -4.27 -25.91
CA TYR D 87 -24.86 -3.63 -25.07
C TYR D 87 -26.07 -4.54 -24.95
N PHE D 88 -26.35 -4.98 -23.72
CA PHE D 88 -27.44 -5.91 -23.46
C PHE D 88 -28.63 -5.18 -22.86
N CYS D 89 -29.79 -5.35 -23.48
CA CYS D 89 -31.05 -4.89 -22.92
C CYS D 89 -31.62 -5.96 -22.00
N ALA D 90 -32.38 -5.51 -20.99
CA ALA D 90 -32.94 -6.43 -20.03
C ALA D 90 -34.28 -5.90 -19.52
N SER D 91 -35.14 -6.82 -19.09
CA SER D 91 -36.44 -6.45 -18.57
C SER D 91 -36.82 -7.40 -17.44
N SER D 92 -37.73 -6.95 -16.59
CA SER D 92 -38.27 -7.76 -15.49
C SER D 92 -39.73 -7.40 -15.27
N GLN D 93 -40.52 -8.40 -14.87
CA GLN D 93 -41.96 -8.20 -14.73
C GLN D 93 -42.28 -7.12 -13.70
N ASP D 94 -41.59 -7.13 -12.57
CA ASP D 94 -41.85 -6.18 -11.50
C ASP D 94 -40.81 -5.07 -11.50
N ARG D 95 -41.16 -3.96 -10.84
CA ARG D 95 -40.28 -2.79 -10.81
C ARG D 95 -38.91 -3.15 -10.22
N GLY D 96 -37.95 -2.24 -10.43
CA GLY D 96 -36.56 -2.60 -10.27
C GLY D 96 -36.16 -2.99 -8.86
N ASP D 97 -36.74 -2.37 -7.85
CA ASP D 97 -36.35 -2.66 -6.48
C ASP D 97 -36.96 -3.95 -5.95
N SER D 98 -37.83 -4.61 -6.72
CA SER D 98 -38.56 -5.77 -6.23
C SER D 98 -38.52 -6.95 -7.18
N ALA D 99 -37.85 -6.85 -8.32
CA ALA D 99 -37.83 -7.94 -9.28
C ALA D 99 -37.07 -9.14 -8.72
N HIS D 100 -37.57 -10.33 -9.04
CA HIS D 100 -36.94 -11.57 -8.60
C HIS D 100 -36.11 -12.23 -9.68
N THR D 101 -36.25 -11.81 -10.94
CA THR D 101 -35.43 -12.32 -12.01
C THR D 101 -35.36 -11.29 -13.13
N LEU D 102 -34.22 -11.26 -13.80
CA LEU D 102 -34.01 -10.40 -14.96
C LEU D 102 -33.83 -11.25 -16.21
N TYR D 103 -34.42 -10.78 -17.31
CA TYR D 103 -34.32 -11.44 -18.60
C TYR D 103 -33.52 -10.54 -19.54
N PHE D 104 -32.43 -11.06 -20.07
CA PHE D 104 -31.53 -10.27 -20.91
C PHE D 104 -31.87 -10.47 -22.39
N GLY D 105 -31.73 -9.38 -23.15
CA GLY D 105 -31.89 -9.45 -24.59
C GLY D 105 -30.66 -10.01 -25.27
N SER D 106 -30.78 -10.21 -26.59
CA SER D 106 -29.73 -10.84 -27.37
C SER D 106 -28.48 -9.98 -27.51
N GLY D 107 -28.56 -8.69 -27.22
CA GLY D 107 -27.38 -7.84 -27.24
C GLY D 107 -27.01 -7.29 -28.59
N THR D 108 -26.56 -6.03 -28.62
CA THR D 108 -26.05 -5.39 -29.82
C THR D 108 -24.57 -5.11 -29.62
N ARG D 109 -23.74 -5.61 -30.52
CA ARG D 109 -22.30 -5.39 -30.43
C ARG D 109 -21.94 -4.12 -31.18
N LEU D 110 -21.35 -3.16 -30.48
CA LEU D 110 -21.01 -1.86 -31.03
C LEU D 110 -19.49 -1.74 -31.14
N THR D 111 -19.02 -1.32 -32.32
CA THR D 111 -17.60 -1.05 -32.55
C THR D 111 -17.48 0.36 -33.12
N VAL D 112 -16.72 1.22 -32.44
CA VAL D 112 -16.54 2.60 -32.84
C VAL D 112 -15.12 2.76 -33.36
N LEU D 113 -15.01 3.28 -34.59
CA LEU D 113 -13.72 3.50 -35.23
C LEU D 113 -13.55 4.97 -35.56
N GLU D 114 -12.31 5.44 -35.52
CA GLU D 114 -12.02 6.81 -35.88
C GLU D 114 -12.04 7.04 -37.40
N ASP D 115 -12.13 5.97 -38.19
CA ASP D 115 -12.18 6.06 -39.64
C ASP D 115 -12.55 4.71 -40.20
N LEU D 116 -13.45 4.71 -41.19
CA LEU D 116 -13.95 3.48 -41.79
C LEU D 116 -13.00 2.89 -42.83
N ARG D 117 -11.84 3.49 -43.05
CA ARG D 117 -10.94 3.02 -44.11
C ARG D 117 -10.45 1.59 -43.89
N ASN D 118 -10.46 1.11 -42.64
CA ASN D 118 -9.91 -0.19 -42.31
C ASN D 118 -10.94 -1.31 -42.28
N VAL D 119 -12.22 -0.99 -42.51
CA VAL D 119 -13.25 -2.02 -42.53
C VAL D 119 -13.07 -2.88 -43.77
N THR D 120 -12.93 -4.19 -43.56
CA THR D 120 -12.67 -5.13 -44.66
C THR D 120 -13.43 -6.44 -44.41
N PRO D 121 -14.05 -7.00 -45.44
CA PRO D 121 -14.68 -8.32 -45.30
C PRO D 121 -13.63 -9.41 -45.18
N PRO D 122 -14.02 -10.62 -44.81
CA PRO D 122 -13.04 -11.70 -44.63
C PRO D 122 -12.72 -12.43 -45.92
N LYS D 123 -11.57 -13.10 -45.91
CA LYS D 123 -11.22 -14.09 -46.91
C LYS D 123 -11.41 -15.48 -46.31
N VAL D 124 -12.19 -16.31 -46.97
CA VAL D 124 -12.59 -17.61 -46.44
C VAL D 124 -11.83 -18.70 -47.20
N SER D 125 -11.11 -19.54 -46.46
CA SER D 125 -10.36 -20.66 -47.03
C SER D 125 -10.90 -21.95 -46.46
N LEU D 126 -11.04 -22.96 -47.30
CA LEU D 126 -11.51 -24.29 -46.90
C LEU D 126 -10.38 -25.27 -47.12
N PHE D 127 -9.78 -25.76 -46.03
CA PHE D 127 -8.70 -26.73 -46.10
C PHE D 127 -9.30 -28.13 -46.04
N GLU D 128 -8.92 -28.96 -47.00
CA GLU D 128 -9.50 -30.29 -47.18
C GLU D 128 -8.84 -31.30 -46.26
N PRO D 129 -9.55 -32.38 -45.92
CA PRO D 129 -9.04 -33.32 -44.90
C PRO D 129 -7.72 -33.96 -45.32
N SER D 130 -6.95 -34.35 -44.31
CA SER D 130 -5.68 -35.03 -44.55
C SER D 130 -5.93 -36.47 -45.00
N LYS D 131 -5.07 -36.95 -45.90
CA LYS D 131 -5.19 -38.33 -46.35
C LYS D 131 -4.80 -39.32 -45.26
N ALA D 132 -4.02 -38.90 -44.27
CA ALA D 132 -3.62 -39.79 -43.19
C ALA D 132 -4.70 -39.91 -42.12
N GLU D 133 -5.62 -38.95 -42.02
CA GLU D 133 -6.68 -39.04 -41.03
C GLU D 133 -7.73 -40.06 -41.44
N ILE D 134 -8.10 -40.07 -42.74
CA ILE D 134 -9.11 -41.01 -43.20
C ILE D 134 -8.55 -42.43 -43.28
N ALA D 135 -7.23 -42.59 -43.22
CA ALA D 135 -6.62 -43.92 -43.29
C ALA D 135 -6.36 -44.50 -41.91
N ASN D 136 -6.00 -43.65 -40.95
CA ASN D 136 -5.74 -44.11 -39.59
C ASN D 136 -6.98 -44.08 -38.70
N LYS D 137 -7.88 -43.12 -38.92
CA LYS D 137 -9.05 -42.95 -38.08
C LYS D 137 -10.37 -43.03 -38.85
N GLN D 138 -10.33 -43.08 -40.18
CA GLN D 138 -11.54 -43.17 -41.01
C GLN D 138 -12.53 -42.05 -40.68
N LYS D 139 -11.99 -40.84 -40.50
CA LYS D 139 -12.80 -39.65 -40.32
C LYS D 139 -12.16 -38.51 -41.10
N ALA D 140 -13.00 -37.60 -41.59
CA ALA D 140 -12.56 -36.48 -42.40
C ALA D 140 -12.83 -35.19 -41.65
N THR D 141 -11.78 -34.41 -41.39
CA THR D 141 -11.88 -33.13 -40.71
C THR D 141 -11.59 -32.01 -41.71
N LEU D 142 -12.56 -31.13 -41.91
CA LEU D 142 -12.39 -29.96 -42.76
C LEU D 142 -12.21 -28.72 -41.90
N VAL D 143 -11.28 -27.86 -42.28
CA VAL D 143 -10.94 -26.66 -41.52
C VAL D 143 -11.24 -25.44 -42.38
N CYS D 144 -11.85 -24.43 -41.76
CA CYS D 144 -12.22 -23.20 -42.44
C CYS D 144 -11.56 -22.02 -41.74
N LEU D 145 -10.73 -21.28 -42.47
CA LEU D 145 -10.07 -20.09 -41.96
C LEU D 145 -10.75 -18.84 -42.54
N ALA D 146 -11.06 -17.89 -41.67
CA ALA D 146 -11.53 -16.57 -42.07
C ALA D 146 -10.52 -15.55 -41.55
N ARG D 147 -9.95 -14.77 -42.46
CA ARG D 147 -8.83 -13.90 -42.12
C ARG D 147 -8.98 -12.55 -42.79
N GLY D 148 -8.28 -11.55 -42.24
CA GLY D 148 -8.24 -10.24 -42.84
C GLY D 148 -9.52 -9.44 -42.74
N PHE D 149 -10.41 -9.76 -41.82
CA PHE D 149 -11.66 -9.04 -41.67
C PHE D 149 -11.59 -8.07 -40.48
N PHE D 150 -12.31 -6.96 -40.61
CA PHE D 150 -12.35 -5.92 -39.59
C PHE D 150 -13.65 -5.14 -39.68
N PRO D 151 -14.38 -4.96 -38.56
CA PRO D 151 -14.06 -5.44 -37.21
C PRO D 151 -14.51 -6.89 -36.98
N ASP D 152 -14.61 -7.29 -35.72
CA ASP D 152 -14.92 -8.67 -35.34
C ASP D 152 -16.43 -8.91 -35.39
N HIS D 153 -16.99 -8.73 -36.58
CA HIS D 153 -18.44 -8.82 -36.79
C HIS D 153 -18.72 -9.95 -37.79
N VAL D 154 -18.43 -11.19 -37.40
CA VAL D 154 -18.59 -12.34 -38.28
C VAL D 154 -19.31 -13.45 -37.56
N GLU D 155 -20.04 -14.26 -38.33
CA GLU D 155 -20.70 -15.48 -37.85
C GLU D 155 -20.42 -16.58 -38.87
N LEU D 156 -19.82 -17.68 -38.39
CA LEU D 156 -19.44 -18.79 -39.26
C LEU D 156 -20.45 -19.92 -39.12
N SER D 157 -20.72 -20.59 -40.25
CA SER D 157 -21.64 -21.72 -40.27
C SER D 157 -21.19 -22.70 -41.34
N TRP D 158 -21.61 -23.94 -41.18
CA TRP D 158 -21.28 -25.03 -42.11
C TRP D 158 -22.55 -25.52 -42.78
N TRP D 159 -22.50 -25.63 -44.11
CA TRP D 159 -23.65 -26.06 -44.90
C TRP D 159 -23.28 -27.30 -45.70
N VAL D 160 -24.08 -28.36 -45.55
CA VAL D 160 -23.86 -29.63 -46.23
C VAL D 160 -25.12 -29.96 -47.02
N ASN D 161 -24.96 -30.12 -48.34
CA ASN D 161 -26.09 -30.37 -49.25
C ASN D 161 -27.13 -29.26 -49.13
N GLY D 162 -26.67 -28.03 -48.94
CA GLY D 162 -27.57 -26.90 -48.80
C GLY D 162 -28.29 -26.81 -47.47
N LYS D 163 -27.88 -27.60 -46.48
CA LYS D 163 -28.51 -27.61 -45.17
C LYS D 163 -27.47 -27.29 -44.11
N GLU D 164 -27.74 -26.28 -43.29
CA GLU D 164 -26.85 -25.94 -42.19
C GLU D 164 -26.80 -27.07 -41.18
N VAL D 165 -25.61 -27.43 -40.74
CA VAL D 165 -25.42 -28.52 -39.79
C VAL D 165 -24.71 -27.98 -38.55
N HIS D 166 -24.92 -28.69 -37.44
CA HIS D 166 -24.27 -28.38 -36.18
C HIS D 166 -23.50 -29.54 -35.58
N SER D 167 -23.82 -30.78 -35.93
CA SER D 167 -23.09 -31.93 -35.42
C SER D 167 -21.68 -31.96 -36.00
N GLY D 168 -20.71 -32.32 -35.16
CA GLY D 168 -19.34 -32.42 -35.60
C GLY D 168 -18.69 -31.10 -35.94
N VAL D 169 -19.11 -30.01 -35.29
CA VAL D 169 -18.60 -28.67 -35.56
C VAL D 169 -18.05 -28.09 -34.27
N CYS D 170 -16.87 -27.48 -34.34
CA CYS D 170 -16.35 -26.66 -33.28
C CYS D 170 -15.77 -25.39 -33.89
N THR D 171 -16.26 -24.24 -33.43
CA THR D 171 -15.81 -22.94 -33.91
C THR D 171 -15.16 -22.18 -32.76
N ASP D 172 -14.05 -21.52 -33.06
CA ASP D 172 -13.37 -20.71 -32.05
C ASP D 172 -14.35 -19.71 -31.44
N PRO D 173 -14.30 -19.49 -30.13
CA PRO D 173 -15.26 -18.57 -29.51
C PRO D 173 -14.95 -17.11 -29.77
N GLN D 174 -13.68 -16.80 -29.98
CA GLN D 174 -13.23 -15.42 -30.16
C GLN D 174 -12.36 -15.31 -31.39
N ALA D 175 -12.45 -14.16 -32.06
CA ALA D 175 -11.57 -13.87 -33.18
C ALA D 175 -10.27 -13.27 -32.69
N TYR D 176 -9.16 -13.78 -33.21
CA TYR D 176 -7.83 -13.35 -32.81
C TYR D 176 -7.31 -12.32 -33.80
N LYS D 177 -6.64 -11.29 -33.27
CA LYS D 177 -6.13 -10.21 -34.11
C LYS D 177 -4.85 -10.65 -34.82
N GLU D 178 -4.79 -10.43 -36.13
CA GLU D 178 -3.57 -10.63 -36.89
C GLU D 178 -2.72 -9.37 -36.95
N SER D 179 -3.36 -8.20 -36.96
CA SER D 179 -2.67 -6.92 -36.97
C SER D 179 -3.59 -5.90 -36.29
N ASN D 180 -3.24 -4.62 -36.43
CA ASN D 180 -4.03 -3.57 -35.80
C ASN D 180 -5.44 -3.48 -36.39
N TYR D 181 -5.61 -3.88 -37.65
CA TYR D 181 -6.89 -3.75 -38.33
C TYR D 181 -7.28 -5.03 -39.06
N SER D 182 -6.98 -6.19 -38.47
CA SER D 182 -7.36 -7.45 -39.07
C SER D 182 -7.47 -8.53 -38.00
N TYR D 183 -8.49 -9.38 -38.14
CA TYR D 183 -8.74 -10.49 -37.23
C TYR D 183 -8.76 -11.80 -38.00
N CYS D 184 -8.69 -12.91 -37.27
CA CYS D 184 -8.76 -14.23 -37.86
C CYS D 184 -9.67 -15.12 -37.02
N LEU D 185 -10.16 -16.19 -37.65
CA LEU D 185 -11.11 -17.09 -37.03
C LEU D 185 -11.05 -18.43 -37.76
N SER D 186 -11.23 -19.52 -37.00
CA SER D 186 -11.16 -20.86 -37.55
C SER D 186 -12.29 -21.71 -37.00
N SER D 187 -12.63 -22.77 -37.75
CA SER D 187 -13.67 -23.72 -37.36
C SER D 187 -13.46 -25.03 -38.10
N ARG D 188 -13.91 -26.11 -37.49
CA ARG D 188 -13.74 -27.45 -38.02
C ARG D 188 -15.09 -28.13 -38.23
N LEU D 189 -15.12 -29.04 -39.21
CA LEU D 189 -16.27 -29.91 -39.43
C LEU D 189 -15.75 -31.32 -39.69
N ARG D 190 -16.10 -32.26 -38.81
CA ARG D 190 -15.61 -33.62 -38.89
C ARG D 190 -16.76 -34.54 -39.32
N VAL D 191 -16.53 -35.29 -40.40
CA VAL D 191 -17.50 -36.25 -40.91
C VAL D 191 -16.80 -37.59 -41.10
N SER D 192 -17.60 -38.63 -41.31
CA SER D 192 -17.05 -39.97 -41.49
C SER D 192 -16.36 -40.09 -42.83
N ALA D 193 -15.51 -41.11 -42.95
CA ALA D 193 -14.81 -41.36 -44.20
C ALA D 193 -15.75 -41.82 -45.30
N THR D 194 -16.82 -42.53 -44.93
CA THR D 194 -17.80 -42.95 -45.94
C THR D 194 -18.63 -41.77 -46.43
N PHE D 195 -18.82 -40.75 -45.60
CA PHE D 195 -19.56 -39.57 -46.03
C PHE D 195 -18.70 -38.66 -46.92
N TRP D 196 -17.41 -38.55 -46.60
CA TRP D 196 -16.51 -37.71 -47.39
C TRP D 196 -16.22 -38.31 -48.76
N HIS D 197 -16.36 -39.62 -48.93
CA HIS D 197 -16.03 -40.25 -50.20
C HIS D 197 -17.16 -40.15 -51.22
N ASN D 198 -18.38 -39.83 -50.79
CA ASN D 198 -19.51 -39.74 -51.71
C ASN D 198 -19.42 -38.44 -52.50
N PRO D 199 -19.29 -38.50 -53.83
CA PRO D 199 -19.25 -37.25 -54.62
C PRO D 199 -20.55 -36.47 -54.62
N ARG D 200 -21.64 -37.05 -54.11
CA ARG D 200 -22.92 -36.35 -54.08
C ARG D 200 -23.00 -35.33 -52.95
N ASN D 201 -22.05 -35.32 -52.03
CA ASN D 201 -22.10 -34.45 -50.87
C ASN D 201 -21.33 -33.16 -51.13
N HIS D 202 -21.93 -32.04 -50.76
CA HIS D 202 -21.38 -30.70 -51.01
C HIS D 202 -21.15 -30.01 -49.67
N PHE D 203 -19.89 -29.69 -49.38
CA PHE D 203 -19.50 -29.07 -48.13
C PHE D 203 -19.16 -27.60 -48.38
N ARG D 204 -19.80 -26.71 -47.62
CA ARG D 204 -19.58 -25.28 -47.77
C ARG D 204 -19.44 -24.63 -46.41
N CYS D 205 -18.40 -23.81 -46.26
CA CYS D 205 -18.20 -23.00 -45.07
C CYS D 205 -18.65 -21.57 -45.37
N GLN D 206 -19.63 -21.09 -44.63
CA GLN D 206 -20.22 -19.77 -44.84
C GLN D 206 -19.85 -18.84 -43.70
N VAL D 207 -19.38 -17.64 -44.04
CA VAL D 207 -19.05 -16.61 -43.06
C VAL D 207 -19.86 -15.36 -43.39
N GLN D 208 -20.71 -14.94 -42.46
CA GLN D 208 -21.49 -13.73 -42.61
C GLN D 208 -20.71 -12.55 -42.01
N PHE D 209 -20.36 -11.59 -42.85
CA PHE D 209 -19.69 -10.37 -42.40
C PHE D 209 -20.71 -9.26 -42.26
N HIS D 210 -20.66 -8.56 -41.13
CA HIS D 210 -21.52 -7.41 -40.85
C HIS D 210 -20.66 -6.15 -40.92
N GLY D 211 -20.92 -5.31 -41.91
CA GLY D 211 -20.11 -4.12 -42.15
C GLY D 211 -20.99 -2.89 -42.31
N LEU D 212 -20.56 -2.01 -43.20
CA LEU D 212 -21.22 -0.72 -43.38
C LEU D 212 -22.59 -0.90 -44.02
N SER D 213 -23.42 0.12 -43.87
CA SER D 213 -24.79 0.15 -44.38
C SER D 213 -24.88 1.04 -45.60
N GLU D 214 -26.08 1.10 -46.18
CA GLU D 214 -26.28 1.93 -47.38
C GLU D 214 -26.06 3.40 -47.08
N GLU D 215 -26.37 3.85 -45.87
CA GLU D 215 -26.20 5.26 -45.52
C GLU D 215 -24.74 5.63 -45.28
N ASP D 216 -23.88 4.65 -44.96
CA ASP D 216 -22.48 4.95 -44.71
C ASP D 216 -21.80 5.42 -45.98
N LYS D 217 -21.12 6.57 -45.90
CA LYS D 217 -20.37 7.10 -47.02
C LYS D 217 -19.07 6.34 -47.19
N TRP D 218 -18.64 6.19 -48.45
CA TRP D 218 -17.44 5.44 -48.77
C TRP D 218 -16.76 6.11 -49.96
N PRO D 219 -15.46 6.40 -49.89
CA PRO D 219 -14.79 7.07 -51.00
C PRO D 219 -14.68 6.16 -52.22
N GLU D 220 -14.88 6.75 -53.40
CA GLU D 220 -14.82 5.98 -54.63
C GLU D 220 -13.38 5.52 -54.91
N GLY D 221 -13.25 4.28 -55.36
CA GLY D 221 -11.95 3.76 -55.73
C GLY D 221 -11.67 2.36 -55.21
N SER D 222 -12.45 1.91 -54.24
CA SER D 222 -12.27 0.61 -53.61
C SER D 222 -13.63 0.02 -53.29
N PRO D 223 -13.73 -1.32 -53.26
CA PRO D 223 -15.02 -1.95 -52.94
C PRO D 223 -15.46 -1.63 -51.51
N LYS D 224 -16.69 -1.16 -51.38
CA LYS D 224 -17.20 -0.77 -50.07
C LYS D 224 -17.49 -2.00 -49.22
N PRO D 225 -16.97 -2.07 -48.00
CA PRO D 225 -17.13 -3.26 -47.14
C PRO D 225 -18.51 -3.36 -46.50
N VAL D 226 -19.49 -3.78 -47.31
CA VAL D 226 -20.87 -3.88 -46.86
C VAL D 226 -21.09 -5.25 -46.22
N THR D 227 -22.28 -5.44 -45.64
CA THR D 227 -22.67 -6.75 -45.13
C THR D 227 -22.78 -7.74 -46.28
N GLN D 228 -22.12 -8.88 -46.16
CA GLN D 228 -22.02 -9.83 -47.25
C GLN D 228 -21.64 -11.20 -46.70
N ASN D 229 -21.95 -12.23 -47.48
CA ASN D 229 -21.62 -13.61 -47.14
C ASN D 229 -20.49 -14.10 -48.05
N ILE D 230 -19.42 -14.60 -47.43
CA ILE D 230 -18.28 -15.15 -48.15
C ILE D 230 -18.18 -16.63 -47.79
N SER D 231 -18.12 -17.49 -48.81
CA SER D 231 -18.17 -18.93 -48.62
C SER D 231 -17.00 -19.61 -49.30
N ALA D 232 -16.75 -20.85 -48.89
CA ALA D 232 -15.78 -21.72 -49.54
C ALA D 232 -16.38 -23.11 -49.65
N GLU D 233 -16.22 -23.73 -50.81
CA GLU D 233 -16.87 -24.99 -51.13
C GLU D 233 -15.85 -26.05 -51.51
N ALA D 234 -16.23 -27.31 -51.28
CA ALA D 234 -15.50 -28.46 -51.79
C ALA D 234 -16.47 -29.63 -51.89
N TRP D 235 -16.18 -30.54 -52.83
CA TRP D 235 -17.01 -31.70 -53.05
C TRP D 235 -16.31 -32.95 -52.56
N GLY D 236 -17.12 -33.93 -52.13
CA GLY D 236 -16.56 -35.19 -51.66
C GLY D 236 -15.96 -35.99 -52.80
N ARG D 237 -14.98 -36.83 -52.46
CA ARG D 237 -14.30 -37.65 -53.44
C ARG D 237 -13.64 -38.87 -52.79
N GLN E 2 31.29 16.59 0.92
CA GLN E 2 31.42 16.28 2.35
C GLN E 2 30.51 17.18 3.18
N LYS E 3 29.20 17.09 2.93
CA LYS E 3 28.24 17.87 3.69
C LYS E 3 26.87 17.21 3.57
N VAL E 4 26.21 17.01 4.71
CA VAL E 4 24.92 16.34 4.78
C VAL E 4 23.86 17.38 5.16
N GLN E 5 22.76 17.41 4.40
CA GLN E 5 21.70 18.38 4.58
C GLN E 5 20.43 17.68 5.06
N GLN E 6 19.88 18.15 6.18
CA GLN E 6 18.66 17.61 6.73
C GLN E 6 17.56 18.66 6.70
N SER E 7 16.32 18.19 6.65
CA SER E 7 15.15 19.06 6.62
C SER E 7 13.94 18.26 7.07
N PRO E 8 12.99 18.89 7.79
CA PRO E 8 13.07 20.27 8.26
C PRO E 8 13.98 20.42 9.48
N GLU E 9 14.39 21.66 9.77
CA GLU E 9 15.25 21.87 10.94
C GLU E 9 14.51 21.58 12.24
N SER E 10 13.19 21.81 12.26
CA SER E 10 12.37 21.58 13.44
C SER E 10 11.02 21.03 13.00
N LEU E 11 10.51 20.04 13.74
CA LEU E 11 9.26 19.40 13.41
C LEU E 11 8.46 19.16 14.68
N ILE E 12 7.19 19.55 14.66
CA ILE E 12 6.28 19.36 15.78
C ILE E 12 5.14 18.48 15.31
N VAL E 13 5.06 17.27 15.83
CA VAL E 13 4.04 16.31 15.41
C VAL E 13 3.12 16.02 16.59
N PRO E 14 1.81 15.90 16.37
CA PRO E 14 0.93 15.46 17.46
C PRO E 14 1.10 13.98 17.73
N GLU E 15 0.72 13.57 18.94
CA GLU E 15 0.83 12.17 19.32
C GLU E 15 -0.01 11.30 18.41
N GLY E 16 0.58 10.24 17.88
CA GLY E 16 -0.09 9.35 16.96
C GLY E 16 -0.03 9.75 15.50
N GLY E 17 0.56 10.91 15.19
CA GLY E 17 0.67 11.35 13.81
C GLY E 17 1.95 10.90 13.14
N MET E 18 1.99 11.09 11.83
CA MET E 18 3.14 10.70 11.03
C MET E 18 4.21 11.79 11.09
N ALA E 19 5.46 11.38 11.31
CA ALA E 19 6.61 12.28 11.25
C ALA E 19 7.47 11.88 10.06
N SER E 20 7.84 12.87 9.25
CA SER E 20 8.62 12.63 8.03
C SER E 20 9.88 13.47 8.10
N LEU E 21 11.04 12.82 8.07
CA LEU E 21 12.33 13.47 8.16
C LEU E 21 13.12 13.19 6.89
N ASN E 22 13.83 14.21 6.40
CA ASN E 22 14.50 14.14 5.10
C ASN E 22 15.98 14.42 5.25
N CYS E 23 16.80 13.74 4.45
CA CYS E 23 18.24 13.90 4.48
C CYS E 23 18.83 13.61 3.11
N THR E 24 19.59 14.56 2.58
CA THR E 24 20.26 14.41 1.29
C THR E 24 21.74 14.74 1.45
N SER E 25 22.55 14.21 0.54
CA SER E 25 24.00 14.36 0.58
C SER E 25 24.50 15.08 -0.66
N SER E 26 25.48 15.96 -0.48
CA SER E 26 26.13 16.65 -1.58
C SER E 26 27.18 15.80 -2.27
N ASP E 27 27.55 14.67 -1.69
CA ASP E 27 28.60 13.81 -2.23
C ASP E 27 27.98 12.75 -3.13
N ARG E 28 28.58 12.55 -4.31
CA ARG E 28 28.09 11.53 -5.23
C ARG E 28 28.59 10.13 -4.88
N ASN E 29 29.64 10.02 -4.07
CA ASN E 29 30.21 8.73 -3.70
C ASN E 29 29.59 8.16 -2.43
N VAL E 30 28.58 8.82 -1.85
CA VAL E 30 27.92 8.27 -0.67
C VAL E 30 27.08 7.08 -1.08
N ASP E 31 27.28 5.96 -0.38
CA ASP E 31 26.53 4.73 -0.64
C ASP E 31 25.67 4.28 0.52
N TYR E 32 25.92 4.76 1.73
CA TYR E 32 25.21 4.29 2.91
C TYR E 32 24.79 5.47 3.77
N PHE E 33 23.71 5.28 4.52
CA PHE E 33 23.20 6.29 5.43
C PHE E 33 22.89 5.65 6.78
N TRP E 34 23.11 6.43 7.84
CA TRP E 34 22.72 6.08 9.19
C TRP E 34 21.76 7.13 9.71
N TRP E 35 20.89 6.72 10.63
CA TRP E 35 20.03 7.66 11.35
C TRP E 35 20.30 7.50 12.84
N TYR E 36 20.81 8.55 13.46
CA TYR E 36 21.12 8.56 14.88
C TYR E 36 20.11 9.44 15.62
N ARG E 37 19.79 9.02 16.84
CA ARG E 37 18.89 9.77 17.71
C ARG E 37 19.61 10.14 18.99
N GLN E 38 19.44 11.38 19.43
CA GLN E 38 20.10 11.89 20.63
C GLN E 38 19.07 12.60 21.49
N HIS E 39 18.84 12.07 22.69
CA HIS E 39 17.97 12.75 23.64
C HIS E 39 18.74 13.87 24.33
N SER E 40 18.00 14.88 24.78
CA SER E 40 18.59 16.07 25.38
C SER E 40 19.49 15.68 26.55
N GLY E 41 20.74 16.13 26.48
CA GLY E 41 21.72 15.82 27.50
C GLY E 41 22.32 14.44 27.44
N LYS E 42 21.85 13.59 26.53
CA LYS E 42 22.35 12.23 26.40
C LYS E 42 23.35 12.15 25.25
N SER E 43 23.80 10.94 24.97
CA SER E 43 24.71 10.76 23.85
C SER E 43 23.97 10.16 22.66
N PRO E 44 24.41 10.46 21.43
CA PRO E 44 23.71 9.95 20.26
C PRO E 44 23.81 8.43 20.16
N LYS E 45 22.71 7.79 19.80
CA LYS E 45 22.65 6.35 19.68
C LYS E 45 22.06 5.98 18.32
N MET E 46 22.57 4.89 17.75
CA MET E 46 22.19 4.51 16.39
C MET E 46 20.76 3.96 16.38
N LEU E 47 19.95 4.47 15.45
CA LEU E 47 18.54 4.11 15.35
C LEU E 47 18.23 3.26 14.13
N MET E 48 18.64 3.72 12.95
CA MET E 48 18.42 2.98 11.71
C MET E 48 19.65 3.15 10.81
N SER E 49 19.95 2.11 10.05
CA SER E 49 20.98 2.16 9.03
C SER E 49 20.46 1.47 7.78
N ILE E 50 20.99 1.87 6.63
CA ILE E 50 20.55 1.30 5.35
C ILE E 50 21.72 1.37 4.38
N PHE E 51 21.92 0.28 3.62
CA PHE E 51 23.10 0.13 2.79
C PHE E 51 22.79 -0.16 1.33
N SER E 52 21.52 -0.23 0.95
CA SER E 52 21.15 -0.43 -0.45
C SER E 52 19.77 0.16 -0.67
N ASN E 53 19.44 0.39 -1.95
CA ASN E 53 18.17 1.02 -2.30
C ASN E 53 16.99 0.21 -1.79
N GLY E 54 16.01 0.89 -1.22
CA GLY E 54 14.79 0.25 -0.81
C GLY E 54 14.30 0.80 0.51
N GLU E 55 13.36 0.07 1.10
CA GLU E 55 12.80 0.39 2.40
C GLU E 55 13.43 -0.50 3.46
N LYS E 56 13.18 -0.13 4.72
CA LYS E 56 13.64 -0.93 5.86
C LYS E 56 12.81 -0.51 7.06
N GLU E 57 12.00 -1.44 7.58
CA GLU E 57 11.07 -1.16 8.65
C GLU E 57 11.54 -1.85 9.94
N GLU E 58 11.44 -1.13 11.06
CA GLU E 58 11.81 -1.68 12.36
C GLU E 58 10.89 -1.02 13.38
N GLY E 59 9.86 -1.74 13.80
CA GLY E 59 8.85 -1.18 14.69
C GLY E 59 8.02 -0.11 14.02
N ARG E 60 8.06 1.11 14.55
CA ARG E 60 7.32 2.24 14.01
C ARG E 60 8.15 3.10 13.07
N PHE E 61 9.36 2.65 12.72
CA PHE E 61 10.31 3.45 11.97
C PHE E 61 10.60 2.80 10.62
N THR E 62 10.63 3.63 9.58
CA THR E 62 10.93 3.17 8.23
C THR E 62 11.94 4.12 7.61
N VAL E 63 13.06 3.57 7.17
CA VAL E 63 14.09 4.33 6.46
C VAL E 63 14.02 3.96 4.99
N HIS E 64 14.12 4.97 4.12
CA HIS E 64 14.20 4.78 2.69
C HIS E 64 15.57 5.22 2.20
N LEU E 65 16.06 4.58 1.15
CA LEU E 65 17.31 4.96 0.52
C LEU E 65 17.08 5.12 -0.97
N ASN E 66 17.36 6.33 -1.48
CA ASN E 66 17.33 6.62 -2.91
C ASN E 66 18.75 7.00 -3.29
N LYS E 67 19.52 6.02 -3.74
CA LYS E 67 20.93 6.25 -4.01
C LYS E 67 21.14 7.21 -5.17
N ALA E 68 20.35 7.06 -6.24
CA ALA E 68 20.52 7.92 -7.41
C ALA E 68 20.33 9.39 -7.07
N SER E 69 19.40 9.69 -6.16
CA SER E 69 19.14 11.06 -5.74
C SER E 69 19.87 11.43 -4.45
N LEU E 70 20.77 10.56 -3.97
CA LEU E 70 21.58 10.83 -2.78
C LEU E 70 20.70 11.19 -1.59
N HIS E 71 19.67 10.36 -1.36
CA HIS E 71 18.56 10.77 -0.51
C HIS E 71 18.14 9.63 0.40
N THR E 72 17.94 9.95 1.67
CA THR E 72 17.37 9.03 2.64
C THR E 72 16.31 9.77 3.44
N SER E 73 15.29 9.04 3.87
CA SER E 73 14.22 9.63 4.66
C SER E 73 13.80 8.67 5.76
N LEU E 74 13.33 9.23 6.87
CA LEU E 74 12.92 8.46 8.04
C LEU E 74 11.45 8.76 8.33
N HIS E 75 10.63 7.72 8.29
CA HIS E 75 9.21 7.83 8.58
C HIS E 75 8.93 7.28 9.98
N ILE E 76 8.29 8.08 10.82
CA ILE E 76 7.88 7.67 12.15
C ILE E 76 6.36 7.68 12.19
N ARG E 77 5.76 6.49 12.26
CA ARG E 77 4.33 6.36 12.38
C ARG E 77 3.92 6.22 13.84
N ASP E 78 2.71 6.67 14.15
CA ASP E 78 2.14 6.61 15.50
C ASP E 78 3.13 7.20 16.51
N SER E 79 3.47 8.47 16.28
CA SER E 79 4.51 9.12 17.07
C SER E 79 4.17 9.12 18.55
N GLN E 80 5.18 8.87 19.38
CA GLN E 80 5.09 8.85 20.83
C GLN E 80 5.87 10.02 21.42
N PRO E 81 5.47 10.53 22.59
CA PRO E 81 6.24 11.61 23.22
C PRO E 81 7.69 11.24 23.47
N SER E 82 7.98 9.96 23.72
CA SER E 82 9.35 9.51 23.92
C SER E 82 10.19 9.63 22.66
N ASP E 83 9.59 9.86 21.49
CA ASP E 83 10.35 10.08 20.27
C ASP E 83 10.93 11.47 20.17
N SER E 84 10.59 12.37 21.10
CA SER E 84 11.11 13.74 21.06
C SER E 84 12.61 13.74 21.29
N ALA E 85 13.37 14.13 20.27
CA ALA E 85 14.82 14.08 20.32
C ALA E 85 15.38 14.79 19.10
N LEU E 86 16.70 14.95 19.10
CA LEU E 86 17.44 15.45 17.94
C LEU E 86 17.81 14.26 17.06
N TYR E 87 17.25 14.20 15.87
CA TYR E 87 17.51 13.11 14.93
C TYR E 87 18.60 13.54 13.96
N LEU E 88 19.69 12.78 13.93
CA LEU E 88 20.89 13.12 13.16
C LEU E 88 21.08 12.13 12.03
N CYS E 89 21.26 12.65 10.82
CA CYS E 89 21.56 11.83 9.65
C CYS E 89 23.06 11.77 9.44
N ALA E 90 23.56 10.58 9.13
CA ALA E 90 24.98 10.37 8.90
C ALA E 90 25.20 9.61 7.59
N ALA E 91 26.21 10.05 6.84
CA ALA E 91 26.56 9.41 5.59
C ALA E 91 28.05 9.09 5.59
N ARG E 92 28.42 8.10 4.79
CA ARG E 92 29.82 7.76 4.57
C ARG E 92 29.98 7.31 3.14
N SER E 93 31.05 7.77 2.50
CA SER E 93 31.38 7.32 1.15
C SER E 93 32.39 6.18 1.21
N SER E 94 32.28 5.27 0.25
CA SER E 94 33.27 4.21 0.12
C SER E 94 34.66 4.80 0.04
N GLY E 95 35.57 4.26 0.84
CA GLY E 95 36.94 4.74 0.92
C GLY E 95 37.18 5.70 2.07
N SER E 96 36.16 6.43 2.52
CA SER E 96 36.32 7.34 3.63
C SER E 96 36.19 6.59 4.96
N TRP E 97 36.70 7.22 6.03
CA TRP E 97 36.99 6.50 7.26
C TRP E 97 36.17 7.00 8.46
N GLN E 98 35.07 7.71 8.22
CA GLN E 98 34.26 8.19 9.33
C GLN E 98 32.88 8.56 8.82
N LEU E 99 31.92 8.58 9.75
CA LEU E 99 30.61 9.13 9.45
C LEU E 99 30.68 10.65 9.47
N ILE E 100 29.89 11.28 8.60
CA ILE E 100 29.70 12.73 8.59
C ILE E 100 28.23 12.99 8.88
N PHE E 101 27.97 13.81 9.89
CA PHE E 101 26.62 14.05 10.36
C PHE E 101 26.07 15.36 9.85
N GLY E 102 24.76 15.37 9.59
CA GLY E 102 24.07 16.59 9.22
C GLY E 102 23.82 17.49 10.42
N SER E 103 23.05 18.55 10.17
CA SER E 103 22.73 19.51 11.22
C SER E 103 21.56 19.08 12.10
N GLY E 104 20.90 17.97 11.77
CA GLY E 104 19.89 17.39 12.63
C GLY E 104 18.51 18.00 12.45
N THR E 105 17.50 17.24 12.86
CA THR E 105 16.12 17.69 12.90
C THR E 105 15.62 17.53 14.33
N GLN E 106 15.18 18.63 14.93
CA GLN E 106 14.65 18.61 16.28
C GLN E 106 13.17 18.25 16.21
N LEU E 107 12.83 17.03 16.63
CA LEU E 107 11.47 16.53 16.61
C LEU E 107 10.85 16.68 18.00
N THR E 108 9.68 17.30 18.06
CA THR E 108 8.90 17.44 19.28
C THR E 108 7.54 16.80 19.05
N VAL E 109 7.21 15.80 19.86
CA VAL E 109 5.92 15.11 19.76
C VAL E 109 5.05 15.63 20.92
N MET E 110 3.98 16.33 20.57
CA MET E 110 3.09 16.91 21.57
C MET E 110 2.23 15.82 22.21
N PRO E 111 2.18 15.74 23.54
CA PRO E 111 1.34 14.72 24.17
C PRO E 111 -0.13 15.01 23.96
N ASP E 112 -0.92 13.92 23.94
CA ASP E 112 -2.36 14.01 23.71
C ASP E 112 -3.06 14.07 25.07
N ILE E 113 -3.56 15.26 25.42
CA ILE E 113 -4.34 15.45 26.64
C ILE E 113 -5.74 15.89 26.24
N GLN E 114 -6.75 15.38 26.95
CA GLN E 114 -8.14 15.61 26.57
C GLN E 114 -8.86 16.63 27.44
N ASN E 115 -8.37 16.90 28.65
CA ASN E 115 -9.04 17.82 29.58
C ASN E 115 -8.08 18.89 30.04
N PRO E 116 -7.85 19.91 29.22
CA PRO E 116 -7.02 21.04 29.66
C PRO E 116 -7.84 22.05 30.46
N GLU E 117 -7.18 22.67 31.44
CA GLU E 117 -7.82 23.69 32.27
C GLU E 117 -6.74 24.68 32.71
N PRO E 118 -6.56 25.76 31.94
CA PRO E 118 -5.51 26.72 32.28
C PRO E 118 -5.74 27.39 33.63
N ALA E 119 -4.66 27.58 34.37
CA ALA E 119 -4.68 28.24 35.66
C ALA E 119 -3.28 28.70 36.01
N VAL E 120 -3.18 29.87 36.63
CA VAL E 120 -1.91 30.44 37.07
C VAL E 120 -1.87 30.41 38.60
N TYR E 121 -0.77 29.91 39.14
CA TYR E 121 -0.60 29.81 40.59
C TYR E 121 0.70 30.49 40.99
N GLN E 122 0.64 31.32 42.03
CA GLN E 122 1.81 31.98 42.57
C GLN E 122 2.33 31.20 43.77
N LEU E 123 3.63 30.98 43.80
CA LEU E 123 4.28 30.24 44.89
C LEU E 123 5.25 31.15 45.63
N LYS E 124 5.53 30.79 46.88
CA LYS E 124 6.42 31.56 47.73
C LYS E 124 7.58 30.70 48.19
N ASP E 125 8.74 31.34 48.36
CA ASP E 125 9.91 30.70 48.94
C ASP E 125 9.87 30.91 50.44
N PRO E 126 9.71 29.85 51.24
CA PRO E 126 9.58 30.05 52.70
C PRO E 126 10.83 30.61 53.34
N ARG E 127 12.02 30.20 52.88
CA ARG E 127 13.27 30.59 53.50
C ARG E 127 13.80 31.93 53.00
N SER E 128 12.99 32.68 52.23
CA SER E 128 13.44 33.97 51.71
C SER E 128 12.24 34.76 51.23
N GLN E 129 11.92 35.85 51.94
CA GLN E 129 10.92 36.78 51.46
C GLN E 129 11.44 37.54 50.24
N ASP E 130 10.56 38.31 49.61
CA ASP E 130 10.87 39.04 48.37
C ASP E 130 11.26 38.08 47.24
N SER E 131 10.84 36.82 47.34
CA SER E 131 11.14 35.81 46.34
C SER E 131 9.85 35.05 46.05
N THR E 132 9.35 35.18 44.82
CA THR E 132 8.11 34.51 44.44
C THR E 132 8.10 34.35 42.92
N LEU E 133 7.55 33.24 42.46
CA LEU E 133 7.49 32.93 41.04
C LEU E 133 6.04 32.70 40.62
N CYS E 134 5.85 32.40 39.33
CA CYS E 134 4.55 32.12 38.76
C CYS E 134 4.59 30.75 38.09
N LEU E 135 3.44 30.09 38.03
CA LEU E 135 3.33 28.74 37.49
C LEU E 135 2.14 28.68 36.53
N PHE E 136 2.44 28.59 35.23
CA PHE E 136 1.41 28.35 34.22
C PHE E 136 1.30 26.85 34.03
N THR E 137 0.24 26.25 34.56
CA THR E 137 0.08 24.81 34.56
C THR E 137 -1.23 24.40 33.90
N ASP E 138 -1.25 23.16 33.41
CA ASP E 138 -2.46 22.53 32.86
C ASP E 138 -3.03 23.31 31.68
N PHE E 139 -2.16 23.95 30.91
CA PHE E 139 -2.58 24.62 29.68
C PHE E 139 -2.40 23.68 28.50
N ASP E 140 -3.23 23.88 27.48
CA ASP E 140 -3.21 22.98 26.32
C ASP E 140 -1.94 23.20 25.50
N SER E 141 -1.56 22.16 24.76
CA SER E 141 -0.29 22.18 24.03
C SER E 141 -0.27 23.25 22.95
N GLN E 142 -1.42 23.57 22.36
CA GLN E 142 -1.45 24.58 21.29
C GLN E 142 -1.15 25.97 21.81
N ILE E 143 -1.42 26.23 23.10
CA ILE E 143 -1.23 27.57 23.65
C ILE E 143 0.24 27.95 23.60
N ASN E 144 0.49 29.22 23.27
CA ASN E 144 1.84 29.75 23.16
C ASN E 144 2.18 30.49 24.46
N VAL E 145 3.16 29.97 25.20
CA VAL E 145 3.63 30.63 26.41
C VAL E 145 4.50 31.82 26.02
N PRO E 146 4.24 33.02 26.54
CA PRO E 146 5.05 34.17 26.16
C PRO E 146 6.43 34.12 26.79
N LYS E 147 7.40 34.70 26.09
CA LYS E 147 8.76 34.87 26.59
C LYS E 147 9.09 36.36 26.53
N THR E 148 9.17 36.99 27.70
CA THR E 148 9.31 38.44 27.74
C THR E 148 10.70 38.87 27.29
N MET E 149 10.77 40.09 26.76
CA MET E 149 12.04 40.72 26.42
C MET E 149 12.66 41.45 27.61
N GLU E 150 11.89 41.67 28.67
CA GLU E 150 12.38 42.35 29.87
C GLU E 150 13.59 41.65 30.46
N SER E 151 14.74 42.30 30.45
CA SER E 151 15.90 41.77 31.15
C SER E 151 15.67 41.82 32.65
N GLY E 152 15.95 40.72 33.34
CA GLY E 152 15.62 40.56 34.73
C GLY E 152 14.37 39.75 34.99
N THR E 153 13.64 39.38 33.95
CA THR E 153 12.46 38.53 34.05
C THR E 153 12.69 37.29 33.19
N PHE E 154 12.20 36.14 33.66
CA PHE E 154 12.47 34.87 33.01
C PHE E 154 11.20 34.05 32.89
N ILE E 155 11.03 33.41 31.74
CA ILE E 155 9.94 32.46 31.51
C ILE E 155 10.54 31.23 30.84
N THR E 156 10.28 30.06 31.44
CA THR E 156 10.80 28.82 30.91
C THR E 156 9.94 28.31 29.76
N ASP E 157 10.51 27.39 28.98
CA ASP E 157 9.77 26.80 27.88
C ASP E 157 8.76 25.77 28.41
N LYS E 158 7.96 25.24 27.50
CA LYS E 158 6.89 24.31 27.86
C LYS E 158 7.50 23.00 28.34
N CYS E 159 7.50 22.79 29.65
CA CYS E 159 7.97 21.54 30.23
C CYS E 159 6.77 20.62 30.45
N VAL E 160 6.91 19.37 30.01
CA VAL E 160 5.83 18.39 30.08
C VAL E 160 6.21 17.31 31.09
N LEU E 161 5.46 17.23 32.18
CA LEU E 161 5.67 16.22 33.20
C LEU E 161 4.66 15.09 33.03
N ASP E 162 4.94 13.96 33.68
CA ASP E 162 4.08 12.77 33.60
C ASP E 162 4.05 12.10 34.96
N MET E 163 3.01 12.39 35.74
CA MET E 163 2.66 11.59 36.90
C MET E 163 2.07 10.28 36.39
N LYS E 164 2.85 9.19 36.44
CA LYS E 164 2.40 7.93 35.86
C LYS E 164 1.08 7.48 36.48
N ALA E 165 1.06 7.30 37.80
CA ALA E 165 -0.19 7.09 38.50
C ALA E 165 -1.12 8.26 38.25
N MET E 166 -2.38 7.97 37.92
CA MET E 166 -3.44 8.85 37.46
C MET E 166 -3.35 9.12 35.96
N ASP E 167 -2.23 8.77 35.31
CA ASP E 167 -2.04 8.98 33.86
C ASP E 167 -2.34 10.43 33.48
N SER E 168 -1.54 11.33 34.07
CA SER E 168 -1.78 12.77 34.00
C SER E 168 -0.52 13.46 33.48
N LYS E 169 -0.53 13.82 32.20
CA LYS E 169 0.52 14.63 31.60
C LYS E 169 0.09 16.09 31.65
N SER E 170 0.89 16.92 32.32
CA SER E 170 0.57 18.33 32.52
C SER E 170 1.69 19.20 31.94
N ASN E 171 1.31 20.20 31.17
CA ASN E 171 2.26 21.19 30.69
C ASN E 171 2.56 22.22 31.78
N GLY E 172 3.73 22.83 31.69
CA GLY E 172 4.15 23.77 32.70
C GLY E 172 5.11 24.81 32.15
N ALA E 173 5.14 25.96 32.80
CA ALA E 173 6.08 27.02 32.48
C ALA E 173 6.25 27.89 33.72
N ILE E 174 7.51 28.23 34.02
CA ILE E 174 7.86 28.97 35.23
C ILE E 174 8.20 30.40 34.85
N ALA E 175 7.82 31.33 35.72
CA ALA E 175 8.12 32.75 35.52
C ALA E 175 8.45 33.38 36.87
N TRP E 176 9.52 34.16 36.91
CA TRP E 176 9.95 34.80 38.15
C TRP E 176 10.79 36.03 37.82
N SER E 177 11.01 36.85 38.85
CA SER E 177 11.82 38.06 38.70
C SER E 177 12.62 38.33 39.97
N LYS F 1 31.51 -0.49 28.08
CA LYS F 1 31.04 0.73 27.43
C LYS F 1 32.13 1.81 27.42
N ILE F 2 32.14 2.62 26.36
CA ILE F 2 33.12 3.68 26.25
C ILE F 2 32.96 4.67 27.41
N ILE F 3 34.08 5.09 27.98
CA ILE F 3 34.09 5.97 29.14
C ILE F 3 34.92 7.21 28.82
N GLN F 4 34.38 8.38 29.14
CA GLN F 4 35.08 9.65 29.00
C GLN F 4 35.20 10.31 30.36
N LYS F 5 36.34 10.97 30.60
CA LYS F 5 36.59 11.71 31.83
C LYS F 5 37.21 13.05 31.49
N PRO F 6 36.78 14.14 32.13
CA PRO F 6 35.66 14.15 33.08
C PRO F 6 34.36 14.44 32.35
N LYS F 7 33.22 14.41 33.06
CA LYS F 7 31.97 14.75 32.39
C LYS F 7 31.84 16.25 32.17
N TYR F 8 32.42 17.05 33.06
CA TYR F 8 32.43 18.51 32.93
C TYR F 8 33.84 18.99 33.20
N LEU F 9 34.25 20.05 32.50
CA LEU F 9 35.61 20.57 32.63
C LEU F 9 35.59 22.07 32.44
N VAL F 10 36.11 22.80 33.45
CA VAL F 10 36.28 24.24 33.38
C VAL F 10 37.78 24.52 33.25
N ALA F 11 38.14 25.31 32.24
CA ALA F 11 39.54 25.66 32.00
C ALA F 11 39.66 27.15 31.78
N VAL F 12 40.88 27.65 31.99
CA VAL F 12 41.20 29.06 31.80
C VAL F 12 41.84 29.22 30.43
N THR F 13 41.74 30.42 29.88
CA THR F 13 42.31 30.70 28.56
C THR F 13 43.82 30.53 28.58
N GLY F 14 44.35 29.87 27.56
CA GLY F 14 45.77 29.64 27.43
C GLY F 14 46.30 28.44 28.17
N SER F 15 45.43 27.67 28.82
CA SER F 15 45.86 26.48 29.55
C SER F 15 45.79 25.24 28.66
N GLU F 16 46.29 24.13 29.19
CA GLU F 16 46.33 22.86 28.49
C GLU F 16 45.51 21.83 29.27
N LYS F 17 44.71 21.05 28.55
CA LYS F 17 43.90 20.00 29.15
C LYS F 17 43.94 18.77 28.26
N ILE F 18 43.78 17.60 28.87
CA ILE F 18 43.73 16.33 28.15
C ILE F 18 42.40 15.66 28.46
N LEU F 19 41.57 15.49 27.42
CA LEU F 19 40.29 14.82 27.55
C LEU F 19 40.52 13.32 27.42
N ILE F 20 40.20 12.57 28.47
CA ILE F 20 40.48 11.15 28.50
C ILE F 20 39.36 10.38 27.81
N CYS F 21 39.72 9.44 26.96
CA CYS F 21 38.78 8.50 26.39
C CYS F 21 39.41 7.12 26.33
N GLU F 22 38.64 6.10 26.69
CA GLU F 22 39.12 4.74 26.69
C GLU F 22 37.95 3.79 26.53
N GLN F 23 38.20 2.69 25.82
CA GLN F 23 37.23 1.62 25.66
C GLN F 23 37.96 0.29 25.78
N TYR F 24 37.26 -0.70 26.32
CA TYR F 24 37.83 -2.03 26.49
C TYR F 24 36.90 -3.06 25.88
N LEU F 25 36.37 -2.73 24.71
CA LEU F 25 35.51 -3.63 23.93
C LEU F 25 36.25 -4.32 22.80
N GLY F 26 37.57 -4.10 22.70
CA GLY F 26 38.32 -4.65 21.59
C GLY F 26 38.10 -3.93 20.27
N HIS F 27 37.55 -2.71 20.31
CA HIS F 27 37.26 -1.97 19.10
C HIS F 27 38.53 -1.49 18.43
N ASN F 28 38.59 -1.63 17.10
CA ASN F 28 39.77 -1.29 16.33
C ASN F 28 39.74 0.11 15.73
N ALA F 29 38.64 0.84 15.89
CA ALA F 29 38.56 2.21 15.43
C ALA F 29 37.99 3.09 16.53
N MET F 30 38.56 4.28 16.69
CA MET F 30 38.08 5.27 17.64
C MET F 30 38.03 6.63 16.96
N TYR F 31 37.13 7.49 17.45
CA TYR F 31 36.82 8.74 16.77
C TYR F 31 36.58 9.84 17.80
N TRP F 32 36.65 11.09 17.31
CA TRP F 32 36.32 12.27 18.10
C TRP F 32 35.37 13.16 17.30
N TYR F 33 34.28 13.58 17.94
CA TYR F 33 33.34 14.53 17.36
C TYR F 33 33.11 15.67 18.34
N ARG F 34 32.73 16.82 17.80
CA ARG F 34 32.47 18.03 18.58
C ARG F 34 31.01 18.43 18.43
N GLN F 35 30.38 18.79 19.56
CA GLN F 35 28.98 19.17 19.58
C GLN F 35 28.87 20.62 20.04
N SER F 36 28.44 21.49 19.13
CA SER F 36 28.19 22.90 19.42
C SER F 36 26.79 23.26 18.94
N ALA F 37 26.39 24.51 19.20
CA ALA F 37 25.07 24.96 18.77
C ALA F 37 24.95 24.98 17.26
N LYS F 38 26.01 25.38 16.56
CA LYS F 38 25.97 25.41 15.10
C LYS F 38 25.97 24.00 14.53
N LYS F 39 27.05 23.25 14.76
CA LYS F 39 27.16 21.89 14.26
C LYS F 39 27.00 20.89 15.40
N PRO F 40 25.90 20.15 15.46
CA PRO F 40 25.68 19.24 16.59
C PRO F 40 26.63 18.06 16.64
N LEU F 41 27.31 17.73 15.54
CA LEU F 41 28.22 16.60 15.52
C LEU F 41 29.25 16.72 14.41
N GLU F 42 30.22 17.63 14.57
CA GLU F 42 31.23 17.80 13.54
C GLU F 42 32.40 16.86 13.77
N PHE F 43 32.84 16.23 12.70
CA PHE F 43 33.91 15.24 12.78
C PHE F 43 35.25 15.91 13.06
N MET F 44 36.07 15.27 13.89
CA MET F 44 37.39 15.78 14.22
C MET F 44 38.49 14.80 13.82
N PHE F 45 38.52 13.59 14.40
CA PHE F 45 39.60 12.65 14.19
C PHE F 45 39.05 11.25 13.99
N SER F 46 39.75 10.48 13.16
CA SER F 46 39.39 9.10 12.85
C SER F 46 40.64 8.25 12.95
N TYR F 47 40.62 7.26 13.84
CA TYR F 47 41.76 6.37 14.05
C TYR F 47 41.35 4.92 13.83
N SER F 48 42.22 4.16 13.18
CA SER F 48 42.06 2.72 13.02
C SER F 48 43.37 2.05 13.39
N TYR F 49 43.31 1.06 14.29
CA TYR F 49 44.49 0.36 14.77
C TYR F 49 45.53 1.33 15.33
N GLN F 50 45.04 2.27 16.14
CA GLN F 50 45.86 3.29 16.80
C GLN F 50 46.60 4.17 15.79
N MET F 51 46.12 4.26 14.55
CA MET F 51 46.75 5.03 13.51
C MET F 51 45.78 6.08 12.98
N LEU F 52 46.28 7.29 12.76
CA LEU F 52 45.44 8.37 12.24
C LEU F 52 45.04 8.09 10.79
N MET F 53 43.74 8.16 10.52
CA MET F 53 43.22 7.95 9.18
C MET F 53 42.69 9.21 8.53
N ASP F 54 42.04 10.10 9.28
CA ASP F 54 41.50 11.33 8.73
C ASP F 54 41.43 12.38 9.83
N ASN F 55 41.66 13.63 9.45
CA ASN F 55 41.70 14.75 10.38
C ASN F 55 41.06 15.96 9.73
N GLN F 56 39.97 16.46 10.32
CA GLN F 56 39.26 17.62 9.80
C GLN F 56 39.25 18.77 10.80
N THR F 57 40.25 18.84 11.67
CA THR F 57 40.45 19.98 12.56
C THR F 57 41.61 20.81 12.02
N ALA F 58 41.37 22.09 11.80
CA ALA F 58 42.38 22.96 11.21
C ALA F 58 43.44 23.40 12.21
N SER F 59 43.22 23.21 13.50
CA SER F 59 44.12 23.72 14.53
C SER F 59 45.11 22.64 14.96
N SER F 60 46.39 23.01 15.00
CA SER F 60 47.42 22.12 15.54
C SER F 60 47.33 22.00 17.06
N ARG F 61 46.54 22.85 17.71
CA ARG F 61 46.38 22.80 19.16
C ARG F 61 45.63 21.56 19.62
N PHE F 62 44.97 20.84 18.72
CA PHE F 62 44.27 19.60 19.05
C PHE F 62 45.16 18.43 18.62
N GLN F 63 45.70 17.72 19.61
CA GLN F 63 46.62 16.62 19.37
C GLN F 63 46.13 15.37 20.08
N PRO F 64 45.52 14.43 19.36
CA PRO F 64 45.10 13.17 19.99
C PRO F 64 46.30 12.31 20.37
N GLN F 65 46.11 11.50 21.40
CA GLN F 65 47.16 10.63 21.93
C GLN F 65 46.68 9.19 21.88
N SER F 66 47.32 8.39 21.04
CA SER F 66 46.90 7.01 20.78
C SER F 66 48.03 6.01 20.99
N SER F 67 49.12 6.42 21.65
CA SER F 67 50.22 5.49 21.89
C SER F 67 49.78 4.38 22.83
N LYS F 68 49.05 4.72 23.89
CA LYS F 68 48.53 3.71 24.80
C LYS F 68 47.31 3.04 24.18
N LYS F 69 47.30 1.71 24.16
CA LYS F 69 46.18 1.00 23.55
C LYS F 69 44.90 1.23 24.35
N ASN F 70 43.77 1.06 23.65
CA ASN F 70 42.43 1.23 24.21
C ASN F 70 42.11 2.69 24.52
N HIS F 71 43.09 3.57 24.39
CA HIS F 71 42.92 4.99 24.68
C HIS F 71 43.00 5.82 23.39
N LEU F 72 42.20 6.90 23.34
CA LEU F 72 42.36 7.95 22.34
C LEU F 72 42.11 9.28 23.06
N ASP F 73 43.06 9.67 23.90
CA ASP F 73 42.94 10.91 24.64
C ASP F 73 43.09 12.10 23.71
N LEU F 74 42.49 13.21 24.09
CA LEU F 74 42.46 14.43 23.27
C LEU F 74 43.09 15.57 24.05
N GLN F 75 44.38 15.81 23.80
CA GLN F 75 45.07 16.94 24.39
C GLN F 75 44.80 18.20 23.57
N ILE F 76 44.43 19.29 24.26
CA ILE F 76 44.16 20.57 23.62
C ILE F 76 45.02 21.62 24.31
N THR F 77 45.92 22.24 23.57
CA THR F 77 46.81 23.26 24.10
C THR F 77 46.32 24.65 23.74
N ALA F 78 46.76 25.63 24.52
CA ALA F 78 46.42 27.04 24.33
C ALA F 78 44.92 27.21 24.12
N LEU F 79 44.16 26.83 25.15
CA LEU F 79 42.71 26.82 25.05
C LEU F 79 42.15 28.22 24.86
N LYS F 80 41.15 28.33 23.99
CA LYS F 80 40.44 29.56 23.72
C LYS F 80 38.98 29.41 24.13
N PRO F 81 38.32 30.51 24.49
CA PRO F 81 36.88 30.43 24.82
C PRO F 81 36.04 29.84 23.70
N ASP F 82 36.49 29.93 22.44
CA ASP F 82 35.73 29.37 21.33
C ASP F 82 35.85 27.86 21.25
N ASP F 83 36.83 27.26 21.92
CA ASP F 83 36.92 25.81 21.99
C ASP F 83 35.84 25.20 22.88
N SER F 84 35.05 26.03 23.55
CA SER F 84 34.02 25.51 24.45
C SER F 84 32.96 24.75 23.67
N ALA F 85 32.73 23.51 24.07
CA ALA F 85 31.79 22.60 23.40
C ALA F 85 31.71 21.30 24.17
N THR F 86 30.90 20.37 23.70
CA THR F 86 30.87 19.01 24.23
C THR F 86 31.59 18.09 23.25
N TYR F 87 32.64 17.43 23.72
CA TYR F 87 33.48 16.58 22.89
C TYR F 87 33.09 15.12 23.12
N PHE F 88 32.64 14.47 22.07
CA PHE F 88 32.19 13.09 22.13
C PHE F 88 33.25 12.16 21.56
N CYS F 89 33.60 11.14 22.34
CA CYS F 89 34.46 10.07 21.87
C CYS F 89 33.60 8.93 21.37
N ALA F 90 34.03 8.29 20.28
CA ALA F 90 33.29 7.18 19.71
C ALA F 90 34.25 6.07 19.33
N SER F 91 33.70 4.86 19.19
CA SER F 91 34.47 3.72 18.75
C SER F 91 33.57 2.77 17.97
N SER F 92 34.20 1.94 17.14
CA SER F 92 33.51 0.89 16.40
C SER F 92 34.40 -0.34 16.37
N GLN F 93 33.76 -1.51 16.29
CA GLN F 93 34.49 -2.77 16.29
C GLN F 93 35.48 -2.84 15.14
N ASP F 94 35.02 -2.52 13.94
CA ASP F 94 35.82 -2.65 12.73
C ASP F 94 36.42 -1.29 12.34
N ARG F 95 37.37 -1.35 11.41
CA ARG F 95 38.08 -0.14 10.99
C ARG F 95 37.13 0.85 10.33
N GLY F 96 37.58 2.11 10.27
CA GLY F 96 36.67 3.22 10.02
C GLY F 96 35.97 3.19 8.68
N ASP F 97 36.58 2.56 7.67
CA ASP F 97 35.97 2.52 6.35
C ASP F 97 34.99 1.36 6.20
N SER F 98 34.86 0.50 7.22
CA SER F 98 34.03 -0.68 7.13
C SER F 98 33.04 -0.80 8.29
N ALA F 99 33.03 0.16 9.22
CA ALA F 99 32.15 0.06 10.38
C ALA F 99 30.69 0.16 9.96
N HIS F 100 29.86 -0.68 10.57
CA HIS F 100 28.42 -0.62 10.34
C HIS F 100 27.68 0.13 11.43
N THR F 101 28.35 0.42 12.55
CA THR F 101 27.73 1.21 13.62
C THR F 101 28.83 1.79 14.49
N LEU F 102 28.57 2.98 15.03
CA LEU F 102 29.47 3.66 15.95
C LEU F 102 28.77 3.83 17.29
N TYR F 103 29.47 3.53 18.37
CA TYR F 103 29.01 3.80 19.72
C TYR F 103 29.70 5.05 20.24
N PHE F 104 28.93 5.91 20.91
CA PHE F 104 29.44 7.17 21.42
C PHE F 104 29.56 7.13 22.93
N GLY F 105 30.63 7.72 23.45
CA GLY F 105 30.74 7.96 24.87
C GLY F 105 29.78 9.05 25.33
N SER F 106 29.71 9.22 26.65
CA SER F 106 28.77 10.18 27.22
C SER F 106 29.21 11.62 27.06
N GLY F 107 30.44 11.86 26.62
CA GLY F 107 30.89 13.20 26.31
C GLY F 107 31.56 13.91 27.48
N THR F 108 32.39 14.88 27.14
CA THR F 108 33.01 15.80 28.10
C THR F 108 32.61 17.21 27.72
N ARG F 109 31.94 17.91 28.64
CA ARG F 109 31.50 19.28 28.41
C ARG F 109 32.60 20.22 28.85
N LEU F 110 33.20 20.92 27.89
CA LEU F 110 34.32 21.82 28.16
C LEU F 110 33.85 23.27 28.12
N THR F 111 34.25 24.06 29.12
CA THR F 111 33.96 25.48 29.17
C THR F 111 35.25 26.22 29.46
N VAL F 112 35.63 27.14 28.57
CA VAL F 112 36.86 27.92 28.70
C VAL F 112 36.47 29.35 29.03
N LEU F 113 37.06 29.89 30.10
CA LEU F 113 36.77 31.23 30.57
C LEU F 113 38.06 32.04 30.66
N GLU F 114 37.92 33.36 30.62
CA GLU F 114 39.07 34.24 30.73
C GLU F 114 39.76 34.09 32.09
N ASP F 115 38.97 34.04 33.16
CA ASP F 115 39.51 33.81 34.49
C ASP F 115 38.45 33.09 35.33
N LEU F 116 38.90 32.49 36.43
CA LEU F 116 38.03 31.71 37.29
C LEU F 116 37.27 32.56 38.31
N ARG F 117 37.44 33.87 38.30
CA ARG F 117 36.86 34.72 39.34
C ARG F 117 35.34 34.82 39.25
N ASN F 118 34.73 34.35 38.16
CA ASN F 118 33.28 34.40 38.01
C ASN F 118 32.61 33.06 38.29
N VAL F 119 33.38 31.99 38.46
CA VAL F 119 32.81 30.68 38.74
C VAL F 119 32.13 30.71 40.11
N THR F 120 30.82 30.50 40.13
CA THR F 120 30.05 30.53 41.36
C THR F 120 29.12 29.33 41.44
N PRO F 121 28.92 28.77 42.63
CA PRO F 121 27.97 27.68 42.80
C PRO F 121 26.55 28.18 42.82
N PRO F 122 25.56 27.33 42.56
CA PRO F 122 24.18 27.79 42.51
C PRO F 122 23.60 28.06 43.90
N LYS F 123 22.50 28.78 43.91
CA LYS F 123 21.66 28.96 45.10
C LYS F 123 20.32 28.32 44.81
N VAL F 124 19.93 27.34 45.62
CA VAL F 124 18.76 26.52 45.37
C VAL F 124 17.62 26.99 46.27
N SER F 125 16.47 27.27 45.66
CA SER F 125 15.29 27.73 46.36
C SER F 125 14.12 26.81 46.03
N LEU F 126 13.43 26.33 47.06
CA LEU F 126 12.29 25.44 46.90
C LEU F 126 11.02 26.22 47.19
N PHE F 127 10.14 26.28 46.19
CA PHE F 127 8.85 26.96 46.31
C PHE F 127 7.76 25.95 46.55
N GLU F 128 6.98 26.17 47.62
CA GLU F 128 5.98 25.21 48.04
C GLU F 128 4.68 25.40 47.25
N PRO F 129 3.87 24.35 47.16
CA PRO F 129 2.61 24.45 46.40
C PRO F 129 1.67 25.49 46.99
N SER F 130 0.75 25.96 46.14
CA SER F 130 -0.28 26.89 46.56
C SER F 130 -1.54 26.10 46.94
N LYS F 131 -2.21 26.56 47.99
CA LYS F 131 -3.44 25.90 48.44
C LYS F 131 -4.57 26.03 47.43
N ALA F 132 -4.41 26.85 46.38
CA ALA F 132 -5.43 26.93 45.35
C ALA F 132 -5.38 25.70 44.44
N GLU F 133 -4.18 25.28 44.03
CA GLU F 133 -4.06 24.09 43.21
C GLU F 133 -4.42 22.83 43.99
N ILE F 134 -4.11 22.80 45.29
CA ILE F 134 -4.44 21.64 46.11
C ILE F 134 -5.94 21.49 46.27
N ALA F 135 -6.69 22.59 46.17
CA ALA F 135 -8.13 22.53 46.31
C ALA F 135 -8.83 22.35 44.96
N ASN F 136 -8.42 23.13 43.94
CA ASN F 136 -9.09 23.07 42.65
C ASN F 136 -8.69 21.84 41.85
N LYS F 137 -7.48 21.32 42.04
CA LYS F 137 -6.98 20.20 41.27
C LYS F 137 -6.53 19.02 42.12
N GLN F 138 -6.46 19.18 43.44
CA GLN F 138 -6.05 18.10 44.36
C GLN F 138 -4.68 17.55 43.99
N LYS F 139 -3.78 18.44 43.59
CA LYS F 139 -2.40 18.09 43.30
C LYS F 139 -1.49 19.18 43.84
N ALA F 140 -0.21 18.83 44.01
CA ALA F 140 0.76 19.72 44.63
C ALA F 140 1.96 19.85 43.72
N THR F 141 2.24 21.08 43.27
CA THR F 141 3.41 21.37 42.46
C THR F 141 4.49 22.00 43.32
N LEU F 142 5.61 21.32 43.47
CA LEU F 142 6.81 21.90 44.05
C LEU F 142 7.73 22.32 42.90
N VAL F 143 8.14 23.59 42.93
CA VAL F 143 9.01 24.15 41.90
C VAL F 143 10.36 24.46 42.53
N CYS F 144 11.43 23.96 41.92
CA CYS F 144 12.79 24.16 42.40
C CYS F 144 13.51 25.12 41.47
N LEU F 145 14.15 26.13 42.05
CA LEU F 145 14.83 27.18 41.29
C LEU F 145 16.28 27.27 41.73
N ALA F 146 17.19 27.23 40.76
CA ALA F 146 18.62 27.39 40.99
C ALA F 146 19.09 28.62 40.22
N ARG F 147 19.66 29.58 40.93
CA ARG F 147 20.14 30.81 40.32
C ARG F 147 21.61 31.03 40.62
N GLY F 148 22.23 31.91 39.84
CA GLY F 148 23.56 32.41 40.15
C GLY F 148 24.66 31.37 40.12
N PHE F 149 24.62 30.42 39.18
CA PHE F 149 25.70 29.48 38.99
C PHE F 149 26.37 29.71 37.65
N PHE F 150 27.67 29.46 37.61
CA PHE F 150 28.48 29.71 36.43
C PHE F 150 29.75 28.86 36.51
N PRO F 151 30.07 28.09 35.46
CA PRO F 151 29.32 27.99 34.21
C PRO F 151 28.12 27.04 34.28
N ASP F 152 27.68 26.56 33.12
CA ASP F 152 26.48 25.74 33.02
C ASP F 152 26.85 24.26 33.19
N HIS F 153 27.22 23.92 34.44
CA HIS F 153 27.63 22.56 34.80
C HIS F 153 26.82 22.12 36.03
N VAL F 154 25.51 21.94 35.85
CA VAL F 154 24.64 21.56 36.95
C VAL F 154 23.79 20.35 36.54
N GLU F 155 23.41 19.57 37.55
CA GLU F 155 22.49 18.45 37.37
C GLU F 155 21.51 18.46 38.54
N LEU F 156 20.22 18.51 38.22
CA LEU F 156 19.17 18.65 39.21
C LEU F 156 18.44 17.31 39.38
N SER F 157 18.15 16.95 40.63
CA SER F 157 17.44 15.73 40.94
C SER F 157 16.50 15.96 42.10
N TRP F 158 15.43 15.18 42.15
CA TRP F 158 14.44 15.25 43.22
C TRP F 158 14.56 14.04 44.13
N TRP F 159 14.30 14.26 45.42
CA TRP F 159 14.46 13.24 46.43
C TRP F 159 13.28 13.31 47.39
N VAL F 160 12.57 12.19 47.55
CA VAL F 160 11.42 12.10 48.42
C VAL F 160 11.66 10.98 49.42
N ASN F 161 11.63 11.31 50.71
CA ASN F 161 11.79 10.34 51.80
C ASN F 161 13.10 9.58 51.71
N GLY F 162 14.14 10.22 51.17
CA GLY F 162 15.47 9.64 51.11
C GLY F 162 15.82 8.95 49.81
N LYS F 163 14.86 8.75 48.91
CA LYS F 163 15.09 8.08 47.65
C LYS F 163 14.82 9.04 46.49
N GLU F 164 15.54 8.82 45.39
CA GLU F 164 15.38 9.67 44.21
C GLU F 164 14.21 9.19 43.38
N VAL F 165 13.31 10.10 43.04
CA VAL F 165 12.12 9.79 42.27
C VAL F 165 12.23 10.46 40.90
N HIS F 166 11.46 9.95 39.95
CA HIS F 166 11.49 10.46 38.58
C HIS F 166 10.10 10.79 38.07
N SER F 167 9.09 10.12 38.59
CA SER F 167 7.71 10.39 38.17
C SER F 167 7.26 11.75 38.67
N GLY F 168 6.54 12.49 37.82
CA GLY F 168 6.08 13.81 38.17
C GLY F 168 7.13 14.89 38.12
N VAL F 169 8.29 14.62 37.51
CA VAL F 169 9.41 15.55 37.47
C VAL F 169 9.56 16.08 36.05
N CYS F 170 9.71 17.39 35.92
CA CYS F 170 10.05 18.00 34.65
C CYS F 170 11.12 19.06 34.89
N THR F 171 12.29 18.87 34.31
CA THR F 171 13.42 19.79 34.46
C THR F 171 13.72 20.43 33.12
N ASP F 172 14.02 21.73 33.15
CA ASP F 172 14.36 22.44 31.93
C ASP F 172 15.55 21.76 31.24
N PRO F 173 15.50 21.59 29.92
CA PRO F 173 16.62 20.92 29.24
C PRO F 173 17.92 21.71 29.29
N GLN F 174 17.85 23.02 29.07
CA GLN F 174 19.04 23.87 29.05
C GLN F 174 18.86 25.04 30.00
N ALA F 175 19.91 25.32 30.78
CA ALA F 175 19.88 26.46 31.68
C ALA F 175 19.89 27.76 30.88
N TYR F 176 19.22 28.77 31.41
CA TYR F 176 19.11 30.07 30.78
C TYR F 176 20.07 31.06 31.42
N LYS F 177 20.67 31.91 30.59
CA LYS F 177 21.68 32.86 31.02
C LYS F 177 21.00 34.13 31.51
N GLU F 178 21.24 34.49 32.77
CA GLU F 178 20.66 35.70 33.36
C GLU F 178 21.60 36.89 33.33
N SER F 179 22.89 36.67 33.60
CA SER F 179 23.90 37.71 33.48
C SER F 179 25.02 37.18 32.60
N ASN F 180 25.96 38.06 32.24
CA ASN F 180 27.09 37.64 31.43
C ASN F 180 27.96 36.60 32.12
N TYR F 181 27.79 36.40 33.43
CA TYR F 181 28.54 35.41 34.19
C TYR F 181 27.64 34.72 35.19
N SER F 182 26.40 34.41 34.80
CA SER F 182 25.45 33.79 35.71
C SER F 182 24.39 33.04 34.92
N TYR F 183 23.94 31.92 35.46
CA TYR F 183 22.92 31.08 34.85
C TYR F 183 21.81 30.80 35.85
N CYS F 184 20.65 30.41 35.32
CA CYS F 184 19.52 29.98 36.14
C CYS F 184 18.90 28.72 35.53
N LEU F 185 18.20 27.97 36.37
CA LEU F 185 17.60 26.70 35.95
C LEU F 185 16.44 26.38 36.89
N SER F 186 15.39 25.78 36.34
CA SER F 186 14.20 25.47 37.11
C SER F 186 13.73 24.05 36.81
N SER F 187 12.88 23.55 37.69
CA SER F 187 12.32 22.21 37.58
C SER F 187 11.05 22.14 38.42
N ARG F 188 10.25 21.11 38.18
CA ARG F 188 8.97 20.96 38.87
C ARG F 188 8.80 19.52 39.33
N LEU F 189 8.11 19.35 40.45
CA LEU F 189 7.74 18.05 40.98
C LEU F 189 6.25 18.07 41.33
N ARG F 190 5.54 17.04 40.89
CA ARG F 190 4.11 16.92 41.11
C ARG F 190 3.82 15.68 41.96
N VAL F 191 2.94 15.85 42.95
CA VAL F 191 2.52 14.78 43.84
C VAL F 191 1.06 15.01 44.19
N SER F 192 0.42 13.97 44.74
CA SER F 192 -0.99 14.06 45.09
C SER F 192 -1.18 14.95 46.31
N ALA F 193 -2.40 15.49 46.44
CA ALA F 193 -2.74 16.31 47.59
C ALA F 193 -2.69 15.50 48.88
N THR F 194 -3.04 14.20 48.81
CA THR F 194 -2.97 13.34 49.99
C THR F 194 -1.51 13.12 50.40
N PHE F 195 -0.64 12.88 49.44
CA PHE F 195 0.77 12.68 49.76
C PHE F 195 1.41 13.97 50.29
N TRP F 196 0.96 15.12 49.80
CA TRP F 196 1.50 16.39 50.29
C TRP F 196 0.96 16.75 51.67
N HIS F 197 -0.25 16.31 52.00
CA HIS F 197 -0.85 16.61 53.30
C HIS F 197 -0.32 15.72 54.41
N ASN F 198 0.56 14.78 54.12
CA ASN F 198 1.11 13.90 55.14
C ASN F 198 2.39 14.52 55.70
N PRO F 199 2.43 14.88 56.99
CA PRO F 199 3.62 15.53 57.54
C PRO F 199 4.85 14.63 57.59
N ARG F 200 4.69 13.32 57.42
CA ARG F 200 5.82 12.39 57.44
C ARG F 200 6.59 12.37 56.13
N ASN F 201 6.15 13.10 55.12
CA ASN F 201 6.76 13.09 53.80
C ASN F 201 7.76 14.24 53.66
N HIS F 202 8.94 13.93 53.14
CA HIS F 202 10.03 14.89 53.01
C HIS F 202 10.35 15.06 51.53
N PHE F 203 10.38 16.31 51.07
CA PHE F 203 10.68 16.64 49.68
C PHE F 203 11.95 17.46 49.63
N ARG F 204 12.91 17.03 48.81
CA ARG F 204 14.20 17.71 48.71
C ARG F 204 14.60 17.81 47.25
N CYS F 205 14.97 19.02 46.85
CA CYS F 205 15.52 19.27 45.52
C CYS F 205 17.03 19.41 45.64
N GLN F 206 17.77 18.55 44.95
CA GLN F 206 19.22 18.54 44.99
C GLN F 206 19.78 18.97 43.64
N VAL F 207 20.76 19.88 43.68
CA VAL F 207 21.45 20.34 42.48
C VAL F 207 22.93 20.06 42.65
N GLN F 208 23.47 19.23 41.75
CA GLN F 208 24.90 18.92 41.76
C GLN F 208 25.61 19.87 40.80
N PHE F 209 26.58 20.62 41.32
CA PHE F 209 27.31 21.62 40.55
C PHE F 209 28.75 21.15 40.36
N HIS F 210 29.19 21.13 39.11
CA HIS F 210 30.55 20.72 38.78
C HIS F 210 31.40 21.96 38.56
N GLY F 211 32.40 22.15 39.41
CA GLY F 211 33.21 23.34 39.41
C GLY F 211 34.69 23.02 39.33
N LEU F 212 35.49 23.86 39.98
CA LEU F 212 36.93 23.75 39.92
C LEU F 212 37.41 22.45 40.58
N SER F 213 38.66 22.09 40.27
CA SER F 213 39.30 20.92 40.83
C SER F 213 40.23 21.34 41.97
N GLU F 214 40.90 20.35 42.56
CA GLU F 214 41.81 20.64 43.66
C GLU F 214 43.12 21.25 43.20
N GLU F 215 43.52 21.04 41.95
CA GLU F 215 44.72 21.66 41.41
C GLU F 215 44.50 23.12 41.04
N ASP F 216 43.25 23.53 40.81
CA ASP F 216 42.96 24.90 40.44
C ASP F 216 43.19 25.83 41.63
N LYS F 217 44.04 26.84 41.42
CA LYS F 217 44.33 27.81 42.47
C LYS F 217 43.19 28.82 42.60
N TRP F 218 42.99 29.30 43.82
CA TRP F 218 41.89 30.20 44.13
C TRP F 218 42.40 31.33 45.03
N PRO F 219 42.04 32.58 44.74
CA PRO F 219 42.49 33.68 45.60
C PRO F 219 41.84 33.62 46.97
N GLU F 220 42.65 33.83 48.01
CA GLU F 220 42.17 33.70 49.38
C GLU F 220 41.22 34.84 49.73
N GLY F 221 40.05 34.49 50.27
CA GLY F 221 39.06 35.48 50.66
C GLY F 221 37.64 34.99 50.47
N SER F 222 37.46 34.00 49.60
CA SER F 222 36.15 33.44 49.30
C SER F 222 36.26 31.93 49.21
N PRO F 223 35.18 31.21 49.50
CA PRO F 223 35.21 29.75 49.34
C PRO F 223 35.37 29.36 47.87
N LYS F 224 36.22 28.36 47.63
CA LYS F 224 36.51 27.94 46.26
C LYS F 224 35.29 27.23 45.68
N PRO F 225 34.80 27.64 44.52
CA PRO F 225 33.64 26.96 43.91
C PRO F 225 33.98 25.58 43.38
N VAL F 226 34.27 24.65 44.28
CA VAL F 226 34.60 23.27 43.92
C VAL F 226 33.29 22.54 43.62
N THR F 227 33.39 21.32 43.11
CA THR F 227 32.21 20.50 42.89
C THR F 227 31.48 20.23 44.20
N GLN F 228 30.21 20.60 44.26
CA GLN F 228 29.44 20.52 45.49
C GLN F 228 27.97 20.30 45.17
N ASN F 229 27.21 19.91 46.18
CA ASN F 229 25.77 19.74 46.08
C ASN F 229 25.07 20.78 46.94
N ILE F 230 24.08 21.45 46.35
CA ILE F 230 23.25 22.43 47.05
C ILE F 230 21.80 21.96 46.94
N SER F 231 21.15 21.81 48.09
CA SER F 231 19.79 21.28 48.12
C SER F 231 18.88 22.17 48.95
N ALA F 232 17.57 22.04 48.69
CA ALA F 232 16.54 22.74 49.43
C ALA F 232 15.46 21.75 49.84
N GLU F 233 15.01 21.85 51.09
CA GLU F 233 14.09 20.89 51.68
C GLU F 233 12.78 21.55 52.07
N ALA F 234 11.77 20.72 52.31
CA ALA F 234 10.47 21.16 52.80
C ALA F 234 9.68 19.92 53.25
N TRP F 235 8.89 20.11 54.28
CA TRP F 235 8.00 19.07 54.79
C TRP F 235 6.56 19.42 54.46
N GLY F 236 5.72 18.39 54.35
CA GLY F 236 4.33 18.59 54.02
C GLY F 236 3.50 18.98 55.24
N ARG F 237 2.50 19.82 54.99
CA ARG F 237 1.57 20.26 56.01
C ARG F 237 0.20 19.64 55.76
N ALA F 238 -0.53 19.38 56.86
CA ALA F 238 -1.90 18.91 56.74
C ALA F 238 -2.86 20.00 56.27
N ASP F 239 -2.42 21.25 56.24
CA ASP F 239 -3.24 22.36 55.80
C ASP F 239 -2.57 23.10 54.64
N GLN G 1 9.11 -21.36 -1.45
CA GLN G 1 9.38 -19.96 -1.76
C GLN G 1 8.10 -19.19 -2.07
N GLN G 2 7.40 -19.61 -3.12
CA GLN G 2 6.18 -18.93 -3.52
C GLN G 2 5.09 -19.14 -2.48
N LYS G 3 4.27 -18.11 -2.26
CA LYS G 3 3.33 -18.10 -1.16
C LYS G 3 2.06 -18.86 -1.53
N VAL G 4 1.27 -19.18 -0.50
CA VAL G 4 0.00 -19.87 -0.64
C VAL G 4 -1.11 -18.89 -0.29
N GLN G 5 -2.19 -18.91 -1.07
CA GLN G 5 -3.27 -17.93 -0.96
C GLN G 5 -4.55 -18.60 -0.48
N GLN G 6 -5.06 -18.15 0.67
CA GLN G 6 -6.31 -18.62 1.22
C GLN G 6 -7.35 -17.51 1.18
N SER G 7 -8.62 -17.93 1.09
CA SER G 7 -9.76 -17.02 1.14
C SER G 7 -10.96 -17.83 1.61
N PRO G 8 -11.90 -17.20 2.34
CA PRO G 8 -11.85 -15.81 2.80
C PRO G 8 -10.96 -15.66 4.04
N GLU G 9 -10.60 -14.43 4.40
CA GLU G 9 -9.81 -14.23 5.60
C GLU G 9 -10.64 -14.49 6.86
N SER G 10 -11.90 -14.10 6.84
CA SER G 10 -12.81 -14.32 7.95
C SER G 10 -14.09 -14.95 7.43
N LEU G 11 -14.71 -15.78 8.27
CA LEU G 11 -15.93 -16.47 7.89
C LEU G 11 -16.77 -16.71 9.13
N ILE G 12 -18.00 -16.19 9.11
CA ILE G 12 -18.95 -16.37 10.21
C ILE G 12 -20.06 -17.30 9.70
N VAL G 13 -20.23 -18.43 10.38
CA VAL G 13 -21.19 -19.45 9.96
C VAL G 13 -22.12 -19.75 11.12
N PRO G 14 -23.42 -19.88 10.90
CA PRO G 14 -24.32 -20.30 11.98
C PRO G 14 -24.21 -21.80 12.24
N GLU G 15 -24.49 -22.17 13.48
CA GLU G 15 -24.44 -23.58 13.88
C GLU G 15 -25.36 -24.42 13.00
N GLY G 16 -24.82 -25.52 12.49
CA GLY G 16 -25.55 -26.37 11.58
C GLY G 16 -25.39 -26.03 10.11
N GLY G 17 -24.92 -24.83 9.79
CA GLY G 17 -24.71 -24.43 8.41
C GLY G 17 -23.42 -24.98 7.83
N MET G 18 -23.16 -24.62 6.58
CA MET G 18 -21.99 -25.10 5.86
C MET G 18 -20.96 -23.98 5.74
N ALA G 19 -19.69 -24.35 5.86
CA ALA G 19 -18.58 -23.44 5.70
C ALA G 19 -17.69 -23.92 4.56
N SER G 20 -17.25 -22.98 3.72
CA SER G 20 -16.37 -23.27 2.61
C SER G 20 -15.10 -22.45 2.75
N LEU G 21 -13.96 -23.11 2.65
CA LEU G 21 -12.66 -22.47 2.78
C LEU G 21 -11.85 -22.81 1.53
N ASN G 22 -11.30 -21.79 0.88
CA ASN G 22 -10.63 -21.95 -0.40
C ASN G 22 -9.13 -21.71 -0.26
N CYS G 23 -8.35 -22.38 -1.11
CA CYS G 23 -6.90 -22.26 -1.09
C CYS G 23 -6.36 -22.56 -2.48
N THR G 24 -5.52 -21.68 -3.01
CA THR G 24 -4.93 -21.85 -4.32
C THR G 24 -3.43 -21.58 -4.27
N SER G 25 -2.73 -22.04 -5.31
CA SER G 25 -1.31 -21.81 -5.48
C SER G 25 -1.03 -21.51 -6.95
N SER G 26 0.10 -20.85 -7.19
CA SER G 26 0.56 -20.58 -8.55
C SER G 26 1.85 -21.31 -8.86
N ASP G 27 2.18 -22.35 -8.10
CA ASP G 27 3.40 -23.12 -8.28
C ASP G 27 3.06 -24.41 -9.01
N ARG G 28 3.53 -24.53 -10.27
CA ARG G 28 3.26 -25.72 -11.06
C ARG G 28 3.86 -26.99 -10.44
N ASN G 29 4.81 -26.85 -9.53
CA ASN G 29 5.38 -28.00 -8.84
C ASN G 29 4.62 -28.39 -7.59
N VAL G 30 3.54 -27.68 -7.26
CA VAL G 30 2.67 -28.06 -6.15
C VAL G 30 1.61 -29.02 -6.68
N ASP G 31 1.48 -30.17 -6.03
CA ASP G 31 0.57 -31.22 -6.50
C ASP G 31 -0.29 -31.81 -5.39
N TYR G 32 -0.22 -31.26 -4.18
CA TYR G 32 -1.00 -31.76 -3.05
C TYR G 32 -0.98 -30.71 -1.95
N PHE G 33 -1.94 -30.84 -1.03
CA PHE G 33 -2.15 -29.82 0.00
C PHE G 33 -2.38 -30.45 1.36
N TRP G 34 -2.11 -29.65 2.39
CA TRP G 34 -2.42 -29.99 3.77
C TRP G 34 -3.34 -28.91 4.33
N TRP G 35 -4.33 -29.34 5.12
CA TRP G 35 -5.20 -28.43 5.84
C TRP G 35 -4.94 -28.59 7.34
N TYR G 36 -4.44 -27.55 7.97
CA TYR G 36 -4.13 -27.55 9.40
C TYR G 36 -5.14 -26.69 10.15
N ARG G 37 -5.32 -27.01 11.43
CA ARG G 37 -6.23 -26.28 12.30
C ARG G 37 -5.55 -26.04 13.63
N GLN G 38 -5.63 -24.80 14.13
CA GLN G 38 -5.18 -24.50 15.48
C GLN G 38 -6.25 -23.67 16.18
N HIS G 39 -6.57 -24.06 17.41
CA HIS G 39 -7.44 -23.25 18.24
C HIS G 39 -6.61 -22.17 18.94
N SER G 40 -7.29 -21.09 19.33
CA SER G 40 -6.61 -19.95 19.92
C SER G 40 -5.82 -20.40 21.16
N GLY G 41 -4.53 -20.05 21.19
CA GLY G 41 -3.65 -20.47 22.26
C GLY G 41 -3.10 -21.87 22.13
N LYS G 42 -3.57 -22.65 21.15
CA LYS G 42 -3.12 -24.02 20.97
C LYS G 42 -2.13 -24.10 19.81
N SER G 43 -1.67 -25.32 19.53
CA SER G 43 -0.70 -25.53 18.47
C SER G 43 -1.39 -26.03 17.20
N PRO G 44 -0.82 -25.74 16.04
CA PRO G 44 -1.41 -26.25 14.79
C PRO G 44 -1.39 -27.77 14.75
N LYS G 45 -2.51 -28.35 14.33
CA LYS G 45 -2.67 -29.79 14.23
C LYS G 45 -3.21 -30.13 12.85
N MET G 46 -2.71 -31.22 12.28
CA MET G 46 -3.10 -31.61 10.93
C MET G 46 -4.53 -32.12 10.93
N LEU G 47 -5.33 -31.64 9.98
CA LEU G 47 -6.74 -31.99 9.88
C LEU G 47 -7.03 -32.87 8.68
N MET G 48 -6.68 -32.41 7.47
CA MET G 48 -6.87 -33.16 6.25
C MET G 48 -5.69 -32.93 5.32
N SER G 49 -5.36 -33.96 4.55
CA SER G 49 -4.41 -33.84 3.45
C SER G 49 -5.02 -34.50 2.22
N ILE G 50 -4.59 -34.06 1.04
CA ILE G 50 -5.13 -34.62 -0.19
C ILE G 50 -4.02 -34.65 -1.24
N PHE G 51 -3.89 -35.79 -1.93
CA PHE G 51 -2.81 -35.99 -2.88
C PHE G 51 -3.28 -36.39 -4.27
N SER G 52 -4.56 -36.68 -4.48
CA SER G 52 -5.10 -37.02 -5.78
C SER G 52 -6.32 -36.14 -6.07
N ASN G 53 -6.60 -35.98 -7.36
CA ASN G 53 -7.75 -35.18 -7.78
C ASN G 53 -9.05 -35.77 -7.24
N GLY G 54 -9.92 -34.91 -6.74
CA GLY G 54 -11.24 -35.33 -6.35
C GLY G 54 -11.58 -34.89 -4.96
N GLU G 55 -12.51 -35.61 -4.35
CA GLU G 55 -13.00 -35.31 -3.00
C GLU G 55 -12.55 -36.41 -2.04
N LYS G 56 -12.42 -36.04 -0.78
CA LYS G 56 -12.09 -36.98 0.29
C LYS G 56 -12.91 -36.57 1.51
N GLU G 57 -13.77 -37.47 1.97
CA GLU G 57 -14.71 -37.18 3.05
C GLU G 57 -14.33 -37.97 4.29
N GLU G 58 -14.18 -37.26 5.41
CA GLU G 58 -13.87 -37.88 6.70
C GLU G 58 -14.74 -37.18 7.74
N GLY G 59 -15.81 -37.84 8.14
CA GLY G 59 -16.74 -37.22 9.07
C GLY G 59 -17.51 -36.11 8.37
N ARG G 60 -17.61 -34.96 9.04
CA ARG G 60 -18.30 -33.80 8.49
C ARG G 60 -17.41 -32.95 7.59
N PHE G 61 -16.16 -33.38 7.37
CA PHE G 61 -15.19 -32.60 6.62
C PHE G 61 -14.98 -33.23 5.24
N THR G 62 -14.97 -32.40 4.21
CA THR G 62 -14.67 -32.83 2.85
C THR G 62 -13.57 -31.94 2.28
N VAL G 63 -12.49 -32.56 1.84
CA VAL G 63 -11.40 -31.85 1.18
C VAL G 63 -11.47 -32.16 -0.31
N HIS G 64 -11.23 -31.13 -1.12
CA HIS G 64 -11.28 -31.25 -2.57
C HIS G 64 -9.97 -30.75 -3.16
N LEU G 65 -9.48 -31.44 -4.19
CA LEU G 65 -8.23 -31.08 -4.85
C LEU G 65 -8.45 -31.00 -6.34
N ASN G 66 -8.03 -29.89 -6.94
CA ASN G 66 -8.09 -29.69 -8.39
C ASN G 66 -6.69 -29.27 -8.83
N LYS G 67 -5.93 -30.23 -9.37
CA LYS G 67 -4.56 -29.94 -9.78
C LYS G 67 -4.51 -28.98 -10.96
N ALA G 68 -5.41 -29.15 -11.93
CA ALA G 68 -5.38 -28.33 -13.14
C ALA G 68 -5.50 -26.84 -12.82
N SER G 69 -6.24 -26.49 -11.79
CA SER G 69 -6.37 -25.10 -11.36
C SER G 69 -5.54 -24.79 -10.12
N LEU G 70 -4.76 -25.76 -9.62
CA LEU G 70 -3.94 -25.58 -8.42
C LEU G 70 -4.77 -25.03 -7.27
N HIS G 71 -5.71 -25.86 -6.83
CA HIS G 71 -6.80 -25.38 -5.99
C HIS G 71 -7.26 -26.49 -5.06
N THR G 72 -7.38 -26.16 -3.77
CA THR G 72 -7.96 -27.06 -2.80
C THR G 72 -8.99 -26.30 -1.98
N SER G 73 -10.02 -27.02 -1.53
CA SER G 73 -11.07 -26.42 -0.73
C SER G 73 -11.50 -27.40 0.36
N LEU G 74 -11.87 -26.84 1.50
CA LEU G 74 -12.31 -27.60 2.66
C LEU G 74 -13.78 -27.27 2.93
N HIS G 75 -14.62 -28.29 2.96
CA HIS G 75 -16.04 -28.15 3.24
C HIS G 75 -16.35 -28.72 4.61
N ILE G 76 -17.11 -27.96 5.41
CA ILE G 76 -17.56 -28.40 6.72
C ILE G 76 -19.08 -28.34 6.72
N ARG G 77 -19.72 -29.50 6.81
CA ARG G 77 -21.17 -29.58 6.93
C ARG G 77 -21.56 -29.73 8.40
N ASP G 78 -22.75 -29.25 8.72
CA ASP G 78 -23.28 -29.27 10.09
C ASP G 78 -22.25 -28.68 11.06
N SER G 79 -21.95 -27.40 10.85
CA SER G 79 -20.88 -26.76 11.59
C SER G 79 -21.21 -26.69 13.08
N GLN G 80 -20.27 -27.17 13.90
CA GLN G 80 -20.37 -27.12 15.35
C GLN G 80 -19.57 -25.94 15.89
N PRO G 81 -19.95 -25.42 17.06
CA PRO G 81 -19.14 -24.36 17.68
C PRO G 81 -17.69 -24.77 17.91
N SER G 82 -17.44 -26.08 18.07
CA SER G 82 -16.07 -26.56 18.26
C SER G 82 -15.20 -26.37 17.03
N ASP G 83 -15.80 -26.18 15.86
CA ASP G 83 -15.01 -25.95 14.64
C ASP G 83 -14.39 -24.57 14.61
N SER G 84 -14.78 -23.67 15.52
CA SER G 84 -14.23 -22.32 15.53
C SER G 84 -12.73 -22.35 15.80
N ALA G 85 -11.96 -21.90 14.82
CA ALA G 85 -10.49 -21.92 14.90
C ALA G 85 -9.88 -21.25 13.69
N LEU G 86 -8.55 -21.25 13.62
CA LEU G 86 -7.82 -20.76 12.46
C LEU G 86 -7.47 -21.96 11.58
N TYR G 87 -7.87 -21.89 10.31
CA TYR G 87 -7.64 -22.97 9.35
C TYR G 87 -6.55 -22.55 8.39
N LEU G 88 -5.46 -23.31 8.37
CA LEU G 88 -4.26 -22.98 7.62
C LEU G 88 -4.05 -23.99 6.51
N CYS G 89 -3.87 -23.49 5.29
CA CYS G 89 -3.57 -24.31 4.12
C CYS G 89 -2.07 -24.34 3.89
N ALA G 90 -1.55 -25.52 3.56
CA ALA G 90 -0.12 -25.69 3.33
C ALA G 90 0.13 -26.50 2.06
N ALA G 91 1.25 -26.21 1.41
CA ALA G 91 1.69 -26.94 0.24
C ALA G 91 3.20 -27.11 0.30
N ARG G 92 3.71 -28.03 -0.52
CA ARG G 92 5.16 -28.29 -0.58
C ARG G 92 5.47 -28.74 -2.01
N SER G 93 6.06 -27.84 -2.80
CA SER G 93 6.42 -28.18 -4.16
C SER G 93 7.47 -29.28 -4.18
N SER G 94 7.37 -30.17 -5.17
CA SER G 94 8.28 -31.29 -5.29
C SER G 94 9.73 -30.82 -5.24
N GLY G 95 10.54 -31.50 -4.43
CA GLY G 95 11.92 -31.15 -4.22
C GLY G 95 12.16 -30.24 -3.03
N SER G 96 11.19 -29.40 -2.67
CA SER G 96 11.32 -28.54 -1.51
C SER G 96 11.18 -29.36 -0.23
N TRP G 97 11.68 -28.79 0.87
CA TRP G 97 11.92 -29.56 2.08
C TRP G 97 11.04 -29.12 3.26
N GLN G 98 9.93 -28.45 3.00
CA GLN G 98 9.10 -27.96 4.10
C GLN G 98 7.72 -27.57 3.58
N LEU G 99 6.77 -27.56 4.49
CA LEU G 99 5.44 -27.02 4.23
C LEU G 99 5.49 -25.49 4.27
N ILE G 100 4.75 -24.86 3.35
CA ILE G 100 4.57 -23.42 3.34
C ILE G 100 3.10 -23.13 3.56
N PHE G 101 2.80 -22.40 4.64
CA PHE G 101 1.43 -22.15 5.06
C PHE G 101 0.93 -20.81 4.54
N GLY G 102 -0.34 -20.75 4.17
CA GLY G 102 -0.97 -19.52 3.76
C GLY G 102 -1.33 -18.63 4.92
N SER G 103 -2.10 -17.58 4.61
CA SER G 103 -2.47 -16.58 5.60
C SER G 103 -3.62 -17.02 6.50
N GLY G 104 -4.29 -18.12 6.17
CA GLY G 104 -5.28 -18.70 7.05
C GLY G 104 -6.67 -18.10 6.89
N THR G 105 -7.66 -18.83 7.39
CA THR G 105 -9.05 -18.38 7.48
C THR G 105 -9.52 -18.58 8.91
N GLN G 106 -9.87 -17.49 9.58
CA GLN G 106 -10.40 -17.55 10.94
C GLN G 106 -11.90 -17.84 10.86
N LEU G 107 -12.30 -19.03 11.32
CA LEU G 107 -13.69 -19.47 11.24
C LEU G 107 -14.36 -19.31 12.59
N THR G 108 -15.53 -18.69 12.61
CA THR G 108 -16.36 -18.57 13.80
C THR G 108 -17.72 -19.20 13.51
N VAL G 109 -18.14 -20.10 14.39
CA VAL G 109 -19.43 -20.78 14.26
C VAL G 109 -20.32 -20.28 15.39
N MET G 110 -21.37 -19.54 15.03
CA MET G 110 -22.24 -18.91 16.03
C MET G 110 -23.19 -19.94 16.63
N PRO G 111 -23.25 -20.05 17.95
CA PRO G 111 -24.20 -20.99 18.57
C PRO G 111 -25.64 -20.60 18.30
N ASP G 112 -26.51 -21.61 18.33
CA ASP G 112 -27.94 -21.42 18.10
C ASP G 112 -28.60 -21.12 19.45
N ILE G 113 -28.99 -19.86 19.65
CA ILE G 113 -29.66 -19.42 20.86
C ILE G 113 -31.15 -19.38 20.55
N GLN G 114 -31.90 -20.37 21.03
CA GLN G 114 -33.29 -20.52 20.63
C GLN G 114 -34.25 -19.66 21.44
N ASN G 115 -33.84 -19.22 22.64
CA ASN G 115 -34.69 -18.39 23.50
C ASN G 115 -33.87 -17.22 24.04
N PRO G 116 -33.70 -16.16 23.24
CA PRO G 116 -32.92 -15.02 23.71
C PRO G 116 -33.69 -14.16 24.69
N GLU G 117 -32.98 -13.69 25.72
CA GLU G 117 -33.54 -12.79 26.74
C GLU G 117 -32.55 -11.67 26.98
N PRO G 118 -32.46 -10.71 26.06
CA PRO G 118 -31.44 -9.65 26.18
C PRO G 118 -31.61 -8.84 27.46
N ALA G 119 -30.52 -8.66 28.19
CA ALA G 119 -30.53 -7.92 29.45
C ALA G 119 -29.15 -7.36 29.71
N VAL G 120 -29.11 -6.22 30.41
CA VAL G 120 -27.88 -5.54 30.75
C VAL G 120 -27.86 -5.33 32.26
N TYR G 121 -26.84 -5.85 32.92
CA TYR G 121 -26.68 -5.72 34.37
C TYR G 121 -25.42 -4.93 34.69
N GLN G 122 -25.35 -4.45 35.91
CA GLN G 122 -24.18 -3.73 36.41
C GLN G 122 -23.66 -4.46 37.65
N LEU G 123 -22.43 -4.95 37.57
CA LEU G 123 -21.79 -5.66 38.66
C LEU G 123 -20.81 -4.75 39.38
N LYS G 124 -20.52 -5.08 40.64
CA LYS G 124 -19.61 -4.30 41.45
C LYS G 124 -18.59 -5.21 42.12
N ASP G 125 -17.38 -4.67 42.32
CA ASP G 125 -16.29 -5.36 43.00
C ASP G 125 -16.22 -4.91 44.44
N PRO G 126 -16.26 -5.84 45.41
CA PRO G 126 -16.29 -5.42 46.82
C PRO G 126 -14.98 -4.86 47.33
N ARG G 127 -13.84 -5.38 46.87
CA ARG G 127 -12.54 -4.94 47.37
C ARG G 127 -12.08 -3.63 46.75
N SER G 128 -12.87 -3.01 45.88
CA SER G 128 -12.48 -1.74 45.27
C SER G 128 -13.74 -0.90 45.08
N GLN G 129 -13.90 0.11 45.92
CA GLN G 129 -15.05 1.01 45.81
C GLN G 129 -14.96 1.81 44.51
N ASP G 130 -16.13 2.20 44.00
CA ASP G 130 -16.24 2.98 42.76
C ASP G 130 -15.66 2.21 41.57
N SER G 131 -15.90 0.91 41.54
CA SER G 131 -15.45 0.04 40.46
C SER G 131 -16.64 -0.82 40.05
N THR G 132 -17.26 -0.49 38.92
CA THR G 132 -18.42 -1.22 38.42
C THR G 132 -18.30 -1.41 36.91
N LEU G 133 -18.65 -2.61 36.45
CA LEU G 133 -18.69 -2.92 35.03
C LEU G 133 -20.11 -3.29 34.63
N CYS G 134 -20.32 -3.42 33.32
CA CYS G 134 -21.62 -3.75 32.76
C CYS G 134 -21.52 -5.10 32.05
N LEU G 135 -22.62 -5.85 32.09
CA LEU G 135 -22.69 -7.18 31.49
C LEU G 135 -23.87 -7.25 30.54
N PHE G 136 -23.58 -7.43 29.25
CA PHE G 136 -24.59 -7.69 28.23
C PHE G 136 -24.64 -9.20 28.04
N THR G 137 -25.74 -9.83 28.45
CA THR G 137 -25.85 -11.28 28.45
C THR G 137 -27.16 -11.73 27.85
N ASP G 138 -27.16 -12.96 27.34
CA ASP G 138 -28.36 -13.64 26.84
C ASP G 138 -28.95 -12.94 25.61
N PHE G 139 -28.08 -12.48 24.71
CA PHE G 139 -28.52 -11.87 23.46
C PHE G 139 -28.33 -12.84 22.30
N ASP G 140 -29.00 -12.54 21.19
CA ASP G 140 -28.93 -13.37 20.00
C ASP G 140 -27.55 -13.24 19.34
N SER G 141 -27.12 -14.34 18.70
CA SER G 141 -25.82 -14.36 18.04
C SER G 141 -25.76 -13.46 16.82
N GLN G 142 -26.90 -12.95 16.35
CA GLN G 142 -26.94 -12.09 15.17
C GLN G 142 -26.89 -10.61 15.52
N ILE G 143 -26.88 -10.27 16.81
CA ILE G 143 -26.85 -8.88 17.24
C ILE G 143 -25.42 -8.36 17.16
N ASN G 144 -25.28 -7.13 16.66
CA ASN G 144 -23.99 -6.48 16.51
C ASN G 144 -23.64 -5.75 17.81
N VAL G 145 -22.78 -6.36 18.61
CA VAL G 145 -22.35 -5.73 19.87
C VAL G 145 -21.38 -4.58 19.54
N PRO G 146 -21.61 -3.38 20.04
CA PRO G 146 -20.76 -2.25 19.68
C PRO G 146 -19.34 -2.40 20.22
N LYS G 147 -18.43 -1.64 19.62
CA LYS G 147 -17.03 -1.61 20.03
C LYS G 147 -16.69 -0.25 20.60
N THR G 148 -15.63 -0.22 21.41
CA THR G 148 -15.24 1.00 22.10
C THR G 148 -14.78 2.07 21.12
N MET G 149 -14.94 3.33 21.52
CA MET G 149 -14.48 4.47 20.74
C MET G 149 -13.92 5.57 21.62
N GLU G 150 -13.82 5.35 22.93
CA GLU G 150 -13.37 6.37 23.88
C GLU G 150 -12.08 5.91 24.55
N SER G 151 -11.22 6.87 24.88
CA SER G 151 -9.96 6.59 25.56
C SER G 151 -10.24 6.35 27.03
N GLY G 152 -10.35 5.08 27.41
CA GLY G 152 -10.58 4.74 28.81
C GLY G 152 -11.67 3.70 29.02
N THR G 153 -12.47 3.44 28.00
CA THR G 153 -13.53 2.44 28.06
C THR G 153 -13.19 1.27 27.15
N PHE G 154 -13.74 0.10 27.49
CA PHE G 154 -13.46 -1.12 26.75
C PHE G 154 -14.73 -1.96 26.67
N ILE G 155 -14.94 -2.57 25.51
CA ILE G 155 -16.06 -3.50 25.30
C ILE G 155 -15.48 -4.74 24.65
N THR G 156 -15.54 -5.86 25.37
CA THR G 156 -14.97 -7.10 24.85
C THR G 156 -15.86 -7.69 23.76
N ASP G 157 -15.27 -8.55 22.94
CA ASP G 157 -16.01 -9.21 21.88
C ASP G 157 -16.96 -10.26 22.47
N LYS G 158 -17.82 -10.79 21.61
CA LYS G 158 -18.80 -11.77 22.05
C LYS G 158 -18.12 -13.04 22.52
N CYS G 159 -18.48 -13.48 23.72
CA CYS G 159 -17.90 -14.68 24.34
C CYS G 159 -19.05 -15.59 24.75
N VAL G 160 -18.98 -16.86 24.32
CA VAL G 160 -20.06 -17.82 24.53
C VAL G 160 -19.67 -18.76 25.66
N LEU G 161 -20.48 -18.80 26.71
CA LEU G 161 -20.29 -19.73 27.81
C LEU G 161 -21.27 -20.89 27.69
N ASP G 162 -20.84 -22.05 28.21
CA ASP G 162 -21.63 -23.28 28.18
C ASP G 162 -21.78 -23.75 29.62
N MET G 163 -22.94 -23.53 30.22
CA MET G 163 -23.19 -23.93 31.60
C MET G 163 -23.38 -25.43 31.77
N LYS G 164 -23.45 -26.19 30.67
CA LYS G 164 -23.56 -27.65 30.73
C LYS G 164 -24.86 -28.08 31.40
N ALA G 165 -25.96 -27.42 31.02
CA ALA G 165 -27.30 -27.73 31.52
C ALA G 165 -28.35 -26.85 30.85
N MET G 166 -29.51 -27.45 30.53
CA MET G 166 -30.70 -26.73 30.04
C MET G 166 -30.32 -25.93 28.79
N ASP G 167 -30.46 -24.60 28.79
CA ASP G 167 -30.09 -23.79 27.63
C ASP G 167 -28.67 -24.09 27.18
N SER G 168 -27.75 -24.18 28.15
CA SER G 168 -26.38 -24.68 27.97
C SER G 168 -25.52 -23.79 27.09
N LYS G 169 -26.01 -22.61 26.68
CA LYS G 169 -25.19 -21.70 25.89
C LYS G 169 -25.72 -20.28 26.06
N SER G 170 -24.81 -19.34 26.30
CA SER G 170 -25.18 -17.96 26.57
C SER G 170 -24.09 -17.03 26.04
N ASN G 171 -24.47 -16.17 25.09
CA ASN G 171 -23.55 -15.15 24.61
C ASN G 171 -23.37 -14.06 25.66
N GLY G 172 -22.23 -13.41 25.64
CA GLY G 172 -21.92 -12.39 26.64
C GLY G 172 -20.96 -11.36 26.12
N ALA G 173 -21.05 -10.16 26.69
CA ALA G 173 -20.14 -9.06 26.39
C ALA G 173 -19.96 -8.25 27.67
N ILE G 174 -18.75 -7.74 27.87
CA ILE G 174 -18.38 -7.02 29.08
C ILE G 174 -17.88 -5.63 28.71
N ALA G 175 -18.31 -4.63 29.47
CA ALA G 175 -17.90 -3.24 29.27
C ALA G 175 -17.55 -2.62 30.61
N TRP G 176 -16.45 -1.86 30.65
CA TRP G 176 -16.03 -1.18 31.86
C TRP G 176 -15.24 0.06 31.49
N SER G 177 -15.00 0.90 32.49
CA SER G 177 -14.22 2.12 32.31
C SER G 177 -13.07 2.19 33.31
N LYS H 1 4.37 -35.63 20.85
CA LYS H 1 4.88 -35.22 22.16
C LYS H 1 6.22 -34.51 22.01
N ILE H 2 6.24 -33.46 21.21
CA ILE H 2 7.43 -32.61 21.08
C ILE H 2 7.46 -31.63 22.25
N ILE H 3 8.66 -31.36 22.76
CA ILE H 3 8.85 -30.55 23.95
C ILE H 3 9.51 -29.24 23.55
N GLN H 4 8.90 -28.13 23.98
CA GLN H 4 9.48 -26.80 23.81
C GLN H 4 9.58 -26.13 25.17
N LYS H 5 10.68 -25.41 25.39
CA LYS H 5 10.92 -24.68 26.63
C LYS H 5 11.64 -23.38 26.31
N PRO H 6 11.33 -22.29 27.03
CA PRO H 6 10.21 -22.19 27.97
C PRO H 6 8.92 -21.87 27.23
N LYS H 7 7.78 -21.91 27.91
CA LYS H 7 6.52 -21.58 27.23
C LYS H 7 6.38 -20.08 27.00
N TYR H 8 6.88 -19.26 27.92
CA TYR H 8 6.90 -17.81 27.77
C TYR H 8 8.31 -17.30 28.05
N LEU H 9 8.65 -16.17 27.43
CA LEU H 9 10.01 -15.64 27.57
C LEU H 9 9.99 -14.14 27.32
N VAL H 10 10.55 -13.39 28.27
CA VAL H 10 10.74 -11.94 28.14
C VAL H 10 12.23 -11.65 28.07
N ALA H 11 12.64 -10.91 27.05
CA ALA H 11 14.04 -10.57 26.87
C ALA H 11 14.19 -9.08 26.57
N VAL H 12 15.37 -8.56 26.87
CA VAL H 12 15.68 -7.16 26.61
C VAL H 12 16.29 -7.04 25.22
N THR H 13 16.29 -5.82 24.69
CA THR H 13 16.79 -5.57 23.34
C THR H 13 18.30 -5.76 23.29
N GLY H 14 18.75 -6.59 22.34
CA GLY H 14 20.17 -6.83 22.17
C GLY H 14 20.74 -7.98 22.96
N SER H 15 19.90 -8.75 23.64
CA SER H 15 20.36 -9.91 24.42
C SER H 15 20.20 -11.19 23.60
N GLU H 16 20.67 -12.29 24.16
CA GLU H 16 20.68 -13.58 23.50
C GLU H 16 19.84 -14.56 24.31
N LYS H 17 18.97 -15.30 23.62
CA LYS H 17 18.18 -16.35 24.23
C LYS H 17 18.25 -17.60 23.37
N ILE H 18 17.98 -18.74 23.99
CA ILE H 18 17.97 -20.03 23.31
C ILE H 18 16.62 -20.68 23.53
N LEU H 19 15.92 -20.99 22.44
CA LEU H 19 14.62 -21.64 22.51
C LEU H 19 14.83 -23.15 22.38
N ILE H 20 14.49 -23.88 23.44
CA ILE H 20 14.75 -25.32 23.49
C ILE H 20 13.67 -26.07 22.74
N CYS H 21 14.08 -27.05 21.93
CA CYS H 21 13.16 -27.96 21.30
C CYS H 21 13.77 -29.35 21.25
N GLU H 22 13.01 -30.36 21.68
CA GLU H 22 13.48 -31.73 21.66
C GLU H 22 12.31 -32.67 21.40
N GLN H 23 12.62 -33.82 20.80
CA GLN H 23 11.63 -34.84 20.53
C GLN H 23 12.30 -36.20 20.60
N TYR H 24 11.59 -37.16 21.19
CA TYR H 24 12.08 -38.52 21.36
C TYR H 24 11.18 -39.50 20.62
N LEU H 25 10.69 -39.07 19.47
CA LEU H 25 9.83 -39.88 18.60
C LEU H 25 10.61 -40.64 17.55
N GLY H 26 11.92 -40.43 17.45
CA GLY H 26 12.70 -41.01 16.37
C GLY H 26 12.53 -40.30 15.05
N HIS H 27 12.02 -39.07 15.07
CA HIS H 27 11.74 -38.35 13.83
C HIS H 27 13.03 -37.86 13.17
N ASN H 28 13.08 -37.96 11.85
CA ASN H 28 14.29 -37.64 11.10
C ASN H 28 14.30 -36.21 10.56
N ALA H 29 13.23 -35.45 10.76
CA ALA H 29 13.18 -34.07 10.30
C ALA H 29 12.59 -33.20 11.40
N MET H 30 13.17 -32.00 11.58
CA MET H 30 12.67 -31.02 12.51
C MET H 30 12.68 -29.65 11.84
N TYR H 31 11.77 -28.78 12.27
CA TYR H 31 11.54 -27.51 11.60
C TYR H 31 11.30 -26.42 12.64
N TRP H 32 11.37 -25.17 12.16
CA TRP H 32 11.03 -23.99 12.96
C TRP H 32 10.12 -23.09 12.14
N TYR H 33 8.97 -22.74 12.72
CA TYR H 33 8.05 -21.77 12.15
C TYR H 33 7.81 -20.65 13.15
N ARG H 34 7.36 -19.50 12.64
CA ARG H 34 7.15 -18.30 13.43
C ARG H 34 5.72 -17.83 13.25
N GLN H 35 5.05 -17.53 14.35
CA GLN H 35 3.66 -17.07 14.33
C GLN H 35 3.59 -15.64 14.85
N SER H 36 3.03 -14.75 14.03
CA SER H 36 2.84 -13.36 14.40
C SER H 36 1.46 -12.91 13.92
N ALA H 37 1.16 -11.63 14.14
CA ALA H 37 -0.13 -11.10 13.71
C ALA H 37 -0.28 -11.17 12.19
N LYS H 38 0.77 -10.81 11.45
CA LYS H 38 0.70 -10.77 10.00
C LYS H 38 0.76 -12.17 9.40
N LYS H 39 1.75 -12.97 9.79
CA LYS H 39 1.94 -14.30 9.24
C LYS H 39 1.69 -15.36 10.31
N PRO H 40 0.63 -16.15 10.20
CA PRO H 40 0.35 -17.14 11.25
C PRO H 40 1.35 -18.29 11.32
N LEU H 41 2.04 -18.62 10.23
CA LEU H 41 3.02 -19.72 10.26
C LEU H 41 4.07 -19.45 9.17
N GLU H 42 5.05 -18.61 9.51
CA GLU H 42 6.14 -18.27 8.62
C GLU H 42 7.26 -19.30 8.75
N PHE H 43 7.69 -19.86 7.62
CA PHE H 43 8.75 -20.86 7.65
C PHE H 43 10.10 -20.22 7.97
N MET H 44 10.89 -20.93 8.77
CA MET H 44 12.23 -20.47 9.16
C MET H 44 13.31 -21.48 8.80
N PHE H 45 13.27 -22.69 9.35
CA PHE H 45 14.35 -23.65 9.21
C PHE H 45 13.81 -25.04 8.95
N SER H 46 14.55 -25.81 8.15
CA SER H 46 14.20 -27.19 7.81
C SER H 46 15.43 -28.06 7.94
N TYR H 47 15.37 -29.08 8.79
CA TYR H 47 16.49 -29.99 9.02
C TYR H 47 16.05 -31.42 8.76
N SER H 48 16.95 -32.19 8.14
CA SER H 48 16.77 -33.62 7.90
C SER H 48 18.06 -34.33 8.28
N TYR H 49 17.95 -35.32 9.16
CA TYR H 49 19.11 -36.04 9.68
C TYR H 49 20.14 -35.08 10.27
N GLN H 50 19.66 -34.07 10.99
CA GLN H 50 20.46 -33.07 11.67
C GLN H 50 21.25 -32.18 10.71
N MET H 51 20.94 -32.22 9.41
CA MET H 51 21.59 -31.39 8.42
C MET H 51 20.62 -30.33 7.93
N LEU H 52 21.12 -29.10 7.81
CA LEU H 52 20.31 -27.99 7.34
C LEU H 52 19.91 -28.21 5.88
N MET H 53 18.60 -28.13 5.61
CA MET H 53 18.09 -28.31 4.26
C MET H 53 17.58 -27.01 3.63
N ASP H 54 16.97 -26.13 4.41
CA ASP H 54 16.49 -24.86 3.88
C ASP H 54 16.35 -23.87 5.03
N ASN H 55 16.56 -22.60 4.70
CA ASN H 55 16.55 -21.52 5.70
C ASN H 55 15.99 -20.28 5.02
N GLN H 56 14.82 -19.82 5.47
CA GLN H 56 14.18 -18.64 4.92
C GLN H 56 14.06 -17.51 5.94
N THR H 57 15.04 -17.40 6.85
CA THR H 57 15.04 -16.32 7.83
C THR H 57 15.75 -15.07 7.33
N ALA H 58 16.77 -15.23 6.47
CA ALA H 58 17.52 -14.11 5.91
C ALA H 58 18.12 -13.24 7.02
N SER H 59 18.63 -13.88 8.08
CA SER H 59 19.23 -13.17 9.20
C SER H 59 20.26 -14.05 9.87
N SER H 60 21.45 -13.49 10.10
CA SER H 60 22.50 -14.22 10.81
C SER H 60 22.16 -14.44 12.28
N ARG H 61 21.22 -13.67 12.84
CA ARG H 61 20.95 -13.70 14.26
C ARG H 61 20.22 -14.96 14.70
N PHE H 62 19.69 -15.75 13.77
CA PHE H 62 18.95 -16.98 14.07
C PHE H 62 19.85 -18.16 13.74
N GLN H 63 20.30 -18.88 14.76
CA GLN H 63 21.22 -20.01 14.58
C GLN H 63 20.66 -21.25 15.28
N PRO H 64 20.14 -22.23 14.54
CA PRO H 64 19.71 -23.48 15.18
C PRO H 64 20.91 -24.30 15.63
N GLN H 65 20.67 -25.13 16.65
CA GLN H 65 21.67 -26.05 17.19
C GLN H 65 21.20 -27.46 16.89
N SER H 66 21.90 -28.15 15.97
CA SER H 66 21.53 -29.50 15.57
C SER H 66 22.60 -30.52 15.93
N SER H 67 23.61 -30.14 16.72
CA SER H 67 24.67 -31.08 17.06
C SER H 67 24.20 -32.13 18.05
N LYS H 68 23.47 -31.71 19.09
CA LYS H 68 23.03 -32.63 20.12
C LYS H 68 21.94 -33.56 19.58
N LYS H 69 21.80 -34.71 20.24
CA LYS H 69 20.83 -35.70 19.82
C LYS H 69 19.42 -35.26 20.20
N ASN H 70 18.49 -35.43 19.26
CA ASN H 70 17.05 -35.19 19.44
C ASN H 70 16.70 -33.73 19.65
N HIS H 71 17.66 -32.81 19.51
CA HIS H 71 17.43 -31.39 19.76
C HIS H 71 17.56 -30.58 18.47
N LEU H 72 16.73 -29.54 18.37
CA LEU H 72 16.91 -28.49 17.38
C LEU H 72 16.62 -27.16 18.09
N ASP H 73 17.48 -26.81 19.04
CA ASP H 73 17.34 -25.57 19.76
C ASP H 73 17.60 -24.39 18.83
N LEU H 74 16.98 -23.25 19.13
CA LEU H 74 17.06 -22.06 18.31
C LEU H 74 17.67 -20.93 19.15
N GLN H 75 18.91 -20.58 18.84
CA GLN H 75 19.58 -19.44 19.47
C GLN H 75 19.33 -18.19 18.64
N ILE H 76 18.87 -17.13 19.31
CA ILE H 76 18.64 -15.84 18.67
C ILE H 76 19.49 -14.81 19.40
N THR H 77 20.32 -14.10 18.65
CA THR H 77 21.22 -13.10 19.20
C THR H 77 20.80 -11.71 18.77
N ALA H 78 21.29 -10.71 19.51
CA ALA H 78 20.97 -9.30 19.28
C ALA H 78 19.47 -9.12 19.04
N LEU H 79 18.68 -9.53 20.03
CA LEU H 79 17.23 -9.53 19.90
C LEU H 79 16.70 -8.12 19.68
N LYS H 80 15.65 -8.03 18.87
CA LYS H 80 14.97 -6.79 18.56
C LYS H 80 13.48 -6.93 18.86
N PRO H 81 12.79 -5.83 19.14
CA PRO H 81 11.34 -5.91 19.40
C PRO H 81 10.56 -6.64 18.33
N ASP H 82 10.93 -6.48 17.06
CA ASP H 82 10.20 -7.14 15.98
C ASP H 82 10.38 -8.64 15.97
N ASP H 83 11.32 -9.19 16.75
CA ASP H 83 11.41 -10.63 16.92
C ASP H 83 10.30 -11.18 17.81
N SER H 84 9.54 -10.33 18.47
CA SER H 84 8.45 -10.78 19.32
C SER H 84 7.43 -11.57 18.52
N ALA H 85 7.20 -12.82 18.92
CA ALA H 85 6.36 -13.75 18.18
C ALA H 85 6.28 -15.05 18.99
N THR H 86 5.46 -15.97 18.49
CA THR H 86 5.39 -17.33 19.01
C THR H 86 6.16 -18.23 18.05
N TYR H 87 7.22 -18.86 18.56
CA TYR H 87 8.06 -19.74 17.75
C TYR H 87 7.64 -21.19 17.97
N PHE H 88 7.28 -21.87 16.89
CA PHE H 88 6.81 -23.24 16.95
C PHE H 88 7.89 -24.17 16.41
N CYS H 89 8.16 -25.23 17.15
CA CYS H 89 9.05 -26.30 16.71
C CYS H 89 8.22 -27.46 16.19
N ALA H 90 8.56 -27.95 15.01
CA ALA H 90 7.84 -29.05 14.39
C ALA H 90 8.80 -30.18 14.06
N SER H 91 8.24 -31.38 13.91
CA SER H 91 9.04 -32.53 13.50
C SER H 91 8.16 -33.47 12.69
N SER H 92 8.81 -34.37 11.95
CA SER H 92 8.11 -35.38 11.17
C SER H 92 8.98 -36.62 11.09
N GLN H 93 8.33 -37.78 10.97
CA GLN H 93 9.05 -39.05 10.92
C GLN H 93 10.05 -39.07 9.77
N ASP H 94 9.58 -38.76 8.57
CA ASP H 94 10.42 -38.86 7.37
C ASP H 94 11.07 -37.51 7.05
N ARG H 95 12.05 -37.56 6.15
CA ARG H 95 12.79 -36.37 5.78
C ARG H 95 11.87 -35.34 5.13
N GLY H 96 12.32 -34.07 5.15
CA GLY H 96 11.44 -32.94 4.91
C GLY H 96 10.84 -32.84 3.52
N ASP H 97 11.40 -33.55 2.54
CA ASP H 97 10.86 -33.50 1.18
C ASP H 97 9.86 -34.62 0.90
N SER H 98 9.61 -35.50 1.87
CA SER H 98 8.72 -36.63 1.68
C SER H 98 7.74 -36.82 2.82
N ALA H 99 7.79 -35.98 3.86
CA ALA H 99 6.91 -36.16 5.01
C ALA H 99 5.46 -35.95 4.63
N HIS H 100 4.58 -36.76 5.22
CA HIS H 100 3.15 -36.64 4.97
C HIS H 100 2.40 -35.94 6.10
N THR H 101 3.02 -35.78 7.26
CA THR H 101 2.36 -35.11 8.38
C THR H 101 3.41 -34.50 9.29
N LEU H 102 3.19 -33.24 9.68
CA LEU H 102 4.07 -32.50 10.57
C LEU H 102 3.39 -32.33 11.92
N TYR H 103 4.14 -32.62 13.00
CA TYR H 103 3.66 -32.42 14.36
C TYR H 103 4.32 -31.16 14.92
N PHE H 104 3.52 -30.31 15.57
CA PHE H 104 4.01 -29.06 16.12
C PHE H 104 4.07 -29.13 17.64
N GLY H 105 5.06 -28.44 18.21
CA GLY H 105 5.14 -28.27 19.63
C GLY H 105 4.20 -27.17 20.11
N SER H 106 4.15 -27.01 21.43
CA SER H 106 3.26 -26.02 22.03
C SER H 106 3.79 -24.60 21.89
N GLY H 107 5.04 -24.42 21.49
CA GLY H 107 5.53 -23.10 21.11
C GLY H 107 6.10 -22.33 22.28
N THR H 108 7.03 -21.43 21.96
CA THR H 108 7.57 -20.46 22.91
C THR H 108 7.10 -19.07 22.51
N ARG H 109 6.52 -18.35 23.46
CA ARG H 109 6.02 -16.99 23.23
C ARG H 109 7.09 -16.00 23.69
N LEU H 110 7.77 -15.38 22.73
CA LEU H 110 8.90 -14.49 23.02
C LEU H 110 8.45 -13.04 22.91
N THR H 111 8.77 -12.25 23.93
CA THR H 111 8.53 -10.81 23.94
C THR H 111 9.84 -10.10 24.21
N VAL H 112 10.23 -9.20 23.30
CA VAL H 112 11.46 -8.44 23.41
C VAL H 112 11.09 -6.99 23.73
N LEU H 113 11.62 -6.47 24.83
CA LEU H 113 11.31 -5.12 25.29
C LEU H 113 12.59 -4.30 25.36
N GLU H 114 12.44 -2.98 25.27
CA GLU H 114 13.58 -2.08 25.36
C GLU H 114 14.23 -2.17 26.74
N ASP H 115 13.42 -2.23 27.79
CA ASP H 115 13.91 -2.44 29.14
C ASP H 115 12.81 -3.09 29.97
N LEU H 116 13.22 -3.84 30.99
CA LEU H 116 12.28 -4.62 31.79
C LEU H 116 11.53 -3.79 32.83
N ARG H 117 11.75 -2.47 32.89
CA ARG H 117 11.11 -1.65 33.92
C ARG H 117 9.60 -1.54 33.73
N ASN H 118 9.07 -1.91 32.57
CA ASN H 118 7.63 -1.86 32.33
C ASN H 118 6.93 -3.18 32.59
N VAL H 119 7.67 -4.26 32.82
CA VAL H 119 7.06 -5.54 33.14
C VAL H 119 6.37 -5.44 34.50
N THR H 120 5.05 -5.69 34.52
CA THR H 120 4.26 -5.57 35.74
C THR H 120 3.25 -6.70 35.82
N PRO H 121 2.99 -7.23 37.02
CA PRO H 121 1.96 -8.25 37.18
C PRO H 121 0.58 -7.63 37.12
N PRO H 122 -0.46 -8.42 36.86
CA PRO H 122 -1.81 -7.87 36.75
C PRO H 122 -2.44 -7.64 38.12
N LYS H 123 -3.47 -6.79 38.11
CA LYS H 123 -4.37 -6.63 39.25
C LYS H 123 -5.69 -7.30 38.91
N VAL H 124 -6.13 -8.22 39.77
CA VAL H 124 -7.27 -9.07 39.50
C VAL H 124 -8.44 -8.58 40.35
N SER H 125 -9.56 -8.28 39.68
CA SER H 125 -10.77 -7.79 40.34
C SER H 125 -11.92 -8.74 40.00
N LEU H 126 -12.66 -9.16 41.02
CA LEU H 126 -13.77 -10.08 40.87
C LEU H 126 -15.07 -9.34 41.17
N PHE H 127 -15.88 -9.12 40.14
CA PHE H 127 -17.14 -8.40 40.28
C PHE H 127 -18.26 -9.38 40.60
N GLU H 128 -19.07 -9.04 41.59
CA GLU H 128 -20.09 -9.94 42.11
C GLU H 128 -21.38 -9.82 41.30
N PRO H 129 -22.17 -10.89 41.20
CA PRO H 129 -23.33 -10.90 40.31
C PRO H 129 -24.35 -9.83 40.67
N SER H 130 -25.13 -9.44 39.66
CA SER H 130 -26.21 -8.48 39.85
C SER H 130 -27.39 -9.16 40.52
N LYS H 131 -28.06 -8.42 41.40
CA LYS H 131 -29.24 -8.96 42.08
C LYS H 131 -30.44 -9.05 41.14
N ALA H 132 -30.40 -8.38 39.99
CA ALA H 132 -31.49 -8.49 39.03
C ALA H 132 -31.39 -9.78 38.21
N GLU H 133 -30.17 -10.21 37.89
CA GLU H 133 -30.00 -11.45 37.14
C GLU H 133 -30.44 -12.66 37.95
N ILE H 134 -30.19 -12.64 39.27
CA ILE H 134 -30.59 -13.74 40.12
C ILE H 134 -32.12 -13.88 40.16
N ALA H 135 -32.82 -12.75 40.13
CA ALA H 135 -34.28 -12.79 40.20
C ALA H 135 -34.91 -13.15 38.87
N ASN H 136 -34.36 -12.63 37.77
CA ASN H 136 -34.96 -12.86 36.46
C ASN H 136 -34.54 -14.20 35.87
N LYS H 137 -33.24 -14.42 35.73
CA LYS H 137 -32.71 -15.60 35.06
C LYS H 137 -32.48 -16.77 36.00
N GLN H 138 -32.64 -16.59 37.31
CA GLN H 138 -32.30 -17.60 38.30
C GLN H 138 -30.88 -18.11 38.11
N LYS H 139 -29.99 -17.22 37.68
CA LYS H 139 -28.58 -17.53 37.48
C LYS H 139 -27.75 -16.33 37.94
N ALA H 140 -26.45 -16.53 38.04
CA ALA H 140 -25.56 -15.49 38.53
C ALA H 140 -24.24 -15.59 37.78
N THR H 141 -23.82 -14.50 37.16
CA THR H 141 -22.57 -14.44 36.42
C THR H 141 -21.55 -13.64 37.21
N LEU H 142 -20.38 -14.23 37.42
CA LEU H 142 -19.26 -13.56 38.06
C LEU H 142 -18.24 -13.16 36.99
N VAL H 143 -17.83 -11.90 36.99
CA VAL H 143 -16.91 -11.36 36.00
C VAL H 143 -15.58 -11.09 36.67
N CYS H 144 -14.49 -11.40 35.96
CA CYS H 144 -13.13 -11.23 36.47
C CYS H 144 -12.34 -10.37 35.51
N LEU H 145 -11.69 -9.34 36.05
CA LEU H 145 -10.91 -8.40 35.24
C LEU H 145 -9.45 -8.44 35.68
N ALA H 146 -8.56 -8.62 34.71
CA ALA H 146 -7.12 -8.47 34.91
C ALA H 146 -6.67 -7.22 34.16
N ARG H 147 -6.01 -6.31 34.87
CA ARG H 147 -5.59 -5.05 34.27
C ARG H 147 -4.17 -4.71 34.69
N GLY H 148 -3.51 -3.91 33.85
CA GLY H 148 -2.22 -3.34 34.18
C GLY H 148 -1.02 -4.23 33.95
N PHE H 149 -1.20 -5.43 33.38
CA PHE H 149 -0.09 -6.35 33.20
C PHE H 149 0.59 -6.12 31.86
N PHE H 150 1.87 -6.49 31.81
CA PHE H 150 2.71 -6.28 30.64
C PHE H 150 3.96 -7.15 30.76
N PRO H 151 4.29 -7.97 29.75
CA PRO H 151 3.56 -8.13 28.49
C PRO H 151 2.39 -9.11 28.58
N ASP H 152 1.82 -9.45 27.42
CA ASP H 152 0.62 -10.28 27.34
C ASP H 152 1.00 -11.76 27.52
N HIS H 153 1.42 -12.09 28.74
CA HIS H 153 1.82 -13.45 29.11
C HIS H 153 1.01 -13.87 30.33
N VAL H 154 -0.30 -14.07 30.15
CA VAL H 154 -1.19 -14.45 31.24
C VAL H 154 -2.00 -15.67 30.84
N GLU H 155 -2.46 -16.40 31.86
CA GLU H 155 -3.34 -17.55 31.69
C GLU H 155 -4.36 -17.52 32.82
N LEU H 156 -5.63 -17.27 32.48
CA LEU H 156 -6.69 -17.14 33.47
C LEU H 156 -7.38 -18.48 33.69
N SER H 157 -7.73 -18.75 34.95
CA SER H 157 -8.43 -19.97 35.31
C SER H 157 -9.43 -19.67 36.41
N TRP H 158 -10.43 -20.53 36.53
CA TRP H 158 -11.48 -20.40 37.54
C TRP H 158 -11.40 -21.56 38.52
N TRP H 159 -11.59 -21.26 39.80
CA TRP H 159 -11.50 -22.26 40.86
C TRP H 159 -12.66 -22.05 41.82
N VAL H 160 -13.54 -23.03 41.92
CA VAL H 160 -14.68 -23.00 42.83
C VAL H 160 -14.51 -24.14 43.83
N ASN H 161 -14.61 -23.80 45.12
CA ASN H 161 -14.41 -24.75 46.22
C ASN H 161 -13.06 -25.45 46.14
N GLY H 162 -12.05 -24.73 45.64
CA GLY H 162 -10.72 -25.28 45.50
C GLY H 162 -10.50 -26.13 44.27
N LYS H 163 -11.54 -26.37 43.47
CA LYS H 163 -11.46 -27.22 42.29
C LYS H 163 -11.53 -26.35 41.03
N GLU H 164 -10.65 -26.62 40.08
CA GLU H 164 -10.67 -25.90 38.81
C GLU H 164 -11.77 -26.46 37.93
N VAL H 165 -12.56 -25.57 37.32
CA VAL H 165 -13.69 -25.96 36.50
C VAL H 165 -13.61 -25.25 35.15
N HIS H 166 -14.33 -25.82 34.18
CA HIS H 166 -14.44 -25.23 32.85
C HIS H 166 -15.88 -24.98 32.41
N SER H 167 -16.86 -25.54 33.10
CA SER H 167 -18.26 -25.30 32.74
C SER H 167 -18.65 -23.87 33.08
N GLY H 168 -19.40 -23.25 32.18
CA GLY H 168 -19.86 -21.88 32.40
C GLY H 168 -18.80 -20.82 32.35
N VAL H 169 -17.61 -21.13 31.83
CA VAL H 169 -16.50 -20.18 31.75
C VAL H 169 -16.36 -19.73 30.31
N CYS H 170 -16.24 -18.41 30.11
CA CYS H 170 -15.82 -17.88 28.82
C CYS H 170 -14.78 -16.79 29.07
N THR H 171 -13.57 -17.01 28.55
CA THR H 171 -12.47 -16.06 28.68
C THR H 171 -12.14 -15.49 27.31
N ASP H 172 -11.81 -14.21 27.27
CA ASP H 172 -11.44 -13.58 26.01
C ASP H 172 -10.24 -14.29 25.41
N PRO H 173 -10.24 -14.54 24.10
CA PRO H 173 -9.09 -15.24 23.50
C PRO H 173 -7.80 -14.44 23.54
N GLN H 174 -7.87 -13.15 23.25
CA GLN H 174 -6.69 -12.28 23.23
C GLN H 174 -6.91 -11.11 24.18
N ALA H 175 -5.84 -10.73 24.88
CA ALA H 175 -5.90 -9.60 25.80
C ALA H 175 -5.74 -8.28 25.03
N TYR H 176 -6.67 -7.37 25.26
CA TYR H 176 -6.62 -6.05 24.62
C TYR H 176 -5.63 -5.16 25.35
N LYS H 177 -5.13 -4.14 24.64
CA LYS H 177 -4.14 -3.22 25.17
C LYS H 177 -4.84 -1.97 25.68
N GLU H 178 -4.74 -1.73 26.99
CA GLU H 178 -5.38 -0.56 27.60
C GLU H 178 -4.50 0.67 27.59
N SER H 179 -3.19 0.50 27.44
CA SER H 179 -2.26 1.60 27.24
C SER H 179 -1.02 1.04 26.56
N ASN H 180 -0.02 1.91 26.35
CA ASN H 180 1.16 1.49 25.59
C ASN H 180 1.97 0.42 26.31
N TYR H 181 1.87 0.32 27.64
CA TYR H 181 2.64 -0.64 28.41
C TYR H 181 1.76 -1.36 29.43
N SER H 182 0.52 -1.68 29.04
CA SER H 182 -0.37 -2.43 29.92
C SER H 182 -1.49 -3.04 29.11
N TYR H 183 -1.78 -4.30 29.38
CA TYR H 183 -2.88 -5.03 28.77
C TYR H 183 -3.99 -5.26 29.79
N CYS H 184 -5.16 -5.65 29.28
CA CYS H 184 -6.26 -6.07 30.13
C CYS H 184 -6.92 -7.30 29.52
N LEU H 185 -7.61 -8.06 30.37
CA LEU H 185 -8.25 -9.30 29.95
C LEU H 185 -9.47 -9.52 30.83
N SER H 186 -10.53 -10.08 30.24
CA SER H 186 -11.78 -10.31 30.95
C SER H 186 -12.22 -11.75 30.79
N SER H 187 -12.99 -12.22 31.76
CA SER H 187 -13.58 -13.55 31.73
C SER H 187 -14.77 -13.56 32.68
N ARG H 188 -15.66 -14.51 32.48
CA ARG H 188 -16.84 -14.60 33.33
C ARG H 188 -17.19 -16.05 33.58
N LEU H 189 -17.84 -16.29 34.72
CA LEU H 189 -18.29 -17.61 35.13
C LEU H 189 -19.73 -17.49 35.64
N ARG H 190 -20.59 -18.37 35.16
CA ARG H 190 -21.99 -18.39 35.56
C ARG H 190 -22.35 -19.72 36.20
N VAL H 191 -23.07 -19.66 37.31
CA VAL H 191 -23.55 -20.85 38.00
C VAL H 191 -25.03 -20.67 38.34
N SER H 192 -25.60 -21.63 39.07
CA SER H 192 -27.00 -21.55 39.45
C SER H 192 -27.21 -20.51 40.54
N ALA H 193 -28.42 -19.97 40.60
CA ALA H 193 -28.76 -19.03 41.68
C ALA H 193 -28.75 -19.72 43.02
N THR H 194 -29.20 -20.98 43.08
CA THR H 194 -29.08 -21.75 44.30
C THR H 194 -27.63 -22.03 44.66
N PHE H 195 -26.75 -22.08 43.66
CA PHE H 195 -25.33 -22.28 43.92
C PHE H 195 -24.66 -21.02 44.42
N TRP H 196 -25.12 -19.84 43.99
CA TRP H 196 -24.54 -18.58 44.45
C TRP H 196 -25.09 -18.16 45.81
N HIS H 197 -26.32 -18.57 46.15
CA HIS H 197 -26.90 -18.21 47.44
C HIS H 197 -26.38 -19.05 48.59
N ASN H 198 -25.53 -20.04 48.33
CA ASN H 198 -24.99 -20.90 49.36
C ASN H 198 -23.71 -20.30 49.92
N PRO H 199 -23.63 -19.98 51.21
CA PRO H 199 -22.39 -19.41 51.76
C PRO H 199 -21.22 -20.38 51.80
N ARG H 200 -21.46 -21.69 51.62
CA ARG H 200 -20.38 -22.66 51.60
C ARG H 200 -19.61 -22.66 50.30
N ASN H 201 -20.07 -21.92 49.28
CA ASN H 201 -19.45 -21.95 47.96
C ASN H 201 -18.43 -20.82 47.83
N HIS H 202 -17.20 -21.19 47.53
CA HIS H 202 -16.09 -20.25 47.39
C HIS H 202 -15.70 -20.14 45.92
N PHE H 203 -15.58 -18.91 45.43
CA PHE H 203 -15.23 -18.65 44.03
C PHE H 203 -13.90 -17.90 43.98
N ARG H 204 -13.03 -18.31 43.05
CA ARG H 204 -11.72 -17.70 42.91
C ARG H 204 -11.36 -17.59 41.44
N CYS H 205 -10.81 -16.44 41.05
CA CYS H 205 -10.34 -16.19 39.69
C CYS H 205 -8.83 -16.04 39.73
N GLN H 206 -8.12 -17.04 39.21
CA GLN H 206 -6.66 -17.08 39.22
C GLN H 206 -6.12 -16.63 37.88
N VAL H 207 -5.12 -15.74 37.92
CA VAL H 207 -4.43 -15.28 36.72
C VAL H 207 -2.95 -15.58 36.90
N GLN H 208 -2.43 -16.49 36.08
CA GLN H 208 -1.01 -16.84 36.11
C GLN H 208 -0.26 -15.91 35.16
N PHE H 209 0.62 -15.09 35.71
CA PHE H 209 1.39 -14.11 34.96
C PHE H 209 2.81 -14.61 34.78
N HIS H 210 3.30 -14.58 33.54
CA HIS H 210 4.66 -15.02 33.22
C HIS H 210 5.51 -13.76 33.00
N GLY H 211 6.33 -13.44 33.99
CA GLY H 211 7.21 -12.29 33.90
C GLY H 211 8.67 -12.67 33.96
N LEU H 212 9.45 -11.94 34.76
CA LEU H 212 10.88 -12.18 34.82
C LEU H 212 11.18 -13.50 35.54
N SER H 213 12.45 -13.90 35.48
CA SER H 213 12.94 -15.12 36.10
C SER H 213 13.98 -14.78 37.16
N GLU H 214 14.54 -15.81 37.78
CA GLU H 214 15.52 -15.61 38.85
C GLU H 214 16.80 -14.96 38.33
N GLU H 215 17.12 -15.16 37.06
CA GLU H 215 18.35 -14.63 36.50
C GLU H 215 18.24 -13.18 36.06
N ASP H 216 17.03 -12.67 35.85
CA ASP H 216 16.85 -11.28 35.46
C ASP H 216 17.10 -10.37 36.65
N LYS H 217 18.02 -9.42 36.49
CA LYS H 217 18.41 -8.53 37.58
C LYS H 217 17.40 -7.39 37.71
N TRP H 218 17.00 -7.11 38.95
CA TRP H 218 15.99 -6.11 39.24
C TRP H 218 16.50 -5.19 40.34
N PRO H 219 16.50 -3.88 40.13
CA PRO H 219 17.00 -2.96 41.18
C PRO H 219 16.05 -2.90 42.36
N GLU H 220 16.62 -2.52 43.50
CA GLU H 220 15.84 -2.44 44.73
C GLU H 220 14.92 -1.22 44.72
N GLY H 221 13.91 -1.27 45.58
CA GLY H 221 12.93 -0.21 45.69
C GLY H 221 11.57 -0.54 45.11
N SER H 222 11.38 -1.75 44.60
CA SER H 222 10.12 -2.16 43.99
C SER H 222 10.09 -3.67 43.94
N PRO H 223 8.92 -4.29 44.06
CA PRO H 223 8.84 -5.76 43.93
C PRO H 223 9.20 -6.21 42.53
N LYS H 224 9.97 -7.27 42.46
CA LYS H 224 10.43 -7.80 41.17
C LYS H 224 9.30 -8.54 40.47
N PRO H 225 8.95 -8.16 39.23
CA PRO H 225 7.80 -8.77 38.54
C PRO H 225 8.08 -10.18 38.03
N VAL H 226 8.30 -11.10 38.97
CA VAL H 226 8.55 -12.50 38.64
C VAL H 226 7.24 -13.15 38.23
N THR H 227 7.33 -14.37 37.68
CA THR H 227 6.11 -15.12 37.38
C THR H 227 5.39 -15.47 38.67
N GLN H 228 4.07 -15.26 38.69
CA GLN H 228 3.31 -15.42 39.91
C GLN H 228 1.84 -15.62 39.58
N ASN H 229 1.11 -16.15 40.55
CA ASN H 229 -0.34 -16.31 40.46
C ASN H 229 -1.00 -15.24 41.30
N ILE H 230 -1.93 -14.51 40.70
CA ILE H 230 -2.69 -13.45 41.38
C ILE H 230 -4.16 -13.78 41.25
N SER H 231 -4.86 -13.80 42.39
CA SER H 231 -6.23 -14.29 42.44
C SER H 231 -7.14 -13.28 43.12
N ALA H 232 -8.45 -13.48 42.94
CA ALA H 232 -9.48 -12.74 43.63
C ALA H 232 -10.57 -13.70 44.05
N GLU H 233 -11.17 -13.47 45.22
CA GLU H 233 -12.10 -14.42 45.81
C GLU H 233 -13.39 -13.71 46.21
N ALA H 234 -14.45 -14.50 46.33
CA ALA H 234 -15.75 -14.01 46.79
C ALA H 234 -16.57 -15.20 47.25
N TRP H 235 -17.46 -14.96 48.23
CA TRP H 235 -18.29 -15.98 48.81
C TRP H 235 -19.77 -15.69 48.54
N GLY H 236 -20.56 -16.76 48.49
CA GLY H 236 -21.99 -16.60 48.28
C GLY H 236 -22.68 -15.93 49.46
N ARG H 237 -23.73 -15.18 49.17
CA ARG H 237 -24.33 -14.28 50.15
C ARG H 237 -25.80 -14.59 50.42
N ALA H 238 -26.70 -14.33 49.47
CA ALA H 238 -28.18 -14.34 49.69
C ALA H 238 -28.59 -13.15 50.57
N GLY I 1 -11.54 43.01 31.28
CA GLY I 1 -12.00 41.64 31.18
C GLY I 1 -11.88 41.08 29.78
N SER I 2 -13.02 40.77 29.17
CA SER I 2 -13.06 40.26 27.81
C SER I 2 -13.26 41.41 26.82
N HIS I 3 -12.96 41.14 25.55
CA HIS I 3 -13.11 42.13 24.50
C HIS I 3 -13.51 41.45 23.21
N SER I 4 -14.18 42.21 22.34
CA SER I 4 -14.72 41.69 21.09
C SER I 4 -14.41 42.64 19.94
N MET I 5 -14.18 42.05 18.77
CA MET I 5 -14.18 42.77 17.50
C MET I 5 -15.26 42.16 16.63
N ARG I 6 -16.11 43.00 16.05
CA ARG I 6 -17.24 42.52 15.26
C ARG I 6 -17.45 43.42 14.05
N TYR I 7 -17.80 42.80 12.93
CA TYR I 7 -18.17 43.50 11.71
C TYR I 7 -19.62 43.18 11.35
N PHE I 8 -20.35 44.19 10.89
CA PHE I 8 -21.75 44.04 10.51
C PHE I 8 -21.92 44.47 9.06
N TYR I 9 -22.39 43.55 8.22
CA TYR I 9 -22.65 43.82 6.82
C TYR I 9 -24.14 43.86 6.56
N THR I 10 -24.58 44.81 5.73
CA THR I 10 -25.96 44.89 5.27
C THR I 10 -25.98 45.17 3.77
N SER I 11 -26.62 44.28 3.02
CA SER I 11 -26.78 44.44 1.58
C SER I 11 -28.27 44.43 1.26
N VAL I 12 -28.75 45.50 0.64
CA VAL I 12 -30.16 45.66 0.28
C VAL I 12 -30.25 45.84 -1.23
N SER I 13 -30.97 44.94 -1.89
CA SER I 13 -31.15 45.05 -3.32
C SER I 13 -32.13 46.17 -3.65
N ARG I 14 -31.88 46.83 -4.78
CA ARG I 14 -32.72 47.95 -5.25
C ARG I 14 -33.08 47.67 -6.71
N PRO I 15 -34.09 46.83 -6.94
CA PRO I 15 -34.42 46.44 -8.32
C PRO I 15 -34.79 47.64 -9.18
N GLY I 16 -34.20 47.68 -10.37
CA GLY I 16 -34.41 48.78 -11.29
C GLY I 16 -33.70 50.06 -10.93
N ARG I 17 -32.91 50.07 -9.85
CA ARG I 17 -32.24 51.28 -9.40
C ARG I 17 -30.73 51.09 -9.25
N GLY I 18 -30.17 50.09 -9.93
CA GLY I 18 -28.73 49.90 -9.94
C GLY I 18 -28.23 48.83 -8.98
N GLU I 19 -27.01 49.01 -8.50
CA GLU I 19 -26.41 48.03 -7.60
C GLU I 19 -27.07 48.07 -6.24
N PRO I 20 -27.05 46.97 -5.49
CA PRO I 20 -27.58 46.99 -4.13
C PRO I 20 -26.80 47.93 -3.23
N ARG I 21 -27.45 48.35 -2.16
CA ARG I 21 -26.83 49.19 -1.13
C ARG I 21 -26.08 48.30 -0.15
N PHE I 22 -24.78 48.54 0.00
CA PHE I 22 -23.93 47.77 0.91
C PHE I 22 -23.35 48.70 1.95
N ILE I 23 -23.55 48.36 3.22
CA ILE I 23 -23.02 49.12 4.34
C ILE I 23 -22.32 48.15 5.28
N ALA I 24 -21.07 48.48 5.63
CA ALA I 24 -20.26 47.68 6.54
C ALA I 24 -19.79 48.57 7.67
N VAL I 25 -19.80 48.02 8.89
CA VAL I 25 -19.37 48.76 10.07
C VAL I 25 -18.59 47.81 10.98
N GLY I 26 -17.53 48.34 11.59
CA GLY I 26 -16.67 47.57 12.47
C GLY I 26 -16.74 48.08 13.89
N TYR I 27 -16.81 47.16 14.85
CA TYR I 27 -16.88 47.49 16.26
C TYR I 27 -15.76 46.80 17.03
N VAL I 28 -15.17 47.54 17.97
CA VAL I 28 -14.41 46.95 19.07
C VAL I 28 -15.25 47.18 20.32
N ASP I 29 -15.76 46.09 20.90
CA ASP I 29 -16.71 46.15 22.02
C ASP I 29 -17.91 46.96 21.55
N ASP I 30 -18.28 48.06 22.22
CA ASP I 30 -19.43 48.87 21.83
C ASP I 30 -19.02 50.12 21.07
N THR I 31 -17.79 50.17 20.56
CA THR I 31 -17.23 51.39 19.97
C THR I 31 -16.98 51.14 18.48
N GLN I 32 -17.78 51.79 17.64
CA GLN I 32 -17.56 51.72 16.20
C GLN I 32 -16.25 52.40 15.82
N PHE I 33 -15.50 51.77 14.92
CA PHE I 33 -14.19 52.31 14.53
C PHE I 33 -13.96 52.41 13.03
N VAL I 34 -14.69 51.68 12.18
CA VAL I 34 -14.60 51.83 10.74
C VAL I 34 -15.98 51.70 10.13
N ARG I 35 -16.10 52.18 8.89
CA ARG I 35 -17.34 52.12 8.14
C ARG I 35 -17.05 52.15 6.65
N PHE I 36 -17.91 51.51 5.88
CA PHE I 36 -17.92 51.63 4.43
C PHE I 36 -19.35 51.75 3.96
N ASP I 37 -19.62 52.73 3.09
CA ASP I 37 -20.93 52.94 2.49
C ASP I 37 -20.75 52.94 0.98
N SER I 38 -21.41 52.00 0.30
CA SER I 38 -21.26 51.89 -1.15
C SER I 38 -21.81 53.11 -1.89
N ASP I 39 -22.68 53.88 -1.25
CA ASP I 39 -23.24 55.09 -1.86
C ASP I 39 -22.46 56.35 -1.50
N ALA I 40 -21.48 56.26 -0.63
CA ALA I 40 -20.69 57.43 -0.26
C ALA I 40 -19.76 57.82 -1.41
N ALA I 41 -19.36 59.09 -1.40
CA ALA I 41 -18.52 59.60 -2.49
C ALA I 41 -17.09 59.12 -2.37
N SER I 42 -16.62 58.81 -1.16
CA SER I 42 -15.21 58.48 -0.97
C SER I 42 -14.87 57.14 -1.61
N GLN I 43 -15.78 56.17 -1.55
CA GLN I 43 -15.53 54.81 -2.02
C GLN I 43 -14.32 54.21 -1.30
N ARG I 44 -14.20 54.51 -0.02
CA ARG I 44 -13.08 54.06 0.80
C ARG I 44 -13.60 53.61 2.15
N MET I 45 -12.88 52.68 2.78
CA MET I 45 -13.10 52.39 4.19
C MET I 45 -12.65 53.58 5.01
N GLU I 46 -13.52 54.05 5.91
CA GLU I 46 -13.25 55.30 6.60
C GLU I 46 -13.08 55.10 8.09
N PRO I 47 -12.23 55.91 8.74
CA PRO I 47 -12.09 55.82 10.19
C PRO I 47 -13.27 56.46 10.92
N ARG I 48 -13.62 55.85 12.06
CA ARG I 48 -14.69 56.38 12.90
C ARG I 48 -14.28 56.46 14.37
N ALA I 49 -13.01 56.22 14.67
CA ALA I 49 -12.46 56.38 16.01
C ALA I 49 -11.08 57.00 15.88
N PRO I 50 -10.65 57.80 16.87
CA PRO I 50 -9.34 58.47 16.74
C PRO I 50 -8.18 57.50 16.66
N TRP I 51 -8.24 56.38 17.39
CA TRP I 51 -7.10 55.48 17.49
C TRP I 51 -6.87 54.63 16.25
N ILE I 52 -7.84 54.56 15.33
CA ILE I 52 -7.66 53.77 14.11
C ILE I 52 -7.00 54.58 13.00
N GLU I 53 -6.92 55.91 13.14
CA GLU I 53 -6.28 56.74 12.12
C GLU I 53 -4.76 56.60 12.13
N GLN I 54 -4.19 55.86 13.09
CA GLN I 54 -2.75 55.63 13.12
C GLN I 54 -2.30 54.69 12.00
N GLU I 55 -3.21 53.92 11.43
CA GLU I 55 -2.83 52.93 10.42
C GLU I 55 -2.39 53.60 9.14
N GLY I 56 -1.38 53.03 8.49
CA GLY I 56 -0.81 53.60 7.31
C GLY I 56 -1.72 53.45 6.10
N PRO I 57 -1.28 53.98 4.96
CA PRO I 57 -2.08 53.88 3.73
C PRO I 57 -2.26 52.46 3.23
N GLU I 58 -1.37 51.54 3.60
CA GLU I 58 -1.54 50.14 3.19
C GLU I 58 -2.77 49.53 3.83
N TYR I 59 -3.05 49.89 5.09
CA TYR I 59 -4.22 49.37 5.79
C TYR I 59 -5.51 49.79 5.08
N TRP I 60 -5.64 51.07 4.77
CA TRP I 60 -6.89 51.57 4.20
C TRP I 60 -7.08 51.09 2.77
N ASP I 61 -5.99 51.00 1.99
CA ASP I 61 -6.09 50.42 0.66
C ASP I 61 -6.53 48.97 0.71
N GLN I 62 -6.03 48.22 1.69
CA GLN I 62 -6.36 46.81 1.81
C GLN I 62 -7.82 46.63 2.19
N GLU I 63 -8.27 47.32 3.25
CA GLU I 63 -9.64 47.16 3.70
C GLU I 63 -10.63 47.64 2.65
N THR I 64 -10.27 48.68 1.90
CA THR I 64 -11.17 49.18 0.85
C THR I 64 -11.37 48.13 -0.24
N ARG I 65 -10.28 47.52 -0.72
CA ARG I 65 -10.40 46.46 -1.71
C ARG I 65 -11.17 45.28 -1.14
N ASN I 66 -10.88 44.89 0.10
CA ASN I 66 -11.50 43.71 0.67
C ASN I 66 -13.00 43.92 0.89
N VAL I 67 -13.39 45.10 1.38
CA VAL I 67 -14.81 45.32 1.65
C VAL I 67 -15.57 45.61 0.35
N LYS I 68 -14.90 46.16 -0.67
CA LYS I 68 -15.56 46.32 -1.96
C LYS I 68 -15.85 44.97 -2.60
N ALA I 69 -14.91 44.02 -2.48
CA ALA I 69 -15.15 42.68 -3.00
C ALA I 69 -16.29 42.00 -2.25
N GLN I 70 -16.40 42.25 -0.95
CA GLN I 70 -17.51 41.68 -0.18
C GLN I 70 -18.85 42.21 -0.69
N SER I 71 -18.90 43.47 -1.09
CA SER I 71 -20.13 44.04 -1.63
C SER I 71 -20.54 43.31 -2.90
N GLN I 72 -19.57 42.88 -3.71
CA GLN I 72 -19.89 42.12 -4.91
C GLN I 72 -20.31 40.69 -4.55
N THR I 73 -19.65 40.10 -3.55
CA THR I 73 -20.06 38.78 -3.09
C THR I 73 -21.53 38.76 -2.66
N ASP I 74 -21.95 39.79 -1.93
CA ASP I 74 -23.34 39.87 -1.49
C ASP I 74 -24.28 40.17 -2.65
N ARG I 75 -23.85 40.99 -3.61
CA ARG I 75 -24.67 41.26 -4.78
C ARG I 75 -25.02 39.96 -5.51
N VAL I 76 -24.02 39.11 -5.73
CA VAL I 76 -24.26 37.83 -6.38
C VAL I 76 -25.11 36.94 -5.49
N ASP I 77 -24.82 36.92 -4.19
CA ASP I 77 -25.60 36.12 -3.26
C ASP I 77 -27.07 36.53 -3.26
N LEU I 78 -27.35 37.83 -3.36
CA LEU I 78 -28.72 38.30 -3.48
C LEU I 78 -29.42 37.65 -4.67
N GLY I 79 -28.74 37.62 -5.82
CA GLY I 79 -29.33 36.97 -6.99
C GLY I 79 -29.53 35.49 -6.80
N THR I 80 -28.54 34.82 -6.20
CA THR I 80 -28.65 33.37 -5.98
C THR I 80 -29.79 33.05 -5.02
N LEU I 81 -29.86 33.77 -3.89
CA LEU I 81 -30.93 33.53 -2.93
C LEU I 81 -32.29 33.98 -3.47
N ARG I 82 -32.29 34.94 -4.39
CA ARG I 82 -33.55 35.31 -5.05
C ARG I 82 -34.07 34.17 -5.91
N GLY I 83 -33.18 33.31 -6.42
CA GLY I 83 -33.59 32.13 -7.15
C GLY I 83 -33.95 30.98 -6.25
N TYR I 84 -33.23 30.83 -5.13
CA TYR I 84 -33.53 29.74 -4.19
C TYR I 84 -34.97 29.81 -3.70
N TYR I 85 -35.49 31.02 -3.46
CA TYR I 85 -36.81 31.21 -2.89
C TYR I 85 -37.87 31.51 -3.94
N ASN I 86 -37.53 31.43 -5.23
CA ASN I 86 -38.49 31.64 -6.32
C ASN I 86 -39.14 33.01 -6.23
N GLN I 87 -38.38 34.01 -5.81
CA GLN I 87 -38.89 35.36 -5.68
C GLN I 87 -38.74 36.12 -7.00
N SER I 88 -39.50 37.19 -7.13
CA SER I 88 -39.49 37.98 -8.36
C SER I 88 -38.36 38.99 -8.35
N GLU I 89 -38.09 39.56 -9.52
CA GLU I 89 -37.04 40.55 -9.67
C GLU I 89 -37.44 41.92 -9.14
N ASP I 90 -38.70 42.12 -8.78
CA ASP I 90 -39.18 43.45 -8.40
C ASP I 90 -38.97 43.75 -6.91
N GLY I 91 -39.08 42.74 -6.05
CA GLY I 91 -38.98 42.98 -4.63
C GLY I 91 -37.55 43.27 -4.19
N SER I 92 -37.44 44.11 -3.16
CA SER I 92 -36.16 44.41 -2.53
C SER I 92 -35.90 43.43 -1.39
N HIS I 93 -34.67 42.95 -1.29
CA HIS I 93 -34.31 41.96 -0.29
C HIS I 93 -33.01 42.34 0.40
N THR I 94 -32.80 41.75 1.57
CA THR I 94 -31.70 42.09 2.46
C THR I 94 -30.90 40.85 2.81
N ILE I 95 -29.58 40.99 2.79
CA ILE I 95 -28.65 40.01 3.36
C ILE I 95 -27.86 40.71 4.46
N GLN I 96 -27.77 40.06 5.61
CA GLN I 96 -27.02 40.60 6.75
C GLN I 96 -26.00 39.58 7.20
N ILE I 97 -24.80 40.05 7.52
CA ILE I 97 -23.70 39.21 7.99
C ILE I 97 -23.10 39.83 9.23
N MET I 98 -22.95 39.02 10.28
CA MET I 98 -22.26 39.41 11.50
C MET I 98 -21.20 38.37 11.79
N TYR I 99 -20.00 38.84 12.16
CA TYR I 99 -18.93 37.92 12.54
C TYR I 99 -17.92 38.64 13.41
N GLY I 100 -17.12 37.86 14.13
CA GLY I 100 -16.08 38.42 14.97
C GLY I 100 -15.53 37.38 15.92
N CYS I 101 -14.59 37.85 16.75
CA CYS I 101 -13.89 37.01 17.71
C CYS I 101 -13.86 37.68 19.07
N ASP I 102 -13.72 36.87 20.12
CA ASP I 102 -13.57 37.35 21.49
C ASP I 102 -12.24 36.89 22.05
N VAL I 103 -11.63 37.73 22.88
CA VAL I 103 -10.41 37.40 23.59
C VAL I 103 -10.65 37.56 25.08
N GLY I 104 -10.01 36.70 25.87
CA GLY I 104 -10.09 36.80 27.31
C GLY I 104 -9.17 37.87 27.84
N PRO I 105 -9.15 38.00 29.17
CA PRO I 105 -8.23 38.96 29.80
C PRO I 105 -6.77 38.65 29.54
N ASP I 106 -6.43 37.42 29.20
CA ASP I 106 -5.07 37.06 28.84
C ASP I 106 -4.74 37.37 27.38
N GLY I 107 -5.68 37.97 26.63
CA GLY I 107 -5.46 38.30 25.24
C GLY I 107 -5.57 37.16 24.26
N ARG I 108 -5.89 35.95 24.73
CA ARG I 108 -5.95 34.79 23.86
C ARG I 108 -7.38 34.56 23.36
N PHE I 109 -7.47 33.86 22.23
CA PHE I 109 -8.75 33.58 21.60
C PHE I 109 -9.67 32.84 22.57
N LEU I 110 -10.93 33.29 22.62
CA LEU I 110 -11.93 32.69 23.48
C LEU I 110 -13.10 32.10 22.71
N ARG I 111 -13.55 32.76 21.64
CA ARG I 111 -14.71 32.32 20.90
C ARG I 111 -14.76 33.06 19.57
N GLY I 112 -15.30 32.39 18.55
CA GLY I 112 -15.52 33.00 17.27
C GLY I 112 -16.92 32.73 16.79
N TYR I 113 -17.39 33.57 15.86
CA TYR I 113 -18.76 33.42 15.38
C TYR I 113 -18.90 34.09 14.02
N ARG I 114 -19.82 33.54 13.21
CA ARG I 114 -20.23 34.14 11.95
C ARG I 114 -21.67 33.72 11.70
N GLN I 115 -22.53 34.70 11.39
CA GLN I 115 -23.95 34.44 11.21
C GLN I 115 -24.48 35.28 10.05
N ASP I 116 -25.27 34.63 9.19
CA ASP I 116 -25.81 35.27 8.00
C ASP I 116 -27.33 35.21 8.05
N ALA I 117 -27.98 36.26 7.54
CA ALA I 117 -29.42 36.34 7.51
C ALA I 117 -29.91 36.72 6.12
N TYR I 118 -31.18 36.44 5.87
CA TYR I 118 -31.84 36.84 4.63
C TYR I 118 -33.24 37.34 4.99
N ASP I 119 -33.51 38.60 4.68
CA ASP I 119 -34.79 39.26 4.98
C ASP I 119 -35.08 39.25 6.48
N GLY I 120 -34.04 39.47 7.28
CA GLY I 120 -34.21 39.65 8.71
C GLY I 120 -34.48 38.39 9.51
N LYS I 121 -34.21 37.21 8.94
CA LYS I 121 -34.32 35.96 9.68
C LYS I 121 -33.09 35.11 9.38
N ASP I 122 -32.82 34.16 10.28
CA ASP I 122 -31.63 33.32 10.17
C ASP I 122 -31.55 32.67 8.79
N TYR I 123 -30.32 32.55 8.28
CA TYR I 123 -30.07 31.80 7.06
C TYR I 123 -29.06 30.69 7.33
N ILE I 124 -27.80 31.03 7.60
CA ILE I 124 -26.78 30.04 7.92
C ILE I 124 -25.86 30.63 8.99
N ALA I 125 -25.28 29.76 9.81
CA ALA I 125 -24.44 30.20 10.91
C ALA I 125 -23.34 29.17 11.18
N LEU I 126 -22.15 29.67 11.53
CA LEU I 126 -21.07 28.80 11.96
C LEU I 126 -21.34 28.33 13.38
N ASN I 127 -21.19 27.03 13.61
CA ASN I 127 -21.36 26.47 14.95
C ASN I 127 -20.21 26.89 15.84
N GLU I 128 -20.39 26.67 17.15
CA GLU I 128 -19.42 27.15 18.12
C GLU I 128 -18.09 26.40 18.02
N ASP I 129 -18.10 25.17 17.50
CA ASP I 129 -16.84 24.45 17.27
C ASP I 129 -16.05 24.99 16.09
N LEU I 130 -16.63 25.94 15.33
CA LEU I 130 -15.98 26.56 14.18
C LEU I 130 -15.61 25.55 13.10
N ARG I 131 -16.33 24.43 13.06
CA ARG I 131 -16.05 23.37 12.11
C ARG I 131 -17.26 22.91 11.31
N SER I 132 -18.46 23.43 11.59
CA SER I 132 -19.66 22.99 10.91
C SER I 132 -20.65 24.15 10.87
N TRP I 133 -21.70 23.98 10.07
CA TRP I 133 -22.68 25.02 9.82
C TRP I 133 -24.08 24.54 10.21
N THR I 134 -24.91 25.49 10.63
CA THR I 134 -26.34 25.26 10.84
C THR I 134 -27.11 26.04 9.78
N ALA I 135 -27.96 25.35 9.02
CA ALA I 135 -28.77 25.96 7.98
C ALA I 135 -30.22 26.05 8.45
N ALA I 136 -30.84 27.21 8.22
CA ALA I 136 -32.17 27.47 8.77
C ALA I 136 -33.28 26.82 7.96
N ASP I 137 -33.10 26.68 6.64
CA ASP I 137 -34.14 26.13 5.78
C ASP I 137 -33.50 25.36 4.63
N MET I 138 -34.36 24.88 3.73
CA MET I 138 -33.89 24.06 2.61
C MET I 138 -32.98 24.86 1.68
N ALA I 139 -33.26 26.15 1.50
CA ALA I 139 -32.38 26.98 0.67
C ALA I 139 -31.00 27.09 1.28
N ALA I 140 -30.92 27.34 2.58
CA ALA I 140 -29.62 27.43 3.24
C ALA I 140 -28.88 26.10 3.25
N GLN I 141 -29.60 24.98 3.14
CA GLN I 141 -28.94 23.69 3.02
C GLN I 141 -28.12 23.60 1.73
N ILE I 142 -28.59 24.25 0.66
CA ILE I 142 -27.81 24.32 -0.57
C ILE I 142 -26.52 25.10 -0.33
N THR I 143 -26.62 26.24 0.34
CA THR I 143 -25.43 27.01 0.69
C THR I 143 -24.50 26.21 1.59
N LYS I 144 -25.07 25.45 2.52
CA LYS I 144 -24.26 24.64 3.44
C LYS I 144 -23.42 23.62 2.68
N ARG I 145 -23.99 23.00 1.65
CA ARG I 145 -23.26 21.98 0.91
C ARG I 145 -22.14 22.60 0.08
N LYS I 146 -22.36 23.79 -0.48
CA LYS I 146 -21.29 24.49 -1.18
C LYS I 146 -20.17 24.89 -0.21
N TRP I 147 -20.54 25.33 0.99
CA TRP I 147 -19.54 25.81 1.94
C TRP I 147 -18.73 24.65 2.51
N GLU I 148 -19.33 23.46 2.62
CA GLU I 148 -18.58 22.30 3.07
C GLU I 148 -17.60 21.83 2.01
N ALA I 149 -18.02 21.81 0.74
CA ALA I 149 -17.14 21.39 -0.34
C ALA I 149 -15.98 22.36 -0.53
N ALA I 150 -16.18 23.64 -0.22
CA ALA I 150 -15.14 24.65 -0.37
C ALA I 150 -14.31 24.85 0.90
N HIS I 151 -14.55 24.04 1.94
CA HIS I 151 -13.84 24.16 3.21
C HIS I 151 -13.94 25.58 3.78
N ALA I 152 -15.13 26.16 3.70
CA ALA I 152 -15.33 27.53 4.18
C ALA I 152 -15.18 27.62 5.69
N ALA I 153 -15.58 26.57 6.43
CA ALA I 153 -15.45 26.60 7.87
C ALA I 153 -13.99 26.67 8.29
N GLU I 154 -13.14 25.85 7.67
CA GLU I 154 -11.72 25.87 8.00
C GLU I 154 -11.10 27.20 7.62
N GLN I 155 -11.52 27.79 6.51
CA GLN I 155 -11.01 29.09 6.11
C GLN I 155 -11.50 30.19 7.06
N GLN I 156 -12.75 30.06 7.53
CA GLN I 156 -13.27 31.04 8.47
C GLN I 156 -12.63 30.89 9.83
N ARG I 157 -12.37 29.64 10.26
CA ARG I 157 -11.74 29.39 11.54
C ARG I 157 -10.30 29.92 11.58
N ALA I 158 -9.59 29.84 10.46
CA ALA I 158 -8.22 30.33 10.42
C ALA I 158 -8.17 31.84 10.57
N TYR I 159 -9.19 32.55 10.08
CA TYR I 159 -9.27 33.98 10.31
C TYR I 159 -9.66 34.28 11.75
N LEU I 160 -10.67 33.57 12.26
CA LEU I 160 -11.20 33.87 13.58
C LEU I 160 -10.15 33.65 14.67
N GLU I 161 -9.37 32.58 14.55
CA GLU I 161 -8.33 32.28 15.53
C GLU I 161 -6.99 32.96 15.24
N GLY I 162 -6.86 33.62 14.08
CA GLY I 162 -5.59 34.21 13.71
C GLY I 162 -5.59 35.71 13.57
N ARG I 163 -5.94 36.19 12.36
CA ARG I 163 -5.88 37.63 12.10
C ARG I 163 -6.89 38.40 12.95
N CYS I 164 -8.07 37.81 13.19
CA CYS I 164 -9.08 38.48 14.00
C CYS I 164 -8.54 38.74 15.41
N VAL I 165 -7.97 37.71 16.04
CA VAL I 165 -7.43 37.86 17.39
C VAL I 165 -6.21 38.78 17.37
N GLU I 166 -5.39 38.67 16.33
CA GLU I 166 -4.17 39.47 16.25
C GLU I 166 -4.48 40.96 16.15
N TRP I 167 -5.32 41.34 15.19
CA TRP I 167 -5.59 42.76 14.98
C TRP I 167 -6.47 43.33 16.10
N LEU I 168 -7.33 42.51 16.70
CA LEU I 168 -8.07 42.97 17.88
C LEU I 168 -7.13 43.38 18.99
N ARG I 169 -6.00 42.68 19.13
CA ARG I 169 -5.02 43.06 20.14
C ARG I 169 -4.35 44.39 19.79
N ARG I 170 -4.00 44.60 18.52
CA ARG I 170 -3.41 45.88 18.13
C ARG I 170 -4.39 47.02 18.35
N TYR I 171 -5.67 46.82 18.00
CA TYR I 171 -6.67 47.86 18.20
C TYR I 171 -6.80 48.20 19.68
N LEU I 172 -6.93 47.19 20.53
CA LEU I 172 -6.99 47.42 21.97
C LEU I 172 -5.75 48.14 22.48
N GLU I 173 -4.60 47.91 21.85
CA GLU I 173 -3.39 48.60 22.28
C GLU I 173 -3.38 50.05 21.82
N ASN I 174 -3.83 50.31 20.59
CA ASN I 174 -3.83 51.68 20.07
C ASN I 174 -4.85 52.54 20.82
N GLY I 175 -6.06 52.03 21.00
CA GLY I 175 -7.08 52.76 21.72
C GLY I 175 -7.19 52.39 23.18
N LYS I 176 -6.04 52.14 23.81
CA LYS I 176 -6.03 51.72 25.21
C LYS I 176 -6.62 52.76 26.15
N GLU I 177 -6.61 54.04 25.75
CA GLU I 177 -7.11 55.09 26.63
C GLU I 177 -8.62 55.08 26.76
N THR I 178 -9.32 54.66 25.70
CA THR I 178 -10.78 54.78 25.66
C THR I 178 -11.51 53.44 25.59
N LEU I 179 -10.88 52.38 25.09
CA LEU I 179 -11.56 51.10 24.98
C LEU I 179 -11.61 50.36 26.31
N GLN I 180 -10.57 50.50 27.14
CA GLN I 180 -10.53 49.85 28.44
C GLN I 180 -10.87 50.85 29.55
N ARG I 181 -12.14 51.23 29.57
CA ARG I 181 -12.67 52.14 30.57
C ARG I 181 -14.04 51.65 31.01
N THR I 182 -14.42 52.03 32.22
CA THR I 182 -15.72 51.66 32.80
C THR I 182 -16.29 52.89 33.52
N ASP I 183 -17.11 53.65 32.81
CA ASP I 183 -17.76 54.81 33.41
C ASP I 183 -18.97 54.36 34.21
N PRO I 184 -19.04 54.66 35.49
CA PRO I 184 -20.24 54.30 36.25
C PRO I 184 -21.40 55.20 35.87
N PRO I 185 -22.64 54.72 36.01
CA PRO I 185 -23.78 55.58 35.70
C PRO I 185 -24.00 56.64 36.77
N LYS I 186 -24.38 57.83 36.33
CA LYS I 186 -24.89 58.86 37.21
C LYS I 186 -26.39 58.69 37.33
N THR I 187 -26.87 58.45 38.56
CA THR I 187 -28.25 58.09 38.79
C THR I 187 -29.01 59.20 39.51
N HIS I 188 -30.25 59.41 39.10
CA HIS I 188 -31.17 60.28 39.81
C HIS I 188 -32.58 59.75 39.60
N MET I 189 -33.56 60.47 40.13
CA MET I 189 -34.92 59.97 40.18
C MET I 189 -35.89 61.13 40.01
N THR I 190 -36.92 60.92 39.19
CA THR I 190 -37.95 61.91 38.94
C THR I 190 -39.30 61.38 39.42
N HIS I 191 -40.22 62.32 39.68
CA HIS I 191 -41.54 61.99 40.20
C HIS I 191 -42.57 62.85 39.48
N HIS I 192 -43.53 62.21 38.85
CA HIS I 192 -44.59 62.89 38.10
C HIS I 192 -45.95 62.38 38.55
N PRO I 193 -46.75 63.19 39.25
CA PRO I 193 -48.12 62.77 39.57
C PRO I 193 -48.97 62.74 38.32
N ILE I 194 -49.60 61.59 38.07
CA ILE I 194 -50.42 61.38 36.89
C ILE I 194 -51.90 61.64 37.18
N SER I 195 -52.41 61.13 38.30
CA SER I 195 -53.79 61.37 38.69
C SER I 195 -53.87 61.81 40.14
N ASP I 196 -55.07 61.87 40.70
CA ASP I 196 -55.26 62.27 42.08
C ASP I 196 -54.92 61.16 43.07
N HIS I 197 -54.63 59.95 42.60
CA HIS I 197 -54.35 58.82 43.49
C HIS I 197 -53.13 58.01 43.07
N GLU I 198 -52.48 58.34 41.96
CA GLU I 198 -51.30 57.62 41.50
C GLU I 198 -50.22 58.61 41.08
N ALA I 199 -49.00 58.11 40.96
CA ALA I 199 -47.87 58.91 40.51
C ALA I 199 -46.85 57.99 39.86
N THR I 200 -45.99 58.58 39.04
CA THR I 200 -44.94 57.86 38.33
C THR I 200 -43.59 58.20 38.94
N LEU I 201 -42.84 57.17 39.31
CA LEU I 201 -41.46 57.29 39.74
C LEU I 201 -40.56 56.76 38.64
N ARG I 202 -39.61 57.57 38.19
CA ARG I 202 -38.70 57.17 37.12
C ARG I 202 -37.27 57.19 37.64
N CYS I 203 -36.55 56.10 37.40
CA CYS I 203 -35.19 55.91 37.87
C CYS I 203 -34.24 56.06 36.69
N TRP I 204 -33.34 57.03 36.76
CA TRP I 204 -32.47 57.37 35.63
C TRP I 204 -31.06 56.83 35.83
N ALA I 205 -30.41 56.51 34.71
CA ALA I 205 -29.02 56.08 34.69
C ALA I 205 -28.36 56.64 33.45
N LEU I 206 -27.37 57.51 33.62
CA LEU I 206 -26.79 58.26 32.52
C LEU I 206 -25.27 58.09 32.49
N GLY I 207 -24.72 58.12 31.27
CA GLY I 207 -23.29 58.21 31.08
C GLY I 207 -22.49 56.97 31.44
N PHE I 208 -23.08 55.79 31.35
CA PHE I 208 -22.39 54.56 31.72
C PHE I 208 -21.83 53.84 30.49
N TYR I 209 -20.80 53.04 30.74
CA TYR I 209 -20.13 52.25 29.71
C TYR I 209 -19.43 51.09 30.41
N PRO I 210 -19.53 49.85 29.89
CA PRO I 210 -20.27 49.46 28.68
C PRO I 210 -21.79 49.49 28.87
N ALA I 211 -22.53 49.13 27.81
CA ALA I 211 -23.95 49.40 27.76
C ALA I 211 -24.78 48.54 28.71
N GLU I 212 -24.25 47.41 29.17
CA GLU I 212 -25.05 46.51 29.99
C GLU I 212 -25.28 47.13 31.37
N ILE I 213 -26.52 47.00 31.85
CA ILE I 213 -26.93 47.59 33.12
C ILE I 213 -28.27 46.96 33.50
N THR I 214 -28.58 46.95 34.79
CA THR I 214 -29.83 46.36 35.28
C THR I 214 -30.52 47.35 36.21
N LEU I 215 -31.66 47.87 35.78
CA LEU I 215 -32.48 48.75 36.59
C LEU I 215 -33.71 47.97 37.05
N THR I 216 -33.83 47.76 38.36
CA THR I 216 -34.92 47.00 38.92
C THR I 216 -35.59 47.79 40.04
N TRP I 217 -36.89 47.56 40.21
CA TRP I 217 -37.67 48.20 41.25
C TRP I 217 -38.06 47.19 42.32
N GLN I 218 -38.14 47.68 43.56
CA GLN I 218 -38.61 46.87 44.68
C GLN I 218 -39.60 47.68 45.49
N ARG I 219 -40.56 46.99 46.10
CA ARG I 219 -41.49 47.59 47.05
C ARG I 219 -41.36 46.84 48.36
N ASP I 220 -40.95 47.54 49.42
CA ASP I 220 -40.68 46.94 50.72
C ASP I 220 -39.68 45.79 50.58
N GLY I 221 -38.63 46.03 49.80
CA GLY I 221 -37.58 45.05 49.60
C GLY I 221 -37.94 43.88 48.72
N GLU I 222 -39.17 43.82 48.21
CA GLU I 222 -39.61 42.73 47.35
C GLU I 222 -39.62 43.21 45.90
N ASP I 223 -38.88 42.51 45.04
CA ASP I 223 -38.81 42.89 43.63
C ASP I 223 -40.19 42.89 43.01
N GLN I 224 -40.52 43.97 42.30
CA GLN I 224 -41.81 44.15 41.68
C GLN I 224 -41.62 44.34 40.18
N THR I 225 -42.16 43.40 39.40
CA THR I 225 -42.10 43.46 37.95
C THR I 225 -43.42 43.91 37.32
N GLN I 226 -44.43 44.19 38.13
CA GLN I 226 -45.73 44.65 37.64
C GLN I 226 -45.78 46.17 37.67
N ASP I 227 -46.47 46.74 36.68
CA ASP I 227 -46.53 48.19 36.49
C ASP I 227 -45.14 48.79 36.31
N THR I 228 -44.25 48.05 35.65
CA THR I 228 -42.87 48.47 35.44
C THR I 228 -42.66 48.76 33.96
N GLU I 229 -42.26 49.99 33.65
CA GLU I 229 -41.92 50.38 32.30
C GLU I 229 -40.40 50.48 32.18
N LEU I 230 -39.84 49.90 31.12
CA LEU I 230 -38.40 49.79 30.95
C LEU I 230 -38.07 49.95 29.48
N VAL I 231 -37.47 51.09 29.12
CA VAL I 231 -37.09 51.34 27.73
C VAL I 231 -35.75 50.69 27.43
N GLU I 232 -35.43 50.58 26.15
CA GLU I 232 -34.16 49.99 25.75
C GLU I 232 -33.01 50.95 26.03
N THR I 233 -31.82 50.38 26.20
CA THR I 233 -30.62 51.20 26.38
C THR I 233 -30.29 51.94 25.09
N ARG I 234 -30.01 53.23 25.22
CA ARG I 234 -29.82 54.11 24.09
C ARG I 234 -28.47 54.81 24.19
N PRO I 235 -27.84 55.12 23.06
CA PRO I 235 -26.54 55.80 23.10
C PRO I 235 -26.72 57.30 23.31
N ALA I 236 -25.88 57.85 24.19
CA ALA I 236 -25.89 59.30 24.41
C ALA I 236 -25.33 60.06 23.22
N GLY I 237 -24.53 59.40 22.38
CA GLY I 237 -23.89 60.05 21.26
C GLY I 237 -22.43 60.37 21.45
N ASP I 238 -21.88 60.11 22.63
CA ASP I 238 -20.47 60.37 22.92
C ASP I 238 -19.75 59.11 23.41
N GLY I 239 -20.34 57.94 23.18
CA GLY I 239 -19.77 56.68 23.62
C GLY I 239 -20.41 56.11 24.87
N THR I 240 -21.15 56.92 25.62
CA THR I 240 -21.85 56.48 26.81
C THR I 240 -23.30 56.16 26.48
N PHE I 241 -24.00 55.58 27.46
CA PHE I 241 -25.34 55.07 27.25
C PHE I 241 -26.28 55.57 28.34
N GLN I 242 -27.58 55.43 28.06
CA GLN I 242 -28.63 55.94 28.94
C GLN I 242 -29.72 54.88 29.07
N LYS I 243 -30.46 54.94 30.17
CA LYS I 243 -31.56 54.02 30.42
C LYS I 243 -32.38 54.52 31.60
N TRP I 244 -33.66 54.17 31.61
CA TRP I 244 -34.49 54.48 32.77
C TRP I 244 -35.52 53.38 32.96
N ALA I 245 -36.02 53.30 34.20
CA ALA I 245 -37.05 52.36 34.58
C ALA I 245 -38.05 53.08 35.48
N ALA I 246 -39.34 52.87 35.22
CA ALA I 246 -40.39 53.61 35.91
C ALA I 246 -41.43 52.67 36.45
N VAL I 247 -42.08 53.09 37.55
CA VAL I 247 -43.19 52.36 38.15
C VAL I 247 -44.31 53.32 38.47
N VAL I 248 -45.54 52.83 38.42
CA VAL I 248 -46.73 53.60 38.77
C VAL I 248 -47.11 53.22 40.20
N VAL I 249 -46.94 54.16 41.13
CA VAL I 249 -47.16 53.89 42.54
C VAL I 249 -48.38 54.67 43.02
N PRO I 250 -49.11 54.19 44.02
CA PRO I 250 -50.19 54.99 44.59
C PRO I 250 -49.64 56.19 45.36
N SER I 251 -50.38 57.28 45.32
CA SER I 251 -49.93 58.52 45.94
C SER I 251 -49.75 58.32 47.44
N GLY I 252 -48.68 58.91 47.98
CA GLY I 252 -48.36 58.79 49.38
C GLY I 252 -47.51 57.61 49.74
N GLU I 253 -47.37 56.63 48.86
CA GLU I 253 -46.57 55.43 49.13
C GLU I 253 -45.26 55.44 48.36
N GLU I 254 -44.80 56.62 47.91
CA GLU I 254 -43.60 56.70 47.07
C GLU I 254 -42.37 56.20 47.81
N GLN I 255 -42.30 56.39 49.12
CA GLN I 255 -41.13 55.99 49.90
C GLN I 255 -41.11 54.50 50.22
N ARG I 256 -42.13 53.74 49.80
CA ARG I 256 -42.11 52.29 49.95
C ARG I 256 -41.35 51.61 48.82
N TYR I 257 -40.97 52.34 47.78
CA TYR I 257 -40.35 51.78 46.59
C TYR I 257 -38.88 52.19 46.53
N THR I 258 -38.02 51.25 46.11
CA THR I 258 -36.61 51.52 45.94
C THR I 258 -36.16 51.07 44.55
N CYS I 259 -35.28 51.86 43.94
CA CYS I 259 -34.66 51.52 42.67
C CYS I 259 -33.25 50.99 42.93
N HIS I 260 -32.88 49.95 42.19
CA HIS I 260 -31.59 49.29 42.37
C HIS I 260 -30.86 49.26 41.04
N VAL I 261 -29.64 49.80 41.03
CA VAL I 261 -28.84 49.99 39.82
C VAL I 261 -27.61 49.10 39.92
N GLN I 262 -27.42 48.23 38.94
CA GLN I 262 -26.27 47.34 38.88
C GLN I 262 -25.48 47.61 37.61
N HIS I 263 -24.20 47.90 37.75
CA HIS I 263 -23.34 48.19 36.61
C HIS I 263 -21.92 47.73 36.93
N GLU I 264 -21.16 47.45 35.87
CA GLU I 264 -19.80 46.96 36.05
C GLU I 264 -18.91 48.00 36.71
N GLY I 265 -19.14 49.28 36.44
CA GLY I 265 -18.33 50.35 36.99
C GLY I 265 -18.68 50.78 38.39
N LEU I 266 -19.66 50.14 39.03
CA LEU I 266 -20.04 50.48 40.39
C LEU I 266 -19.40 49.53 41.38
N PRO I 267 -18.68 50.04 42.39
CA PRO I 267 -18.09 49.14 43.40
C PRO I 267 -19.13 48.42 44.24
N LYS I 268 -20.36 48.95 44.31
CA LYS I 268 -21.44 48.36 45.08
C LYS I 268 -22.74 48.80 44.41
N PRO I 269 -23.70 47.90 44.25
CA PRO I 269 -24.96 48.26 43.57
C PRO I 269 -25.65 49.43 44.26
N LEU I 270 -26.00 50.44 43.47
CA LEU I 270 -26.66 51.62 43.99
C LEU I 270 -28.10 51.32 44.37
N THR I 271 -28.60 52.04 45.37
CA THR I 271 -29.99 51.97 45.79
C THR I 271 -30.53 53.39 45.91
N LEU I 272 -31.70 53.63 45.32
CA LEU I 272 -32.31 54.95 45.31
C LEU I 272 -33.72 54.88 45.89
N ARG I 273 -34.07 55.88 46.70
CA ARG I 273 -35.40 56.00 47.27
C ARG I 273 -35.86 57.46 47.14
N TRP I 274 -37.13 57.64 46.79
CA TRP I 274 -37.69 58.99 46.74
C TRP I 274 -37.84 59.56 48.15
N ILE J 1 -42.54 39.60 9.12
CA ILE J 1 -41.54 39.84 8.09
C ILE J 1 -41.09 41.30 8.15
N GLN J 2 -41.94 42.16 8.70
CA GLN J 2 -41.64 43.58 8.87
C GLN J 2 -41.84 43.96 10.33
N ARG J 3 -41.01 44.88 10.81
CA ARG J 3 -41.01 45.28 12.21
C ARG J 3 -40.99 46.79 12.32
N THR J 4 -41.85 47.33 13.19
CA THR J 4 -42.06 48.76 13.39
C THR J 4 -40.91 49.36 14.19
N PRO J 5 -40.44 50.56 13.84
CA PRO J 5 -39.38 51.19 14.62
C PRO J 5 -39.87 51.67 15.98
N LYS J 6 -39.08 51.38 17.01
CA LYS J 6 -39.23 52.01 18.30
C LYS J 6 -38.44 53.31 18.32
N ILE J 7 -38.98 54.33 18.96
CA ILE J 7 -38.46 55.69 18.84
C ILE J 7 -38.26 56.29 20.22
N GLN J 8 -37.08 56.89 20.43
CA GLN J 8 -36.82 57.72 21.60
C GLN J 8 -36.16 59.01 21.14
N VAL J 9 -36.63 60.13 21.68
CA VAL J 9 -36.05 61.44 21.42
C VAL J 9 -35.65 62.04 22.75
N TYR J 10 -34.41 62.54 22.82
CA TYR J 10 -33.82 62.95 24.09
C TYR J 10 -32.55 63.74 23.79
N SER J 11 -31.99 64.34 24.84
CA SER J 11 -30.75 65.08 24.76
C SER J 11 -29.59 64.23 25.26
N ARG J 12 -28.38 64.63 24.88
CA ARG J 12 -27.18 63.91 25.32
C ARG J 12 -26.90 64.18 26.80
N HIS J 13 -27.03 65.43 27.21
CA HIS J 13 -26.80 65.86 28.57
C HIS J 13 -28.09 66.39 29.18
N PRO J 14 -28.18 66.46 30.50
CA PRO J 14 -29.36 67.08 31.12
C PRO J 14 -29.56 68.50 30.61
N ALA J 15 -30.76 68.78 30.10
CA ALA J 15 -30.99 70.01 29.37
C ALA J 15 -31.01 71.21 30.31
N GLU J 16 -30.25 72.25 29.95
CA GLU J 16 -30.24 73.52 30.64
C GLU J 16 -30.36 74.63 29.62
N ASN J 17 -31.29 75.55 29.84
CA ASN J 17 -31.51 76.65 28.91
C ASN J 17 -30.26 77.51 28.80
N GLY J 18 -29.75 77.67 27.58
CA GLY J 18 -28.58 78.47 27.30
C GLY J 18 -27.32 77.65 27.05
N LYS J 19 -27.25 76.43 27.58
CA LYS J 19 -26.07 75.60 27.43
C LYS J 19 -26.21 74.69 26.22
N SER J 20 -25.15 74.60 25.42
CA SER J 20 -25.17 73.79 24.21
C SER J 20 -25.30 72.31 24.55
N ASN J 21 -25.99 71.58 23.67
CA ASN J 21 -26.34 70.20 23.91
C ASN J 21 -26.49 69.50 22.57
N PHE J 22 -26.89 68.23 22.61
CA PHE J 22 -27.14 67.45 21.41
C PHE J 22 -28.51 66.81 21.49
N LEU J 23 -29.32 67.02 20.45
CA LEU J 23 -30.66 66.44 20.38
C LEU J 23 -30.57 65.12 19.62
N ASN J 24 -31.03 64.04 20.25
CA ASN J 24 -30.95 62.70 19.68
C ASN J 24 -32.34 62.16 19.35
N CYS J 25 -32.42 61.40 18.27
CA CYS J 25 -33.57 60.56 17.96
C CYS J 25 -33.03 59.18 17.66
N TYR J 26 -33.35 58.22 18.52
CA TYR J 26 -32.84 56.85 18.42
C TYR J 26 -33.96 55.94 17.95
N VAL J 27 -33.77 55.28 16.82
CA VAL J 27 -34.75 54.38 16.24
C VAL J 27 -34.16 52.99 16.21
N SER J 28 -34.95 52.00 16.63
CA SER J 28 -34.43 50.65 16.78
C SER J 28 -35.54 49.63 16.56
N GLY J 29 -35.14 48.38 16.36
CA GLY J 29 -36.09 47.28 16.25
C GLY J 29 -36.89 47.25 14.97
N PHE J 30 -36.42 47.89 13.91
CA PHE J 30 -37.20 47.99 12.68
C PHE J 30 -36.58 47.17 11.56
N HIS J 31 -37.45 46.71 10.64
CA HIS J 31 -37.06 45.99 9.45
C HIS J 31 -38.12 46.21 8.38
N PRO J 32 -37.74 46.49 7.10
CA PRO J 32 -36.36 46.58 6.58
C PRO J 32 -35.64 47.86 6.99
N SER J 33 -34.50 48.12 6.35
CA SER J 33 -33.59 49.16 6.81
C SER J 33 -33.96 50.56 6.33
N ASP J 34 -34.71 50.67 5.23
CA ASP J 34 -35.08 51.99 4.73
C ASP J 34 -35.95 52.72 5.75
N ILE J 35 -35.54 53.93 6.10
CA ILE J 35 -36.22 54.72 7.11
C ILE J 35 -35.77 56.17 6.96
N GLU J 36 -36.69 57.10 7.19
CA GLU J 36 -36.39 58.53 7.16
C GLU J 36 -36.71 59.13 8.53
N VAL J 37 -35.75 59.88 9.07
CA VAL J 37 -35.88 60.50 10.37
C VAL J 37 -35.52 61.97 10.23
N ASP J 38 -36.37 62.85 10.76
CA ASP J 38 -36.13 64.28 10.78
C ASP J 38 -36.24 64.79 12.20
N LEU J 39 -35.43 65.79 12.54
CA LEU J 39 -35.51 66.49 13.80
C LEU J 39 -36.23 67.82 13.58
N LEU J 40 -37.28 68.08 14.35
CA LEU J 40 -38.16 69.22 14.14
C LEU J 40 -37.98 70.24 15.25
N LYS J 41 -37.75 71.49 14.87
CA LYS J 41 -37.75 72.62 15.80
C LYS J 41 -38.96 73.48 15.53
N ASN J 42 -39.88 73.54 16.51
CA ASN J 42 -41.12 74.29 16.38
C ASN J 42 -41.92 73.84 15.16
N GLY J 43 -41.80 72.56 14.81
CA GLY J 43 -42.49 71.99 13.67
C GLY J 43 -41.72 72.03 12.37
N GLU J 44 -40.66 72.82 12.28
CA GLU J 44 -39.87 72.94 11.07
C GLU J 44 -38.68 71.99 11.10
N ARG J 45 -38.36 71.43 9.95
CA ARG J 45 -37.29 70.44 9.86
C ARG J 45 -35.93 71.09 10.01
N ILE J 46 -35.09 70.53 10.89
CA ILE J 46 -33.74 71.02 11.11
C ILE J 46 -32.82 70.49 10.02
N GLU J 47 -31.96 71.34 9.49
CA GLU J 47 -30.99 70.96 8.48
C GLU J 47 -29.69 70.52 9.13
N LYS J 48 -28.87 69.82 8.35
CA LYS J 48 -27.53 69.38 8.77
C LYS J 48 -27.61 68.43 9.96
N VAL J 49 -28.51 67.45 9.87
CA VAL J 49 -28.67 66.45 10.91
C VAL J 49 -27.84 65.23 10.55
N GLU J 50 -26.89 64.88 11.41
CA GLU J 50 -26.06 63.71 11.19
C GLU J 50 -26.73 62.46 11.74
N HIS J 51 -26.24 61.30 11.32
CA HIS J 51 -26.76 60.03 11.80
C HIS J 51 -25.65 59.00 11.78
N SER J 52 -25.84 57.95 12.58
CA SER J 52 -24.85 56.90 12.72
C SER J 52 -24.88 55.96 11.51
N ASP J 53 -23.93 55.05 11.47
CA ASP J 53 -23.84 54.04 10.42
C ASP J 53 -24.72 52.85 10.76
N LEU J 54 -25.43 52.35 9.76
CA LEU J 54 -26.43 51.31 9.97
C LEU J 54 -25.80 50.06 10.58
N SER J 55 -26.38 49.62 11.70
CA SER J 55 -26.01 48.36 12.34
C SER J 55 -27.30 47.65 12.74
N PHE J 56 -27.17 46.43 13.27
CA PHE J 56 -28.34 45.67 13.67
C PHE J 56 -28.04 44.89 14.95
N SER J 57 -29.13 44.50 15.62
CA SER J 57 -29.05 43.79 16.89
C SER J 57 -29.05 42.28 16.66
N LYS J 58 -29.13 41.50 17.75
CA LYS J 58 -29.06 40.05 17.65
C LYS J 58 -30.22 39.49 16.83
N ASP J 59 -31.40 40.08 16.96
CA ASP J 59 -32.58 39.62 16.23
C ASP J 59 -32.63 40.13 14.80
N TRP J 60 -31.52 40.67 14.28
CA TRP J 60 -31.34 41.21 12.95
C TRP J 60 -32.09 42.52 12.73
N SER J 61 -32.73 43.08 13.75
CA SER J 61 -33.41 44.36 13.60
C SER J 61 -32.39 45.50 13.67
N PHE J 62 -32.66 46.54 12.89
CA PHE J 62 -31.71 47.63 12.71
C PHE J 62 -31.90 48.70 13.78
N TYR J 63 -30.85 49.51 13.97
CA TYR J 63 -30.91 50.67 14.83
C TYR J 63 -30.05 51.78 14.24
N LEU J 64 -30.47 53.02 14.50
CA LEU J 64 -29.77 54.20 14.02
C LEU J 64 -29.93 55.31 15.05
N LEU J 65 -28.98 56.24 15.05
CA LEU J 65 -29.02 57.39 15.93
C LEU J 65 -28.89 58.66 15.09
N TYR J 66 -29.92 59.49 15.11
CA TYR J 66 -29.89 60.80 14.47
C TYR J 66 -29.65 61.87 15.54
N TYR J 67 -28.75 62.80 15.25
CA TYR J 67 -28.35 63.77 16.25
C TYR J 67 -27.99 65.09 15.59
N THR J 68 -28.08 66.17 16.38
CA THR J 68 -27.70 67.50 15.92
C THR J 68 -27.44 68.37 17.15
N GLU J 69 -26.59 69.38 16.96
CA GLU J 69 -26.34 70.35 18.01
C GLU J 69 -27.54 71.27 18.16
N PHE J 70 -27.87 71.61 19.40
CA PHE J 70 -28.96 72.53 19.66
C PHE J 70 -28.78 73.14 21.04
N THR J 71 -29.37 74.32 21.23
CA THR J 71 -29.39 74.98 22.53
C THR J 71 -30.81 75.04 23.03
N PRO J 72 -31.14 74.37 24.14
CA PRO J 72 -32.52 74.41 24.64
C PRO J 72 -32.91 75.81 25.09
N THR J 73 -34.19 76.13 24.93
CA THR J 73 -34.76 77.38 25.41
C THR J 73 -36.09 77.10 26.06
N GLU J 74 -36.67 78.14 26.68
CA GLU J 74 -37.97 77.97 27.33
C GLU J 74 -39.10 77.87 26.32
N LYS J 75 -38.93 78.46 25.14
CA LYS J 75 -40.03 78.59 24.17
C LYS J 75 -39.98 77.57 23.04
N ASP J 76 -38.81 77.04 22.71
CA ASP J 76 -38.68 76.20 21.53
C ASP J 76 -39.06 74.75 21.84
N GLU J 77 -39.96 74.20 21.03
CA GLU J 77 -40.34 72.79 21.11
C GLU J 77 -39.55 71.99 20.09
N TYR J 78 -39.17 70.77 20.47
CA TYR J 78 -38.41 69.89 19.60
C TYR J 78 -39.12 68.55 19.50
N ALA J 79 -38.82 67.83 18.42
CA ALA J 79 -39.41 66.52 18.16
C ALA J 79 -38.58 65.83 17.10
N CYS J 80 -38.88 64.55 16.89
CA CYS J 80 -38.41 63.87 15.69
C CYS J 80 -39.57 63.13 15.04
N ARG J 81 -39.52 63.10 13.71
CA ARG J 81 -40.58 62.55 12.87
C ARG J 81 -40.00 61.38 12.08
N VAL J 82 -40.57 60.20 12.28
CA VAL J 82 -40.07 58.97 11.68
C VAL J 82 -41.09 58.46 10.67
N ASN J 83 -40.61 58.09 9.49
CA ASN J 83 -41.43 57.43 8.49
C ASN J 83 -40.79 56.11 8.11
N HIS J 84 -41.63 55.08 7.98
CA HIS J 84 -41.18 53.72 7.71
C HIS J 84 -42.30 53.01 6.96
N VAL J 85 -41.95 51.94 6.25
CA VAL J 85 -42.95 51.24 5.45
C VAL J 85 -44.03 50.64 6.33
N THR J 86 -43.71 50.31 7.58
CA THR J 86 -44.70 49.81 8.53
C THR J 86 -45.57 50.93 9.08
N LEU J 87 -45.40 52.16 8.63
CA LEU J 87 -46.15 53.31 9.14
C LEU J 87 -46.98 53.90 8.01
N SER J 88 -48.30 53.93 8.20
CA SER J 88 -49.17 54.57 7.22
C SER J 88 -48.98 56.08 7.21
N GLN J 89 -48.62 56.66 8.36
CA GLN J 89 -48.36 58.08 8.50
C GLN J 89 -47.09 58.27 9.31
N PRO J 90 -46.35 59.35 9.08
CA PRO J 90 -45.16 59.61 9.89
C PRO J 90 -45.52 59.81 11.36
N LYS J 91 -44.73 59.20 12.24
CA LYS J 91 -44.97 59.24 13.68
C LYS J 91 -44.10 60.33 14.29
N ILE J 92 -44.73 61.37 14.81
CA ILE J 92 -44.05 62.49 15.44
C ILE J 92 -44.00 62.25 16.95
N VAL J 93 -42.80 62.27 17.53
CA VAL J 93 -42.60 62.10 18.95
C VAL J 93 -41.90 63.33 19.50
N LYS J 94 -42.58 64.05 20.39
CA LYS J 94 -42.07 65.30 20.91
C LYS J 94 -41.05 65.06 22.02
N TRP J 95 -40.08 65.97 22.12
CA TRP J 95 -39.05 65.88 23.15
C TRP J 95 -39.62 66.34 24.49
N ASP J 96 -39.57 65.46 25.49
CA ASP J 96 -40.04 65.76 26.84
C ASP J 96 -38.80 65.83 27.73
N ARG J 97 -38.35 67.04 28.03
CA ARG J 97 -37.10 67.20 28.77
C ARG J 97 -37.27 66.86 30.24
N ASP J 98 -38.47 67.05 30.80
CA ASP J 98 -38.73 66.78 32.20
C ASP J 98 -39.10 65.33 32.46
N MET J 99 -38.77 64.43 31.54
CA MET J 99 -39.08 63.01 31.71
C MET J 99 -38.10 62.35 32.68
N VAL K 1 -9.31 44.10 11.17
CA VAL K 1 -9.35 43.89 9.72
C VAL K 1 -10.49 42.95 9.36
N VAL K 2 -11.15 43.22 8.24
CA VAL K 2 -12.27 42.38 7.82
C VAL K 2 -11.77 40.99 7.46
N GLY K 3 -12.69 40.03 7.43
CA GLY K 3 -12.31 38.66 7.15
C GLY K 3 -13.44 37.66 7.02
N ALA K 4 -14.57 38.08 6.47
CA ALA K 4 -15.65 37.14 6.17
C ALA K 4 -15.29 36.34 4.92
N VAL K 5 -15.36 35.02 5.03
CA VAL K 5 -15.02 34.15 3.91
C VAL K 5 -16.10 34.27 2.84
N GLY K 6 -15.67 34.50 1.60
CA GLY K 6 -16.61 34.80 0.54
C GLY K 6 -16.84 33.69 -0.48
N VAL K 7 -17.18 32.50 -0.01
CA VAL K 7 -17.65 31.45 -0.90
C VAL K 7 -19.09 31.74 -1.28
N GLY K 8 -19.37 31.76 -2.58
CA GLY K 8 -20.70 32.10 -3.04
C GLY K 8 -21.76 31.19 -2.44
N LYS K 9 -22.88 31.79 -2.04
CA LYS K 9 -23.97 31.03 -1.43
C LYS K 9 -24.80 30.31 -2.50
N GLY L 1 -38.11 5.71 25.39
CA GLY L 1 -38.64 4.36 25.32
C GLY L 1 -38.51 3.74 23.94
N SER L 2 -39.63 3.25 23.41
CA SER L 2 -39.67 2.67 22.09
C SER L 2 -40.04 3.73 21.06
N HIS L 3 -39.63 3.50 19.81
CA HIS L 3 -39.89 4.43 18.73
C HIS L 3 -40.27 3.65 17.47
N SER L 4 -40.96 4.35 16.57
CA SER L 4 -41.48 3.74 15.36
C SER L 4 -41.34 4.69 14.19
N MET L 5 -41.14 4.11 13.01
CA MET L 5 -41.25 4.82 11.74
C MET L 5 -42.33 4.14 10.93
N ARG L 6 -43.28 4.93 10.42
CA ARG L 6 -44.41 4.40 9.67
C ARG L 6 -44.66 5.22 8.42
N TYR L 7 -45.00 4.54 7.33
CA TYR L 7 -45.41 5.17 6.08
C TYR L 7 -46.83 4.77 5.73
N PHE L 8 -47.60 5.72 5.21
CA PHE L 8 -49.00 5.51 4.84
C PHE L 8 -49.19 5.92 3.40
N TYR L 9 -49.70 5.01 2.58
CA TYR L 9 -50.00 5.28 1.17
C TYR L 9 -51.50 5.23 0.94
N THR L 10 -52.00 6.17 0.13
CA THR L 10 -53.40 6.18 -0.29
C THR L 10 -53.46 6.44 -1.77
N SER L 11 -54.01 5.50 -2.53
CA SER L 11 -54.27 5.68 -3.95
C SER L 11 -55.76 5.55 -4.21
N VAL L 12 -56.29 6.49 -5.01
CA VAL L 12 -57.71 6.55 -5.32
C VAL L 12 -57.86 6.70 -6.83
N SER L 13 -58.55 5.76 -7.46
CA SER L 13 -58.72 5.82 -8.90
C SER L 13 -59.78 6.84 -9.28
N ARG L 14 -59.56 7.51 -10.41
CA ARG L 14 -60.45 8.55 -10.93
C ARG L 14 -60.77 8.20 -12.37
N PRO L 15 -61.64 7.21 -12.59
CA PRO L 15 -61.87 6.69 -13.95
C PRO L 15 -62.42 7.76 -14.88
N GLY L 16 -61.92 7.76 -16.11
CA GLY L 16 -62.25 8.78 -17.08
C GLY L 16 -61.60 10.13 -16.83
N ARG L 17 -60.81 10.26 -15.77
CA ARG L 17 -60.22 11.55 -15.41
C ARG L 17 -58.70 11.48 -15.29
N GLY L 18 -58.08 10.39 -15.69
CA GLY L 18 -56.63 10.32 -15.70
C GLY L 18 -56.00 9.47 -14.61
N GLU L 19 -54.85 9.92 -14.11
CA GLU L 19 -54.10 9.15 -13.14
C GLU L 19 -54.81 9.12 -11.79
N PRO L 20 -54.63 8.05 -11.01
CA PRO L 20 -55.15 8.06 -9.64
C PRO L 20 -54.50 9.14 -8.80
N ARG L 21 -55.19 9.50 -7.73
CA ARG L 21 -54.65 10.42 -6.73
C ARG L 21 -53.86 9.61 -5.70
N PHE L 22 -52.56 9.93 -5.56
CA PHE L 22 -51.66 9.20 -4.69
C PHE L 22 -51.05 10.15 -3.68
N ILE L 23 -51.16 9.80 -2.40
CA ILE L 23 -50.60 10.59 -1.30
C ILE L 23 -49.82 9.66 -0.38
N ALA L 24 -48.59 10.06 -0.05
CA ALA L 24 -47.74 9.32 0.88
C ALA L 24 -47.31 10.23 2.02
N VAL L 25 -47.26 9.67 3.22
CA VAL L 25 -46.85 10.41 4.42
C VAL L 25 -45.91 9.51 5.23
N GLY L 26 -44.83 10.10 5.73
CA GLY L 26 -43.90 9.42 6.61
C GLY L 26 -44.03 9.94 8.03
N TYR L 27 -43.95 9.03 9.00
CA TYR L 27 -44.06 9.36 10.41
C TYR L 27 -42.86 8.81 11.18
N VAL L 28 -42.42 9.58 12.17
CA VAL L 28 -41.58 9.07 13.25
C VAL L 28 -42.34 9.36 14.54
N ASP L 29 -42.79 8.29 15.22
CA ASP L 29 -43.73 8.39 16.33
C ASP L 29 -44.97 9.07 15.80
N ASP L 30 -45.44 10.17 16.39
CA ASP L 30 -46.64 10.86 15.94
C ASP L 30 -46.31 12.17 15.22
N THR L 31 -45.15 12.23 14.57
CA THR L 31 -44.68 13.43 13.91
C THR L 31 -44.49 13.13 12.42
N GLN L 32 -45.19 13.87 11.57
CA GLN L 32 -44.95 13.80 10.14
C GLN L 32 -43.60 14.43 9.82
N PHE L 33 -42.87 13.83 8.88
CA PHE L 33 -41.59 14.41 8.46
C PHE L 33 -41.40 14.47 6.95
N VAL L 34 -42.07 13.63 6.15
CA VAL L 34 -42.05 13.75 4.70
C VAL L 34 -43.46 13.54 4.16
N ARG L 35 -43.66 13.93 2.89
CA ARG L 35 -44.94 13.74 2.25
C ARG L 35 -44.77 13.84 0.74
N PHE L 36 -45.68 13.20 0.02
CA PHE L 36 -45.76 13.32 -1.43
C PHE L 36 -47.22 13.32 -1.84
N ASP L 37 -47.59 14.26 -2.72
CA ASP L 37 -48.93 14.37 -3.26
C ASP L 37 -48.82 14.46 -4.77
N SER L 38 -49.42 13.50 -5.48
CA SER L 38 -49.30 13.44 -6.94
C SER L 38 -50.01 14.60 -7.63
N ASP L 39 -50.83 15.37 -6.92
CA ASP L 39 -51.45 16.56 -7.48
C ASP L 39 -50.76 17.85 -7.04
N ALA L 40 -49.76 17.76 -6.18
CA ALA L 40 -49.02 18.95 -5.78
C ALA L 40 -48.18 19.47 -6.95
N ALA L 41 -47.78 20.74 -6.84
CA ALA L 41 -47.08 21.38 -7.94
C ALA L 41 -45.64 20.91 -8.05
N SER L 42 -45.01 20.56 -6.92
CA SER L 42 -43.57 20.28 -6.94
C SER L 42 -43.25 18.97 -7.63
N GLN L 43 -44.14 17.96 -7.50
CA GLN L 43 -43.85 16.59 -7.94
C GLN L 43 -42.60 16.05 -7.24
N ARG L 44 -42.47 16.37 -5.95
CA ARG L 44 -41.29 16.00 -5.17
C ARG L 44 -41.73 15.49 -3.81
N MET L 45 -40.92 14.58 -3.26
CA MET L 45 -40.99 14.31 -1.83
C MET L 45 -40.59 15.57 -1.08
N GLU L 46 -41.42 15.97 -0.12
CA GLU L 46 -41.18 17.24 0.55
C GLU L 46 -40.95 17.05 2.04
N PRO L 47 -40.08 17.85 2.65
CA PRO L 47 -39.87 17.76 4.10
C PRO L 47 -41.02 18.39 4.88
N ARG L 48 -41.34 17.79 6.02
CA ARG L 48 -42.38 18.32 6.90
C ARG L 48 -41.93 18.43 8.35
N ALA L 49 -40.65 18.17 8.64
CA ALA L 49 -40.08 18.34 9.96
C ALA L 49 -38.71 18.98 9.81
N PRO L 50 -38.29 19.80 10.78
CA PRO L 50 -37.02 20.52 10.62
C PRO L 50 -35.80 19.61 10.52
N TRP L 51 -35.81 18.46 11.18
CA TRP L 51 -34.61 17.63 11.24
C TRP L 51 -34.38 16.79 9.99
N ILE L 52 -35.37 16.65 9.11
CA ILE L 52 -35.15 15.91 7.88
C ILE L 52 -34.53 16.78 6.80
N GLU L 53 -34.55 18.10 6.97
CA GLU L 53 -33.98 19.01 5.98
C GLU L 53 -32.46 18.85 5.84
N GLN L 54 -31.80 18.16 6.78
CA GLN L 54 -30.37 17.98 6.70
C GLN L 54 -29.96 17.05 5.57
N GLU L 55 -30.87 16.22 5.08
CA GLU L 55 -30.54 15.26 4.04
C GLU L 55 -30.19 15.97 2.73
N GLY L 56 -29.17 15.46 2.05
CA GLY L 56 -28.71 16.06 0.81
C GLY L 56 -29.62 15.76 -0.35
N PRO L 57 -29.24 16.28 -1.52
CA PRO L 57 -30.10 16.10 -2.70
C PRO L 57 -30.25 14.65 -3.12
N GLU L 58 -29.25 13.80 -2.81
CA GLU L 58 -29.35 12.39 -3.16
C GLU L 58 -30.54 11.74 -2.46
N TYR L 59 -30.80 12.13 -1.20
CA TYR L 59 -31.95 11.61 -0.48
C TYR L 59 -33.25 12.04 -1.16
N TRP L 60 -33.41 13.34 -1.37
CA TRP L 60 -34.67 13.86 -1.92
C TRP L 60 -34.89 13.39 -3.35
N ASP L 61 -33.83 13.40 -4.18
CA ASP L 61 -33.96 12.95 -5.55
C ASP L 61 -34.41 11.49 -5.64
N GLN L 62 -33.90 10.65 -4.74
CA GLN L 62 -34.21 9.23 -4.83
C GLN L 62 -35.53 8.90 -4.15
N GLU L 63 -35.84 9.54 -3.03
CA GLU L 63 -37.15 9.35 -2.41
C GLU L 63 -38.26 9.79 -3.35
N THR L 64 -38.02 10.86 -4.12
CA THR L 64 -39.00 11.29 -5.11
C THR L 64 -39.22 10.21 -6.16
N ARG L 65 -38.13 9.68 -6.72
CA ARG L 65 -38.26 8.58 -7.69
C ARG L 65 -38.94 7.37 -7.06
N ASN L 66 -38.52 7.00 -5.86
CA ASN L 66 -39.09 5.82 -5.20
C ASN L 66 -40.59 5.97 -4.98
N VAL L 67 -41.01 7.12 -4.44
CA VAL L 67 -42.42 7.30 -4.12
C VAL L 67 -43.24 7.50 -5.39
N LYS L 68 -42.65 8.07 -6.44
CA LYS L 68 -43.38 8.19 -7.70
C LYS L 68 -43.56 6.81 -8.34
N ALA L 69 -42.59 5.92 -8.17
CA ALA L 69 -42.75 4.55 -8.66
C ALA L 69 -43.84 3.81 -7.88
N GLN L 70 -43.99 4.11 -6.60
CA GLN L 70 -45.06 3.49 -5.83
C GLN L 70 -46.42 3.88 -6.37
N SER L 71 -46.59 5.15 -6.78
CA SER L 71 -47.85 5.60 -7.33
C SER L 71 -48.19 4.82 -8.61
N GLN L 72 -47.18 4.48 -9.41
CA GLN L 72 -47.43 3.67 -10.59
C GLN L 72 -47.76 2.24 -10.20
N THR L 73 -47.09 1.71 -9.18
CA THR L 73 -47.40 0.36 -8.70
C THR L 73 -48.85 0.25 -8.28
N ASP L 74 -49.33 1.23 -7.50
CA ASP L 74 -50.73 1.21 -7.07
C ASP L 74 -51.68 1.45 -8.23
N ARG L 75 -51.27 2.24 -9.23
CA ARG L 75 -52.10 2.42 -10.40
C ARG L 75 -52.36 1.10 -11.10
N VAL L 76 -51.31 0.31 -11.31
CA VAL L 76 -51.46 -0.98 -11.96
C VAL L 76 -52.24 -1.94 -11.07
N ASP L 77 -52.03 -1.87 -9.75
CA ASP L 77 -52.76 -2.75 -8.84
C ASP L 77 -54.25 -2.43 -8.83
N LEU L 78 -54.60 -1.14 -8.88
CA LEU L 78 -56.01 -0.76 -8.96
C LEU L 78 -56.70 -1.41 -10.15
N GLY L 79 -56.05 -1.37 -11.32
CA GLY L 79 -56.59 -2.06 -12.47
C GLY L 79 -56.64 -3.57 -12.29
N THR L 80 -55.62 -4.13 -11.64
CA THR L 80 -55.58 -5.57 -11.42
C THR L 80 -56.66 -6.01 -10.43
N LEU L 81 -56.81 -5.29 -9.32
CA LEU L 81 -57.83 -5.67 -8.34
C LEU L 81 -59.24 -5.47 -8.87
N ARG L 82 -59.44 -4.47 -9.73
CA ARG L 82 -60.74 -4.31 -10.36
C ARG L 82 -61.11 -5.55 -11.17
N GLY L 83 -60.13 -6.15 -11.84
CA GLY L 83 -60.39 -7.38 -12.57
C GLY L 83 -60.62 -8.58 -11.67
N TYR L 84 -59.92 -8.61 -10.52
CA TYR L 84 -60.14 -9.70 -9.57
C TYR L 84 -61.57 -9.73 -9.07
N TYR L 85 -62.12 -8.58 -8.70
CA TYR L 85 -63.46 -8.47 -8.15
C TYR L 85 -64.53 -8.29 -9.21
N ASN L 86 -64.16 -8.34 -10.49
CA ASN L 86 -65.10 -8.19 -11.61
C ASN L 86 -65.92 -6.91 -11.46
N GLN L 87 -65.26 -5.84 -11.04
CA GLN L 87 -65.94 -4.57 -10.77
C GLN L 87 -65.98 -3.71 -12.03
N SER L 88 -66.91 -2.78 -12.04
CA SER L 88 -67.07 -1.87 -13.16
C SER L 88 -65.90 -0.89 -13.24
N GLU L 89 -65.57 -0.48 -14.46
CA GLU L 89 -64.53 0.51 -14.68
C GLU L 89 -64.97 1.93 -14.39
N ASP L 90 -66.24 2.14 -14.04
CA ASP L 90 -66.76 3.47 -13.76
C ASP L 90 -66.65 3.84 -12.29
N GLY L 91 -66.58 2.85 -11.39
CA GLY L 91 -66.50 3.14 -9.97
C GLY L 91 -65.09 3.49 -9.53
N SER L 92 -65.02 4.35 -8.52
CA SER L 92 -63.76 4.72 -7.90
C SER L 92 -63.39 3.72 -6.81
N HIS L 93 -62.10 3.40 -6.73
CA HIS L 93 -61.65 2.41 -5.76
C HIS L 93 -60.36 2.90 -5.12
N THR L 94 -60.10 2.41 -3.90
CA THR L 94 -59.03 2.88 -3.05
C THR L 94 -58.11 1.74 -2.67
N ILE L 95 -56.80 2.00 -2.72
CA ILE L 95 -55.80 1.11 -2.16
C ILE L 95 -55.06 1.88 -1.07
N GLN L 96 -54.97 1.28 0.12
CA GLN L 96 -54.27 1.87 1.25
C GLN L 96 -53.19 0.92 1.72
N ILE L 97 -51.99 1.45 1.96
CA ILE L 97 -50.87 0.65 2.43
C ILE L 97 -50.26 1.33 3.65
N MET L 98 -49.99 0.54 4.69
CA MET L 98 -49.28 0.99 5.87
C MET L 98 -48.18 -0.01 6.18
N TYR L 99 -47.01 0.50 6.56
CA TYR L 99 -45.91 -0.37 6.95
C TYR L 99 -44.92 0.43 7.80
N GLY L 100 -44.12 -0.30 8.55
CA GLY L 100 -43.10 0.35 9.37
C GLY L 100 -42.42 -0.63 10.30
N CYS L 101 -41.53 -0.07 11.12
CA CYS L 101 -40.73 -0.86 12.05
C CYS L 101 -40.66 -0.16 13.40
N ASP L 102 -40.51 -0.94 14.46
CA ASP L 102 -40.32 -0.44 15.81
C ASP L 102 -38.93 -0.83 16.31
N VAL L 103 -38.30 0.07 17.06
CA VAL L 103 -37.04 -0.22 17.72
C VAL L 103 -37.20 -0.03 19.21
N GLY L 104 -36.48 -0.84 19.98
CA GLY L 104 -36.49 -0.71 21.42
C GLY L 104 -35.65 0.46 21.89
N PRO L 105 -35.55 0.59 23.22
CA PRO L 105 -34.73 1.68 23.77
C PRO L 105 -33.28 1.61 23.33
N ASP L 106 -32.74 0.40 23.12
CA ASP L 106 -31.36 0.24 22.69
C ASP L 106 -31.18 0.47 21.19
N GLY L 107 -32.23 0.89 20.48
CA GLY L 107 -32.13 1.14 19.06
C GLY L 107 -32.16 -0.08 18.18
N ARG L 108 -32.42 -1.26 18.73
CA ARG L 108 -32.41 -2.50 17.98
C ARG L 108 -33.82 -2.89 17.56
N PHE L 109 -33.90 -3.67 16.48
CA PHE L 109 -35.18 -4.02 15.90
C PHE L 109 -36.08 -4.72 16.91
N LEU L 110 -37.34 -4.30 16.95
CA LEU L 110 -38.33 -4.89 17.84
C LEU L 110 -39.46 -5.56 17.08
N ARG L 111 -40.03 -4.87 16.09
CA ARG L 111 -41.19 -5.40 15.38
C ARG L 111 -41.27 -4.72 14.01
N GLY L 112 -41.89 -5.43 13.07
CA GLY L 112 -42.13 -4.88 11.75
C GLY L 112 -43.48 -5.34 11.24
N TYR L 113 -44.03 -4.57 10.31
CA TYR L 113 -45.39 -4.83 9.86
C TYR L 113 -45.64 -4.19 8.51
N ARG L 114 -46.58 -4.77 7.77
CA ARG L 114 -47.08 -4.18 6.55
C ARG L 114 -48.49 -4.69 6.29
N GLN L 115 -49.41 -3.77 6.02
CA GLN L 115 -50.82 -4.10 5.79
C GLN L 115 -51.32 -3.35 4.57
N ASP L 116 -52.14 -4.03 3.75
CA ASP L 116 -52.72 -3.46 2.55
C ASP L 116 -54.24 -3.60 2.60
N ALA L 117 -54.94 -2.55 2.17
CA ALA L 117 -56.39 -2.54 2.13
C ALA L 117 -56.88 -2.25 0.71
N TYR L 118 -58.12 -2.66 0.45
CA TYR L 118 -58.79 -2.31 -0.80
C TYR L 118 -60.21 -1.89 -0.46
N ASP L 119 -60.56 -0.65 -0.81
CA ASP L 119 -61.87 -0.08 -0.53
C ASP L 119 -62.18 -0.07 0.97
N GLY L 120 -61.13 0.13 1.78
CA GLY L 120 -61.29 0.27 3.21
C GLY L 120 -61.47 -1.02 3.97
N LYS L 121 -61.18 -2.16 3.35
CA LYS L 121 -61.23 -3.45 4.03
C LYS L 121 -59.89 -4.15 3.84
N ASP L 122 -59.55 -5.00 4.81
CA ASP L 122 -58.29 -5.73 4.75
C ASP L 122 -58.17 -6.50 3.44
N TYR L 123 -56.98 -6.45 2.84
CA TYR L 123 -56.71 -7.20 1.63
C TYR L 123 -55.63 -8.24 1.89
N ILE L 124 -54.39 -7.84 2.15
CA ILE L 124 -53.31 -8.75 2.47
C ILE L 124 -52.43 -8.09 3.52
N ALA L 125 -51.88 -8.89 4.41
CA ALA L 125 -51.04 -8.38 5.49
C ALA L 125 -49.85 -9.30 5.68
N LEU L 126 -48.73 -8.70 6.10
CA LEU L 126 -47.55 -9.47 6.47
C LEU L 126 -47.71 -9.99 7.89
N ASN L 127 -47.51 -11.29 8.09
CA ASN L 127 -47.65 -11.88 9.40
C ASN L 127 -46.54 -11.38 10.34
N GLU L 128 -46.69 -11.72 11.62
CA GLU L 128 -45.77 -11.22 12.64
C GLU L 128 -44.36 -11.76 12.43
N ASP L 129 -44.23 -13.00 11.98
CA ASP L 129 -42.92 -13.59 11.76
C ASP L 129 -42.19 -13.02 10.55
N LEU L 130 -42.87 -12.18 9.76
CA LEU L 130 -42.28 -11.55 8.58
C LEU L 130 -41.89 -12.55 7.51
N ARG L 131 -42.53 -13.72 7.50
CA ARG L 131 -42.19 -14.78 6.57
C ARG L 131 -43.34 -15.25 5.70
N SER L 132 -44.58 -14.81 5.96
CA SER L 132 -45.72 -15.27 5.19
C SER L 132 -46.81 -14.21 5.22
N TRP L 133 -47.75 -14.34 4.30
CA TRP L 133 -48.82 -13.37 4.13
C TRP L 133 -50.16 -13.97 4.55
N THR L 134 -51.04 -13.12 5.05
CA THR L 134 -52.42 -13.49 5.34
C THR L 134 -53.33 -12.80 4.32
N ALA L 135 -54.03 -13.61 3.52
CA ALA L 135 -54.94 -13.11 2.50
C ALA L 135 -56.35 -13.04 3.05
N ALA L 136 -57.01 -11.91 2.83
CA ALA L 136 -58.33 -11.70 3.42
C ALA L 136 -59.42 -12.47 2.67
N ASP L 137 -59.33 -12.52 1.34
CA ASP L 137 -60.37 -13.15 0.52
C ASP L 137 -59.70 -13.92 -0.61
N MET L 138 -60.52 -14.39 -1.55
CA MET L 138 -60.00 -15.17 -2.68
C MET L 138 -59.19 -14.32 -3.64
N ALA L 139 -59.52 -13.02 -3.75
CA ALA L 139 -58.73 -12.14 -4.61
C ALA L 139 -57.32 -11.96 -4.07
N ALA L 140 -57.18 -11.80 -2.75
CA ALA L 140 -55.86 -11.65 -2.16
C ALA L 140 -55.06 -12.95 -2.24
N GLN L 141 -55.74 -14.09 -2.27
CA GLN L 141 -55.05 -15.36 -2.46
C GLN L 141 -54.29 -15.38 -3.79
N ILE L 142 -54.88 -14.77 -4.83
CA ILE L 142 -54.18 -14.65 -6.10
C ILE L 142 -52.91 -13.83 -5.93
N THR L 143 -53.04 -12.67 -5.27
CA THR L 143 -51.87 -11.84 -4.98
C THR L 143 -50.86 -12.59 -4.13
N LYS L 144 -51.35 -13.37 -3.15
CA LYS L 144 -50.44 -14.06 -2.24
C LYS L 144 -49.55 -15.04 -2.98
N ARG L 145 -50.10 -15.80 -3.92
CA ARG L 145 -49.28 -16.73 -4.70
C ARG L 145 -48.26 -15.99 -5.55
N LYS L 146 -48.66 -14.86 -6.15
CA LYS L 146 -47.70 -14.03 -6.88
C LYS L 146 -46.58 -13.56 -5.97
N TRP L 147 -46.91 -13.18 -4.74
CA TRP L 147 -45.90 -12.61 -3.85
C TRP L 147 -44.98 -13.68 -3.27
N GLU L 148 -45.48 -14.91 -3.14
CA GLU L 148 -44.63 -16.00 -2.66
C GLU L 148 -43.60 -16.40 -3.71
N ALA L 149 -44.01 -16.47 -4.99
CA ALA L 149 -43.08 -16.80 -6.06
C ALA L 149 -42.02 -15.73 -6.22
N ALA L 150 -42.37 -14.47 -5.97
CA ALA L 150 -41.45 -13.35 -6.13
C ALA L 150 -40.65 -13.07 -4.86
N HIS L 151 -40.80 -13.87 -3.81
CA HIS L 151 -40.07 -13.71 -2.55
C HIS L 151 -40.26 -12.32 -1.96
N ALA L 152 -41.50 -11.81 -2.02
CA ALA L 152 -41.78 -10.47 -1.50
C ALA L 152 -41.62 -10.39 0.01
N ALA L 153 -41.93 -11.48 0.72
CA ALA L 153 -41.78 -11.45 2.17
C ALA L 153 -40.32 -11.29 2.58
N GLU L 154 -39.42 -12.04 1.94
CA GLU L 154 -38.00 -11.91 2.24
C GLU L 154 -37.51 -10.50 1.91
N GLN L 155 -37.92 -9.95 0.77
CA GLN L 155 -37.53 -8.59 0.42
C GLN L 155 -38.09 -7.59 1.42
N GLN L 156 -39.36 -7.76 1.81
CA GLN L 156 -39.96 -6.83 2.76
C GLN L 156 -39.30 -6.92 4.12
N ARG L 157 -38.94 -8.14 4.54
CA ARG L 157 -38.28 -8.30 5.83
C ARG L 157 -36.89 -7.67 5.83
N ALA L 158 -36.15 -7.81 4.72
CA ALA L 158 -34.83 -7.20 4.62
C ALA L 158 -34.89 -5.70 4.86
N TYR L 159 -35.90 -5.03 4.28
CA TYR L 159 -36.07 -3.61 4.55
C TYR L 159 -36.43 -3.36 6.01
N LEU L 160 -37.35 -4.16 6.57
CA LEU L 160 -37.88 -3.87 7.90
C LEU L 160 -36.82 -4.02 8.98
N GLU L 161 -36.01 -5.08 8.91
CA GLU L 161 -34.94 -5.27 9.88
C GLU L 161 -33.67 -4.53 9.51
N GLY L 162 -33.61 -3.91 8.32
CA GLY L 162 -32.39 -3.27 7.87
C GLY L 162 -32.49 -1.77 7.69
N ARG L 163 -32.82 -1.34 6.47
CA ARG L 163 -32.93 0.09 6.16
C ARG L 163 -33.89 0.80 7.11
N CYS L 164 -35.04 0.18 7.37
CA CYS L 164 -36.04 0.82 8.23
C CYS L 164 -35.47 1.10 9.61
N VAL L 165 -34.82 0.12 10.22
CA VAL L 165 -34.24 0.30 11.53
C VAL L 165 -33.09 1.30 11.48
N GLU L 166 -32.24 1.21 10.46
CA GLU L 166 -31.06 2.07 10.37
C GLU L 166 -31.45 3.53 10.21
N TRP L 167 -32.39 3.82 9.29
CA TRP L 167 -32.77 5.21 9.07
C TRP L 167 -33.67 5.75 10.18
N LEU L 168 -34.42 4.88 10.86
CA LEU L 168 -35.14 5.32 12.05
C LEU L 168 -34.17 5.81 13.12
N ARG L 169 -33.07 5.08 13.33
CA ARG L 169 -32.07 5.52 14.31
C ARG L 169 -31.45 6.85 13.90
N ARG L 170 -31.20 7.04 12.61
CA ARG L 170 -30.62 8.30 12.14
C ARG L 170 -31.58 9.46 12.30
N TYR L 171 -32.88 9.23 12.02
CA TYR L 171 -33.86 10.27 12.24
C TYR L 171 -33.98 10.62 13.72
N LEU L 172 -33.89 9.62 14.59
CA LEU L 172 -33.99 9.87 16.03
C LEU L 172 -32.81 10.70 16.52
N GLU L 173 -31.62 10.46 16.01
CA GLU L 173 -30.46 11.25 16.43
C GLU L 173 -30.51 12.65 15.86
N ASN L 174 -30.87 12.80 14.58
CA ASN L 174 -30.95 14.11 13.96
C ASN L 174 -32.10 14.94 14.52
N GLY L 175 -33.14 14.30 15.05
CA GLY L 175 -34.25 15.03 15.65
C GLY L 175 -34.38 14.80 17.13
N LYS L 176 -33.24 14.64 17.81
CA LYS L 176 -33.26 14.37 19.25
C LYS L 176 -33.91 15.51 20.03
N GLU L 177 -33.85 16.74 19.50
CA GLU L 177 -34.37 17.89 20.22
C GLU L 177 -35.87 17.80 20.44
N THR L 178 -36.61 17.24 19.47
CA THR L 178 -38.06 17.27 19.51
C THR L 178 -38.72 15.90 19.53
N LEU L 179 -38.02 14.83 19.15
CA LEU L 179 -38.60 13.49 19.20
C LEU L 179 -38.41 12.80 20.55
N GLN L 180 -37.36 13.17 21.28
CA GLN L 180 -37.08 12.60 22.60
C GLN L 180 -37.63 13.49 23.70
N ARG L 181 -38.93 13.80 23.64
CA ARG L 181 -39.56 14.65 24.63
C ARG L 181 -40.88 14.04 25.05
N THR L 182 -41.30 14.34 26.29
CA THR L 182 -42.59 13.90 26.81
C THR L 182 -43.17 15.08 27.59
N ASP L 183 -44.09 15.81 26.95
CA ASP L 183 -44.70 16.99 27.57
C ASP L 183 -45.89 16.56 28.43
N PRO L 184 -45.92 16.96 29.71
CA PRO L 184 -47.06 16.61 30.54
C PRO L 184 -48.29 17.41 30.14
N PRO L 185 -49.49 16.90 30.39
CA PRO L 185 -50.71 17.64 30.05
C PRO L 185 -50.98 18.74 31.07
N LYS L 186 -51.25 19.94 30.58
CA LYS L 186 -51.73 21.04 31.41
C LYS L 186 -53.24 20.96 31.50
N THR L 187 -53.77 20.85 32.71
CA THR L 187 -55.18 20.58 32.92
C THR L 187 -55.86 21.73 33.66
N HIS L 188 -57.05 22.08 33.20
CA HIS L 188 -57.93 23.02 33.88
C HIS L 188 -59.35 22.45 33.82
N MET L 189 -60.31 23.23 34.31
CA MET L 189 -61.69 22.77 34.39
C MET L 189 -62.63 23.94 34.17
N THR L 190 -63.72 23.69 33.46
CA THR L 190 -64.74 24.70 33.17
C THR L 190 -66.10 24.23 33.65
N HIS L 191 -66.94 25.19 34.01
CA HIS L 191 -68.29 24.93 34.51
C HIS L 191 -69.27 25.84 33.80
N HIS L 192 -70.28 25.25 33.18
CA HIS L 192 -71.30 26.01 32.45
C HIS L 192 -72.68 25.67 32.98
N PRO L 193 -73.40 26.62 33.56
CA PRO L 193 -74.77 26.32 34.04
C PRO L 193 -75.75 26.15 32.89
N ILE L 194 -76.25 24.92 32.72
CA ILE L 194 -77.23 24.66 31.66
C ILE L 194 -78.55 25.33 32.01
N SER L 195 -79.07 25.06 33.21
CA SER L 195 -80.28 25.67 33.70
C SER L 195 -80.18 25.78 35.21
N ASP L 196 -81.31 26.05 35.87
CA ASP L 196 -81.35 26.11 37.32
C ASP L 196 -81.37 24.72 37.96
N HIS L 197 -81.41 23.65 37.17
CA HIS L 197 -81.46 22.29 37.69
C HIS L 197 -80.19 21.50 37.46
N GLU L 198 -79.48 21.74 36.35
CA GLU L 198 -78.30 20.97 36.00
C GLU L 198 -77.18 21.91 35.55
N ALA L 199 -75.99 21.32 35.38
CA ALA L 199 -74.82 22.04 34.91
C ALA L 199 -73.81 21.03 34.41
N THR L 200 -72.94 21.48 33.51
CA THR L 200 -71.94 20.61 32.88
C THR L 200 -70.54 20.98 33.38
N LEU L 201 -69.78 19.97 33.76
CA LEU L 201 -68.38 20.11 34.16
C LEU L 201 -67.50 19.50 33.09
N ARG L 202 -66.56 20.28 32.57
CA ARG L 202 -65.67 19.83 31.50
C ARG L 202 -64.23 19.83 31.99
N CYS L 203 -63.57 18.69 31.88
CA CYS L 203 -62.19 18.51 32.32
C CYS L 203 -61.27 18.51 31.10
N TRP L 204 -60.33 19.44 31.07
CA TRP L 204 -59.48 19.68 29.91
C TRP L 204 -58.08 19.13 30.12
N ALA L 205 -57.46 18.72 29.01
CA ALA L 205 -56.07 18.29 28.99
C ALA L 205 -55.44 18.81 27.70
N LEU L 206 -54.44 19.67 27.83
CA LEU L 206 -53.88 20.38 26.68
C LEU L 206 -52.37 20.23 26.64
N GLY L 207 -51.82 20.28 25.43
CA GLY L 207 -50.40 20.34 25.20
C GLY L 207 -49.58 19.19 25.76
N PHE L 208 -50.04 17.96 25.55
CA PHE L 208 -49.32 16.77 26.01
C PHE L 208 -48.80 15.97 24.83
N TYR L 209 -47.66 15.32 25.03
CA TYR L 209 -47.01 14.50 24.02
C TYR L 209 -46.43 13.28 24.75
N PRO L 210 -46.64 12.06 24.22
CA PRO L 210 -47.41 11.78 23.01
C PRO L 210 -48.91 11.79 23.23
N ALA L 211 -49.66 11.23 22.27
CA ALA L 211 -51.11 11.37 22.28
C ALA L 211 -51.79 10.47 23.30
N GLU L 212 -51.12 9.43 23.77
CA GLU L 212 -51.75 8.50 24.71
C GLU L 212 -52.05 9.20 26.03
N ILE L 213 -53.30 9.08 26.48
CA ILE L 213 -53.74 9.74 27.71
C ILE L 213 -55.03 9.07 28.15
N THR L 214 -55.43 9.31 29.40
CA THR L 214 -56.66 8.76 29.94
C THR L 214 -57.33 9.79 30.83
N LEU L 215 -58.59 10.08 30.55
CA LEU L 215 -59.40 10.98 31.36
C LEU L 215 -60.48 10.18 32.08
N THR L 216 -60.72 10.51 33.35
CA THR L 216 -61.62 9.73 34.18
C THR L 216 -62.44 10.66 35.06
N TRP L 217 -63.75 10.46 35.06
CA TRP L 217 -64.66 11.16 35.96
C TRP L 217 -65.09 10.20 37.07
N GLN L 218 -64.85 10.59 38.32
CA GLN L 218 -65.19 9.77 39.47
C GLN L 218 -66.03 10.58 40.44
N ARG L 219 -67.27 10.14 40.68
CA ARG L 219 -68.14 10.76 41.66
C ARG L 219 -67.89 10.10 43.01
N ASP L 220 -67.35 10.85 43.95
CA ASP L 220 -67.04 10.41 45.31
C ASP L 220 -65.97 9.33 45.35
N GLY L 221 -65.33 9.01 44.23
CA GLY L 221 -64.28 8.01 44.17
C GLY L 221 -64.60 6.82 43.30
N GLU L 222 -65.88 6.54 43.05
CA GLU L 222 -66.26 5.44 42.18
C GLU L 222 -66.15 5.87 40.72
N ASP L 223 -65.50 5.04 39.90
CA ASP L 223 -65.34 5.35 38.50
C ASP L 223 -66.70 5.39 37.81
N GLN L 224 -67.01 6.51 37.17
CA GLN L 224 -68.30 6.74 36.52
C GLN L 224 -68.05 6.91 35.02
N THR L 225 -68.52 5.95 34.23
CA THR L 225 -68.32 5.95 32.79
C THR L 225 -69.61 6.10 32.00
N GLN L 226 -70.70 6.50 32.65
CA GLN L 226 -71.96 6.76 31.98
C GLN L 226 -72.28 8.24 32.03
N ASP L 227 -72.87 8.76 30.94
CA ASP L 227 -73.12 10.19 30.77
C ASP L 227 -71.82 10.99 30.82
N THR L 228 -70.76 10.42 30.25
CA THR L 228 -69.44 11.04 30.19
C THR L 228 -69.11 11.33 28.74
N GLU L 229 -69.33 12.58 28.31
CA GLU L 229 -69.04 12.97 26.93
C GLU L 229 -67.54 12.99 26.71
N LEU L 230 -67.06 12.14 25.81
CA LEU L 230 -65.65 12.03 25.51
C LEU L 230 -65.43 12.23 24.02
N VAL L 231 -64.47 13.07 23.66
CA VAL L 231 -64.14 13.36 22.27
C VAL L 231 -62.79 12.75 21.95
N GLU L 232 -62.56 12.51 20.66
CA GLU L 232 -61.29 11.96 20.21
C GLU L 232 -60.14 12.89 20.57
N THR L 233 -59.00 12.30 20.87
CA THR L 233 -57.78 13.09 21.05
C THR L 233 -57.43 13.77 19.74
N ARG L 234 -57.20 15.09 19.82
CA ARG L 234 -57.04 15.90 18.62
C ARG L 234 -55.67 16.56 18.61
N PRO L 235 -55.05 16.72 17.44
CA PRO L 235 -53.78 17.44 17.38
C PRO L 235 -53.99 18.94 17.54
N ALA L 236 -53.16 19.55 18.40
CA ALA L 236 -53.22 20.99 18.57
C ALA L 236 -52.67 21.73 17.35
N GLY L 237 -51.81 21.09 16.58
CA GLY L 237 -51.19 21.70 15.42
C GLY L 237 -49.71 21.99 15.57
N ASP L 238 -49.13 21.74 16.75
CA ASP L 238 -47.72 22.02 16.99
C ASP L 238 -46.98 20.79 17.53
N GLY L 239 -47.49 19.59 17.26
CA GLY L 239 -46.93 18.37 17.78
C GLY L 239 -47.58 17.88 19.06
N THR L 240 -48.32 18.73 19.75
CA THR L 240 -48.99 18.37 20.98
C THR L 240 -50.43 17.93 20.69
N PHE L 241 -51.09 17.41 21.72
CA PHE L 241 -52.45 16.89 21.58
C PHE L 241 -53.35 17.47 22.67
N GLN L 242 -54.66 17.29 22.47
CA GLN L 242 -55.66 17.83 23.36
C GLN L 242 -56.79 16.82 23.54
N LYS L 243 -57.44 16.87 24.70
CA LYS L 243 -58.58 16.00 24.98
C LYS L 243 -59.36 16.60 26.13
N TRP L 244 -60.69 16.42 26.10
CA TRP L 244 -61.53 16.83 27.21
C TRP L 244 -62.63 15.81 27.43
N ALA L 245 -63.04 15.67 28.69
CA ALA L 245 -64.13 14.80 29.09
C ALA L 245 -65.08 15.60 29.97
N ALA L 246 -66.38 15.47 29.71
CA ALA L 246 -67.38 16.28 30.40
C ALA L 246 -68.55 15.41 30.84
N VAL L 247 -69.11 15.74 32.00
CA VAL L 247 -70.31 15.10 32.51
C VAL L 247 -71.31 16.18 32.92
N VAL L 248 -72.57 15.78 33.00
CA VAL L 248 -73.65 16.67 33.43
C VAL L 248 -73.98 16.35 34.88
N VAL L 249 -73.84 17.35 35.75
CA VAL L 249 -74.05 17.16 37.18
C VAL L 249 -75.22 18.02 37.65
N PRO L 250 -75.94 17.62 38.69
CA PRO L 250 -76.99 18.48 39.22
C PRO L 250 -76.39 19.68 39.96
N SER L 251 -77.10 20.80 39.88
CA SER L 251 -76.62 22.03 40.51
C SER L 251 -76.56 21.84 42.03
N GLY L 252 -75.47 22.34 42.62
CA GLY L 252 -75.27 22.25 44.05
C GLY L 252 -74.48 21.05 44.52
N GLU L 253 -74.33 20.03 43.68
CA GLU L 253 -73.54 18.84 43.99
C GLU L 253 -72.31 18.73 43.10
N GLU L 254 -71.72 19.86 42.74
CA GLU L 254 -70.65 19.88 41.76
C GLU L 254 -69.29 19.48 42.36
N GLN L 255 -69.04 19.84 43.62
CA GLN L 255 -67.78 19.51 44.26
C GLN L 255 -67.69 18.06 44.70
N ARG L 256 -68.72 17.24 44.43
CA ARG L 256 -68.67 15.82 44.70
C ARG L 256 -68.07 15.02 43.54
N TYR L 257 -67.79 15.66 42.41
CA TYR L 257 -67.24 15.01 41.25
C TYR L 257 -65.74 15.30 41.13
N THR L 258 -65.01 14.37 40.52
CA THR L 258 -63.56 14.46 40.45
C THR L 258 -63.09 13.99 39.08
N CYS L 259 -62.13 14.71 38.50
CA CYS L 259 -61.51 14.35 37.24
C CYS L 259 -60.11 13.82 37.48
N HIS L 260 -59.76 12.74 36.79
CA HIS L 260 -58.46 12.09 36.92
C HIS L 260 -57.79 12.01 35.56
N VAL L 261 -56.52 12.38 35.50
CA VAL L 261 -55.75 12.45 34.25
C VAL L 261 -54.55 11.52 34.39
N GLN L 262 -54.42 10.57 33.46
CA GLN L 262 -53.31 9.64 33.42
C GLN L 262 -52.45 9.92 32.19
N HIS L 263 -51.16 10.17 32.42
CA HIS L 263 -50.22 10.42 31.34
C HIS L 263 -48.83 10.05 31.82
N GLU L 264 -48.00 9.52 30.91
CA GLU L 264 -46.65 9.11 31.29
C GLU L 264 -45.76 10.29 31.60
N GLY L 265 -46.12 11.50 31.17
CA GLY L 265 -45.37 12.69 31.49
C GLY L 265 -45.66 13.29 32.85
N LEU L 266 -46.61 12.72 33.59
CA LEU L 266 -46.95 13.22 34.91
C LEU L 266 -46.34 12.33 35.97
N PRO L 267 -45.49 12.85 36.86
CA PRO L 267 -44.96 11.99 37.94
C PRO L 267 -46.03 11.50 38.89
N LYS L 268 -47.01 12.35 39.21
CA LYS L 268 -48.13 11.98 40.05
C LYS L 268 -49.41 12.01 39.22
N PRO L 269 -50.27 11.00 39.32
CA PRO L 269 -51.56 11.05 38.62
C PRO L 269 -52.40 12.22 39.12
N LEU L 270 -52.73 13.12 38.20
CA LEU L 270 -53.42 14.35 38.58
C LEU L 270 -54.85 14.07 38.98
N THR L 271 -55.36 14.92 39.88
CA THR L 271 -56.73 14.84 40.37
C THR L 271 -57.26 16.25 40.53
N LEU L 272 -58.32 16.58 39.81
CA LEU L 272 -58.86 17.94 39.79
C LEU L 272 -60.28 17.96 40.36
N ARG L 273 -60.60 19.02 41.09
CA ARG L 273 -61.91 19.26 41.64
C ARG L 273 -62.32 20.69 41.34
N TRP L 274 -63.63 20.91 41.23
CA TRP L 274 -64.13 22.25 40.93
C TRP L 274 -64.01 23.19 42.14
N ILE M 1 -68.26 0.28 4.03
CA ILE M 1 -67.72 0.76 2.76
C ILE M 1 -67.74 2.30 2.74
N GLN M 2 -68.68 2.88 3.48
CA GLN M 2 -68.81 4.33 3.58
C GLN M 2 -68.94 4.73 5.05
N ARG M 3 -68.16 5.71 5.47
CA ARG M 3 -68.12 6.15 6.86
C ARG M 3 -68.20 7.66 6.93
N THR M 4 -69.09 8.17 7.78
CA THR M 4 -69.34 9.60 7.93
C THR M 4 -68.24 10.25 8.75
N PRO M 5 -67.76 11.44 8.34
CA PRO M 5 -66.69 12.09 9.10
C PRO M 5 -67.16 12.62 10.44
N LYS M 6 -66.23 12.63 11.39
CA LYS M 6 -66.42 13.28 12.68
C LYS M 6 -65.64 14.60 12.67
N ILE M 7 -66.22 15.64 13.22
CA ILE M 7 -65.70 17.00 13.06
C ILE M 7 -65.54 17.64 14.43
N GLN M 8 -64.37 18.24 14.68
CA GLN M 8 -64.13 19.11 15.83
C GLN M 8 -63.48 20.38 15.33
N VAL M 9 -63.96 21.53 15.82
CA VAL M 9 -63.40 22.83 15.48
C VAL M 9 -62.97 23.51 16.77
N TYR M 10 -61.73 24.00 16.80
CA TYR M 10 -61.12 24.46 18.03
C TYR M 10 -59.88 25.27 17.68
N SER M 11 -59.29 25.88 18.70
CA SER M 11 -58.05 26.63 18.57
C SER M 11 -56.88 25.79 19.10
N ARG M 12 -55.66 26.28 18.84
CA ARG M 12 -54.47 25.59 19.29
C ARG M 12 -54.17 25.88 20.75
N HIS M 13 -54.11 27.15 21.10
CA HIS M 13 -53.90 27.62 22.45
C HIS M 13 -55.21 28.18 23.02
N PRO M 14 -55.31 28.32 24.34
CA PRO M 14 -56.52 28.92 24.92
C PRO M 14 -56.82 30.28 24.32
N ALA M 15 -58.05 30.42 23.80
CA ALA M 15 -58.41 31.60 23.02
C ALA M 15 -58.31 32.87 23.87
N GLU M 16 -57.57 33.85 23.36
CA GLU M 16 -57.38 35.14 24.01
C GLU M 16 -57.53 36.24 22.98
N ASN M 17 -58.42 37.18 23.24
CA ASN M 17 -58.69 38.25 22.30
C ASN M 17 -57.46 39.11 22.08
N GLY M 18 -57.11 39.34 20.82
CA GLY M 18 -55.93 40.09 20.46
C GLY M 18 -54.65 39.30 20.38
N LYS M 19 -54.70 38.00 20.70
CA LYS M 19 -53.54 37.12 20.62
C LYS M 19 -53.65 36.26 19.37
N SER M 20 -52.58 36.25 18.56
CA SER M 20 -52.57 35.41 17.37
C SER M 20 -52.64 33.94 17.76
N ASN M 21 -53.38 33.17 16.99
CA ASN M 21 -53.60 31.76 17.30
C ASN M 21 -53.81 31.01 15.98
N PHE M 22 -54.31 29.78 16.08
CA PHE M 22 -54.60 28.96 14.90
C PHE M 22 -55.95 28.30 15.08
N LEU M 23 -56.79 28.37 14.05
CA LEU M 23 -58.11 27.76 14.04
C LEU M 23 -58.01 26.41 13.34
N ASN M 24 -58.33 25.33 14.06
CA ASN M 24 -58.23 23.98 13.53
C ASN M 24 -59.61 23.40 13.26
N CYS M 25 -59.69 22.59 12.21
CA CYS M 25 -60.87 21.77 11.92
C CYS M 25 -60.38 20.34 11.68
N TYR M 26 -60.61 19.48 12.65
CA TYR M 26 -60.11 18.10 12.62
C TYR M 26 -61.24 17.17 12.19
N VAL M 27 -61.06 16.52 11.04
CA VAL M 27 -62.01 15.54 10.52
C VAL M 27 -61.36 14.17 10.62
N SER M 28 -62.17 13.15 10.95
CA SER M 28 -61.61 11.83 11.18
C SER M 28 -62.71 10.78 10.98
N GLY M 29 -62.27 9.53 10.85
CA GLY M 29 -63.19 8.40 10.82
C GLY M 29 -64.02 8.26 9.56
N PHE M 30 -63.62 8.89 8.46
CA PHE M 30 -64.42 8.89 7.25
C PHE M 30 -63.79 8.02 6.16
N HIS M 31 -64.62 7.65 5.19
CA HIS M 31 -64.25 6.82 4.05
C HIS M 31 -65.36 6.91 3.01
N PRO M 32 -65.06 7.17 1.74
CA PRO M 32 -63.72 7.30 1.14
C PRO M 32 -62.99 8.61 1.48
N SER M 33 -61.84 8.81 0.85
CA SER M 33 -60.94 9.90 1.24
C SER M 33 -61.40 11.25 0.74
N ASP M 34 -62.17 11.30 -0.35
CA ASP M 34 -62.59 12.57 -0.93
C ASP M 34 -63.45 13.37 0.03
N ILE M 35 -62.93 14.52 0.48
CA ILE M 35 -63.64 15.37 1.43
C ILE M 35 -63.32 16.81 1.10
N GLU M 36 -64.26 17.71 1.41
CA GLU M 36 -64.10 19.13 1.19
C GLU M 36 -64.29 19.84 2.52
N VAL M 37 -63.22 20.48 3.01
CA VAL M 37 -63.23 21.15 4.30
C VAL M 37 -62.57 22.51 4.16
N ASP M 38 -63.23 23.55 4.66
CA ASP M 38 -62.62 24.85 4.78
C ASP M 38 -63.27 25.58 5.96
N LEU M 39 -62.64 26.67 6.38
CA LEU M 39 -63.08 27.41 7.55
C LEU M 39 -63.96 28.58 7.13
N LEU M 40 -64.87 28.97 8.03
CA LEU M 40 -65.82 30.04 7.77
C LEU M 40 -65.68 31.12 8.83
N LYS M 41 -65.66 32.38 8.39
CA LYS M 41 -65.63 33.54 9.28
C LYS M 41 -66.90 34.35 9.04
N ASN M 42 -67.81 34.32 10.01
CA ASN M 42 -69.11 34.98 9.89
C ASN M 42 -69.90 34.46 8.70
N GLY M 43 -69.74 33.17 8.39
CA GLY M 43 -70.37 32.57 7.24
C GLY M 43 -69.59 32.71 5.95
N GLU M 44 -68.57 33.56 5.92
CA GLU M 44 -67.76 33.76 4.72
C GLU M 44 -66.63 32.73 4.67
N ARG M 45 -66.42 32.16 3.49
CA ARG M 45 -65.36 31.17 3.31
C ARG M 45 -63.99 31.81 3.51
N ILE M 46 -63.20 31.23 4.40
CA ILE M 46 -61.82 31.68 4.62
C ILE M 46 -60.92 31.03 3.58
N GLU M 47 -59.97 31.81 3.07
CA GLU M 47 -59.00 31.32 2.11
C GLU M 47 -57.64 31.14 2.79
N LYS M 48 -56.66 30.70 2.01
CA LYS M 48 -55.30 30.47 2.48
C LYS M 48 -55.23 29.39 3.55
N VAL M 49 -56.21 28.51 3.60
CA VAL M 49 -56.29 27.49 4.65
C VAL M 49 -55.30 26.37 4.33
N GLU M 50 -54.43 26.07 5.28
CA GLU M 50 -53.51 24.95 5.15
C GLU M 50 -54.12 23.69 5.75
N HIS M 51 -53.55 22.55 5.38
CA HIS M 51 -54.08 21.27 5.84
C HIS M 51 -52.95 20.26 5.98
N SER M 52 -53.17 19.30 6.88
CA SER M 52 -52.25 18.19 7.05
C SER M 52 -52.32 17.26 5.84
N ASP M 53 -51.41 16.28 5.82
CA ASP M 53 -51.37 15.32 4.72
C ASP M 53 -52.18 14.07 5.09
N LEU M 54 -52.84 13.51 4.08
CA LEU M 54 -53.83 12.46 4.31
C LEU M 54 -53.20 11.23 4.94
N SER M 55 -53.81 10.76 6.03
CA SER M 55 -53.37 9.57 6.74
C SER M 55 -54.60 8.86 7.27
N PHE M 56 -54.42 7.60 7.70
CA PHE M 56 -55.55 6.80 8.16
C PHE M 56 -55.18 6.07 9.44
N SER M 57 -56.22 5.62 10.15
CA SER M 57 -56.08 4.91 11.41
C SER M 57 -56.07 3.40 11.17
N LYS M 58 -55.98 2.64 12.27
CA LYS M 58 -55.90 1.19 12.20
C LYS M 58 -57.12 0.58 11.49
N ASP M 59 -58.27 1.24 11.55
CA ASP M 59 -59.47 0.75 10.90
C ASP M 59 -59.62 1.23 9.47
N TRP M 60 -58.55 1.78 8.89
CA TRP M 60 -58.47 2.30 7.51
C TRP M 60 -59.22 3.60 7.31
N SER M 61 -59.88 4.14 8.34
CA SER M 61 -60.57 5.42 8.19
C SER M 61 -59.58 6.57 8.24
N PHE M 62 -59.87 7.61 7.46
CA PHE M 62 -58.96 8.72 7.24
C PHE M 62 -59.13 9.80 8.30
N TYR M 63 -58.12 10.67 8.38
CA TYR M 63 -58.19 11.84 9.25
C TYR M 63 -57.29 12.94 8.67
N LEU M 64 -57.70 14.19 8.91
CA LEU M 64 -56.99 15.36 8.38
C LEU M 64 -57.10 16.49 9.39
N LEU M 65 -56.17 17.44 9.28
CA LEU M 65 -56.18 18.64 10.11
C LEU M 65 -56.06 19.86 9.21
N TYR M 66 -57.17 20.57 9.02
CA TYR M 66 -57.15 21.88 8.38
C TYR M 66 -56.94 22.97 9.42
N TYR M 67 -56.14 23.98 9.08
CA TYR M 67 -55.81 25.01 10.04
C TYR M 67 -55.41 26.29 9.32
N THR M 68 -55.56 27.41 10.02
CA THR M 68 -55.10 28.70 9.55
C THR M 68 -54.81 29.59 10.74
N GLU M 69 -54.01 30.63 10.50
CA GLU M 69 -53.68 31.60 11.55
C GLU M 69 -54.80 32.63 11.64
N PHE M 70 -55.22 32.94 12.86
CA PHE M 70 -56.28 33.92 13.07
C PHE M 70 -56.11 34.55 14.45
N THR M 71 -56.81 35.67 14.64
CA THR M 71 -56.79 36.39 15.91
C THR M 71 -58.22 36.54 16.42
N PRO M 72 -58.58 35.89 17.52
CA PRO M 72 -59.98 35.95 17.99
C PRO M 72 -60.35 37.33 18.51
N THR M 73 -61.59 37.74 18.22
CA THR M 73 -62.14 38.97 18.78
C THR M 73 -63.40 38.66 19.58
N GLU M 74 -64.26 39.66 19.80
CA GLU M 74 -65.49 39.45 20.54
C GLU M 74 -66.70 39.26 19.64
N LYS M 75 -66.64 39.71 18.39
CA LYS M 75 -67.78 39.61 17.47
C LYS M 75 -67.56 38.66 16.31
N ASP M 76 -66.32 38.25 16.04
CA ASP M 76 -66.04 37.37 14.91
C ASP M 76 -66.37 35.93 15.29
N GLU M 77 -67.35 35.34 14.62
CA GLU M 77 -67.74 33.96 14.84
C GLU M 77 -67.14 33.09 13.75
N TYR M 78 -66.43 32.04 14.16
CA TYR M 78 -65.74 31.13 13.25
C TYR M 78 -66.41 29.77 13.24
N ALA M 79 -66.11 29.01 12.19
CA ALA M 79 -66.65 27.66 12.01
C ALA M 79 -65.84 26.96 10.92
N CYS M 80 -66.27 25.75 10.56
CA CYS M 80 -65.81 25.09 9.35
C CYS M 80 -66.95 24.29 8.76
N ARG M 81 -66.98 24.23 7.43
CA ARG M 81 -67.98 23.48 6.68
C ARG M 81 -67.34 22.22 6.10
N VAL M 82 -68.00 21.09 6.29
CA VAL M 82 -67.50 19.80 5.83
C VAL M 82 -68.57 19.14 4.97
N ASN M 83 -68.21 18.76 3.76
CA ASN M 83 -69.10 18.01 2.88
C ASN M 83 -68.46 16.67 2.54
N HIS M 84 -69.32 15.66 2.38
CA HIS M 84 -68.86 14.29 2.14
C HIS M 84 -70.00 13.52 1.50
N VAL M 85 -69.65 12.47 0.76
CA VAL M 85 -70.64 11.69 0.03
C VAL M 85 -71.67 11.06 0.95
N THR M 86 -71.33 10.87 2.23
CA THR M 86 -72.26 10.31 3.20
C THR M 86 -73.17 11.37 3.81
N LEU M 87 -73.08 12.62 3.36
CA LEU M 87 -73.88 13.72 3.90
C LEU M 87 -74.85 14.19 2.84
N SER M 88 -76.14 14.26 3.21
CA SER M 88 -77.14 14.82 2.30
C SER M 88 -76.93 16.30 2.09
N GLN M 89 -76.49 17.02 3.11
CA GLN M 89 -76.20 18.45 3.06
C GLN M 89 -74.87 18.71 3.73
N PRO M 90 -74.22 19.83 3.41
CA PRO M 90 -72.94 20.14 4.04
C PRO M 90 -73.12 20.42 5.53
N LYS M 91 -72.31 19.76 6.35
CA LYS M 91 -72.38 19.94 7.79
C LYS M 91 -71.61 21.18 8.22
N ILE M 92 -72.19 21.94 9.13
CA ILE M 92 -71.59 23.16 9.66
C ILE M 92 -71.45 23.00 11.18
N VAL M 93 -70.26 23.33 11.71
CA VAL M 93 -69.99 23.22 13.13
C VAL M 93 -69.30 24.51 13.57
N LYS M 94 -69.94 25.24 14.49
CA LYS M 94 -69.44 26.53 14.91
C LYS M 94 -68.36 26.37 15.98
N TRP M 95 -67.58 27.44 16.17
CA TRP M 95 -66.47 27.43 17.11
C TRP M 95 -66.92 28.02 18.45
N ASP M 96 -66.48 27.38 19.54
CA ASP M 96 -66.83 27.77 20.90
C ASP M 96 -65.55 27.85 21.71
N ARG M 97 -65.13 29.06 22.08
CA ARG M 97 -63.88 29.23 22.80
C ARG M 97 -63.98 28.81 24.26
N ASP M 98 -65.16 28.98 24.87
CA ASP M 98 -65.38 28.59 26.26
C ASP M 98 -65.95 27.18 26.39
N MET M 99 -65.56 26.28 25.50
CA MET M 99 -66.08 24.92 25.51
C MET M 99 -65.46 24.09 26.63
N VAL N 1 -36.72 6.29 5.18
CA VAL N 1 -36.75 6.01 3.75
C VAL N 1 -37.87 5.02 3.45
N VAL N 2 -38.52 5.20 2.29
CA VAL N 2 -39.61 4.29 1.91
C VAL N 2 -39.03 2.92 1.58
N GLY N 3 -39.89 1.91 1.57
CA GLY N 3 -39.42 0.55 1.37
C GLY N 3 -40.51 -0.49 1.23
N ALA N 4 -41.69 -0.08 0.76
CA ALA N 4 -42.74 -1.05 0.45
C ALA N 4 -42.36 -1.83 -0.81
N VAL N 5 -42.27 -3.16 -0.68
CA VAL N 5 -41.95 -4.00 -1.83
C VAL N 5 -43.08 -3.89 -2.85
N GLY N 6 -42.70 -3.74 -4.12
CA GLY N 6 -43.68 -3.49 -5.16
C GLY N 6 -43.83 -4.59 -6.18
N VAL N 7 -43.99 -5.83 -5.72
CA VAL N 7 -44.43 -6.89 -6.61
C VAL N 7 -45.90 -6.66 -6.94
N GLY N 8 -46.25 -6.70 -8.23
CA GLY N 8 -47.61 -6.43 -8.63
C GLY N 8 -48.59 -7.40 -8.01
N LYS N 9 -49.75 -6.87 -7.61
CA LYS N 9 -50.78 -7.68 -6.96
C LYS N 9 -51.59 -8.48 -7.97
N GLY O 1 38.43 -4.71 -26.14
CA GLY O 1 37.46 -5.62 -25.55
C GLY O 1 37.19 -5.31 -24.09
N SER O 2 37.07 -6.36 -23.28
CA SER O 2 36.82 -6.20 -21.86
C SER O 2 38.12 -5.92 -21.12
N HIS O 3 37.99 -5.40 -19.90
CA HIS O 3 39.14 -5.09 -19.08
C HIS O 3 38.81 -5.36 -17.62
N SER O 4 39.85 -5.52 -16.82
CA SER O 4 39.68 -5.87 -15.42
C SER O 4 40.75 -5.20 -14.58
N MET O 5 40.38 -4.80 -13.38
CA MET O 5 41.32 -4.41 -12.33
C MET O 5 41.26 -5.46 -11.24
N ARG O 6 42.44 -5.84 -10.72
CA ARG O 6 42.50 -6.83 -9.66
C ARG O 6 43.64 -6.49 -8.71
N TYR O 7 43.39 -6.68 -7.42
CA TYR O 7 44.41 -6.58 -6.39
C TYR O 7 44.59 -7.94 -5.73
N PHE O 8 45.83 -8.23 -5.33
CA PHE O 8 46.18 -9.49 -4.69
C PHE O 8 46.90 -9.17 -3.38
N TYR O 9 46.37 -9.70 -2.27
CA TYR O 9 46.97 -9.53 -0.95
C TYR O 9 47.52 -10.85 -0.45
N THR O 10 48.69 -10.80 0.17
CA THR O 10 49.27 -11.96 0.85
C THR O 10 49.79 -11.52 2.21
N SER O 11 49.29 -12.17 3.26
CA SER O 11 49.75 -11.93 4.63
C SER O 11 50.25 -13.23 5.21
N VAL O 12 51.49 -13.23 5.69
CA VAL O 12 52.14 -14.43 6.22
C VAL O 12 52.68 -14.12 7.61
N SER O 13 52.13 -14.78 8.63
CA SER O 13 52.69 -14.68 9.97
C SER O 13 54.02 -15.44 10.03
N ARG O 14 54.96 -14.90 10.79
CA ARG O 14 56.32 -15.44 10.85
C ARG O 14 56.87 -15.35 12.26
N PRO O 15 56.57 -16.34 13.11
CA PRO O 15 57.14 -16.36 14.47
C PRO O 15 58.66 -16.36 14.42
N GLY O 16 59.26 -15.52 15.26
CA GLY O 16 60.70 -15.36 15.30
C GLY O 16 61.25 -14.30 14.37
N ARG O 17 60.44 -13.77 13.45
CA ARG O 17 60.93 -12.84 12.44
C ARG O 17 60.08 -11.58 12.36
N GLY O 18 59.36 -11.24 13.42
CA GLY O 18 58.68 -9.96 13.52
C GLY O 18 57.22 -10.00 13.15
N GLU O 19 56.71 -8.82 12.75
CA GLU O 19 55.33 -8.69 12.35
C GLU O 19 55.06 -9.45 11.06
N PRO O 20 53.80 -9.82 10.81
CA PRO O 20 53.46 -10.52 9.57
C PRO O 20 53.96 -9.80 8.33
N ARG O 21 54.37 -10.58 7.33
CA ARG O 21 54.77 -10.05 6.03
C ARG O 21 53.52 -9.81 5.18
N PHE O 22 53.32 -8.57 4.75
CA PHE O 22 52.17 -8.19 3.95
C PHE O 22 52.66 -7.68 2.60
N ILE O 23 52.12 -8.24 1.52
CA ILE O 23 52.45 -7.82 0.16
C ILE O 23 51.16 -7.63 -0.62
N ALA O 24 51.02 -6.48 -1.26
CA ALA O 24 49.86 -6.16 -2.08
C ALA O 24 50.33 -5.74 -3.46
N VAL O 25 49.65 -6.24 -4.49
CA VAL O 25 49.94 -5.88 -5.88
C VAL O 25 48.64 -5.55 -6.59
N GLY O 26 48.69 -4.58 -7.49
CA GLY O 26 47.54 -4.20 -8.28
C GLY O 26 47.77 -4.42 -9.76
N TYR O 27 46.77 -4.99 -10.44
CA TYR O 27 46.86 -5.30 -11.85
C TYR O 27 45.72 -4.64 -12.61
N VAL O 28 46.04 -4.13 -13.80
CA VAL O 28 45.05 -3.84 -14.83
C VAL O 28 45.34 -4.80 -15.96
N ASP O 29 44.41 -5.71 -16.21
CA ASP O 29 44.60 -6.83 -17.15
C ASP O 29 45.84 -7.59 -16.66
N ASP O 30 46.81 -7.89 -17.53
CA ASP O 30 48.01 -8.62 -17.14
C ASP O 30 49.17 -7.70 -16.78
N THR O 31 48.91 -6.41 -16.55
CA THR O 31 49.96 -5.42 -16.31
C THR O 31 49.88 -4.92 -14.87
N GLN O 32 50.96 -5.11 -14.12
CA GLN O 32 51.04 -4.62 -12.76
C GLN O 32 51.28 -3.11 -12.74
N PHE O 33 50.63 -2.41 -11.81
CA PHE O 33 50.79 -0.96 -11.75
C PHE O 33 51.04 -0.39 -10.36
N VAL O 34 50.78 -1.13 -9.27
CA VAL O 34 51.12 -0.68 -7.93
C VAL O 34 51.62 -1.86 -7.10
N ARG O 35 52.33 -1.54 -6.02
CA ARG O 35 52.92 -2.53 -5.14
C ARG O 35 53.06 -1.95 -3.74
N PHE O 36 52.84 -2.79 -2.74
CA PHE O 36 53.18 -2.44 -1.35
C PHE O 36 53.81 -3.65 -0.67
N ASP O 37 54.94 -3.43 0.00
CA ASP O 37 55.65 -4.48 0.72
C ASP O 37 55.96 -3.96 2.11
N SER O 38 55.38 -4.60 3.13
CA SER O 38 55.54 -4.15 4.51
C SER O 38 56.99 -4.17 4.97
N ASP O 39 57.85 -4.95 4.32
CA ASP O 39 59.27 -4.98 4.67
C ASP O 39 60.10 -3.99 3.87
N ALA O 40 59.53 -3.36 2.85
CA ALA O 40 60.27 -2.37 2.08
C ALA O 40 60.58 -1.15 2.94
N ALA O 41 61.58 -0.37 2.50
CA ALA O 41 62.03 0.75 3.30
C ALA O 41 61.08 1.93 3.23
N SER O 42 60.41 2.12 2.09
CA SER O 42 59.62 3.33 1.88
C SER O 42 58.36 3.35 2.73
N GLN O 43 57.79 2.17 3.03
CA GLN O 43 56.50 2.07 3.72
C GLN O 43 55.40 2.82 2.97
N ARG O 44 55.55 2.91 1.65
CA ARG O 44 54.62 3.62 0.79
C ARG O 44 54.07 2.66 -0.25
N MET O 45 52.86 2.95 -0.74
CA MET O 45 52.43 2.36 -2.00
C MET O 45 53.31 2.92 -3.11
N GLU O 46 53.75 2.04 -4.01
CA GLU O 46 54.74 2.44 -5.00
C GLU O 46 54.25 2.17 -6.42
N PRO O 47 54.65 3.00 -7.39
CA PRO O 47 54.25 2.76 -8.77
C PRO O 47 55.06 1.64 -9.41
N ARG O 48 54.39 0.86 -10.25
CA ARG O 48 55.05 -0.17 -11.04
C ARG O 48 54.76 -0.04 -12.53
N ALA O 49 53.98 0.95 -12.95
CA ALA O 49 53.71 1.25 -14.34
C ALA O 49 53.91 2.74 -14.58
N PRO O 50 54.38 3.12 -15.77
CA PRO O 50 54.61 4.55 -16.03
C PRO O 50 53.35 5.40 -15.97
N TRP O 51 52.20 4.84 -16.36
CA TRP O 51 50.98 5.65 -16.46
C TRP O 51 50.32 5.91 -15.12
N ILE O 52 50.67 5.17 -14.07
CA ILE O 52 50.15 5.51 -12.75
C ILE O 52 50.97 6.62 -12.11
N GLU O 53 52.16 6.91 -12.63
CA GLU O 53 52.99 7.97 -12.07
C GLU O 53 52.43 9.36 -12.33
N GLN O 54 51.40 9.49 -13.16
CA GLN O 54 50.75 10.78 -13.36
C GLN O 54 49.89 11.18 -12.16
N GLU O 55 49.57 10.23 -11.28
CA GLU O 55 48.68 10.52 -10.16
C GLU O 55 49.34 11.49 -9.18
N GLY O 56 48.50 12.33 -8.57
CA GLY O 56 48.98 13.37 -7.68
C GLY O 56 49.46 12.83 -6.35
N PRO O 57 50.12 13.70 -5.57
CA PRO O 57 50.60 13.27 -4.25
C PRO O 57 49.51 12.80 -3.31
N GLU O 58 48.29 13.32 -3.45
CA GLU O 58 47.19 12.87 -2.60
C GLU O 58 46.83 11.42 -2.89
N TYR O 59 46.95 10.98 -4.15
CA TYR O 59 46.66 9.60 -4.49
C TYR O 59 47.57 8.64 -3.73
N TRP O 60 48.86 8.97 -3.66
CA TRP O 60 49.82 8.07 -3.02
C TRP O 60 49.74 8.12 -1.50
N ASP O 61 49.25 9.22 -0.93
CA ASP O 61 49.03 9.27 0.51
C ASP O 61 47.84 8.42 0.91
N GLN O 62 46.74 8.52 0.16
CA GLN O 62 45.54 7.73 0.48
C GLN O 62 45.79 6.25 0.29
N GLU O 63 46.34 5.85 -0.87
CA GLU O 63 46.58 4.45 -1.13
C GLU O 63 47.56 3.86 -0.12
N THR O 64 48.58 4.62 0.26
CA THR O 64 49.49 4.17 1.31
C THR O 64 48.75 3.94 2.62
N ARG O 65 47.94 4.93 3.02
CA ARG O 65 47.18 4.80 4.26
C ARG O 65 46.19 3.64 4.18
N ASN O 66 45.50 3.50 3.06
CA ASN O 66 44.45 2.48 2.96
C ASN O 66 45.04 1.08 2.95
N VAL O 67 46.17 0.88 2.25
CA VAL O 67 46.74 -0.46 2.17
C VAL O 67 47.49 -0.81 3.44
N LYS O 68 48.08 0.18 4.12
CA LYS O 68 48.72 -0.09 5.41
C LYS O 68 47.69 -0.53 6.44
N ALA O 69 46.49 0.05 6.40
CA ALA O 69 45.43 -0.39 7.29
C ALA O 69 44.99 -1.80 6.98
N GLN O 70 45.04 -2.20 5.70
CA GLN O 70 44.69 -3.56 5.33
C GLN O 70 45.68 -4.57 5.92
N SER O 71 46.97 -4.20 6.01
CA SER O 71 47.93 -5.10 6.64
C SER O 71 47.60 -5.30 8.11
N GLN O 72 47.14 -4.25 8.79
CA GLN O 72 46.70 -4.41 10.18
C GLN O 72 45.46 -5.28 10.25
N THR O 73 44.52 -5.10 9.32
CA THR O 73 43.34 -5.95 9.29
C THR O 73 43.71 -7.42 9.18
N ASP O 74 44.64 -7.74 8.27
CA ASP O 74 45.10 -9.12 8.13
C ASP O 74 45.89 -9.58 9.35
N ARG O 75 46.63 -8.68 9.99
CA ARG O 75 47.36 -9.07 11.20
C ARG O 75 46.40 -9.52 12.29
N VAL O 76 45.27 -8.82 12.45
CA VAL O 76 44.27 -9.23 13.43
C VAL O 76 43.60 -10.53 13.01
N ASP O 77 43.30 -10.67 11.71
CA ASP O 77 42.60 -11.86 11.22
C ASP O 77 43.46 -13.11 11.33
N LEU O 78 44.78 -12.98 11.15
CA LEU O 78 45.67 -14.12 11.36
C LEU O 78 45.52 -14.67 12.76
N GLY O 79 45.46 -13.78 13.76
CA GLY O 79 45.25 -14.24 15.12
C GLY O 79 43.88 -14.84 15.33
N THR O 80 42.84 -14.23 14.74
CA THR O 80 41.49 -14.73 14.92
C THR O 80 41.32 -16.11 14.28
N LEU O 81 41.83 -16.27 13.06
CA LEU O 81 41.68 -17.56 12.38
C LEU O 81 42.53 -18.64 13.07
N ARG O 82 43.70 -18.27 13.59
CA ARG O 82 44.48 -19.22 14.39
C ARG O 82 43.68 -19.70 15.61
N GLY O 83 42.82 -18.83 16.16
CA GLY O 83 41.96 -19.26 17.25
C GLY O 83 40.78 -20.10 16.80
N TYR O 84 40.30 -19.88 15.57
CA TYR O 84 39.22 -20.70 15.05
C TYR O 84 39.68 -22.15 14.86
N TYR O 85 40.85 -22.34 14.26
CA TYR O 85 41.38 -23.65 13.96
C TYR O 85 42.22 -24.23 15.10
N ASN O 86 42.20 -23.59 16.28
CA ASN O 86 42.91 -24.08 17.46
C ASN O 86 44.37 -24.38 17.14
N GLN O 87 45.01 -23.44 16.45
CA GLN O 87 46.37 -23.61 15.97
C GLN O 87 47.35 -22.91 16.92
N SER O 88 48.59 -23.40 16.91
CA SER O 88 49.63 -22.85 17.76
C SER O 88 50.15 -21.52 17.23
N GLU O 89 50.61 -20.68 18.14
CA GLU O 89 51.27 -19.43 17.77
C GLU O 89 52.69 -19.64 17.27
N ASP O 90 53.19 -20.87 17.34
CA ASP O 90 54.53 -21.17 16.83
C ASP O 90 54.56 -21.36 15.32
N GLY O 91 53.40 -21.54 14.68
CA GLY O 91 53.37 -21.84 13.27
C GLY O 91 53.23 -20.63 12.39
N SER O 92 53.61 -20.81 11.13
CA SER O 92 53.43 -19.81 10.10
C SER O 92 52.16 -20.11 9.32
N HIS O 93 51.35 -19.07 9.09
CA HIS O 93 50.07 -19.25 8.41
C HIS O 93 49.86 -18.09 7.44
N THR O 94 48.92 -18.28 6.52
CA THR O 94 48.80 -17.39 5.37
C THR O 94 47.35 -17.02 5.08
N ILE O 95 47.09 -15.73 4.91
CA ILE O 95 45.83 -15.23 4.38
C ILE O 95 46.11 -14.63 3.01
N GLN O 96 45.30 -15.01 2.02
CA GLN O 96 45.34 -14.45 0.69
C GLN O 96 43.97 -13.90 0.32
N ILE O 97 43.95 -12.72 -0.32
CA ILE O 97 42.72 -12.07 -0.73
C ILE O 97 42.87 -11.61 -2.17
N MET O 98 41.89 -11.94 -3.01
CA MET O 98 41.82 -11.48 -4.39
C MET O 98 40.46 -10.84 -4.61
N TYR O 99 40.45 -9.67 -5.26
CA TYR O 99 39.20 -8.99 -5.57
C TYR O 99 39.43 -8.07 -6.77
N GLY O 100 38.33 -7.75 -7.45
CA GLY O 100 38.41 -6.84 -8.57
C GLY O 100 37.09 -6.76 -9.30
N CYS O 101 37.10 -5.96 -10.37
CA CYS O 101 35.92 -5.73 -11.19
C CYS O 101 36.29 -5.77 -12.66
N ASP O 102 35.30 -6.11 -13.49
CA ASP O 102 35.46 -6.15 -14.94
C ASP O 102 34.53 -5.14 -15.60
N VAL O 103 34.95 -4.63 -16.75
CA VAL O 103 34.12 -3.72 -17.53
C VAL O 103 34.09 -4.18 -18.98
N GLY O 104 33.02 -3.83 -19.68
CA GLY O 104 32.90 -4.14 -21.09
C GLY O 104 33.57 -3.09 -21.95
N PRO O 105 33.41 -3.23 -23.27
CA PRO O 105 34.00 -2.24 -24.18
C PRO O 105 33.50 -0.82 -23.94
N ASP O 106 32.25 -0.67 -23.48
CA ASP O 106 31.68 0.65 -23.19
C ASP O 106 32.16 1.21 -21.86
N GLY O 107 32.92 0.45 -21.09
CA GLY O 107 33.42 0.91 -19.80
C GLY O 107 32.47 0.69 -18.63
N ARG O 108 31.35 0.03 -18.84
CA ARG O 108 30.36 -0.17 -17.79
C ARG O 108 30.62 -1.48 -17.05
N PHE O 109 30.13 -1.51 -15.80
CA PHE O 109 30.36 -2.66 -14.93
C PHE O 109 29.79 -3.94 -15.54
N LEU O 110 30.59 -5.00 -15.50
CA LEU O 110 30.22 -6.31 -16.00
C LEU O 110 30.11 -7.35 -14.90
N ARG O 111 31.12 -7.41 -14.02
CA ARG O 111 31.18 -8.43 -12.99
C ARG O 111 32.15 -7.99 -11.91
N GLY O 112 31.90 -8.44 -10.68
CA GLY O 112 32.81 -8.20 -9.59
C GLY O 112 33.01 -9.47 -8.78
N TYR O 113 34.12 -9.50 -8.04
CA TYR O 113 34.48 -10.70 -7.31
C TYR O 113 35.35 -10.34 -6.10
N ARG O 114 35.34 -11.24 -5.12
CA ARG O 114 36.20 -11.12 -3.94
C ARG O 114 36.31 -12.49 -3.30
N GLN O 115 37.54 -13.01 -3.18
CA GLN O 115 37.78 -14.34 -2.66
C GLN O 115 38.89 -14.30 -1.61
N ASP O 116 38.68 -15.01 -0.52
CA ASP O 116 39.63 -15.06 0.58
C ASP O 116 40.06 -16.50 0.82
N ALA O 117 41.34 -16.67 1.16
CA ALA O 117 41.90 -17.98 1.44
C ALA O 117 42.64 -17.97 2.76
N TYR O 118 42.78 -19.16 3.34
CA TYR O 118 43.60 -19.37 4.52
C TYR O 118 44.43 -20.63 4.30
N ASP O 119 45.75 -20.49 4.45
CA ASP O 119 46.68 -21.60 4.23
C ASP O 119 46.48 -22.24 2.86
N GLY O 120 46.29 -21.41 1.84
CA GLY O 120 46.19 -21.90 0.47
C GLY O 120 44.91 -22.61 0.12
N LYS O 121 43.90 -22.57 0.97
CA LYS O 121 42.61 -23.19 0.70
C LYS O 121 41.51 -22.14 0.80
N ASP O 122 40.41 -22.38 0.08
CA ASP O 122 39.28 -21.46 0.11
C ASP O 122 38.79 -21.27 1.54
N TYR O 123 38.51 -20.02 1.89
CA TYR O 123 37.94 -19.69 3.20
C TYR O 123 36.56 -19.07 3.05
N ILE O 124 36.45 -17.91 2.42
CA ILE O 124 35.15 -17.28 2.17
C ILE O 124 35.24 -16.52 0.86
N ALA O 125 34.11 -16.44 0.15
CA ALA O 125 34.07 -15.80 -1.15
C ALA O 125 32.72 -15.10 -1.34
N LEU O 126 32.76 -13.97 -2.05
CA LEU O 126 31.54 -13.27 -2.41
C LEU O 126 30.90 -13.95 -3.62
N ASN O 127 29.62 -14.25 -3.53
CA ASN O 127 28.91 -14.90 -4.63
C ASN O 127 28.76 -13.96 -5.81
N GLU O 128 28.27 -14.51 -6.92
CA GLU O 128 28.16 -13.73 -8.15
C GLU O 128 27.21 -12.55 -7.99
N ASP O 129 26.10 -12.75 -7.27
CA ASP O 129 25.12 -11.69 -7.09
C ASP O 129 25.59 -10.56 -6.18
N LEU O 130 26.81 -10.66 -5.63
CA LEU O 130 27.40 -9.60 -4.80
C LEU O 130 26.53 -9.28 -3.59
N ARG O 131 25.73 -10.25 -3.15
CA ARG O 131 24.80 -10.07 -2.05
C ARG O 131 24.97 -11.06 -0.92
N SER O 132 25.75 -12.13 -1.13
CA SER O 132 25.85 -13.19 -0.13
C SER O 132 27.21 -13.84 -0.23
N TRP O 133 27.61 -14.51 0.85
CA TRP O 133 28.92 -15.13 0.96
C TRP O 133 28.81 -16.64 0.95
N THR O 134 29.90 -17.28 0.53
CA THR O 134 30.03 -18.74 0.58
C THR O 134 31.19 -19.08 1.49
N ALA O 135 30.89 -19.75 2.60
CA ALA O 135 31.90 -20.18 3.57
C ALA O 135 32.34 -21.59 3.25
N ALA O 136 33.66 -21.82 3.28
CA ALA O 136 34.21 -23.11 2.89
C ALA O 136 34.24 -24.13 4.01
N ASP O 137 34.15 -23.71 5.27
CA ASP O 137 34.18 -24.64 6.39
C ASP O 137 33.50 -23.99 7.59
N MET O 138 33.50 -24.72 8.72
CA MET O 138 32.82 -24.24 9.91
C MET O 138 33.43 -22.95 10.44
N ALA O 139 34.76 -22.86 10.44
CA ALA O 139 35.42 -21.63 10.90
C ALA O 139 34.98 -20.43 10.08
N ALA O 140 34.89 -20.60 8.76
CA ALA O 140 34.46 -19.49 7.91
C ALA O 140 33.00 -19.12 8.13
N GLN O 141 32.18 -20.05 8.63
CA GLN O 141 30.79 -19.72 8.95
C GLN O 141 30.72 -18.65 10.03
N ILE O 142 31.65 -18.69 10.99
CA ILE O 142 31.73 -17.64 12.00
C ILE O 142 32.01 -16.30 11.34
N THR O 143 32.98 -16.27 10.42
CA THR O 143 33.25 -15.06 9.65
C THR O 143 32.01 -14.61 8.88
N LYS O 144 31.29 -15.56 8.26
CA LYS O 144 30.13 -15.21 7.47
C LYS O 144 29.08 -14.48 8.30
N ARG O 145 28.82 -14.95 9.52
CA ARG O 145 27.84 -14.29 10.38
C ARG O 145 28.27 -12.86 10.73
N LYS O 146 29.55 -12.69 11.09
CA LYS O 146 30.06 -11.34 11.33
C LYS O 146 29.89 -10.46 10.09
N TRP O 147 30.16 -11.02 8.91
CA TRP O 147 30.11 -10.21 7.70
C TRP O 147 28.68 -9.90 7.30
N GLU O 148 27.73 -10.77 7.61
CA GLU O 148 26.33 -10.46 7.36
C GLU O 148 25.83 -9.39 8.31
N ALA O 149 26.16 -9.50 9.60
CA ALA O 149 25.71 -8.53 10.58
C ALA O 149 26.32 -7.15 10.34
N ALA O 150 27.47 -7.09 9.70
CA ALA O 150 28.14 -5.83 9.41
C ALA O 150 27.86 -5.32 8.01
N HIS O 151 26.99 -5.99 7.26
CA HIS O 151 26.63 -5.61 5.89
C HIS O 151 27.88 -5.50 5.00
N ALA O 152 28.74 -6.51 5.11
CA ALA O 152 30.00 -6.51 4.38
C ALA O 152 29.78 -6.65 2.88
N ALA O 153 28.82 -7.48 2.48
CA ALA O 153 28.52 -7.65 1.07
C ALA O 153 28.07 -6.34 0.43
N GLU O 154 27.16 -5.63 1.11
CA GLU O 154 26.66 -4.37 0.55
C GLU O 154 27.78 -3.33 0.44
N GLN O 155 28.69 -3.31 1.42
CA GLN O 155 29.81 -2.39 1.34
C GLN O 155 30.77 -2.78 0.24
N GLN O 156 30.96 -4.09 0.02
CA GLN O 156 31.85 -4.54 -1.05
C GLN O 156 31.25 -4.26 -2.42
N ARG O 157 29.94 -4.46 -2.57
CA ARG O 157 29.31 -4.22 -3.86
C ARG O 157 29.39 -2.74 -4.24
N ALA O 158 29.27 -1.84 -3.26
CA ALA O 158 29.37 -0.41 -3.56
C ALA O 158 30.75 -0.05 -4.09
N TYR O 159 31.81 -0.69 -3.58
CA TYR O 159 33.13 -0.46 -4.15
C TYR O 159 33.25 -1.08 -5.54
N LEU O 160 32.78 -2.32 -5.70
CA LEU O 160 32.98 -3.04 -6.95
C LEU O 160 32.23 -2.37 -8.10
N GLU O 161 31.04 -1.85 -7.84
CA GLU O 161 30.25 -1.17 -8.86
C GLU O 161 30.51 0.33 -8.90
N GLY O 162 31.31 0.87 -7.98
CA GLY O 162 31.55 2.30 -7.92
C GLY O 162 32.99 2.70 -8.19
N ARG O 163 33.78 2.81 -7.12
CA ARG O 163 35.16 3.30 -7.26
C ARG O 163 36.03 2.33 -8.05
N CYS O 164 35.78 1.02 -7.96
CA CYS O 164 36.56 0.06 -8.72
C CYS O 164 36.43 0.33 -10.22
N VAL O 165 35.19 0.47 -10.69
CA VAL O 165 34.94 0.66 -12.12
C VAL O 165 35.38 2.05 -12.56
N GLU O 166 35.16 3.07 -11.72
CA GLU O 166 35.51 4.43 -12.11
C GLU O 166 37.01 4.61 -12.26
N TRP O 167 37.79 4.08 -11.33
CA TRP O 167 39.23 4.21 -11.43
C TRP O 167 39.83 3.27 -12.47
N LEU O 168 39.18 2.13 -12.71
CA LEU O 168 39.61 1.25 -13.80
C LEU O 168 39.52 1.97 -15.14
N ARG O 169 38.43 2.71 -15.37
CA ARG O 169 38.31 3.48 -16.61
C ARG O 169 39.37 4.56 -16.69
N ARG O 170 39.61 5.26 -15.57
CA ARG O 170 40.65 6.28 -15.55
C ARG O 170 42.02 5.68 -15.87
N TYR O 171 42.31 4.50 -15.32
CA TYR O 171 43.59 3.84 -15.62
C TYR O 171 43.68 3.49 -17.09
N LEU O 172 42.60 2.90 -17.65
CA LEU O 172 42.60 2.51 -19.05
C LEU O 172 42.81 3.71 -19.97
N GLU O 173 42.31 4.89 -19.58
CA GLU O 173 42.52 6.07 -20.39
C GLU O 173 43.95 6.58 -20.26
N ASN O 174 44.46 6.65 -19.03
CA ASN O 174 45.82 7.16 -18.82
C ASN O 174 46.87 6.24 -19.43
N GLY O 175 46.65 4.93 -19.34
CA GLY O 175 47.60 3.98 -19.89
C GLY O 175 47.18 3.44 -21.25
N LYS O 176 46.43 4.26 -22.00
CA LYS O 176 45.90 3.83 -23.29
C LYS O 176 46.99 3.31 -24.22
N GLU O 177 48.15 3.97 -24.23
CA GLU O 177 49.21 3.62 -25.16
C GLU O 177 49.76 2.21 -24.93
N THR O 178 49.63 1.67 -23.71
CA THR O 178 50.18 0.37 -23.39
C THR O 178 49.17 -0.63 -22.85
N LEU O 179 48.00 -0.19 -22.39
CA LEU O 179 47.00 -1.13 -21.89
C LEU O 179 46.08 -1.66 -22.98
N GLN O 180 45.82 -0.87 -24.02
CA GLN O 180 44.95 -1.29 -25.12
C GLN O 180 45.73 -1.64 -26.38
N ARG O 181 46.95 -2.14 -26.20
CA ARG O 181 47.77 -2.66 -27.29
C ARG O 181 47.73 -4.18 -27.30
N THR O 182 48.11 -4.77 -28.44
CA THR O 182 48.26 -6.22 -28.58
C THR O 182 49.55 -6.46 -29.33
N ASP O 183 50.58 -6.90 -28.61
CA ASP O 183 51.86 -7.20 -29.24
C ASP O 183 51.82 -8.60 -29.83
N PRO O 184 52.08 -8.77 -31.13
CA PRO O 184 52.00 -10.10 -31.73
C PRO O 184 53.19 -10.94 -31.35
N PRO O 185 53.04 -12.27 -31.29
CA PRO O 185 54.19 -13.12 -30.96
C PRO O 185 55.16 -13.23 -32.12
N LYS O 186 56.45 -13.29 -31.78
CA LYS O 186 57.49 -13.60 -32.75
C LYS O 186 57.76 -15.10 -32.70
N THR O 187 57.51 -15.79 -33.81
CA THR O 187 57.55 -17.24 -33.83
C THR O 187 58.78 -17.76 -34.57
N HIS O 188 59.26 -18.91 -34.11
CA HIS O 188 60.31 -19.66 -34.79
C HIS O 188 60.27 -21.08 -34.25
N MET O 189 61.08 -21.95 -34.85
CA MET O 189 61.00 -23.37 -34.59
C MET O 189 62.41 -23.95 -34.48
N THR O 190 62.64 -24.77 -33.46
CA THR O 190 63.92 -25.42 -33.25
C THR O 190 63.79 -26.92 -33.44
N HIS O 191 64.92 -27.55 -33.77
CA HIS O 191 64.98 -28.97 -34.11
C HIS O 191 66.12 -29.61 -33.33
N HIS O 192 65.80 -30.66 -32.58
CA HIS O 192 66.78 -31.36 -31.75
C HIS O 192 66.68 -32.87 -31.96
N PRO O 193 67.67 -33.51 -32.56
CA PRO O 193 67.68 -34.98 -32.64
C PRO O 193 67.89 -35.57 -31.25
N ILE O 194 66.95 -36.40 -30.80
CA ILE O 194 67.08 -37.05 -29.51
C ILE O 194 67.71 -38.44 -29.61
N SER O 195 67.65 -39.07 -30.78
CA SER O 195 68.25 -40.37 -31.02
C SER O 195 68.58 -40.47 -32.51
N ASP O 196 69.00 -41.65 -32.93
CA ASP O 196 69.07 -41.94 -34.36
C ASP O 196 67.72 -42.32 -34.94
N HIS O 197 66.68 -42.36 -34.11
CA HIS O 197 65.33 -42.76 -34.52
C HIS O 197 64.33 -41.61 -34.51
N GLU O 198 64.38 -40.74 -33.50
CA GLU O 198 63.39 -39.69 -33.33
C GLU O 198 64.08 -38.34 -33.14
N ALA O 199 63.28 -37.29 -33.13
CA ALA O 199 63.75 -35.94 -32.90
C ALA O 199 62.59 -35.10 -32.37
N THR O 200 62.93 -33.99 -31.72
CA THR O 200 61.95 -33.09 -31.15
C THR O 200 61.86 -31.81 -31.98
N LEU O 201 60.63 -31.34 -32.18
CA LEU O 201 60.36 -30.06 -32.81
C LEU O 201 59.69 -29.16 -31.79
N ARG O 202 60.30 -28.00 -31.52
CA ARG O 202 59.79 -27.06 -30.54
C ARG O 202 59.31 -25.80 -31.26
N CYS O 203 58.08 -25.39 -30.95
CA CYS O 203 57.45 -24.23 -31.57
C CYS O 203 57.46 -23.08 -30.56
N TRP O 204 58.19 -22.01 -30.89
CA TRP O 204 58.40 -20.89 -29.96
C TRP O 204 57.48 -19.73 -30.28
N ALA O 205 56.98 -19.08 -29.23
CA ALA O 205 56.24 -17.84 -29.34
C ALA O 205 56.78 -16.86 -28.31
N LEU O 206 57.30 -15.73 -28.78
CA LEU O 206 58.01 -14.78 -27.93
C LEU O 206 57.42 -13.39 -28.06
N GLY O 207 57.44 -12.65 -26.94
CA GLY O 207 57.19 -11.22 -26.96
C GLY O 207 55.76 -10.79 -27.18
N PHE O 208 54.79 -11.61 -26.82
CA PHE O 208 53.39 -11.29 -27.07
C PHE O 208 52.71 -10.76 -25.80
N TYR O 209 51.65 -9.99 -26.01
CA TYR O 209 50.80 -9.44 -24.96
C TYR O 209 49.42 -9.25 -25.56
N PRO O 210 48.34 -9.64 -24.85
CA PRO O 210 48.33 -10.22 -23.50
C PRO O 210 48.76 -11.68 -23.45
N ALA O 211 48.75 -12.26 -22.24
CA ALA O 211 49.30 -13.59 -22.00
C ALA O 211 48.47 -14.73 -22.60
N GLU O 212 47.23 -14.47 -22.99
CA GLU O 212 46.40 -15.52 -23.57
C GLU O 212 46.93 -15.92 -24.95
N ILE O 213 47.17 -17.21 -25.15
CA ILE O 213 47.70 -17.73 -26.41
C ILE O 213 47.48 -19.24 -26.42
N THR O 214 47.38 -19.80 -27.62
CA THR O 214 47.24 -21.25 -27.77
C THR O 214 48.22 -21.75 -28.83
N LEU O 215 48.93 -22.82 -28.50
CA LEU O 215 49.87 -23.47 -29.41
C LEU O 215 49.45 -24.92 -29.61
N THR O 216 49.33 -25.34 -30.86
CA THR O 216 48.91 -26.69 -31.18
C THR O 216 49.78 -27.25 -32.29
N TRP O 217 49.93 -28.58 -32.29
CA TRP O 217 50.63 -29.31 -33.33
C TRP O 217 49.64 -30.12 -34.15
N GLN O 218 49.98 -30.34 -35.42
CA GLN O 218 49.16 -31.15 -36.31
C GLN O 218 50.05 -32.11 -37.09
N ARG O 219 49.55 -33.33 -37.26
CA ARG O 219 50.18 -34.36 -38.07
C ARG O 219 49.33 -34.54 -39.32
N ASP O 220 49.81 -33.99 -40.44
CA ASP O 220 49.11 -34.06 -41.73
C ASP O 220 47.71 -33.46 -41.64
N GLY O 221 47.63 -32.26 -41.06
CA GLY O 221 46.38 -31.55 -40.92
C GLY O 221 45.52 -31.96 -39.74
N GLU O 222 45.76 -33.14 -39.16
CA GLU O 222 45.00 -33.61 -38.02
C GLU O 222 45.71 -33.23 -36.72
N ASP O 223 44.94 -32.75 -35.74
CA ASP O 223 45.51 -32.38 -34.45
C ASP O 223 46.17 -33.58 -33.80
N GLN O 224 47.15 -33.30 -32.92
CA GLN O 224 47.86 -34.34 -32.22
C GLN O 224 48.08 -33.91 -30.77
N THR O 225 47.49 -34.65 -29.84
CA THR O 225 47.79 -34.51 -28.42
C THR O 225 48.82 -35.52 -27.93
N GLN O 226 49.30 -36.38 -28.82
CA GLN O 226 50.31 -37.38 -28.46
C GLN O 226 51.69 -36.76 -28.51
N ASP O 227 52.50 -37.05 -27.47
CA ASP O 227 53.86 -36.55 -27.32
C ASP O 227 53.93 -35.02 -27.36
N THR O 228 52.82 -34.34 -27.05
CA THR O 228 52.77 -32.88 -27.11
C THR O 228 53.18 -32.33 -25.75
N GLU O 229 54.40 -31.80 -25.68
CA GLU O 229 54.88 -31.14 -24.48
C GLU O 229 54.53 -29.65 -24.54
N LEU O 230 54.11 -29.11 -23.41
CA LEU O 230 53.61 -27.73 -23.35
C LEU O 230 53.92 -27.15 -21.99
N VAL O 231 54.70 -26.06 -21.96
CA VAL O 231 55.08 -25.42 -20.72
C VAL O 231 54.13 -24.28 -20.42
N GLU O 232 54.07 -23.91 -19.14
CA GLU O 232 53.27 -22.78 -18.70
C GLU O 232 53.80 -21.49 -19.31
N THR O 233 52.89 -20.60 -19.70
CA THR O 233 53.28 -19.28 -20.18
C THR O 233 54.04 -18.54 -19.09
N ARG O 234 55.10 -17.85 -19.49
CA ARG O 234 56.02 -17.24 -18.54
C ARG O 234 56.25 -15.77 -18.88
N PRO O 235 56.55 -14.95 -17.88
CA PRO O 235 56.86 -13.54 -18.16
C PRO O 235 58.30 -13.36 -18.61
N ALA O 236 58.47 -12.54 -19.65
CA ALA O 236 59.80 -12.23 -20.16
C ALA O 236 60.54 -11.21 -19.32
N GLY O 237 59.85 -10.51 -18.41
CA GLY O 237 60.45 -9.50 -17.57
C GLY O 237 60.26 -8.08 -18.05
N ASP O 238 59.80 -7.89 -19.29
CA ASP O 238 59.61 -6.55 -19.84
C ASP O 238 58.14 -6.24 -20.13
N GLY O 239 57.21 -7.05 -19.61
CA GLY O 239 55.80 -6.86 -19.82
C GLY O 239 55.17 -7.84 -20.81
N THR O 240 55.98 -8.49 -21.64
CA THR O 240 55.49 -9.45 -22.60
C THR O 240 55.64 -10.86 -22.04
N PHE O 241 55.23 -11.86 -22.83
CA PHE O 241 55.20 -13.24 -22.37
C PHE O 241 55.81 -14.16 -23.41
N GLN O 242 56.10 -15.38 -22.96
CA GLN O 242 56.74 -16.40 -23.78
C GLN O 242 56.05 -17.74 -23.54
N LYS O 243 56.14 -18.62 -24.54
CA LYS O 243 55.58 -19.97 -24.45
C LYS O 243 56.15 -20.81 -25.58
N TRP O 244 56.32 -22.09 -25.32
CA TRP O 244 56.68 -23.03 -26.38
C TRP O 244 55.89 -24.32 -26.23
N ALA O 245 55.86 -25.08 -27.31
CA ALA O 245 55.20 -26.37 -27.38
C ALA O 245 56.04 -27.29 -28.26
N ALA O 246 56.26 -28.51 -27.80
CA ALA O 246 57.14 -29.44 -28.49
C ALA O 246 56.41 -30.76 -28.72
N VAL O 247 56.90 -31.50 -29.73
CA VAL O 247 56.40 -32.83 -30.07
C VAL O 247 57.57 -33.66 -30.53
N VAL O 248 57.54 -34.96 -30.22
CA VAL O 248 58.57 -35.89 -30.63
C VAL O 248 58.13 -36.55 -31.93
N VAL O 249 58.92 -36.35 -32.98
CA VAL O 249 58.58 -36.88 -34.30
C VAL O 249 59.64 -37.91 -34.71
N PRO O 250 59.28 -38.92 -35.51
CA PRO O 250 60.30 -39.82 -36.03
C PRO O 250 61.19 -39.12 -37.04
N SER O 251 62.48 -39.45 -37.01
CA SER O 251 63.44 -38.81 -37.90
C SER O 251 63.09 -39.04 -39.35
N GLY O 252 63.23 -38.00 -40.16
CA GLY O 252 62.84 -38.05 -41.56
C GLY O 252 61.41 -37.68 -41.84
N GLU O 253 60.61 -37.37 -40.81
CA GLU O 253 59.21 -37.01 -40.98
C GLU O 253 58.90 -35.64 -40.40
N GLU O 254 59.93 -34.80 -40.20
CA GLU O 254 59.72 -33.52 -39.54
C GLU O 254 58.77 -32.62 -40.33
N GLN O 255 58.88 -32.63 -41.65
CA GLN O 255 58.05 -31.75 -42.48
C GLN O 255 56.62 -32.23 -42.61
N ARG O 256 56.26 -33.36 -41.99
CA ARG O 256 54.87 -33.79 -41.93
C ARG O 256 54.10 -33.11 -40.80
N TYR O 257 54.77 -32.37 -39.94
CA TYR O 257 54.16 -31.74 -38.78
C TYR O 257 54.07 -30.23 -38.98
N THR O 258 53.06 -29.62 -38.35
CA THR O 258 52.85 -28.19 -38.43
C THR O 258 52.47 -27.65 -37.06
N CYS O 259 52.96 -26.47 -36.74
CA CYS O 259 52.60 -25.76 -35.51
C CYS O 259 51.69 -24.59 -35.83
N HIS O 260 50.66 -24.41 -35.01
CA HIS O 260 49.64 -23.38 -35.21
C HIS O 260 49.62 -22.46 -34.01
N VAL O 261 49.62 -21.15 -34.27
CA VAL O 261 49.67 -20.13 -33.24
C VAL O 261 48.43 -19.26 -33.36
N GLN O 262 47.69 -19.12 -32.26
CA GLN O 262 46.50 -18.27 -32.20
C GLN O 262 46.71 -17.22 -31.12
N HIS O 263 46.58 -15.95 -31.49
CA HIS O 263 46.78 -14.85 -30.55
C HIS O 263 45.93 -13.67 -30.99
N GLU O 264 45.47 -12.89 -30.00
CA GLU O 264 44.62 -11.75 -30.28
C GLU O 264 45.35 -10.73 -31.16
N GLY O 265 46.65 -10.57 -30.97
CA GLY O 265 47.44 -9.65 -31.77
C GLY O 265 47.69 -10.10 -33.19
N LEU O 266 47.29 -11.33 -33.54
CA LEU O 266 47.50 -11.85 -34.88
C LEU O 266 46.25 -11.66 -35.73
N PRO O 267 46.36 -11.10 -36.93
CA PRO O 267 45.18 -11.01 -37.80
C PRO O 267 44.75 -12.34 -38.36
N LYS O 268 45.69 -13.25 -38.62
CA LYS O 268 45.42 -14.59 -39.10
C LYS O 268 46.32 -15.55 -38.34
N PRO O 269 45.82 -16.75 -38.01
CA PRO O 269 46.63 -17.71 -37.25
C PRO O 269 47.84 -18.18 -38.06
N LEU O 270 48.99 -18.21 -37.41
CA LEU O 270 50.24 -18.61 -38.07
C LEU O 270 50.35 -20.13 -38.14
N THR O 271 51.02 -20.59 -39.19
CA THR O 271 51.33 -22.01 -39.38
C THR O 271 52.81 -22.15 -39.69
N LEU O 272 53.49 -22.99 -38.91
CA LEU O 272 54.93 -23.18 -39.04
C LEU O 272 55.24 -24.62 -39.44
N ARG O 273 56.22 -24.78 -40.32
CA ARG O 273 56.71 -26.08 -40.73
C ARG O 273 58.23 -26.04 -40.78
N TRP O 274 58.87 -27.11 -40.31
CA TRP O 274 60.33 -27.18 -40.28
C TRP O 274 60.93 -27.10 -41.68
N ILE P 1 48.28 -29.24 0.96
CA ILE P 1 48.61 -28.17 1.89
C ILE P 1 49.94 -27.54 1.50
N GLN P 2 50.81 -28.33 0.85
CA GLN P 2 52.11 -27.85 0.40
C GLN P 2 52.34 -28.30 -1.04
N ARG P 3 52.78 -27.37 -1.89
CA ARG P 3 53.00 -27.63 -3.30
C ARG P 3 54.41 -27.23 -3.69
N THR P 4 55.06 -28.07 -4.51
CA THR P 4 56.45 -27.81 -4.86
C THR P 4 56.52 -26.92 -6.10
N PRO P 5 57.52 -26.04 -6.19
CA PRO P 5 57.56 -25.07 -7.29
C PRO P 5 57.98 -25.68 -8.62
N LYS P 6 57.32 -25.22 -9.68
CA LYS P 6 57.81 -25.43 -11.04
C LYS P 6 58.83 -24.36 -11.36
N ILE P 7 59.78 -24.70 -12.23
CA ILE P 7 60.93 -23.84 -12.49
C ILE P 7 61.18 -23.75 -13.99
N GLN P 8 61.43 -22.54 -14.47
CA GLN P 8 61.94 -22.32 -15.81
C GLN P 8 63.06 -21.29 -15.73
N VAL P 9 64.19 -21.59 -16.35
CA VAL P 9 65.30 -20.66 -16.47
C VAL P 9 65.52 -20.37 -17.95
N TYR P 10 65.70 -19.09 -18.28
CA TYR P 10 65.68 -18.65 -19.67
C TYR P 10 66.09 -17.18 -19.69
N SER P 11 66.30 -16.67 -20.89
CA SER P 11 66.67 -15.28 -21.10
C SER P 11 65.47 -14.48 -21.63
N ARG P 12 65.53 -13.17 -21.43
CA ARG P 12 64.46 -12.30 -21.88
C ARG P 12 64.39 -12.25 -23.41
N HIS P 13 65.54 -12.16 -24.06
CA HIS P 13 65.66 -12.06 -25.50
C HIS P 13 66.47 -13.23 -26.06
N PRO P 14 66.41 -13.48 -27.36
CA PRO P 14 67.29 -14.49 -27.96
C PRO P 14 68.76 -14.19 -27.65
N ALA P 15 69.44 -15.19 -27.09
CA ALA P 15 70.78 -14.98 -26.59
C ALA P 15 71.78 -14.78 -27.73
N GLU P 16 72.60 -13.74 -27.61
CA GLU P 16 73.67 -13.46 -28.56
C GLU P 16 74.91 -13.10 -27.78
N ASN P 17 76.03 -13.76 -28.10
CA ASN P 17 77.27 -13.56 -27.36
C ASN P 17 77.79 -12.15 -27.57
N GLY P 18 77.94 -11.41 -26.47
CA GLY P 18 78.41 -10.04 -26.51
C GLY P 18 77.32 -8.99 -26.40
N LYS P 19 76.06 -9.40 -26.31
CA LYS P 19 74.93 -8.48 -26.25
C LYS P 19 74.28 -8.55 -24.88
N SER P 20 73.93 -7.38 -24.34
CA SER P 20 73.28 -7.32 -23.03
C SER P 20 71.92 -7.98 -23.07
N ASN P 21 71.60 -8.72 -22.01
CA ASN P 21 70.36 -9.47 -21.93
C ASN P 21 69.93 -9.56 -20.48
N PHE P 22 68.89 -10.34 -20.21
CA PHE P 22 68.40 -10.59 -18.86
C PHE P 22 68.17 -12.07 -18.66
N LEU P 23 68.70 -12.63 -17.58
CA LEU P 23 68.54 -14.03 -17.23
C LEU P 23 67.40 -14.18 -16.24
N ASN P 24 66.42 -15.02 -16.56
CA ASN P 24 65.23 -15.18 -15.75
C ASN P 24 65.18 -16.57 -15.11
N CYS P 25 64.66 -16.61 -13.88
CA CYS P 25 64.24 -17.86 -13.25
C CYS P 25 62.82 -17.63 -12.74
N TYR P 26 61.86 -18.35 -13.32
CA TYR P 26 60.44 -18.16 -13.03
C TYR P 26 59.94 -19.37 -12.25
N VAL P 27 59.52 -19.14 -11.01
CA VAL P 27 59.02 -20.20 -10.13
C VAL P 27 57.54 -19.99 -9.91
N SER P 28 56.77 -21.07 -9.98
CA SER P 28 55.32 -20.97 -9.93
C SER P 28 54.73 -22.25 -9.36
N GLY P 29 53.48 -22.13 -8.91
CA GLY P 29 52.72 -23.27 -8.44
C GLY P 29 53.07 -23.78 -7.07
N PHE P 30 53.73 -22.98 -6.24
CA PHE P 30 54.19 -23.43 -4.93
C PHE P 30 53.36 -22.80 -3.81
N HIS P 31 53.48 -23.41 -2.63
CA HIS P 31 52.84 -22.95 -1.40
C HIS P 31 53.49 -23.67 -0.24
N PRO P 32 53.88 -22.97 0.85
CA PRO P 32 53.68 -21.54 1.11
C PRO P 32 54.59 -20.61 0.31
N SER P 33 54.59 -19.32 0.64
CA SER P 33 55.27 -18.32 -0.18
C SER P 33 56.77 -18.26 0.07
N ASP P 34 57.25 -18.75 1.21
CA ASP P 34 58.67 -18.72 1.50
C ASP P 34 59.44 -19.59 0.50
N ILE P 35 60.51 -19.03 -0.05
CA ILE P 35 61.28 -19.69 -1.10
C ILE P 35 62.55 -18.87 -1.30
N GLU P 36 63.66 -19.54 -1.61
CA GLU P 36 64.91 -18.86 -1.93
C GLU P 36 65.35 -19.28 -3.32
N VAL P 37 65.74 -18.30 -4.12
CA VAL P 37 66.13 -18.50 -5.52
C VAL P 37 67.46 -17.80 -5.75
N ASP P 38 68.41 -18.53 -6.32
CA ASP P 38 69.70 -17.96 -6.69
C ASP P 38 69.97 -18.21 -8.16
N LEU P 39 70.48 -17.20 -8.85
CA LEU P 39 70.98 -17.36 -10.21
C LEU P 39 72.49 -17.60 -10.12
N LEU P 40 72.97 -18.61 -10.83
CA LEU P 40 74.35 -19.05 -10.71
C LEU P 40 75.11 -18.81 -12.02
N LYS P 41 76.35 -18.33 -11.88
CA LYS P 41 77.27 -18.18 -13.01
C LYS P 41 78.48 -19.07 -12.73
N ASN P 42 78.67 -20.09 -13.56
CA ASN P 42 79.76 -21.06 -13.38
C ASN P 42 79.71 -21.67 -11.99
N GLY P 43 78.50 -21.90 -11.48
CA GLY P 43 78.28 -22.47 -10.18
C GLY P 43 78.28 -21.48 -9.03
N GLU P 44 78.75 -20.25 -9.25
CA GLU P 44 78.84 -19.27 -8.19
C GLU P 44 77.59 -18.39 -8.17
N ARG P 45 77.21 -17.96 -6.97
CA ARG P 45 76.01 -17.15 -6.81
C ARG P 45 76.22 -15.75 -7.39
N ILE P 46 75.23 -15.28 -8.12
CA ILE P 46 75.26 -13.95 -8.72
C ILE P 46 74.66 -12.95 -7.73
N GLU P 47 75.36 -11.82 -7.53
CA GLU P 47 74.88 -10.77 -6.67
C GLU P 47 73.92 -9.85 -7.43
N LYS P 48 73.21 -9.01 -6.67
CA LYS P 48 72.32 -7.99 -7.24
C LYS P 48 71.23 -8.61 -8.11
N VAL P 49 70.70 -9.75 -7.68
CA VAL P 49 69.58 -10.39 -8.36
C VAL P 49 68.28 -9.82 -7.80
N GLU P 50 67.36 -9.45 -8.69
CA GLU P 50 66.09 -8.86 -8.30
C GLU P 50 64.97 -9.86 -8.54
N HIS P 51 63.81 -9.57 -7.95
CA HIS P 51 62.65 -10.43 -8.09
C HIS P 51 61.39 -9.60 -8.11
N SER P 52 60.37 -10.12 -8.79
CA SER P 52 59.09 -9.42 -8.92
C SER P 52 58.34 -9.44 -7.58
N ASP P 53 57.18 -8.80 -7.57
CA ASP P 53 56.35 -8.71 -6.38
C ASP P 53 55.45 -9.94 -6.29
N LEU P 54 55.40 -10.53 -5.09
CA LEU P 54 54.69 -11.80 -4.90
C LEU P 54 53.24 -11.70 -5.33
N SER P 55 52.78 -12.69 -6.07
CA SER P 55 51.40 -12.80 -6.48
C SER P 55 51.04 -14.28 -6.57
N PHE P 56 49.77 -14.57 -6.85
CA PHE P 56 49.31 -15.95 -6.85
C PHE P 56 48.23 -16.13 -7.92
N SER P 57 48.00 -17.39 -8.27
CA SER P 57 47.09 -17.78 -9.33
C SER P 57 45.72 -18.10 -8.75
N LYS P 58 44.84 -18.66 -9.60
CA LYS P 58 43.47 -18.93 -9.18
C LYS P 58 43.41 -19.98 -8.08
N ASP P 59 44.32 -20.96 -8.10
CA ASP P 59 44.35 -22.02 -7.11
C ASP P 59 45.13 -21.63 -5.86
N TRP P 60 45.49 -20.35 -5.71
CA TRP P 60 46.18 -19.75 -4.57
C TRP P 60 47.67 -20.09 -4.53
N SER P 61 48.23 -20.71 -5.56
CA SER P 61 49.66 -20.98 -5.58
C SER P 61 50.41 -19.75 -6.07
N PHE P 62 51.59 -19.52 -5.50
CA PHE P 62 52.35 -18.31 -5.75
C PHE P 62 53.25 -18.46 -6.98
N TYR P 63 53.63 -17.32 -7.54
CA TYR P 63 54.61 -17.29 -8.63
C TYR P 63 55.50 -16.07 -8.50
N LEU P 64 56.76 -16.23 -8.86
CA LEU P 64 57.78 -15.18 -8.76
C LEU P 64 58.67 -15.23 -9.98
N LEU P 65 59.18 -14.07 -10.39
CA LEU P 65 60.19 -13.98 -11.44
C LEU P 65 61.44 -13.38 -10.84
N TYR P 66 62.53 -14.16 -10.86
CA TYR P 66 63.84 -13.68 -10.47
C TYR P 66 64.66 -13.39 -11.72
N TYR P 67 65.42 -12.30 -11.69
CA TYR P 67 66.05 -11.83 -12.92
C TYR P 67 67.26 -10.97 -12.58
N THR P 68 68.24 -10.98 -13.48
CA THR P 68 69.40 -10.12 -13.38
C THR P 68 69.93 -9.88 -14.80
N GLU P 69 70.57 -8.73 -14.99
CA GLU P 69 71.16 -8.42 -16.28
C GLU P 69 72.49 -9.16 -16.44
N PHE P 70 72.73 -9.68 -17.64
CA PHE P 70 73.95 -10.42 -17.91
C PHE P 70 74.27 -10.34 -19.40
N THR P 71 75.52 -10.67 -19.73
CA THR P 71 75.96 -10.72 -21.12
C THR P 71 76.42 -12.14 -21.44
N PRO P 72 75.69 -12.89 -22.28
CA PRO P 72 76.09 -14.26 -22.58
C PRO P 72 77.42 -14.31 -23.32
N THR P 73 78.19 -15.36 -23.05
CA THR P 73 79.42 -15.65 -23.77
C THR P 73 79.40 -17.11 -24.19
N GLU P 74 80.47 -17.55 -24.86
CA GLU P 74 80.53 -18.93 -25.32
C GLU P 74 80.84 -19.90 -24.18
N LYS P 75 81.65 -19.47 -23.22
CA LYS P 75 82.15 -20.37 -22.18
C LYS P 75 81.38 -20.28 -20.87
N ASP P 76 80.78 -19.13 -20.54
CA ASP P 76 80.11 -18.98 -19.27
C ASP P 76 78.83 -19.80 -19.23
N GLU P 77 78.63 -20.53 -18.14
CA GLU P 77 77.45 -21.34 -17.94
C GLU P 77 76.60 -20.75 -16.82
N TYR P 78 75.27 -20.86 -16.96
CA TYR P 78 74.35 -20.27 -16.01
C TYR P 78 73.33 -21.30 -15.57
N ALA P 79 72.71 -21.01 -14.44
CA ALA P 79 71.68 -21.87 -13.85
C ALA P 79 71.02 -21.09 -12.72
N CYS P 80 69.83 -21.54 -12.32
CA CYS P 80 69.25 -21.07 -11.08
C CYS P 80 69.05 -22.24 -10.13
N ARG P 81 69.11 -21.93 -8.83
CA ARG P 81 69.02 -22.90 -7.75
C ARG P 81 67.87 -22.48 -6.86
N VAL P 82 66.90 -23.38 -6.69
CA VAL P 82 65.67 -23.08 -5.96
C VAL P 82 65.58 -24.01 -4.76
N ASN P 83 65.26 -23.43 -3.61
CA ASN P 83 65.06 -24.20 -2.39
C ASN P 83 63.72 -23.84 -1.80
N HIS P 84 63.00 -24.86 -1.30
CA HIS P 84 61.64 -24.70 -0.83
C HIS P 84 61.37 -25.81 0.17
N VAL P 85 60.42 -25.57 1.08
CA VAL P 85 60.15 -26.51 2.15
C VAL P 85 59.72 -27.88 1.61
N THR P 86 59.25 -27.93 0.36
CA THR P 86 58.87 -29.19 -0.26
C THR P 86 60.05 -29.96 -0.82
N LEU P 87 61.24 -29.36 -0.86
CA LEU P 87 62.40 -29.96 -1.50
C LEU P 87 63.40 -30.43 -0.45
N SER P 88 63.81 -31.69 -0.54
CA SER P 88 64.82 -32.21 0.38
C SER P 88 66.16 -31.53 0.18
N GLN P 89 66.51 -31.25 -1.08
CA GLN P 89 67.75 -30.58 -1.44
C GLN P 89 67.43 -29.51 -2.47
N PRO P 90 68.25 -28.47 -2.57
CA PRO P 90 68.01 -27.43 -3.57
C PRO P 90 68.06 -28.00 -4.98
N LYS P 91 67.12 -27.55 -5.82
CA LYS P 91 67.02 -28.00 -7.19
C LYS P 91 67.73 -27.01 -8.10
N ILE P 92 68.60 -27.52 -8.97
CA ILE P 92 69.40 -26.70 -9.88
C ILE P 92 68.97 -27.02 -11.30
N VAL P 93 68.54 -25.99 -12.02
CA VAL P 93 68.15 -26.11 -13.43
C VAL P 93 69.09 -25.25 -14.25
N LYS P 94 69.74 -25.85 -15.23
CA LYS P 94 70.74 -25.15 -16.03
C LYS P 94 70.08 -24.41 -17.19
N TRP P 95 70.67 -23.27 -17.53
CA TRP P 95 70.16 -22.46 -18.65
C TRP P 95 70.58 -23.11 -19.97
N ASP P 96 69.59 -23.47 -20.78
CA ASP P 96 69.80 -24.05 -22.10
C ASP P 96 69.33 -23.03 -23.14
N ARG P 97 70.28 -22.33 -23.76
CA ARG P 97 69.91 -21.29 -24.71
C ARG P 97 69.29 -21.88 -25.97
N ASP P 98 69.76 -23.05 -26.41
CA ASP P 98 69.31 -23.66 -27.66
C ASP P 98 68.00 -24.41 -27.52
N MET P 99 67.30 -24.27 -26.40
CA MET P 99 66.03 -24.96 -26.20
C MET P 99 64.96 -24.45 -27.16
N VAL Q 1 42.33 2.01 -7.36
CA VAL Q 1 42.39 2.24 -5.92
C VAL Q 1 41.92 0.99 -5.16
N VAL Q 2 42.53 0.75 -4.00
CA VAL Q 2 42.18 -0.43 -3.21
C VAL Q 2 40.80 -0.22 -2.59
N GLY Q 3 40.11 -1.33 -2.32
CA GLY Q 3 38.79 -1.26 -1.73
C GLY Q 3 38.25 -2.57 -1.22
N ALA Q 4 39.10 -3.39 -0.61
CA ALA Q 4 38.65 -4.60 0.06
C ALA Q 4 38.04 -4.22 1.40
N VAL Q 5 36.75 -4.53 1.58
CA VAL Q 5 36.08 -4.24 2.84
C VAL Q 5 36.78 -4.96 3.97
N GLY Q 6 37.05 -4.24 5.05
CA GLY Q 6 37.81 -4.81 6.16
C GLY Q 6 36.99 -5.01 7.42
N VAL Q 7 35.91 -5.77 7.32
CA VAL Q 7 35.21 -6.23 8.51
C VAL Q 7 36.00 -7.39 9.09
N GLY Q 8 36.37 -7.28 10.36
CA GLY Q 8 37.15 -8.29 11.04
C GLY Q 8 36.58 -9.69 10.88
N LYS Q 9 37.44 -10.65 10.59
CA LYS Q 9 37.01 -12.04 10.44
C LYS Q 9 36.80 -12.70 11.79
N GLY R 1 13.66 -38.92 -31.58
CA GLY R 1 12.75 -39.93 -31.07
C GLY R 1 12.53 -39.84 -29.58
N SER R 2 12.33 -40.99 -28.93
CA SER R 2 12.12 -41.01 -27.49
C SER R 2 13.43 -40.75 -26.76
N HIS R 3 13.31 -40.17 -25.56
CA HIS R 3 14.46 -39.88 -24.72
C HIS R 3 14.12 -40.22 -23.29
N SER R 4 15.16 -40.51 -22.50
CA SER R 4 14.96 -40.96 -21.13
C SER R 4 16.00 -40.32 -20.22
N MET R 5 15.57 -40.06 -18.98
CA MET R 5 16.47 -39.70 -17.90
C MET R 5 16.36 -40.78 -16.82
N ARG R 6 17.49 -41.18 -16.26
CA ARG R 6 17.52 -42.22 -15.25
C ARG R 6 18.62 -41.92 -14.25
N TYR R 7 18.33 -42.17 -12.98
CA TYR R 7 19.31 -42.09 -11.89
C TYR R 7 19.48 -43.46 -11.27
N PHE R 8 20.71 -43.78 -10.88
CA PHE R 8 21.05 -45.08 -10.33
C PHE R 8 21.75 -44.88 -8.99
N TYR R 9 21.13 -45.37 -7.92
CA TYR R 9 21.67 -45.26 -6.57
C TYR R 9 22.17 -46.62 -6.09
N THR R 10 23.33 -46.62 -5.45
CA THR R 10 23.88 -47.82 -4.82
C THR R 10 24.36 -47.48 -3.42
N SER R 11 23.85 -48.20 -2.42
CA SER R 11 24.26 -48.02 -1.04
C SER R 11 24.69 -49.37 -0.48
N VAL R 12 25.93 -49.46 -0.01
CA VAL R 12 26.52 -50.70 0.45
C VAL R 12 27.06 -50.49 1.86
N SER R 13 26.53 -51.24 2.82
CA SER R 13 27.05 -51.20 4.17
C SER R 13 28.35 -51.99 4.25
N ARG R 14 29.28 -51.51 5.06
CA ARG R 14 30.60 -52.12 5.22
C ARG R 14 30.93 -52.27 6.70
N PRO R 15 30.45 -53.35 7.33
CA PRO R 15 30.75 -53.57 8.76
C PRO R 15 32.24 -53.55 9.07
N GLY R 16 32.65 -52.68 10.00
CA GLY R 16 34.04 -52.53 10.36
C GLY R 16 34.77 -51.42 9.64
N ARG R 17 34.15 -50.80 8.62
CA ARG R 17 34.80 -49.73 7.89
C ARG R 17 33.96 -48.45 7.87
N GLY R 18 33.07 -48.28 8.84
CA GLY R 18 32.32 -47.04 8.97
C GLY R 18 30.97 -47.02 8.29
N GLU R 19 30.56 -45.84 7.83
CA GLU R 19 29.25 -45.64 7.25
C GLU R 19 29.19 -46.23 5.84
N PRO R 20 27.98 -46.53 5.36
CA PRO R 20 27.85 -47.17 4.04
C PRO R 20 28.43 -46.33 2.91
N ARG R 21 28.86 -47.03 1.86
CA ARG R 21 29.28 -46.39 0.61
C ARG R 21 28.06 -46.08 -0.23
N PHE R 22 27.89 -44.81 -0.60
CA PHE R 22 26.77 -44.38 -1.42
C PHE R 22 27.28 -43.80 -2.74
N ILE R 23 26.77 -44.33 -3.85
CA ILE R 23 27.15 -43.86 -5.18
C ILE R 23 25.89 -43.58 -5.99
N ALA R 24 25.89 -42.45 -6.69
CA ALA R 24 24.78 -42.05 -7.54
C ALA R 24 25.32 -41.58 -8.89
N VAL R 25 24.64 -41.99 -9.96
CA VAL R 25 24.97 -41.54 -11.32
C VAL R 25 23.68 -41.21 -12.05
N GLY R 26 23.73 -40.17 -12.88
CA GLY R 26 22.59 -39.73 -13.66
C GLY R 26 22.86 -39.91 -15.15
N TYR R 27 21.85 -40.38 -15.87
CA TYR R 27 21.96 -40.64 -17.29
C TYR R 27 20.87 -39.89 -18.06
N VAL R 28 21.22 -39.42 -19.25
CA VAL R 28 20.28 -39.01 -20.27
C VAL R 28 20.50 -39.94 -21.44
N ASP R 29 19.54 -40.83 -21.68
CA ASP R 29 19.69 -41.93 -22.63
C ASP R 29 20.87 -42.80 -22.22
N ASP R 30 21.93 -42.84 -23.04
CA ASP R 30 23.11 -43.64 -22.76
C ASP R 30 24.30 -42.80 -22.32
N THR R 31 24.10 -41.54 -21.97
CA THR R 31 25.17 -40.63 -21.61
C THR R 31 25.06 -40.25 -20.14
N GLN R 32 26.13 -40.50 -19.39
CA GLN R 32 26.19 -40.05 -18.00
C GLN R 32 26.47 -38.55 -17.96
N PHE R 33 25.90 -37.88 -16.95
CA PHE R 33 26.15 -36.45 -16.82
C PHE R 33 26.40 -35.96 -15.40
N VAL R 34 26.08 -36.72 -14.35
CA VAL R 34 26.44 -36.35 -12.98
C VAL R 34 26.84 -37.60 -12.21
N ARG R 35 27.58 -37.38 -11.12
CA ARG R 35 27.91 -38.45 -10.20
C ARG R 35 28.05 -37.87 -8.79
N PHE R 36 27.79 -38.71 -7.80
CA PHE R 36 28.12 -38.42 -6.41
C PHE R 36 28.69 -39.67 -5.77
N ASP R 37 29.84 -39.52 -5.12
CA ASP R 37 30.51 -40.63 -4.42
C ASP R 37 30.79 -40.17 -3.00
N SER R 38 30.15 -40.82 -2.03
CA SER R 38 30.26 -40.38 -0.63
C SER R 38 31.66 -40.55 -0.06
N ASP R 39 32.53 -41.30 -0.71
CA ASP R 39 33.92 -41.41 -0.29
C ASP R 39 34.85 -40.42 -0.98
N ALA R 40 34.37 -39.74 -2.02
CA ALA R 40 35.21 -38.79 -2.73
C ALA R 40 35.45 -37.54 -1.89
N ALA R 41 36.55 -36.85 -2.19
CA ALA R 41 36.97 -35.72 -1.37
C ALA R 41 36.08 -34.49 -1.56
N SER R 42 35.46 -34.35 -2.74
CA SER R 42 34.77 -33.11 -3.05
C SER R 42 33.49 -32.95 -2.22
N GLN R 43 32.79 -34.05 -1.95
CA GLN R 43 31.49 -34.01 -1.26
C GLN R 43 30.49 -33.14 -2.02
N ARG R 44 30.56 -33.19 -3.35
CA ARG R 44 29.68 -32.42 -4.22
C ARG R 44 29.17 -33.34 -5.33
N MET R 45 27.97 -33.04 -5.81
CA MET R 45 27.55 -33.59 -7.09
C MET R 45 28.44 -33.02 -8.19
N GLU R 46 28.98 -33.89 -9.04
CA GLU R 46 29.98 -33.44 -9.99
C GLU R 46 29.51 -33.62 -11.42
N PRO R 47 29.88 -32.69 -12.32
CA PRO R 47 29.53 -32.87 -13.73
C PRO R 47 30.35 -33.96 -14.39
N ARG R 48 29.72 -34.70 -15.30
CA ARG R 48 30.40 -35.73 -16.08
C ARG R 48 30.21 -35.56 -17.58
N ALA R 49 29.43 -34.57 -18.02
CA ALA R 49 29.23 -34.28 -19.42
C ALA R 49 29.40 -32.78 -19.66
N PRO R 50 29.94 -32.38 -20.81
CA PRO R 50 30.22 -30.95 -21.02
C PRO R 50 28.99 -30.05 -20.94
N TRP R 51 27.82 -30.54 -21.34
CA TRP R 51 26.64 -29.69 -21.42
C TRP R 51 25.96 -29.47 -20.07
N ILE R 52 26.36 -30.17 -19.01
CA ILE R 52 25.77 -29.92 -17.69
C ILE R 52 26.57 -28.90 -16.89
N GLU R 53 27.78 -28.55 -17.33
CA GLU R 53 28.59 -27.58 -16.61
C GLU R 53 28.05 -26.16 -16.69
N GLN R 54 27.11 -25.89 -17.60
CA GLN R 54 26.51 -24.55 -17.70
C GLN R 54 25.72 -24.18 -16.45
N GLU R 55 25.25 -25.16 -15.69
CA GLU R 55 24.37 -24.88 -14.57
C GLU R 55 25.11 -24.12 -13.47
N GLY R 56 24.40 -23.18 -12.84
CA GLY R 56 25.01 -22.29 -11.88
C GLY R 56 25.17 -22.90 -10.51
N PRO R 57 25.72 -22.11 -9.59
CA PRO R 57 26.00 -22.62 -8.24
C PRO R 57 24.76 -23.08 -7.49
N GLU R 58 23.61 -22.45 -7.73
CA GLU R 58 22.37 -22.91 -7.10
C GLU R 58 22.02 -24.33 -7.51
N TYR R 59 22.32 -24.70 -8.76
CA TYR R 59 22.05 -26.05 -9.22
C TYR R 59 22.86 -27.08 -8.44
N TRP R 60 24.17 -26.86 -8.34
CA TRP R 60 25.03 -27.84 -7.68
C TRP R 60 24.85 -27.85 -6.17
N ASP R 61 24.51 -26.69 -5.58
CA ASP R 61 24.15 -26.67 -4.16
C ASP R 61 22.92 -27.52 -3.89
N GLN R 62 21.90 -27.38 -4.73
CA GLN R 62 20.66 -28.13 -4.54
C GLN R 62 20.89 -29.62 -4.76
N GLU R 63 21.56 -29.98 -5.86
CA GLU R 63 21.79 -31.39 -6.14
C GLU R 63 22.66 -32.06 -5.08
N THR R 64 23.64 -31.33 -4.55
CA THR R 64 24.51 -31.90 -3.52
C THR R 64 23.73 -32.15 -2.22
N ARG R 65 22.93 -31.18 -1.79
CA ARG R 65 22.11 -31.36 -0.60
C ARG R 65 21.17 -32.55 -0.77
N ASN R 66 20.42 -32.57 -1.86
CA ASN R 66 19.39 -33.59 -2.03
C ASN R 66 20.00 -34.99 -2.14
N VAL R 67 21.17 -35.11 -2.77
CA VAL R 67 21.77 -36.43 -2.92
C VAL R 67 22.52 -36.83 -1.66
N LYS R 68 22.98 -35.86 -0.85
CA LYS R 68 23.55 -36.19 0.45
C LYS R 68 22.49 -36.73 1.39
N ALA R 69 21.29 -36.16 1.34
CA ALA R 69 20.21 -36.63 2.20
C ALA R 69 19.74 -38.02 1.79
N GLN R 70 19.89 -38.37 0.51
CA GLN R 70 19.54 -39.71 0.05
C GLN R 70 20.47 -40.76 0.65
N SER R 71 21.77 -40.44 0.76
CA SER R 71 22.69 -41.39 1.39
C SER R 71 22.33 -41.61 2.84
N GLN R 72 21.87 -40.56 3.53
CA GLN R 72 21.37 -40.73 4.88
C GLN R 72 20.11 -41.57 4.90
N THR R 73 19.22 -41.36 3.93
CA THR R 73 18.00 -42.16 3.85
C THR R 73 18.32 -43.63 3.66
N ASP R 74 19.23 -43.94 2.73
CA ASP R 74 19.62 -45.33 2.50
C ASP R 74 20.34 -45.93 3.70
N ARG R 75 21.08 -45.12 4.45
CA ARG R 75 21.74 -45.63 5.65
C ARG R 75 20.72 -46.14 6.66
N VAL R 76 19.67 -45.35 6.89
CA VAL R 76 18.62 -45.78 7.82
C VAL R 76 17.87 -46.98 7.27
N ASP R 77 17.62 -47.00 5.95
CA ASP R 77 16.89 -48.11 5.36
C ASP R 77 17.69 -49.42 5.45
N LEU R 78 19.01 -49.34 5.28
CA LEU R 78 19.84 -50.54 5.40
C LEU R 78 19.70 -51.16 6.79
N GLY R 79 19.65 -50.32 7.83
CA GLY R 79 19.43 -50.84 9.17
C GLY R 79 18.04 -51.40 9.35
N THR R 80 17.02 -50.73 8.79
CA THR R 80 15.65 -51.19 8.93
C THR R 80 15.44 -52.53 8.23
N LEU R 81 15.92 -52.64 6.99
CA LEU R 81 15.74 -53.88 6.24
C LEU R 81 16.53 -55.03 6.83
N ARG R 82 17.70 -54.74 7.42
CA ARG R 82 18.44 -55.77 8.14
C ARG R 82 17.59 -56.36 9.27
N GLY R 83 16.81 -55.51 9.95
CA GLY R 83 15.92 -56.01 10.97
C GLY R 83 14.76 -56.81 10.39
N TYR R 84 14.19 -56.33 9.27
CA TYR R 84 13.08 -57.04 8.64
C TYR R 84 13.47 -58.48 8.29
N TYR R 85 14.69 -58.67 7.77
CA TYR R 85 15.17 -59.99 7.40
C TYR R 85 15.90 -60.70 8.53
N ASN R 86 15.92 -60.14 9.73
CA ASN R 86 16.53 -60.75 10.91
C ASN R 86 17.98 -61.16 10.64
N GLN R 87 18.73 -60.22 10.06
CA GLN R 87 20.12 -60.46 9.69
C GLN R 87 21.05 -59.81 10.71
N SER R 88 22.26 -60.35 10.81
CA SER R 88 23.25 -59.85 11.76
C SER R 88 23.85 -58.55 11.24
N GLU R 89 24.51 -57.83 12.14
CA GLU R 89 25.21 -56.60 11.78
C GLU R 89 26.60 -56.85 11.21
N ASP R 90 27.04 -58.11 11.16
CA ASP R 90 28.36 -58.44 10.66
C ASP R 90 28.44 -58.45 9.14
N GLY R 91 27.31 -58.55 8.46
CA GLY R 91 27.29 -58.75 7.03
C GLY R 91 27.14 -57.46 6.23
N SER R 92 27.69 -57.48 5.03
CA SER R 92 27.56 -56.38 4.08
C SER R 92 26.29 -56.58 3.25
N HIS R 93 25.54 -55.50 3.06
CA HIS R 93 24.28 -55.56 2.34
C HIS R 93 24.14 -54.34 1.44
N THR R 94 23.28 -54.46 0.44
CA THR R 94 23.22 -53.50 -0.65
C THR R 94 21.77 -53.09 -0.93
N ILE R 95 21.54 -51.79 -0.98
CA ILE R 95 20.28 -51.22 -1.48
C ILE R 95 20.59 -50.53 -2.80
N GLN R 96 19.77 -50.82 -3.81
CA GLN R 96 19.88 -50.18 -5.11
C GLN R 96 18.55 -49.54 -5.47
N ILE R 97 18.62 -48.37 -6.10
CA ILE R 97 17.42 -47.63 -6.51
C ILE R 97 17.62 -47.14 -7.94
N MET R 98 16.61 -47.37 -8.78
CA MET R 98 16.59 -46.86 -10.15
C MET R 98 15.27 -46.14 -10.37
N TYR R 99 15.33 -44.95 -10.92
CA TYR R 99 14.11 -44.20 -11.25
C TYR R 99 14.37 -43.27 -12.41
N GLY R 100 13.30 -42.85 -13.06
CA GLY R 100 13.41 -41.92 -14.16
C GLY R 100 12.11 -41.82 -14.94
N CYS R 101 12.16 -41.01 -15.99
CA CYS R 101 11.01 -40.74 -16.85
C CYS R 101 11.42 -40.80 -18.31
N ASP R 102 10.43 -41.04 -19.17
CA ASP R 102 10.60 -41.06 -20.61
C ASP R 102 9.76 -39.95 -21.24
N VAL R 103 10.26 -39.39 -22.34
CA VAL R 103 9.49 -38.47 -23.16
C VAL R 103 9.51 -38.97 -24.59
N GLY R 104 8.48 -38.60 -25.34
CA GLY R 104 8.38 -38.96 -26.74
C GLY R 104 8.94 -37.87 -27.63
N PRO R 105 8.74 -38.01 -28.95
CA PRO R 105 9.23 -36.98 -29.87
C PRO R 105 8.66 -35.59 -29.60
N ASP R 106 7.41 -35.50 -29.17
CA ASP R 106 6.79 -34.20 -28.90
C ASP R 106 7.27 -33.58 -27.60
N GLY R 107 8.10 -34.27 -26.83
CA GLY R 107 8.56 -33.76 -25.56
C GLY R 107 7.62 -33.97 -24.40
N ARG R 108 6.57 -34.76 -24.58
CA ARG R 108 5.59 -35.01 -23.54
C ARG R 108 5.87 -36.33 -22.84
N PHE R 109 5.39 -36.42 -21.60
CA PHE R 109 5.65 -37.57 -20.75
C PHE R 109 5.08 -38.85 -21.35
N LEU R 110 5.89 -39.91 -21.37
CA LEU R 110 5.46 -41.23 -21.83
C LEU R 110 5.29 -42.19 -20.67
N ARG R 111 6.33 -42.39 -19.86
CA ARG R 111 6.23 -43.31 -18.73
C ARG R 111 7.25 -42.92 -17.67
N GLY R 112 6.99 -43.34 -16.44
CA GLY R 112 7.91 -43.15 -15.35
C GLY R 112 8.08 -44.44 -14.58
N TYR R 113 9.19 -44.53 -13.86
CA TYR R 113 9.51 -45.75 -13.14
C TYR R 113 10.33 -45.44 -11.90
N ARG R 114 10.17 -46.31 -10.89
CA ARG R 114 10.98 -46.25 -9.67
C ARG R 114 11.01 -47.65 -9.07
N GLN R 115 12.21 -48.22 -8.97
CA GLN R 115 12.40 -49.60 -8.53
C GLN R 115 13.52 -49.67 -7.51
N ASP R 116 13.29 -50.42 -6.44
CA ASP R 116 14.25 -50.57 -5.35
C ASP R 116 14.61 -52.04 -5.18
N ALA R 117 15.86 -52.29 -4.83
CA ALA R 117 16.36 -53.65 -4.64
C ALA R 117 17.08 -53.76 -3.30
N TYR R 118 17.21 -55.01 -2.85
CA TYR R 118 17.99 -55.34 -1.66
C TYR R 118 18.79 -56.60 -1.95
N ASP R 119 20.11 -56.50 -1.80
CA ASP R 119 21.02 -57.61 -2.10
C ASP R 119 20.78 -58.17 -3.49
N GLY R 120 20.58 -57.27 -4.46
CA GLY R 120 20.46 -57.65 -5.85
C GLY R 120 19.15 -58.28 -6.25
N LYS R 121 18.15 -58.28 -5.37
CA LYS R 121 16.84 -58.85 -5.68
C LYS R 121 15.77 -57.78 -5.54
N ASP R 122 14.72 -57.90 -6.35
CA ASP R 122 13.60 -56.97 -6.28
C ASP R 122 13.08 -56.84 -4.86
N TYR R 123 12.87 -55.59 -4.43
CA TYR R 123 12.28 -55.32 -3.12
C TYR R 123 10.90 -54.69 -3.30
N ILE R 124 10.82 -53.44 -3.76
CA ILE R 124 9.56 -52.79 -4.04
C ILE R 124 9.71 -51.96 -5.31
N ALA R 125 8.62 -51.83 -6.06
CA ALA R 125 8.67 -51.12 -7.33
C ALA R 125 7.35 -50.41 -7.59
N LEU R 126 7.43 -49.24 -8.21
CA LEU R 126 6.25 -48.48 -8.59
C LEU R 126 5.69 -49.06 -9.89
N ASN R 127 4.41 -49.40 -9.87
CA ASN R 127 3.77 -49.99 -11.03
C ASN R 127 3.65 -48.96 -12.16
N GLU R 128 3.10 -49.41 -13.29
CA GLU R 128 3.01 -48.55 -14.47
C GLU R 128 2.08 -47.37 -14.24
N ASP R 129 0.94 -47.60 -13.57
CA ASP R 129 -0.03 -46.53 -13.35
C ASP R 129 0.50 -45.43 -12.44
N LEU R 130 1.67 -45.61 -11.84
CA LEU R 130 2.28 -44.66 -10.91
C LEU R 130 1.39 -44.37 -9.71
N ARG R 131 0.47 -45.29 -9.40
CA ARG R 131 -0.46 -45.14 -8.29
C ARG R 131 -0.35 -46.23 -7.23
N SER R 132 0.37 -47.31 -7.50
CA SER R 132 0.42 -48.44 -6.59
C SER R 132 1.81 -49.06 -6.63
N TRP R 133 2.07 -49.94 -5.66
CA TRP R 133 3.38 -50.56 -5.51
C TRP R 133 3.27 -52.08 -5.63
N THR R 134 4.35 -52.69 -6.12
CA THR R 134 4.50 -54.14 -6.15
C THR R 134 5.63 -54.52 -5.19
N ALA R 135 5.28 -55.26 -4.15
CA ALA R 135 6.24 -55.72 -3.15
C ALA R 135 6.61 -57.18 -3.42
N ALA R 136 7.90 -57.48 -3.33
CA ALA R 136 8.38 -58.81 -3.69
C ALA R 136 8.10 -59.83 -2.60
N ASP R 137 8.50 -59.54 -1.36
CA ASP R 137 8.37 -60.51 -0.28
C ASP R 137 7.64 -59.93 0.92
N MET R 138 7.67 -60.65 2.04
CA MET R 138 6.94 -60.21 3.24
C MET R 138 7.53 -58.93 3.81
N ALA R 139 8.85 -58.80 3.80
CA ALA R 139 9.49 -57.60 4.32
C ALA R 139 9.06 -56.37 3.52
N ALA R 140 8.99 -56.51 2.19
CA ALA R 140 8.59 -55.38 1.36
C ALA R 140 7.15 -54.97 1.61
N GLN R 141 6.29 -55.92 2.02
CA GLN R 141 4.92 -55.57 2.37
C GLN R 141 4.89 -54.56 3.52
N ILE R 142 5.83 -54.67 4.45
CA ILE R 142 5.91 -53.69 5.54
C ILE R 142 6.26 -52.31 4.99
N THR R 143 7.24 -52.26 4.07
CA THR R 143 7.54 -51.00 3.39
C THR R 143 6.35 -50.50 2.59
N LYS R 144 5.62 -51.41 1.94
CA LYS R 144 4.48 -51.03 1.13
C LYS R 144 3.40 -50.35 1.97
N ARG R 145 3.13 -50.87 3.17
CA ARG R 145 2.12 -50.28 4.03
C ARG R 145 2.52 -48.88 4.48
N LYS R 146 3.79 -48.68 4.81
CA LYS R 146 4.28 -47.35 5.17
C LYS R 146 4.16 -46.39 3.99
N TRP R 147 4.56 -46.82 2.79
CA TRP R 147 4.56 -45.94 1.64
C TRP R 147 3.14 -45.59 1.21
N GLU R 148 2.19 -46.51 1.39
CA GLU R 148 0.80 -46.17 1.12
C GLU R 148 0.26 -45.14 2.12
N ALA R 149 0.60 -45.30 3.40
CA ALA R 149 0.11 -44.38 4.41
C ALA R 149 0.74 -42.99 4.26
N ALA R 150 1.94 -42.92 3.68
CA ALA R 150 2.62 -41.65 3.48
C ALA R 150 2.40 -41.07 2.08
N HIS R 151 1.57 -41.72 1.26
CA HIS R 151 1.29 -41.26 -0.10
C HIS R 151 2.57 -41.07 -0.90
N ALA R 152 3.46 -42.05 -0.79
CA ALA R 152 4.74 -41.98 -1.51
C ALA R 152 4.53 -42.06 -3.01
N ALA R 153 3.60 -42.91 -3.46
CA ALA R 153 3.33 -43.04 -4.88
C ALA R 153 2.94 -41.71 -5.50
N GLU R 154 2.03 -40.97 -4.85
CA GLU R 154 1.60 -39.69 -5.40
C GLU R 154 2.74 -38.69 -5.41
N GLN R 155 3.60 -38.72 -4.39
CA GLN R 155 4.74 -37.81 -4.38
C GLN R 155 5.73 -38.16 -5.49
N GLN R 156 5.95 -39.45 -5.72
CA GLN R 156 6.86 -39.87 -6.79
C GLN R 156 6.28 -39.56 -8.16
N ARG R 157 4.96 -39.73 -8.32
CA ARG R 157 4.33 -39.42 -9.60
C ARG R 157 4.41 -37.93 -9.92
N ALA R 158 4.34 -37.09 -8.90
CA ALA R 158 4.47 -35.65 -9.12
C ALA R 158 5.85 -35.30 -9.67
N TYR R 159 6.89 -36.01 -9.22
CA TYR R 159 8.23 -35.76 -9.76
C TYR R 159 8.35 -36.29 -11.18
N LEU R 160 7.88 -37.51 -11.42
CA LEU R 160 8.10 -38.17 -12.70
C LEU R 160 7.36 -37.46 -13.84
N GLU R 161 6.18 -36.93 -13.55
CA GLU R 161 5.41 -36.21 -14.57
C GLU R 161 5.70 -34.72 -14.57
N GLY R 162 6.52 -34.23 -13.66
CA GLY R 162 6.79 -32.81 -13.56
C GLY R 162 8.24 -32.42 -13.74
N ARG R 163 8.97 -32.31 -12.61
CA ARG R 163 10.36 -31.87 -12.67
C ARG R 163 11.21 -32.81 -13.52
N CYS R 164 10.93 -34.11 -13.46
CA CYS R 164 11.71 -35.07 -14.25
C CYS R 164 11.59 -34.79 -15.74
N VAL R 165 10.37 -34.46 -16.19
CA VAL R 165 10.16 -34.23 -17.62
C VAL R 165 10.72 -32.87 -18.04
N GLU R 166 10.48 -31.83 -17.25
CA GLU R 166 10.89 -30.49 -17.69
C GLU R 166 12.40 -30.34 -17.67
N TRP R 167 13.09 -30.96 -16.71
CA TRP R 167 14.54 -30.88 -16.70
C TRP R 167 15.14 -31.78 -17.77
N LEU R 168 14.52 -32.94 -18.03
CA LEU R 168 14.96 -33.77 -19.14
C LEU R 168 14.92 -33.00 -20.45
N ARG R 169 13.84 -32.25 -20.69
CA ARG R 169 13.78 -31.43 -21.89
C ARG R 169 14.87 -30.38 -21.89
N ARG R 170 15.14 -29.76 -20.73
CA ARG R 170 16.21 -28.78 -20.65
C ARG R 170 17.56 -29.41 -20.97
N TYR R 171 17.83 -30.61 -20.45
CA TYR R 171 19.08 -31.29 -20.76
C TYR R 171 19.19 -31.61 -22.24
N LEU R 172 18.09 -32.07 -22.84
CA LEU R 172 18.11 -32.40 -24.28
C LEU R 172 18.39 -31.17 -25.13
N GLU R 173 17.97 -30.00 -24.67
CA GLU R 173 18.26 -28.77 -25.41
C GLU R 173 19.70 -28.33 -25.19
N ASN R 174 20.14 -28.28 -23.93
CA ASN R 174 21.50 -27.84 -23.63
C ASN R 174 22.54 -28.77 -24.25
N GLY R 175 22.20 -30.03 -24.47
CA GLY R 175 23.13 -30.96 -25.08
C GLY R 175 22.65 -31.51 -26.40
N LYS R 176 21.91 -30.69 -27.16
CA LYS R 176 21.36 -31.14 -28.44
C LYS R 176 22.48 -31.56 -29.39
N GLU R 177 23.57 -30.80 -29.43
CA GLU R 177 24.66 -31.07 -30.36
C GLU R 177 25.40 -32.36 -30.08
N THR R 178 25.00 -33.16 -29.10
CA THR R 178 25.75 -34.37 -28.80
C THR R 178 24.86 -35.50 -28.31
N LEU R 179 23.72 -35.16 -27.71
CA LEU R 179 22.82 -36.21 -27.22
C LEU R 179 21.99 -36.80 -28.35
N GLN R 180 21.52 -35.96 -29.27
CA GLN R 180 20.64 -36.41 -30.34
C GLN R 180 21.40 -36.84 -31.60
N ARG R 181 22.71 -37.03 -31.49
CA ARG R 181 23.49 -37.52 -32.61
C ARG R 181 23.25 -39.02 -32.80
N THR R 182 23.67 -39.53 -33.96
CA THR R 182 23.62 -40.96 -34.26
C THR R 182 24.90 -41.32 -35.01
N ASP R 183 25.79 -42.04 -34.35
CA ASP R 183 27.03 -42.47 -34.97
C ASP R 183 26.85 -43.83 -35.61
N PRO R 184 27.11 -44.00 -36.91
CA PRO R 184 26.95 -45.31 -37.52
C PRO R 184 28.09 -46.23 -37.15
N PRO R 185 27.87 -47.55 -37.16
CA PRO R 185 28.95 -48.47 -36.81
C PRO R 185 29.87 -48.75 -37.98
N LYS R 186 31.17 -48.85 -37.69
CA LYS R 186 32.18 -49.20 -38.68
C LYS R 186 32.37 -50.71 -38.64
N THR R 187 31.97 -51.38 -39.72
CA THR R 187 31.87 -52.84 -39.75
C THR R 187 33.03 -53.45 -40.53
N HIS R 188 33.63 -54.49 -39.95
CA HIS R 188 34.64 -55.28 -40.63
C HIS R 188 34.55 -56.72 -40.12
N MET R 189 35.25 -57.62 -40.79
CA MET R 189 35.17 -59.05 -40.51
C MET R 189 36.56 -59.65 -40.42
N THR R 190 36.75 -60.54 -39.45
CA THR R 190 38.01 -61.25 -39.26
C THR R 190 37.79 -62.75 -39.44
N HIS R 191 38.88 -63.45 -39.70
CA HIS R 191 38.86 -64.88 -39.99
C HIS R 191 39.93 -65.58 -39.17
N HIS R 192 39.52 -66.61 -38.42
CA HIS R 192 40.44 -67.37 -37.58
C HIS R 192 40.22 -68.86 -37.81
N PRO R 193 41.16 -69.56 -38.45
CA PRO R 193 41.03 -71.01 -38.64
C PRO R 193 41.29 -71.74 -37.33
N ILE R 194 40.35 -72.61 -36.95
CA ILE R 194 40.49 -73.45 -35.77
C ILE R 194 40.63 -74.89 -36.24
N SER R 195 41.59 -75.61 -35.67
CA SER R 195 41.92 -76.98 -36.07
C SER R 195 42.24 -76.95 -37.57
N ASP R 196 41.62 -77.80 -38.39
CA ASP R 196 41.83 -77.75 -39.83
C ASP R 196 40.57 -78.03 -40.65
N HIS R 197 39.48 -78.46 -40.03
CA HIS R 197 38.23 -78.73 -40.73
C HIS R 197 37.20 -77.62 -40.58
N GLU R 198 37.35 -76.76 -39.58
CA GLU R 198 36.40 -75.69 -39.30
C GLU R 198 37.16 -74.37 -39.17
N ALA R 199 36.40 -73.29 -38.96
CA ALA R 199 36.97 -71.96 -38.81
C ALA R 199 35.91 -71.06 -38.17
N THR R 200 36.36 -69.92 -37.67
CA THR R 200 35.50 -68.95 -37.02
C THR R 200 35.53 -67.64 -37.78
N LEU R 201 34.35 -67.11 -38.09
CA LEU R 201 34.21 -65.80 -38.71
C LEU R 201 33.61 -64.85 -37.68
N ARG R 202 34.29 -63.74 -37.44
CA ARG R 202 33.85 -62.74 -36.47
C ARG R 202 33.40 -61.48 -37.20
N CYS R 203 32.26 -60.94 -36.78
CA CYS R 203 31.65 -59.78 -37.41
C CYS R 203 31.70 -58.61 -36.44
N TRP R 204 32.51 -57.60 -36.76
CA TRP R 204 32.80 -56.50 -35.85
C TRP R 204 31.94 -55.27 -36.14
N ALA R 205 31.65 -54.53 -35.08
CA ALA R 205 30.92 -53.25 -35.18
C ALA R 205 31.49 -52.31 -34.12
N LEU R 206 31.97 -51.15 -34.56
CA LEU R 206 32.71 -50.25 -33.68
C LEU R 206 32.24 -48.81 -33.86
N GLY R 207 32.22 -48.07 -32.77
CA GLY R 207 32.01 -46.63 -32.80
C GLY R 207 30.60 -46.16 -33.11
N PHE R 208 29.59 -46.83 -32.58
CA PHE R 208 28.20 -46.48 -32.85
C PHE R 208 27.50 -45.98 -31.60
N TYR R 209 26.48 -45.14 -31.81
CA TYR R 209 25.67 -44.55 -30.75
C TYR R 209 24.26 -44.35 -31.30
N PRO R 210 23.22 -44.69 -30.53
CA PRO R 210 23.29 -45.26 -29.17
C PRO R 210 23.67 -46.74 -29.15
N ALA R 211 23.67 -47.33 -27.96
CA ALA R 211 24.18 -48.69 -27.76
C ALA R 211 23.27 -49.76 -28.37
N GLU R 212 22.05 -49.42 -28.76
CA GLU R 212 21.16 -50.41 -29.35
C GLU R 212 21.68 -50.85 -30.70
N ILE R 213 21.77 -52.16 -30.90
CA ILE R 213 22.25 -52.75 -32.16
C ILE R 213 21.97 -54.25 -32.15
N THR R 214 21.79 -54.83 -33.33
CA THR R 214 21.58 -56.26 -33.48
C THR R 214 22.45 -56.77 -34.62
N LEU R 215 23.21 -57.83 -34.34
CA LEU R 215 24.09 -58.46 -35.33
C LEU R 215 23.70 -59.93 -35.43
N THR R 216 23.23 -60.33 -36.60
CA THR R 216 22.78 -61.70 -36.84
C THR R 216 23.52 -62.29 -38.04
N TRP R 217 23.86 -63.57 -37.95
CA TRP R 217 24.52 -64.29 -39.02
C TRP R 217 23.51 -65.05 -39.85
N GLN R 218 23.82 -65.22 -41.14
CA GLN R 218 22.96 -65.91 -42.08
C GLN R 218 23.79 -66.90 -42.89
N ARG R 219 23.24 -68.09 -43.12
CA ARG R 219 23.83 -69.09 -43.99
C ARG R 219 22.94 -69.20 -45.22
N ASP R 220 23.39 -68.63 -46.34
CA ASP R 220 22.65 -68.63 -47.60
C ASP R 220 21.28 -67.98 -47.44
N GLY R 221 21.28 -66.75 -46.91
CA GLY R 221 20.06 -66.01 -46.73
C GLY R 221 19.12 -66.57 -45.68
N GLU R 222 19.58 -67.49 -44.83
CA GLU R 222 18.76 -68.10 -43.80
C GLU R 222 19.39 -67.81 -42.44
N ASP R 223 18.62 -67.23 -41.53
CA ASP R 223 19.10 -66.91 -40.19
C ASP R 223 19.44 -68.18 -39.43
N GLN R 224 20.72 -68.39 -39.15
CA GLN R 224 21.19 -69.56 -38.41
C GLN R 224 21.43 -69.17 -36.95
N THR R 225 20.76 -69.89 -36.03
CA THR R 225 20.82 -69.54 -34.62
C THR R 225 21.83 -70.38 -33.84
N GLN R 226 22.17 -71.58 -34.30
CA GLN R 226 23.16 -72.38 -33.61
C GLN R 226 24.57 -71.94 -34.00
N ASP R 227 25.53 -72.31 -33.16
CA ASP R 227 26.95 -71.96 -33.31
C ASP R 227 27.21 -70.47 -33.27
N THR R 228 26.24 -69.67 -32.80
CA THR R 228 26.38 -68.23 -32.73
C THR R 228 26.90 -67.84 -31.36
N GLU R 229 28.00 -67.10 -31.33
CA GLU R 229 28.58 -66.58 -30.08
C GLU R 229 28.42 -65.07 -30.09
N LEU R 230 27.67 -64.55 -29.13
CA LEU R 230 27.38 -63.13 -29.01
C LEU R 230 27.86 -62.62 -27.66
N VAL R 231 28.56 -61.50 -27.67
CA VAL R 231 28.99 -60.85 -26.44
C VAL R 231 28.11 -59.64 -26.16
N GLU R 232 28.22 -59.10 -24.96
CA GLU R 232 27.43 -57.95 -24.59
C GLU R 232 27.98 -56.68 -25.22
N THR R 233 27.08 -55.74 -25.51
CA THR R 233 27.51 -54.44 -26.02
C THR R 233 28.37 -53.74 -24.99
N ARG R 234 29.60 -53.42 -25.37
CA ARG R 234 30.58 -52.85 -24.47
C ARG R 234 30.86 -51.40 -24.81
N PRO R 235 31.15 -50.56 -23.82
CA PRO R 235 31.48 -49.16 -24.10
C PRO R 235 32.89 -49.04 -24.65
N ALA R 236 33.03 -48.25 -25.72
CA ALA R 236 34.36 -48.01 -26.27
C ALA R 236 35.18 -47.08 -25.39
N GLY R 237 34.52 -46.29 -24.54
CA GLY R 237 35.20 -45.39 -23.64
C GLY R 237 35.19 -43.93 -24.04
N ASP R 238 34.74 -43.62 -25.26
CA ASP R 238 34.66 -42.25 -25.73
C ASP R 238 33.23 -41.79 -25.95
N GLY R 239 32.24 -42.58 -25.55
CA GLY R 239 30.85 -42.30 -25.79
C GLY R 239 30.18 -43.22 -26.78
N THR R 240 30.95 -44.00 -27.53
CA THR R 240 30.42 -44.96 -28.48
C THR R 240 30.47 -46.37 -27.87
N PHE R 241 30.03 -47.35 -28.66
CA PHE R 241 29.93 -48.72 -28.17
C PHE R 241 30.46 -49.68 -29.23
N GLN R 242 30.75 -50.90 -28.78
CA GLN R 242 31.27 -51.96 -29.64
C GLN R 242 30.48 -53.24 -29.38
N LYS R 243 30.55 -54.15 -30.36
CA LYS R 243 29.89 -55.45 -30.26
C LYS R 243 30.35 -56.30 -31.44
N TRP R 244 30.40 -57.61 -31.22
CA TRP R 244 30.72 -58.55 -32.29
C TRP R 244 29.93 -59.84 -32.09
N ALA R 245 29.65 -60.51 -33.21
CA ALA R 245 28.96 -61.79 -33.21
C ALA R 245 29.68 -62.74 -34.17
N ALA R 246 30.05 -63.91 -33.66
CA ALA R 246 30.86 -64.85 -34.42
C ALA R 246 30.15 -66.20 -34.52
N VAL R 247 30.51 -66.94 -35.58
CA VAL R 247 29.99 -68.29 -35.81
C VAL R 247 31.12 -69.18 -36.27
N VAL R 248 31.00 -70.47 -35.99
CA VAL R 248 31.97 -71.47 -36.44
C VAL R 248 31.43 -72.10 -37.72
N VAL R 249 32.29 -72.23 -38.73
CA VAL R 249 31.86 -72.67 -40.06
C VAL R 249 32.84 -73.69 -40.59
N PRO R 250 32.36 -74.60 -41.43
CA PRO R 250 33.26 -75.58 -42.05
C PRO R 250 34.25 -74.90 -43.00
N SER R 251 35.50 -75.35 -42.94
CA SER R 251 36.55 -74.77 -43.77
C SER R 251 36.22 -74.96 -45.24
N GLY R 252 36.45 -73.91 -46.03
CA GLY R 252 36.10 -73.91 -47.42
C GLY R 252 34.72 -73.36 -47.73
N GLU R 253 33.93 -73.02 -46.71
CA GLU R 253 32.59 -72.49 -46.87
C GLU R 253 32.47 -71.10 -46.24
N GLU R 254 33.54 -70.32 -46.31
CA GLU R 254 33.55 -69.00 -45.66
C GLU R 254 32.61 -68.04 -46.37
N GLN R 255 32.61 -68.05 -47.70
CA GLN R 255 31.81 -67.12 -48.48
C GLN R 255 30.34 -67.55 -48.60
N ARG R 256 29.93 -68.58 -47.88
CA ARG R 256 28.54 -69.00 -47.84
C ARG R 256 27.81 -68.48 -46.60
N TYR R 257 28.40 -67.54 -45.87
CA TYR R 257 27.81 -66.95 -44.69
C TYR R 257 27.81 -65.44 -44.81
N THR R 258 26.87 -64.79 -44.13
CA THR R 258 26.69 -63.36 -44.24
C THR R 258 26.29 -62.78 -42.89
N CYS R 259 26.91 -61.64 -42.54
CA CYS R 259 26.58 -60.90 -41.34
C CYS R 259 25.79 -59.65 -41.71
N HIS R 260 24.78 -59.33 -40.91
CA HIS R 260 23.97 -58.13 -41.10
C HIS R 260 24.02 -57.27 -39.85
N VAL R 261 24.07 -55.95 -40.06
CA VAL R 261 24.12 -54.98 -38.97
C VAL R 261 22.93 -54.06 -39.10
N GLN R 262 22.17 -53.91 -38.01
CA GLN R 262 20.99 -53.06 -37.97
C GLN R 262 21.20 -51.97 -36.92
N HIS R 263 21.27 -50.72 -37.37
CA HIS R 263 21.50 -49.61 -36.47
C HIS R 263 20.73 -48.39 -36.96
N GLU R 264 20.44 -47.48 -36.02
CA GLU R 264 19.70 -46.26 -36.37
C GLU R 264 20.53 -45.34 -37.25
N GLY R 265 21.83 -45.26 -37.01
CA GLY R 265 22.70 -44.40 -37.80
C GLY R 265 22.90 -44.85 -39.23
N LEU R 266 22.50 -46.08 -39.56
CA LEU R 266 22.65 -46.60 -40.92
C LEU R 266 21.38 -46.35 -41.72
N PRO R 267 21.51 -46.02 -43.01
CA PRO R 267 20.29 -45.82 -43.82
C PRO R 267 19.48 -47.10 -43.99
N LYS R 268 20.15 -48.21 -44.28
CA LYS R 268 19.53 -49.53 -44.38
C LYS R 268 20.52 -50.54 -43.84
N PRO R 269 20.04 -51.70 -43.38
CA PRO R 269 20.93 -52.68 -42.76
C PRO R 269 22.06 -53.10 -43.69
N LEU R 270 23.26 -53.21 -43.13
CA LEU R 270 24.45 -53.51 -43.89
C LEU R 270 24.55 -55.02 -44.16
N THR R 271 25.43 -55.37 -45.11
CA THR R 271 25.64 -56.75 -45.52
C THR R 271 27.12 -56.94 -45.78
N LEU R 272 27.72 -57.91 -45.09
CA LEU R 272 29.16 -58.13 -45.16
C LEU R 272 29.44 -59.61 -45.45
N ARG R 273 30.47 -59.86 -46.26
CA ARG R 273 30.86 -61.21 -46.65
C ARG R 273 32.37 -61.29 -46.69
N TRP R 274 32.91 -62.41 -46.21
CA TRP R 274 34.35 -62.62 -46.18
C TRP R 274 34.94 -62.71 -47.58
N ILE S 1 22.65 -65.95 -5.04
CA ILE S 1 22.72 -64.69 -4.30
C ILE S 1 23.84 -63.82 -4.86
N GLN S 2 24.93 -64.46 -5.28
CA GLN S 2 26.10 -63.76 -5.80
C GLN S 2 26.36 -64.19 -7.24
N ARG S 3 26.82 -63.26 -8.07
CA ARG S 3 26.98 -63.47 -9.50
C ARG S 3 28.40 -63.14 -9.92
N THR S 4 28.97 -64.00 -10.78
CA THR S 4 30.34 -63.92 -11.26
C THR S 4 30.47 -62.87 -12.36
N PRO S 5 31.54 -62.08 -12.37
CA PRO S 5 31.70 -61.06 -13.42
C PRO S 5 32.11 -61.64 -14.76
N LYS S 6 31.52 -61.10 -15.83
CA LYS S 6 31.95 -61.38 -17.18
C LYS S 6 33.01 -60.37 -17.60
N ILE S 7 34.05 -60.84 -18.27
CA ILE S 7 35.24 -60.04 -18.54
C ILE S 7 35.44 -59.94 -20.04
N GLN S 8 35.67 -58.72 -20.52
CA GLN S 8 36.14 -58.47 -21.87
C GLN S 8 37.28 -57.46 -21.81
N VAL S 9 38.34 -57.72 -22.56
CA VAL S 9 39.50 -56.83 -22.63
C VAL S 9 39.76 -56.53 -24.10
N TYR S 10 39.94 -55.25 -24.42
CA TYR S 10 39.90 -54.80 -25.80
C TYR S 10 40.42 -53.37 -25.86
N SER S 11 40.55 -52.86 -27.09
CA SER S 11 41.06 -51.52 -27.33
C SER S 11 39.94 -50.58 -27.76
N ARG S 12 40.17 -49.28 -27.52
CA ARG S 12 39.19 -48.27 -27.89
C ARG S 12 39.04 -48.16 -29.41
N HIS S 13 40.15 -48.21 -30.13
CA HIS S 13 40.20 -48.15 -31.57
C HIS S 13 40.88 -49.41 -32.11
N PRO S 14 40.74 -49.70 -33.40
CA PRO S 14 41.51 -50.81 -33.98
C PRO S 14 42.99 -50.63 -33.73
N ALA S 15 43.60 -51.68 -33.19
CA ALA S 15 44.99 -51.59 -32.73
C ALA S 15 45.94 -51.49 -33.92
N GLU S 16 46.81 -50.49 -33.90
CA GLU S 16 47.87 -50.31 -34.87
C GLU S 16 49.16 -50.01 -34.13
N ASN S 17 50.23 -50.69 -34.51
CA ASN S 17 51.49 -50.58 -33.77
C ASN S 17 52.05 -49.16 -33.87
N GLY S 18 52.34 -48.58 -32.71
CA GLY S 18 52.92 -47.25 -32.64
C GLY S 18 51.93 -46.11 -32.48
N LYS S 19 50.63 -46.36 -32.63
CA LYS S 19 49.62 -45.32 -32.53
C LYS S 19 48.94 -45.41 -31.17
N SER S 20 48.80 -44.25 -30.51
CA SER S 20 48.21 -44.20 -29.18
C SER S 20 46.75 -44.69 -29.22
N ASN S 21 46.33 -45.29 -28.12
CA ASN S 21 45.03 -45.92 -28.04
C ASN S 21 44.64 -46.02 -26.55
N PHE S 22 43.56 -46.73 -26.27
CA PHE S 22 43.10 -46.95 -24.91
C PHE S 22 42.82 -48.43 -24.71
N LEU S 23 43.32 -48.98 -23.60
CA LEU S 23 43.09 -50.37 -23.24
C LEU S 23 41.92 -50.44 -22.26
N ASN S 24 40.92 -51.26 -22.60
CA ASN S 24 39.71 -51.37 -21.80
C ASN S 24 39.60 -52.75 -21.18
N CYS S 25 39.00 -52.79 -19.99
CA CYS S 25 38.57 -54.02 -19.34
C CYS S 25 37.16 -53.77 -18.82
N TYR S 26 36.18 -54.46 -19.41
CA TYR S 26 34.77 -54.25 -19.10
C TYR S 26 34.24 -55.46 -18.33
N VAL S 27 33.85 -55.23 -17.08
CA VAL S 27 33.33 -56.29 -16.21
C VAL S 27 31.87 -55.99 -15.93
N SER S 28 31.03 -57.01 -16.03
CA SER S 28 29.59 -56.81 -15.94
C SER S 28 28.94 -58.06 -15.35
N GLY S 29 27.67 -57.91 -14.98
CA GLY S 29 26.88 -59.03 -14.50
C GLY S 29 27.30 -59.59 -13.15
N PHE S 30 27.94 -58.80 -12.30
CA PHE S 30 28.47 -59.29 -11.04
C PHE S 30 27.75 -58.66 -9.86
N HIS S 31 27.70 -59.41 -8.75
CA HIS S 31 27.10 -58.98 -7.50
C HIS S 31 27.75 -59.77 -6.36
N PRO S 32 28.17 -59.12 -5.27
CA PRO S 32 28.04 -57.70 -4.92
C PRO S 32 28.97 -56.78 -5.70
N SER S 33 29.04 -55.52 -5.29
CA SER S 33 29.69 -54.47 -6.09
C SER S 33 31.20 -54.38 -5.88
N ASP S 34 31.72 -54.88 -4.77
CA ASP S 34 33.16 -54.85 -4.54
C ASP S 34 33.87 -55.76 -5.54
N ILE S 35 34.90 -55.23 -6.19
CA ILE S 35 35.62 -55.97 -7.22
C ILE S 35 36.99 -55.33 -7.40
N GLU S 36 37.98 -56.15 -7.73
CA GLU S 36 39.34 -55.69 -7.98
C GLU S 36 39.68 -55.94 -9.45
N VAL S 37 40.12 -54.89 -10.14
CA VAL S 37 40.47 -54.97 -11.56
C VAL S 37 41.80 -54.26 -11.77
N ASP S 38 42.78 -54.97 -12.30
CA ASP S 38 44.07 -54.41 -12.67
C ASP S 38 44.30 -54.60 -14.15
N LEU S 39 45.02 -53.67 -14.77
CA LEU S 39 45.44 -53.78 -16.15
C LEU S 39 46.93 -54.13 -16.20
N LEU S 40 47.27 -55.21 -16.90
CA LEU S 40 48.62 -55.76 -16.87
C LEU S 40 49.33 -55.50 -18.19
N LYS S 41 50.60 -55.08 -18.09
CA LYS S 41 51.49 -54.97 -19.23
C LYS S 41 52.64 -55.95 -19.01
N ASN S 42 52.70 -57.00 -19.82
CA ASN S 42 53.71 -58.05 -19.69
C ASN S 42 53.74 -58.64 -18.29
N GLY S 43 52.57 -58.73 -17.64
CA GLY S 43 52.45 -59.30 -16.33
C GLY S 43 52.54 -58.33 -15.17
N GLU S 44 52.93 -57.08 -15.41
CA GLU S 44 53.07 -56.09 -14.36
C GLU S 44 51.90 -55.11 -14.39
N ARG S 45 51.57 -54.58 -13.21
CA ARG S 45 50.44 -53.66 -13.10
C ARG S 45 50.74 -52.31 -13.73
N ILE S 46 49.73 -51.75 -14.40
CA ILE S 46 49.75 -50.37 -14.84
C ILE S 46 49.13 -49.52 -13.73
N GLU S 47 49.77 -48.39 -13.41
CA GLU S 47 49.39 -47.60 -12.25
C GLU S 47 48.45 -46.43 -12.58
N LYS S 48 48.35 -46.04 -13.84
CA LYS S 48 47.51 -44.92 -14.24
C LYS S 48 46.11 -45.35 -14.67
N VAL S 49 45.62 -46.47 -14.16
CA VAL S 49 44.34 -47.01 -14.59
C VAL S 49 43.22 -46.25 -13.91
N GLU S 50 42.23 -45.82 -14.68
CA GLU S 50 41.02 -45.21 -14.17
C GLU S 50 39.82 -46.11 -14.48
N HIS S 51 38.73 -45.87 -13.78
CA HIS S 51 37.52 -46.67 -13.96
C HIS S 51 36.31 -45.76 -14.05
N SER S 52 35.21 -46.32 -14.55
CA SER S 52 33.97 -45.59 -14.68
C SER S 52 33.22 -45.57 -13.35
N ASP S 53 32.16 -44.77 -13.31
CA ASP S 53 31.33 -44.69 -12.11
C ASP S 53 30.39 -45.88 -12.03
N LEU S 54 30.23 -46.40 -10.81
CA LEU S 54 29.47 -47.63 -10.61
C LEU S 54 28.01 -47.44 -11.02
N SER S 55 27.54 -48.33 -11.89
CA SER S 55 26.14 -48.38 -12.28
C SER S 55 25.74 -49.84 -12.40
N PHE S 56 24.47 -50.07 -12.72
CA PHE S 56 23.93 -51.42 -12.83
C PHE S 56 22.82 -51.43 -13.86
N SER S 57 22.41 -52.64 -14.25
CA SER S 57 21.40 -52.84 -15.29
C SER S 57 20.10 -53.32 -14.65
N LYS S 58 19.12 -53.62 -15.52
CA LYS S 58 17.82 -54.09 -15.04
C LYS S 58 17.96 -55.35 -14.19
N ASP S 59 18.99 -56.16 -14.46
CA ASP S 59 19.26 -57.36 -13.69
C ASP S 59 19.68 -57.06 -12.25
N TRP S 60 19.90 -55.78 -11.91
CA TRP S 60 20.51 -55.32 -10.67
C TRP S 60 21.99 -55.68 -10.58
N SER S 61 22.58 -56.17 -11.66
CA SER S 61 23.99 -56.53 -11.68
C SER S 61 24.84 -55.34 -12.10
N PHE S 62 25.97 -55.15 -11.44
CA PHE S 62 26.80 -53.98 -11.64
C PHE S 62 27.67 -54.13 -12.89
N TYR S 63 28.18 -53.00 -13.37
CA TYR S 63 29.12 -53.00 -14.48
C TYR S 63 30.09 -51.83 -14.31
N LEU S 64 31.32 -52.05 -14.75
CA LEU S 64 32.39 -51.07 -14.63
C LEU S 64 33.31 -51.19 -15.84
N LEU S 65 33.96 -50.08 -16.18
CA LEU S 65 34.91 -50.02 -17.28
C LEU S 65 36.21 -49.44 -16.77
N TYR S 66 37.28 -50.23 -16.82
CA TYR S 66 38.62 -49.77 -16.50
C TYR S 66 39.38 -49.48 -17.79
N TYR S 67 40.15 -48.40 -17.80
CA TYR S 67 40.79 -47.95 -19.03
C TYR S 67 42.08 -47.21 -18.72
N THR S 68 43.01 -47.24 -19.67
CA THR S 68 44.26 -46.52 -19.57
C THR S 68 44.81 -46.26 -20.97
N GLU S 69 45.71 -45.30 -21.07
CA GLU S 69 46.39 -45.01 -22.32
C GLU S 69 47.54 -45.99 -22.53
N PHE S 70 47.74 -46.39 -23.78
CA PHE S 70 48.82 -47.31 -24.12
C PHE S 70 49.06 -47.27 -25.62
N THR S 71 50.32 -47.44 -26.01
CA THR S 71 50.69 -47.55 -27.42
C THR S 71 51.07 -49.00 -27.70
N PRO S 72 50.27 -49.75 -28.45
CA PRO S 72 50.54 -51.18 -28.61
C PRO S 72 51.71 -51.43 -29.54
N THR S 73 52.39 -52.55 -29.29
CA THR S 73 53.45 -53.08 -30.13
C THR S 73 53.19 -54.57 -30.36
N GLU S 74 54.04 -55.21 -31.16
CA GLU S 74 53.94 -56.66 -31.30
C GLU S 74 54.73 -57.40 -30.22
N LYS S 75 55.59 -56.71 -29.49
CA LYS S 75 56.32 -57.33 -28.39
C LYS S 75 55.51 -57.35 -27.10
N ASP S 76 54.88 -56.23 -26.77
CA ASP S 76 54.24 -56.07 -25.46
C ASP S 76 52.95 -56.86 -25.36
N GLU S 77 52.75 -57.51 -24.21
CA GLU S 77 51.56 -58.29 -23.92
C GLU S 77 50.70 -57.54 -22.90
N TYR S 78 49.38 -57.67 -23.05
CA TYR S 78 48.44 -56.98 -22.16
C TYR S 78 47.34 -57.93 -21.74
N ALA S 79 46.77 -57.65 -20.56
CA ALA S 79 45.69 -58.43 -19.98
C ALA S 79 45.11 -57.63 -18.83
N CYS S 80 43.95 -58.06 -18.33
CA CYS S 80 43.43 -57.55 -17.08
C CYS S 80 43.11 -58.71 -16.14
N ARG S 81 43.49 -58.54 -14.87
CA ARG S 81 43.22 -59.51 -13.83
C ARG S 81 42.07 -59.01 -12.97
N VAL S 82 41.03 -59.85 -12.83
CA VAL S 82 39.82 -59.50 -12.10
C VAL S 82 39.72 -60.40 -10.88
N ASN S 83 39.41 -59.81 -9.73
CA ASN S 83 39.19 -60.57 -8.49
C ASN S 83 37.85 -60.18 -7.90
N HIS S 84 37.14 -61.18 -7.40
CA HIS S 84 35.78 -61.00 -6.89
C HIS S 84 35.50 -62.07 -5.85
N VAL S 85 34.45 -61.83 -5.04
CA VAL S 85 34.10 -62.77 -3.98
C VAL S 85 33.73 -64.13 -4.55
N THR S 86 33.19 -64.16 -5.77
CA THR S 86 32.76 -65.39 -6.40
C THR S 86 33.90 -66.15 -7.08
N LEU S 87 35.14 -65.71 -6.93
CA LEU S 87 36.28 -66.29 -7.63
C LEU S 87 37.27 -66.84 -6.62
N SER S 88 37.58 -68.13 -6.73
CA SER S 88 38.55 -68.74 -5.84
C SER S 88 39.92 -68.10 -6.01
N GLN S 89 40.38 -67.98 -7.25
CA GLN S 89 41.61 -67.31 -7.61
C GLN S 89 41.31 -66.24 -8.64
N PRO S 90 42.13 -65.18 -8.72
CA PRO S 90 41.87 -64.12 -9.69
C PRO S 90 41.83 -64.65 -11.11
N LYS S 91 40.96 -64.06 -11.92
CA LYS S 91 40.84 -64.40 -13.34
C LYS S 91 41.72 -63.49 -14.17
N ILE S 92 42.51 -64.08 -15.06
CA ILE S 92 43.37 -63.33 -15.98
C ILE S 92 42.89 -63.60 -17.40
N VAL S 93 42.45 -62.55 -18.08
CA VAL S 93 42.01 -62.63 -19.47
C VAL S 93 42.98 -61.82 -20.30
N LYS S 94 43.57 -62.46 -21.30
CA LYS S 94 44.60 -61.83 -22.12
C LYS S 94 43.98 -61.05 -23.27
N TRP S 95 44.63 -59.95 -23.64
CA TRP S 95 44.18 -59.15 -24.77
C TRP S 95 44.58 -59.81 -26.07
N ASP S 96 43.65 -59.84 -27.03
CA ASP S 96 43.87 -60.42 -28.34
C ASP S 96 43.66 -59.33 -29.38
N ARG S 97 44.75 -58.90 -30.02
CA ARG S 97 44.66 -57.85 -31.05
C ARG S 97 43.82 -58.32 -32.22
N ASP S 98 44.13 -59.50 -32.76
CA ASP S 98 43.50 -60.01 -33.96
C ASP S 98 42.11 -60.58 -33.70
N MET S 99 41.57 -60.45 -32.50
CA MET S 99 40.25 -60.98 -32.20
C MET S 99 39.17 -60.29 -33.03
N VAL T 1 17.50 -33.43 -12.65
CA VAL T 1 17.54 -33.23 -11.20
C VAL T 1 17.03 -34.47 -10.48
N VAL T 2 17.63 -34.76 -9.32
CA VAL T 2 17.25 -35.94 -8.56
C VAL T 2 15.91 -35.70 -7.88
N GLY T 3 15.17 -36.79 -7.68
CA GLY T 3 13.84 -36.67 -7.10
C GLY T 3 13.24 -37.99 -6.63
N ALA T 4 14.06 -38.85 -6.04
CA ALA T 4 13.56 -40.08 -5.45
C ALA T 4 12.89 -39.74 -4.12
N VAL T 5 11.62 -40.13 -3.97
CA VAL T 5 10.91 -39.89 -2.73
C VAL T 5 11.55 -40.71 -1.62
N GLY T 6 11.79 -40.07 -0.48
CA GLY T 6 12.56 -40.71 0.58
C GLY T 6 11.75 -41.01 1.83
N VAL T 7 10.58 -41.63 1.68
CA VAL T 7 9.86 -42.13 2.84
C VAL T 7 10.59 -43.34 3.38
N GLY T 8 10.82 -43.36 4.68
CA GLY T 8 11.59 -44.45 5.28
C GLY T 8 10.94 -45.80 5.00
N LYS T 9 11.78 -46.79 4.71
CA LYS T 9 11.31 -48.14 4.44
C LYS T 9 11.06 -48.90 5.74
#